data_1G9L
#
_entry.id   1G9L
#
_cell.length_a   1.000
_cell.length_b   1.000
_cell.length_c   1.000
_cell.angle_alpha   90.00
_cell.angle_beta   90.00
_cell.angle_gamma   90.00
#
_symmetry.space_group_name_H-M   'P 1'
#
_entity_poly.entity_id   1
_entity_poly.type   'polypeptide(L)'
_entity_poly.pdbx_seq_one_letter_code
;GPLGSAAAATPAVRTVPQYKYAAGVRNPQQHLNAQPQVTMQQPAVHVQGQEPLTASMLASAPPQEQKQMLGERLFPLIQA
MHPTLAGKITGMLLEIDNSELLHMLESPESLRSKVDEAVAVLQAHQAKEAAQKAVNSATGVPTV
;
_entity_poly.pdbx_strand_id   A
#
# COMPACT_ATOMS: atom_id res chain seq x y z
N GLY A 1 -8.76 -5.10 27.30
CA GLY A 1 -9.43 -5.37 26.00
C GLY A 1 -10.65 -6.24 26.15
N PRO A 2 -11.73 -5.94 25.39
CA PRO A 2 -12.97 -6.73 25.46
C PRO A 2 -12.74 -8.20 25.12
N LEU A 3 -12.31 -8.46 23.88
CA LEU A 3 -12.07 -9.82 23.44
C LEU A 3 -10.62 -10.23 23.72
N GLY A 4 -10.24 -11.41 23.23
CA GLY A 4 -8.89 -11.88 23.44
C GLY A 4 -8.00 -11.70 22.22
N SER A 5 -7.89 -10.45 21.76
CA SER A 5 -7.06 -10.15 20.60
C SER A 5 -5.75 -9.49 21.01
N ALA A 6 -5.85 -8.33 21.65
CA ALA A 6 -4.66 -7.61 22.11
C ALA A 6 -4.55 -7.64 23.62
N ALA A 7 -3.61 -6.88 24.16
CA ALA A 7 -3.39 -6.82 25.60
C ALA A 7 -2.73 -5.50 26.01
N ALA A 8 -3.53 -4.59 26.56
CA ALA A 8 -3.02 -3.29 26.98
C ALA A 8 -3.65 -2.87 28.31
N ALA A 9 -4.85 -3.39 28.57
CA ALA A 9 -5.57 -3.06 29.81
C ALA A 9 -5.74 -1.55 29.96
N THR A 10 -6.62 -0.97 29.16
CA THR A 10 -6.88 0.47 29.20
C THR A 10 -8.35 0.77 28.89
N PRO A 11 -9.07 1.35 29.85
CA PRO A 11 -10.49 1.70 29.67
C PRO A 11 -10.69 2.86 28.71
N ALA A 12 -9.58 3.45 28.27
CA ALA A 12 -9.62 4.58 27.35
C ALA A 12 -9.64 4.11 25.90
N VAL A 13 -10.78 3.59 25.46
CA VAL A 13 -10.94 3.10 24.10
C VAL A 13 -11.40 4.22 23.17
N ARG A 14 -11.13 5.46 23.56
CA ARG A 14 -11.52 6.62 22.77
C ARG A 14 -10.35 7.12 21.92
N THR A 15 -9.21 7.35 22.56
CA THR A 15 -8.03 7.83 21.88
C THR A 15 -7.08 6.68 21.55
N VAL A 16 -6.14 6.92 20.64
CA VAL A 16 -5.17 5.91 20.25
C VAL A 16 -3.94 5.94 21.15
N PRO A 17 -3.31 4.78 21.38
CA PRO A 17 -2.12 4.69 22.24
C PRO A 17 -1.01 5.64 21.80
N GLN A 18 -0.25 6.14 22.76
CA GLN A 18 0.85 7.06 22.47
C GLN A 18 2.03 6.32 21.85
N TYR A 19 1.97 6.14 20.54
CA TYR A 19 3.03 5.44 19.81
C TYR A 19 4.27 6.33 19.68
N LYS A 20 4.09 7.62 19.95
CA LYS A 20 5.19 8.57 19.87
C LYS A 20 5.81 8.81 21.24
N TYR A 21 6.79 7.99 21.60
CA TYR A 21 7.46 8.12 22.89
C TYR A 21 8.48 9.24 22.86
N ALA A 22 8.05 10.44 23.28
CA ALA A 22 8.92 11.60 23.29
C ALA A 22 9.83 11.59 24.51
N ALA A 23 11.10 11.25 24.29
CA ALA A 23 12.08 11.21 25.37
C ALA A 23 12.57 12.60 25.72
N GLY A 24 12.66 12.89 27.01
CA GLY A 24 13.12 14.19 27.46
C GLY A 24 14.61 14.23 27.70
N VAL A 25 15.38 13.72 26.74
CA VAL A 25 16.84 13.70 26.85
C VAL A 25 17.45 14.97 26.26
N ARG A 26 16.69 15.65 25.41
CA ARG A 26 17.15 16.87 24.77
C ARG A 26 17.03 18.05 25.73
N ASN A 27 17.58 19.20 25.33
CA ASN A 27 17.54 20.40 26.15
C ASN A 27 16.24 21.17 25.91
N PRO A 28 15.37 21.25 26.93
CA PRO A 28 14.09 21.96 26.82
C PRO A 28 14.27 23.48 26.84
N GLN A 29 14.47 24.06 25.66
CA GLN A 29 14.65 25.50 25.53
C GLN A 29 13.30 26.22 25.60
N GLN A 30 13.32 27.54 25.39
CA GLN A 30 12.10 28.33 25.42
C GLN A 30 11.26 28.10 24.17
N HIS A 31 11.37 29.01 23.20
CA HIS A 31 10.63 28.91 21.96
C HIS A 31 9.13 28.70 22.22
N LEU A 32 8.66 29.26 23.33
CA LEU A 32 7.25 29.14 23.70
C LEU A 32 6.42 30.24 23.05
N ASN A 33 6.71 30.53 21.79
CA ASN A 33 5.98 31.56 21.07
C ASN A 33 4.95 30.95 20.13
N ALA A 34 4.74 29.64 20.27
CA ALA A 34 3.78 28.93 19.44
C ALA A 34 2.41 28.87 20.11
N GLN A 35 1.74 30.01 20.16
CA GLN A 35 0.42 30.11 20.77
C GLN A 35 -0.70 29.99 19.72
N PRO A 36 -0.64 30.80 18.65
CA PRO A 36 -1.67 30.77 17.59
C PRO A 36 -1.70 29.42 16.86
N GLN A 37 -2.51 29.34 15.81
CA GLN A 37 -2.64 28.12 15.03
C GLN A 37 -1.49 28.00 14.03
N VAL A 38 -0.82 26.86 14.03
CA VAL A 38 0.29 26.62 13.13
C VAL A 38 -0.19 26.09 11.78
N THR A 39 0.17 26.78 10.71
CA THR A 39 -0.23 26.37 9.37
C THR A 39 0.95 25.77 8.60
N MET A 40 2.10 25.73 9.25
CA MET A 40 3.31 25.19 8.64
C MET A 40 3.43 23.69 8.92
N GLN A 41 4.46 23.07 8.36
CA GLN A 41 4.70 21.64 8.54
C GLN A 41 3.55 20.82 7.95
N GLN A 42 2.79 21.43 7.05
CA GLN A 42 1.67 20.75 6.41
C GLN A 42 1.33 21.41 5.06
N PRO A 43 1.86 20.85 3.96
CA PRO A 43 1.62 21.39 2.61
C PRO A 43 0.12 21.43 2.27
N ALA A 44 -0.20 22.06 1.14
CA ALA A 44 -1.59 22.16 0.70
C ALA A 44 -2.00 20.92 -0.08
N VAL A 45 -1.88 19.76 0.57
CA VAL A 45 -2.24 18.50 -0.06
C VAL A 45 -3.57 17.97 0.49
N HIS A 46 -4.66 18.32 -0.19
CA HIS A 46 -5.99 17.87 0.21
C HIS A 46 -6.29 16.48 -0.32
N VAL A 47 -7.47 15.96 0.01
CA VAL A 47 -7.87 14.63 -0.44
C VAL A 47 -8.74 14.71 -1.70
N GLN A 48 -8.11 14.49 -2.85
CA GLN A 48 -8.81 14.54 -4.13
C GLN A 48 -9.19 13.14 -4.60
N GLY A 49 -8.36 12.16 -4.25
CA GLY A 49 -8.62 10.79 -4.64
C GLY A 49 -9.62 10.10 -3.72
N GLN A 50 -9.68 8.77 -3.81
CA GLN A 50 -10.59 8.00 -2.98
C GLN A 50 -9.87 7.40 -1.78
N GLU A 51 -10.59 6.64 -0.97
CA GLU A 51 -10.01 6.02 0.22
C GLU A 51 -8.93 5.00 -0.18
N PRO A 52 -7.74 5.10 0.43
CA PRO A 52 -6.63 4.18 0.14
C PRO A 52 -6.81 2.82 0.79
N LEU A 53 -5.86 1.92 0.55
CA LEU A 53 -5.90 0.57 1.11
C LEU A 53 -5.15 0.51 2.43
N THR A 54 -5.73 -0.20 3.40
CA THR A 54 -5.11 -0.38 4.71
C THR A 54 -5.93 -1.36 5.56
N ALA A 55 -5.68 -1.35 6.87
CA ALA A 55 -6.38 -2.25 7.77
C ALA A 55 -7.88 -2.05 7.72
N SER A 56 -8.32 -0.79 7.69
CA SER A 56 -9.74 -0.48 7.63
C SER A 56 -10.37 -1.13 6.40
N MET A 57 -9.70 -1.01 5.27
CA MET A 57 -10.18 -1.62 4.02
C MET A 57 -10.28 -3.13 4.16
N LEU A 58 -9.28 -3.71 4.83
CA LEU A 58 -9.24 -5.14 5.05
C LEU A 58 -10.45 -5.60 5.87
N ALA A 59 -10.74 -4.84 6.93
CA ALA A 59 -11.87 -5.15 7.79
C ALA A 59 -13.20 -4.91 7.08
N SER A 60 -13.12 -4.30 5.90
CA SER A 60 -14.32 -4.01 5.12
C SER A 60 -14.76 -5.23 4.31
N ALA A 61 -13.92 -6.26 4.31
CA ALA A 61 -14.23 -7.49 3.59
C ALA A 61 -13.94 -8.72 4.45
N PRO A 62 -14.58 -8.83 5.64
CA PRO A 62 -14.37 -9.95 6.56
C PRO A 62 -14.60 -11.32 5.89
N PRO A 63 -15.76 -11.53 5.21
CA PRO A 63 -16.06 -12.80 4.57
C PRO A 63 -15.67 -12.80 3.08
N GLN A 64 -14.85 -11.83 2.70
CA GLN A 64 -14.43 -11.71 1.30
C GLN A 64 -12.91 -11.70 1.18
N GLU A 65 -12.34 -10.51 1.05
CA GLU A 65 -10.89 -10.36 0.88
C GLU A 65 -10.24 -9.82 2.14
N GLN A 66 -10.58 -10.40 3.28
CA GLN A 66 -10.00 -9.97 4.55
C GLN A 66 -8.52 -10.33 4.62
N LYS A 67 -8.15 -11.34 3.86
CA LYS A 67 -6.76 -11.81 3.80
C LYS A 67 -6.25 -11.80 2.37
N GLN A 68 -6.69 -10.81 1.58
CA GLN A 68 -6.29 -10.72 0.18
C GLN A 68 -5.81 -9.33 -0.19
N MET A 69 -6.69 -8.33 -0.08
CA MET A 69 -6.36 -6.96 -0.45
C MET A 69 -5.17 -6.41 0.33
N LEU A 70 -4.73 -7.15 1.34
CA LEU A 70 -3.61 -6.72 2.17
C LEU A 70 -2.31 -6.78 1.40
N GLY A 71 -2.25 -7.68 0.43
CA GLY A 71 -1.05 -7.82 -0.36
C GLY A 71 -1.36 -8.21 -1.80
N GLU A 72 -2.63 -8.16 -2.17
CA GLU A 72 -3.03 -8.52 -3.54
C GLU A 72 -3.85 -7.42 -4.20
N ARG A 73 -4.25 -6.41 -3.43
CA ARG A 73 -5.02 -5.31 -3.96
C ARG A 73 -4.37 -3.98 -3.62
N LEU A 74 -3.41 -4.02 -2.70
CA LEU A 74 -2.71 -2.83 -2.26
C LEU A 74 -1.68 -2.38 -3.27
N PHE A 75 -1.30 -3.27 -4.17
CA PHE A 75 -0.27 -2.97 -5.16
C PHE A 75 -0.50 -1.60 -5.82
N PRO A 76 -1.70 -1.35 -6.41
CA PRO A 76 -1.99 -0.06 -7.06
C PRO A 76 -2.01 1.10 -6.08
N LEU A 77 -1.96 0.77 -4.78
CA LEU A 77 -2.00 1.79 -3.73
C LEU A 77 -0.59 2.15 -3.25
N ILE A 78 0.29 1.17 -3.15
CA ILE A 78 1.66 1.42 -2.68
C ILE A 78 2.36 2.39 -3.61
N GLN A 79 2.17 2.20 -4.91
CA GLN A 79 2.79 3.05 -5.93
C GLN A 79 2.58 4.53 -5.58
N ALA A 80 1.58 4.79 -4.74
CA ALA A 80 1.27 6.14 -4.29
C ALA A 80 2.17 6.54 -3.12
N MET A 81 2.34 5.61 -2.19
CA MET A 81 3.18 5.86 -1.01
C MET A 81 4.64 5.99 -1.43
N HIS A 82 5.04 5.12 -2.35
CA HIS A 82 6.41 5.06 -2.82
C HIS A 82 6.48 5.25 -4.33
N PRO A 83 7.52 5.93 -4.84
CA PRO A 83 7.68 6.16 -6.28
C PRO A 83 7.67 4.85 -7.07
N THR A 84 6.46 4.35 -7.34
CA THR A 84 6.27 3.09 -8.04
C THR A 84 7.27 2.03 -7.56
N LEU A 85 7.66 2.13 -6.30
CA LEU A 85 8.63 1.20 -5.71
C LEU A 85 7.94 -0.10 -5.30
N ALA A 86 6.63 -0.17 -5.54
CA ALA A 86 5.86 -1.37 -5.20
C ALA A 86 6.28 -2.55 -6.07
N GLY A 87 5.31 -3.33 -6.53
CA GLY A 87 5.61 -4.49 -7.35
C GLY A 87 6.06 -5.67 -6.52
N LYS A 88 6.28 -5.42 -5.23
CA LYS A 88 6.70 -6.45 -4.30
C LYS A 88 6.43 -6.05 -2.85
N ILE A 89 6.38 -4.75 -2.58
CA ILE A 89 6.17 -4.26 -1.23
C ILE A 89 4.99 -4.97 -0.56
N THR A 90 3.78 -4.52 -0.86
CA THR A 90 2.57 -5.11 -0.29
C THR A 90 2.51 -6.61 -0.57
N GLY A 91 2.92 -7.01 -1.77
CA GLY A 91 2.96 -8.42 -2.09
C GLY A 91 3.80 -9.18 -1.09
N MET A 92 4.78 -8.47 -0.53
CA MET A 92 5.65 -9.04 0.49
C MET A 92 4.92 -9.07 1.81
N LEU A 93 4.09 -8.06 2.02
CA LEU A 93 3.35 -7.91 3.25
C LEU A 93 2.46 -9.11 3.52
N LEU A 94 2.37 -10.01 2.55
CA LEU A 94 1.62 -11.24 2.71
C LEU A 94 2.58 -12.40 2.83
N GLU A 95 3.78 -12.10 3.34
CA GLU A 95 4.83 -13.09 3.50
C GLU A 95 6.01 -12.53 4.29
N ILE A 96 5.89 -11.29 4.77
CA ILE A 96 6.97 -10.66 5.53
C ILE A 96 7.25 -11.40 6.84
N ASP A 97 7.76 -10.66 7.82
CA ASP A 97 8.06 -11.20 9.14
C ASP A 97 6.82 -11.78 9.81
N ASN A 98 5.68 -11.66 9.11
CA ASN A 98 4.39 -12.16 9.59
C ASN A 98 3.79 -11.23 10.64
N SER A 99 4.64 -10.55 11.38
CA SER A 99 4.17 -9.59 12.38
C SER A 99 3.63 -8.35 11.69
N GLU A 100 4.21 -8.02 10.54
CA GLU A 100 3.77 -6.89 9.74
C GLU A 100 2.49 -7.26 9.00
N LEU A 101 2.29 -8.55 8.81
CA LEU A 101 1.07 -9.05 8.17
C LEU A 101 -0.09 -8.98 9.14
N LEU A 102 0.22 -8.98 10.43
CA LEU A 102 -0.80 -8.93 11.48
C LEU A 102 -1.11 -7.49 11.88
N HIS A 103 -0.06 -6.71 12.07
CA HIS A 103 -0.23 -5.31 12.47
C HIS A 103 -0.91 -4.50 11.38
N MET A 104 -0.55 -4.78 10.14
CA MET A 104 -1.12 -4.06 9.00
C MET A 104 -2.64 -4.25 8.92
N LEU A 105 -3.11 -5.42 9.34
CA LEU A 105 -4.55 -5.71 9.31
C LEU A 105 -5.23 -5.19 10.56
N GLU A 106 -4.44 -4.81 11.56
CA GLU A 106 -5.00 -4.36 12.82
C GLU A 106 -4.88 -2.84 12.99
N SER A 107 -4.17 -2.18 12.10
CA SER A 107 -4.00 -0.73 12.20
C SER A 107 -4.01 -0.05 10.83
N PRO A 108 -4.78 1.04 10.68
CA PRO A 108 -4.87 1.79 9.42
C PRO A 108 -3.58 2.54 9.11
N GLU A 109 -2.59 2.38 9.99
CA GLU A 109 -1.29 3.03 9.82
C GLU A 109 -0.19 1.98 9.74
N SER A 110 -0.43 0.83 10.34
CA SER A 110 0.54 -0.24 10.34
C SER A 110 0.78 -0.74 8.93
N LEU A 111 -0.28 -0.94 8.19
CA LEU A 111 -0.16 -1.41 6.83
C LEU A 111 0.70 -0.46 6.00
N ARG A 112 0.74 0.80 6.41
CA ARG A 112 1.53 1.80 5.70
C ARG A 112 2.97 1.85 6.22
N SER A 113 3.11 1.87 7.55
CA SER A 113 4.43 1.93 8.18
C SER A 113 5.18 0.63 7.95
N LYS A 114 4.45 -0.47 7.93
CA LYS A 114 5.05 -1.78 7.70
C LYS A 114 5.33 -1.99 6.22
N VAL A 115 4.54 -1.32 5.37
CA VAL A 115 4.76 -1.39 3.94
C VAL A 115 6.02 -0.60 3.58
N ASP A 116 6.05 0.68 3.96
CA ASP A 116 7.21 1.52 3.73
C ASP A 116 8.48 0.88 4.30
N GLU A 117 8.35 0.24 5.45
CA GLU A 117 9.48 -0.45 6.07
C GLU A 117 9.85 -1.69 5.27
N ALA A 118 8.84 -2.41 4.78
CA ALA A 118 9.07 -3.59 3.96
C ALA A 118 9.75 -3.19 2.67
N VAL A 119 9.60 -1.92 2.29
CA VAL A 119 10.23 -1.39 1.10
C VAL A 119 11.73 -1.39 1.27
N ALA A 120 12.17 -0.96 2.44
CA ALA A 120 13.58 -0.97 2.78
C ALA A 120 14.11 -2.40 2.73
N VAL A 121 13.19 -3.34 2.94
CA VAL A 121 13.51 -4.76 2.91
C VAL A 121 13.42 -5.31 1.49
N LEU A 122 12.53 -4.73 0.69
CA LEU A 122 12.36 -5.15 -0.70
C LEU A 122 13.55 -4.70 -1.53
N GLN A 123 14.01 -3.48 -1.26
CA GLN A 123 15.16 -2.92 -1.96
C GLN A 123 16.43 -3.67 -1.55
N ALA A 124 16.45 -4.14 -0.32
CA ALA A 124 17.59 -4.89 0.20
C ALA A 124 17.56 -6.34 -0.29
N HIS A 125 16.44 -6.73 -0.89
CA HIS A 125 16.27 -8.08 -1.39
C HIS A 125 16.06 -8.08 -2.91
N GLN A 126 16.06 -6.88 -3.50
CA GLN A 126 15.85 -6.75 -4.93
C GLN A 126 17.14 -7.01 -5.71
N ALA A 127 17.87 -5.94 -6.04
CA ALA A 127 19.11 -6.06 -6.81
C ALA A 127 20.33 -6.10 -5.90
N LYS A 128 20.12 -6.48 -4.64
CA LYS A 128 21.22 -6.57 -3.69
C LYS A 128 21.88 -7.94 -3.73
N GLU A 129 22.49 -8.33 -2.61
CA GLU A 129 23.13 -9.63 -2.50
C GLU A 129 22.11 -10.68 -2.06
N ALA A 130 20.88 -10.23 -1.86
CA ALA A 130 19.80 -11.12 -1.44
C ALA A 130 19.12 -11.76 -2.65
N ALA A 131 19.82 -11.77 -3.77
CA ALA A 131 19.29 -12.36 -5.00
C ALA A 131 18.98 -13.84 -4.81
N GLN A 132 17.74 -14.22 -5.09
CA GLN A 132 17.31 -15.61 -4.95
C GLN A 132 17.57 -16.39 -6.24
N LYS A 133 18.05 -17.62 -6.09
CA LYS A 133 18.34 -18.47 -7.23
C LYS A 133 17.12 -19.29 -7.62
N ALA A 134 16.24 -19.54 -6.65
CA ALA A 134 15.03 -20.30 -6.88
C ALA A 134 14.05 -19.52 -7.76
N VAL A 135 13.88 -19.96 -9.00
CA VAL A 135 12.97 -19.29 -9.93
C VAL A 135 11.69 -20.09 -10.09
N ASN A 136 11.61 -21.22 -9.41
CA ASN A 136 10.43 -22.08 -9.49
C ASN A 136 9.41 -21.70 -8.42
N SER A 137 9.85 -20.90 -7.45
CA SER A 137 8.98 -20.46 -6.37
C SER A 137 8.18 -19.24 -6.79
N ALA A 138 8.48 -18.71 -7.98
CA ALA A 138 7.79 -17.54 -8.50
C ALA A 138 6.45 -17.92 -9.12
N THR A 139 5.79 -16.95 -9.73
CA THR A 139 4.49 -17.18 -10.37
C THR A 139 4.67 -17.49 -11.85
N GLY A 140 3.70 -18.20 -12.41
CA GLY A 140 3.76 -18.55 -13.82
C GLY A 140 2.89 -17.66 -14.68
N VAL A 141 1.61 -18.00 -14.78
CA VAL A 141 0.67 -17.22 -15.58
C VAL A 141 -0.13 -16.26 -14.70
N PRO A 142 0.17 -14.95 -14.78
CA PRO A 142 -0.53 -13.93 -13.99
C PRO A 142 -2.04 -13.96 -14.19
N THR A 143 -2.77 -14.08 -13.09
CA THR A 143 -4.23 -14.12 -13.15
C THR A 143 -4.81 -12.70 -13.20
N VAL A 144 -6.12 -12.61 -13.41
CA VAL A 144 -6.79 -11.32 -13.49
C VAL A 144 -8.16 -11.38 -12.81
N GLY A 1 27.39 9.54 11.60
CA GLY A 1 28.64 9.52 12.41
C GLY A 1 29.59 10.65 12.05
N PRO A 2 30.90 10.49 12.32
CA PRO A 2 31.47 9.30 12.94
C PRO A 2 31.13 9.19 14.42
N LEU A 3 31.26 10.29 15.14
CA LEU A 3 30.97 10.31 16.57
C LEU A 3 29.54 10.81 16.83
N GLY A 4 28.87 10.19 17.78
CA GLY A 4 27.51 10.58 18.11
C GLY A 4 27.44 11.43 19.37
N SER A 5 27.52 12.74 19.21
CA SER A 5 27.46 13.66 20.33
C SER A 5 26.03 14.14 20.56
N ALA A 6 25.10 13.20 20.67
CA ALA A 6 23.69 13.50 20.88
C ALA A 6 23.10 14.26 19.69
N ALA A 7 21.78 14.19 19.56
CA ALA A 7 21.09 14.85 18.46
C ALA A 7 19.59 14.94 18.72
N ALA A 8 19.22 14.92 20.00
CA ALA A 8 17.82 15.01 20.41
C ALA A 8 17.02 13.85 19.82
N ALA A 9 16.42 14.07 18.65
CA ALA A 9 15.62 13.04 17.98
C ALA A 9 16.24 12.66 16.64
N THR A 10 15.76 13.28 15.56
CA THR A 10 16.26 12.99 14.22
C THR A 10 15.71 13.99 13.21
N PRO A 11 16.29 15.21 13.15
CA PRO A 11 15.86 16.25 12.22
C PRO A 11 16.45 16.06 10.82
N ALA A 12 16.52 14.81 10.38
CA ALA A 12 17.07 14.49 9.06
C ALA A 12 16.03 14.69 7.97
N VAL A 13 16.06 15.85 7.32
CA VAL A 13 15.13 16.15 6.25
C VAL A 13 15.82 16.13 4.89
N ARG A 14 15.92 14.94 4.31
CA ARG A 14 16.58 14.77 3.01
C ARG A 14 15.73 15.39 1.90
N THR A 15 16.39 16.09 0.99
CA THR A 15 15.70 16.73 -0.13
C THR A 15 15.66 15.80 -1.34
N VAL A 16 14.45 15.58 -1.85
CA VAL A 16 14.27 14.70 -3.01
C VAL A 16 13.89 15.51 -4.25
N PRO A 17 14.49 15.19 -5.41
CA PRO A 17 14.21 15.90 -6.66
C PRO A 17 12.79 15.66 -7.16
N GLN A 18 12.04 16.75 -7.30
CA GLN A 18 10.66 16.67 -7.76
C GLN A 18 10.60 16.50 -9.28
N TYR A 19 10.53 15.24 -9.73
CA TYR A 19 10.46 14.94 -11.15
C TYR A 19 9.14 15.39 -11.74
N LYS A 20 9.20 16.30 -12.71
CA LYS A 20 8.01 16.82 -13.37
C LYS A 20 7.74 16.08 -14.68
N TYR A 21 7.93 14.77 -14.65
CA TYR A 21 7.69 13.94 -15.84
C TYR A 21 6.23 13.48 -15.90
N ALA A 22 5.38 14.15 -15.14
CA ALA A 22 3.96 13.81 -15.12
C ALA A 22 3.25 14.32 -16.37
N ALA A 23 1.92 14.27 -16.37
CA ALA A 23 1.14 14.72 -17.51
C ALA A 23 0.84 16.20 -17.41
N GLY A 24 1.89 17.00 -17.26
CA GLY A 24 1.73 18.44 -17.15
C GLY A 24 1.63 19.11 -18.52
N VAL A 25 0.55 18.85 -19.22
CA VAL A 25 0.34 19.43 -20.55
C VAL A 25 -0.80 20.44 -20.52
N ARG A 26 -1.57 20.45 -19.43
CA ARG A 26 -2.68 21.37 -19.28
C ARG A 26 -2.21 22.73 -18.80
N ASN A 27 -0.98 22.77 -18.28
CA ASN A 27 -0.41 24.01 -17.78
C ASN A 27 0.48 24.67 -18.83
N PRO A 28 0.43 26.01 -18.95
CA PRO A 28 -0.43 26.87 -18.14
C PRO A 28 -1.91 26.73 -18.50
N GLN A 29 -2.78 27.01 -17.54
CA GLN A 29 -4.22 26.91 -17.76
C GLN A 29 -4.80 28.25 -18.18
N GLN A 30 -5.02 29.13 -17.21
CA GLN A 30 -5.57 30.46 -17.47
C GLN A 30 -4.48 31.51 -17.50
N HIS A 31 -4.18 32.02 -18.70
CA HIS A 31 -3.16 33.05 -18.86
C HIS A 31 -3.80 34.43 -19.01
N LEU A 32 -5.10 34.50 -18.75
CA LEU A 32 -5.83 35.76 -18.85
C LEU A 32 -5.98 36.41 -17.48
N ASN A 33 -6.87 35.85 -16.67
CA ASN A 33 -7.12 36.39 -15.33
C ASN A 33 -6.50 35.48 -14.27
N ALA A 34 -5.21 35.21 -14.41
CA ALA A 34 -4.49 34.36 -13.48
C ALA A 34 -4.24 35.09 -12.16
N GLN A 35 -3.39 34.51 -11.32
CA GLN A 35 -3.06 35.11 -10.03
C GLN A 35 -1.64 35.71 -10.05
N PRO A 36 -1.53 37.03 -10.30
CA PRO A 36 -0.23 37.71 -10.35
C PRO A 36 0.40 37.85 -8.97
N GLN A 37 -0.37 37.52 -7.94
CA GLN A 37 0.11 37.61 -6.57
C GLN A 37 0.61 36.25 -6.06
N VAL A 38 1.89 35.99 -6.25
CA VAL A 38 2.49 34.73 -5.83
C VAL A 38 2.98 34.82 -4.39
N THR A 39 2.76 35.97 -3.76
CA THR A 39 3.18 36.18 -2.37
C THR A 39 2.08 35.77 -1.40
N MET A 40 1.20 34.87 -1.86
CA MET A 40 0.10 34.39 -1.02
C MET A 40 0.46 33.05 -0.38
N GLN A 41 -0.55 32.42 0.22
CA GLN A 41 -0.35 31.13 0.87
C GLN A 41 -0.25 30.00 -0.17
N GLN A 42 -0.50 28.78 0.27
CA GLN A 42 -0.43 27.62 -0.62
C GLN A 42 -1.77 26.88 -0.67
N PRO A 43 -2.73 27.39 -1.48
CA PRO A 43 -4.05 26.76 -1.62
C PRO A 43 -3.99 25.44 -2.36
N ALA A 44 -3.72 24.36 -1.62
CA ALA A 44 -3.62 23.03 -2.21
C ALA A 44 -5.00 22.37 -2.31
N VAL A 45 -5.98 23.14 -2.73
CA VAL A 45 -7.35 22.63 -2.88
C VAL A 45 -7.58 22.08 -4.27
N HIS A 46 -6.53 22.06 -5.09
CA HIS A 46 -6.62 21.56 -6.46
C HIS A 46 -6.14 20.12 -6.55
N VAL A 47 -6.03 19.46 -5.39
CA VAL A 47 -5.57 18.08 -5.34
C VAL A 47 -6.75 17.11 -5.33
N GLN A 48 -6.58 15.96 -5.99
CA GLN A 48 -7.63 14.94 -6.05
C GLN A 48 -7.62 14.08 -4.80
N GLY A 49 -8.77 13.46 -4.50
CA GLY A 49 -8.86 12.60 -3.34
C GLY A 49 -8.30 11.23 -3.58
N GLN A 50 -7.10 10.98 -3.06
CA GLN A 50 -6.45 9.68 -3.22
C GLN A 50 -6.48 8.89 -1.92
N GLU A 51 -7.51 8.06 -1.77
CA GLU A 51 -7.67 7.25 -0.57
C GLU A 51 -6.89 5.93 -0.69
N PRO A 52 -5.86 5.73 0.15
CA PRO A 52 -5.04 4.52 0.11
C PRO A 52 -5.69 3.36 0.86
N LEU A 53 -5.15 2.17 0.65
CA LEU A 53 -5.66 0.96 1.32
C LEU A 53 -4.93 0.72 2.63
N THR A 54 -5.63 0.12 3.59
CA THR A 54 -5.04 -0.18 4.89
C THR A 54 -5.95 -1.12 5.68
N ALA A 55 -5.66 -1.27 6.96
CA ALA A 55 -6.44 -2.15 7.82
C ALA A 55 -7.93 -1.85 7.75
N SER A 56 -8.29 -0.58 7.77
CA SER A 56 -9.70 -0.18 7.71
C SER A 56 -10.35 -0.71 6.44
N MET A 57 -9.70 -0.46 5.30
CA MET A 57 -10.20 -0.93 4.02
C MET A 57 -10.34 -2.44 4.03
N LEU A 58 -9.38 -3.10 4.66
CA LEU A 58 -9.37 -4.55 4.77
C LEU A 58 -10.56 -5.05 5.57
N ALA A 59 -10.85 -4.36 6.66
CA ALA A 59 -11.97 -4.74 7.53
C ALA A 59 -13.30 -4.59 6.80
N SER A 60 -13.28 -3.87 5.68
CA SER A 60 -14.48 -3.67 4.88
C SER A 60 -14.86 -4.94 4.12
N ALA A 61 -14.00 -5.95 4.19
CA ALA A 61 -14.23 -7.22 3.52
C ALA A 61 -13.96 -8.39 4.45
N PRO A 62 -14.70 -8.50 5.57
CA PRO A 62 -14.51 -9.58 6.55
C PRO A 62 -14.61 -10.98 5.94
N PRO A 63 -15.70 -11.30 5.21
CA PRO A 63 -15.89 -12.61 4.62
C PRO A 63 -15.51 -12.65 3.14
N GLN A 64 -14.64 -11.73 2.73
CA GLN A 64 -14.23 -11.65 1.34
C GLN A 64 -12.71 -11.61 1.20
N GLU A 65 -12.15 -10.41 1.11
CA GLU A 65 -10.71 -10.24 0.92
C GLU A 65 -10.03 -9.73 2.19
N GLN A 66 -10.50 -10.19 3.35
CA GLN A 66 -9.91 -9.79 4.62
C GLN A 66 -8.48 -10.31 4.76
N LYS A 67 -8.19 -11.38 4.02
CA LYS A 67 -6.86 -11.98 4.05
C LYS A 67 -6.33 -12.19 2.62
N GLN A 68 -6.77 -11.33 1.71
CA GLN A 68 -6.35 -11.43 0.32
C GLN A 68 -5.90 -10.08 -0.25
N MET A 69 -6.78 -9.09 -0.16
CA MET A 69 -6.50 -7.76 -0.71
C MET A 69 -5.51 -6.97 0.15
N LEU A 70 -4.79 -7.66 1.02
CA LEU A 70 -3.81 -7.01 1.89
C LEU A 70 -2.45 -6.95 1.21
N GLY A 71 -2.18 -7.95 0.39
CA GLY A 71 -0.92 -8.00 -0.33
C GLY A 71 -1.11 -8.36 -1.79
N GLU A 72 -2.36 -8.33 -2.25
CA GLU A 72 -2.66 -8.67 -3.63
C GLU A 72 -3.52 -7.60 -4.31
N ARG A 73 -4.01 -6.66 -3.52
CA ARG A 73 -4.85 -5.59 -4.06
C ARG A 73 -4.31 -4.22 -3.67
N LEU A 74 -3.41 -4.20 -2.70
CA LEU A 74 -2.81 -2.96 -2.23
C LEU A 74 -1.76 -2.45 -3.19
N PHE A 75 -1.38 -3.29 -4.14
CA PHE A 75 -0.34 -2.92 -5.11
C PHE A 75 -0.60 -1.54 -5.73
N PRO A 76 -1.78 -1.31 -6.33
CA PRO A 76 -2.11 -0.02 -6.95
C PRO A 76 -2.12 1.12 -5.94
N LEU A 77 -2.05 0.75 -4.65
CA LEU A 77 -2.07 1.75 -3.59
C LEU A 77 -0.66 2.06 -3.07
N ILE A 78 0.25 1.08 -3.19
CA ILE A 78 1.61 1.28 -2.73
C ILE A 78 2.37 2.26 -3.62
N GLN A 79 2.16 2.14 -4.93
CA GLN A 79 2.79 3.05 -5.88
C GLN A 79 2.53 4.49 -5.49
N ALA A 80 1.50 4.68 -4.67
CA ALA A 80 1.12 5.99 -4.18
C ALA A 80 2.01 6.42 -3.02
N MET A 81 2.35 5.49 -2.15
CA MET A 81 3.21 5.77 -1.01
C MET A 81 4.65 5.98 -1.47
N HIS A 82 5.12 5.04 -2.29
CA HIS A 82 6.47 5.09 -2.83
C HIS A 82 6.44 5.35 -4.33
N PRO A 83 7.43 6.08 -4.86
CA PRO A 83 7.50 6.37 -6.30
C PRO A 83 7.52 5.10 -7.15
N THR A 84 6.34 4.51 -7.32
CA THR A 84 6.20 3.28 -8.09
C THR A 84 7.24 2.25 -7.67
N LEU A 85 7.54 2.19 -6.38
CA LEU A 85 8.53 1.27 -5.85
C LEU A 85 7.87 -0.04 -5.39
N ALA A 86 6.57 -0.16 -5.63
CA ALA A 86 5.82 -1.35 -5.27
C ALA A 86 6.23 -2.54 -6.13
N GLY A 87 5.25 -3.34 -6.55
CA GLY A 87 5.54 -4.51 -7.37
C GLY A 87 5.98 -5.69 -6.52
N LYS A 88 6.22 -5.42 -5.23
CA LYS A 88 6.65 -6.45 -4.31
C LYS A 88 6.39 -6.04 -2.86
N ILE A 89 6.32 -4.73 -2.61
CA ILE A 89 6.12 -4.23 -1.25
C ILE A 89 4.95 -4.94 -0.55
N THR A 90 3.73 -4.48 -0.82
CA THR A 90 2.54 -5.08 -0.22
C THR A 90 2.48 -6.57 -0.50
N GLY A 91 2.89 -6.97 -1.70
CA GLY A 91 2.93 -8.37 -2.03
C GLY A 91 3.81 -9.13 -1.06
N MET A 92 4.79 -8.42 -0.52
CA MET A 92 5.69 -8.98 0.49
C MET A 92 4.99 -9.03 1.82
N LEU A 93 4.14 -8.05 2.05
CA LEU A 93 3.40 -7.91 3.30
C LEU A 93 2.52 -9.11 3.55
N LEU A 94 2.47 -10.03 2.59
CA LEU A 94 1.72 -11.27 2.76
C LEU A 94 2.70 -12.43 2.88
N GLU A 95 3.91 -12.10 3.35
CA GLU A 95 4.95 -13.09 3.51
C GLU A 95 6.12 -12.54 4.34
N ILE A 96 5.99 -11.29 4.79
CA ILE A 96 7.04 -10.65 5.59
C ILE A 96 7.29 -11.37 6.91
N ASP A 97 7.78 -10.61 7.89
CA ASP A 97 8.04 -11.13 9.22
C ASP A 97 6.77 -11.67 9.87
N ASN A 98 5.65 -11.52 9.15
CA ASN A 98 4.34 -11.97 9.63
C ASN A 98 3.73 -10.98 10.60
N SER A 99 4.59 -10.38 11.42
CA SER A 99 4.15 -9.38 12.37
C SER A 99 3.61 -8.15 11.64
N GLU A 100 4.12 -7.94 10.43
CA GLU A 100 3.66 -6.84 9.59
C GLU A 100 2.40 -7.26 8.85
N LEU A 101 2.26 -8.57 8.65
CA LEU A 101 1.06 -9.11 8.02
C LEU A 101 -0.09 -9.09 9.00
N LEU A 102 0.24 -9.10 10.29
CA LEU A 102 -0.76 -9.09 11.36
C LEU A 102 -1.11 -7.67 11.76
N HIS A 103 -0.08 -6.86 11.98
CA HIS A 103 -0.27 -5.48 12.42
C HIS A 103 -0.98 -4.65 11.35
N MET A 104 -0.64 -4.91 10.09
CA MET A 104 -1.25 -4.18 8.98
C MET A 104 -2.76 -4.36 8.95
N LEU A 105 -3.20 -5.58 9.28
CA LEU A 105 -4.62 -5.90 9.27
C LEU A 105 -5.29 -5.44 10.55
N GLU A 106 -4.48 -5.05 11.53
CA GLU A 106 -5.01 -4.63 12.81
C GLU A 106 -4.84 -3.13 13.03
N SER A 107 -4.10 -2.47 12.15
CA SER A 107 -3.87 -1.03 12.27
C SER A 107 -3.89 -0.33 10.92
N PRO A 108 -4.73 0.73 10.79
CA PRO A 108 -4.84 1.49 9.54
C PRO A 108 -3.58 2.28 9.23
N GLU A 109 -2.53 2.06 10.02
CA GLU A 109 -1.26 2.74 9.84
C GLU A 109 -0.12 1.73 9.78
N SER A 110 -0.32 0.58 10.41
CA SER A 110 0.69 -0.46 10.39
C SER A 110 0.93 -0.93 8.98
N LEU A 111 -0.15 -1.20 8.26
CA LEU A 111 -0.05 -1.61 6.88
C LEU A 111 0.85 -0.68 6.09
N ARG A 112 0.98 0.54 6.58
CA ARG A 112 1.82 1.54 5.95
C ARG A 112 3.22 1.54 6.51
N SER A 113 3.34 1.85 7.80
CA SER A 113 4.63 1.84 8.47
C SER A 113 5.35 0.53 8.19
N LYS A 114 4.56 -0.53 7.98
CA LYS A 114 5.11 -1.84 7.66
C LYS A 114 5.44 -1.92 6.17
N VAL A 115 4.55 -1.40 5.33
CA VAL A 115 4.78 -1.43 3.88
C VAL A 115 6.01 -0.58 3.54
N ASP A 116 5.98 0.70 3.90
CA ASP A 116 7.10 1.60 3.67
C ASP A 116 8.40 1.00 4.19
N GLU A 117 8.34 0.39 5.37
CA GLU A 117 9.51 -0.24 5.96
C GLU A 117 9.87 -1.50 5.18
N ALA A 118 8.86 -2.17 4.65
CA ALA A 118 9.08 -3.37 3.86
C ALA A 118 9.76 -3.02 2.54
N VAL A 119 9.56 -1.78 2.11
CA VAL A 119 10.21 -1.30 0.90
C VAL A 119 11.71 -1.31 1.09
N ALA A 120 12.14 -0.80 2.23
CA ALA A 120 13.54 -0.78 2.58
C ALA A 120 14.09 -2.21 2.59
N VAL A 121 13.19 -3.15 2.83
CA VAL A 121 13.53 -4.56 2.86
C VAL A 121 13.45 -5.16 1.46
N LEU A 122 12.53 -4.65 0.65
CA LEU A 122 12.36 -5.13 -0.71
C LEU A 122 13.55 -4.72 -1.56
N GLN A 123 14.05 -3.51 -1.32
CA GLN A 123 15.22 -3.00 -2.02
C GLN A 123 16.48 -3.69 -1.50
N ALA A 124 16.41 -4.13 -0.24
CA ALA A 124 17.53 -4.83 0.40
C ALA A 124 17.51 -6.31 0.03
N HIS A 125 16.50 -6.72 -0.72
CA HIS A 125 16.39 -8.11 -1.14
C HIS A 125 16.37 -8.22 -2.66
N GLN A 126 15.91 -7.17 -3.31
CA GLN A 126 15.86 -7.13 -4.76
C GLN A 126 17.21 -6.72 -5.33
N ALA A 127 17.85 -5.78 -4.65
CA ALA A 127 19.16 -5.31 -5.05
C ALA A 127 20.26 -6.03 -4.28
N LYS A 128 20.28 -5.87 -2.97
CA LYS A 128 21.26 -6.53 -2.13
C LYS A 128 20.70 -7.79 -1.51
N GLU A 129 21.60 -8.55 -0.92
CA GLU A 129 21.25 -9.71 -0.15
C GLU A 129 21.07 -9.30 1.31
N ALA A 130 20.81 -8.01 1.50
CA ALA A 130 20.70 -7.43 2.83
C ALA A 130 19.65 -8.14 3.67
N ALA A 131 18.55 -8.53 3.04
CA ALA A 131 17.47 -9.21 3.73
C ALA A 131 17.79 -10.69 3.91
N GLN A 132 18.22 -11.05 5.12
CA GLN A 132 18.56 -12.43 5.44
C GLN A 132 17.36 -13.18 5.98
N LYS A 133 17.45 -14.51 6.02
CA LYS A 133 16.36 -15.33 6.52
C LYS A 133 16.25 -15.24 8.04
N ALA A 134 17.25 -14.61 8.65
CA ALA A 134 17.28 -14.45 10.10
C ALA A 134 16.34 -13.34 10.54
N VAL A 135 15.44 -13.66 11.47
CA VAL A 135 14.48 -12.68 11.98
C VAL A 135 14.99 -12.03 13.26
N ASN A 136 16.28 -12.18 13.53
CA ASN A 136 16.89 -11.61 14.72
C ASN A 136 17.20 -10.12 14.52
N SER A 137 17.67 -9.78 13.32
CA SER A 137 17.99 -8.39 13.01
C SER A 137 16.73 -7.58 12.76
N ALA A 138 15.59 -8.26 12.71
CA ALA A 138 14.32 -7.60 12.48
C ALA A 138 13.80 -6.95 13.77
N THR A 139 14.41 -5.84 14.15
CA THR A 139 14.01 -5.12 15.35
C THR A 139 13.47 -3.73 15.01
N GLY A 140 13.19 -2.93 16.04
CA GLY A 140 12.67 -1.60 15.82
C GLY A 140 13.77 -0.57 15.63
N VAL A 141 14.49 -0.26 16.69
CA VAL A 141 15.57 0.72 16.64
C VAL A 141 16.92 0.02 16.42
N PRO A 142 17.85 0.69 15.71
CA PRO A 142 19.18 0.13 15.43
C PRO A 142 20.01 -0.05 16.71
N THR A 143 20.74 -1.16 16.78
CA THR A 143 21.57 -1.46 17.95
C THR A 143 23.04 -1.22 17.65
N VAL A 144 23.58 -1.99 16.71
CA VAL A 144 24.99 -1.85 16.33
C VAL A 144 25.17 -0.81 15.24
N GLY A 1 -39.75 -6.33 -79.64
CA GLY A 1 -39.29 -5.34 -80.65
C GLY A 1 -38.98 -5.96 -81.99
N PRO A 2 -37.70 -6.32 -82.25
CA PRO A 2 -37.29 -6.93 -83.50
C PRO A 2 -37.84 -8.35 -83.67
N LEU A 3 -37.59 -8.95 -84.83
CA LEU A 3 -38.05 -10.30 -85.10
C LEU A 3 -37.13 -11.34 -84.47
N GLY A 4 -35.99 -10.87 -83.96
CA GLY A 4 -35.04 -11.77 -83.33
C GLY A 4 -35.14 -11.76 -81.82
N SER A 5 -35.30 -12.94 -81.23
CA SER A 5 -35.40 -13.06 -79.78
C SER A 5 -34.04 -13.33 -79.15
N ALA A 6 -34.00 -13.32 -77.82
CA ALA A 6 -32.75 -13.56 -77.10
C ALA A 6 -32.42 -15.04 -77.05
N ALA A 7 -33.29 -15.86 -77.66
CA ALA A 7 -33.08 -17.30 -77.68
C ALA A 7 -32.77 -17.78 -79.09
N ALA A 8 -32.32 -16.86 -79.95
CA ALA A 8 -32.00 -17.18 -81.32
C ALA A 8 -30.74 -16.45 -81.78
N ALA A 9 -30.49 -15.29 -81.18
CA ALA A 9 -29.32 -14.47 -81.53
C ALA A 9 -28.66 -13.90 -80.28
N THR A 10 -27.70 -14.64 -79.73
CA THR A 10 -26.98 -14.21 -78.54
C THR A 10 -25.62 -13.63 -78.90
N PRO A 11 -25.38 -12.35 -78.58
CA PRO A 11 -24.11 -11.68 -78.89
C PRO A 11 -22.98 -12.12 -77.96
N ALA A 12 -23.28 -13.08 -77.09
CA ALA A 12 -22.30 -13.59 -76.15
C ALA A 12 -21.42 -14.65 -76.79
N VAL A 13 -20.61 -14.24 -77.76
CA VAL A 13 -19.71 -15.16 -78.46
C VAL A 13 -18.48 -15.48 -77.60
N ARG A 14 -18.06 -14.49 -76.80
CA ARG A 14 -16.90 -14.67 -75.93
C ARG A 14 -17.26 -15.50 -74.71
N THR A 15 -16.26 -15.83 -73.89
CA THR A 15 -16.46 -16.62 -72.69
C THR A 15 -16.87 -15.73 -71.52
N VAL A 16 -17.94 -14.97 -71.71
CA VAL A 16 -18.45 -14.08 -70.67
C VAL A 16 -19.79 -14.56 -70.11
N PRO A 17 -19.78 -15.22 -68.94
CA PRO A 17 -21.00 -15.74 -68.32
C PRO A 17 -21.90 -14.63 -67.78
N GLN A 18 -22.99 -15.01 -67.14
CA GLN A 18 -23.92 -14.04 -66.57
C GLN A 18 -23.38 -13.45 -65.29
N TYR A 19 -24.26 -12.77 -64.53
CA TYR A 19 -23.86 -12.15 -63.28
C TYR A 19 -23.44 -13.20 -62.26
N LYS A 20 -22.47 -12.86 -61.42
CA LYS A 20 -21.98 -13.77 -60.39
C LYS A 20 -22.63 -13.46 -59.04
N TYR A 21 -23.52 -14.34 -58.60
CA TYR A 21 -24.20 -14.15 -57.33
C TYR A 21 -23.31 -14.57 -56.16
N ALA A 22 -22.11 -15.02 -56.48
CA ALA A 22 -21.16 -15.45 -55.44
C ALA A 22 -20.68 -14.26 -54.61
N ALA A 23 -20.57 -14.47 -53.31
CA ALA A 23 -20.12 -13.42 -52.40
C ALA A 23 -18.61 -13.36 -52.34
N GLY A 24 -17.96 -14.51 -52.53
CA GLY A 24 -16.51 -14.57 -52.48
C GLY A 24 -15.89 -14.59 -53.86
N VAL A 25 -15.62 -13.41 -54.41
CA VAL A 25 -15.02 -13.29 -55.73
C VAL A 25 -13.50 -13.12 -55.62
N ARG A 26 -13.06 -12.53 -54.52
CA ARG A 26 -11.63 -12.31 -54.29
C ARG A 26 -11.00 -13.50 -53.59
N ASN A 27 -10.26 -14.30 -54.35
CA ASN A 27 -9.60 -15.49 -53.80
C ASN A 27 -8.22 -15.15 -53.22
N PRO A 28 -7.35 -14.46 -53.99
CA PRO A 28 -6.01 -14.08 -53.52
C PRO A 28 -6.06 -13.10 -52.37
N GLN A 29 -5.82 -13.59 -51.15
CA GLN A 29 -5.84 -12.76 -49.96
C GLN A 29 -4.43 -12.35 -49.57
N GLN A 30 -4.32 -11.62 -48.46
CA GLN A 30 -3.03 -11.16 -47.97
C GLN A 30 -2.29 -12.28 -47.24
N HIS A 31 -3.05 -13.22 -46.70
CA HIS A 31 -2.48 -14.35 -45.97
C HIS A 31 -1.61 -13.88 -44.81
N LEU A 32 -1.92 -12.70 -44.30
CA LEU A 32 -1.18 -12.13 -43.18
C LEU A 32 -1.85 -12.43 -41.85
N ASN A 33 -1.13 -13.14 -40.98
CA ASN A 33 -1.68 -13.50 -39.67
C ASN A 33 -1.06 -12.64 -38.58
N ALA A 34 -1.57 -11.43 -38.42
CA ALA A 34 -1.08 -10.51 -37.40
C ALA A 34 -1.81 -10.71 -36.08
N GLN A 35 -1.39 -9.96 -35.05
CA GLN A 35 -2.01 -10.05 -33.74
C GLN A 35 -3.12 -9.02 -33.57
N PRO A 36 -4.32 -9.46 -33.15
CA PRO A 36 -5.46 -8.55 -32.95
C PRO A 36 -5.34 -7.74 -31.67
N GLN A 37 -4.77 -6.55 -31.79
CA GLN A 37 -4.60 -5.66 -30.64
C GLN A 37 -5.82 -4.78 -30.43
N VAL A 38 -6.58 -5.07 -29.37
CA VAL A 38 -7.78 -4.30 -29.07
C VAL A 38 -7.45 -3.14 -28.13
N THR A 39 -8.10 -2.00 -28.37
CA THR A 39 -7.86 -0.81 -27.54
C THR A 39 -9.08 -0.52 -26.67
N MET A 40 -9.27 -1.31 -25.63
CA MET A 40 -10.40 -1.13 -24.72
C MET A 40 -10.04 -0.12 -23.63
N GLN A 41 -8.77 -0.07 -23.28
CA GLN A 41 -8.28 0.84 -22.25
C GLN A 41 -9.10 0.73 -20.97
N GLN A 42 -8.76 -0.25 -20.15
CA GLN A 42 -9.47 -0.46 -18.89
C GLN A 42 -8.97 0.50 -17.81
N PRO A 43 -9.81 1.48 -17.42
CA PRO A 43 -9.43 2.47 -16.40
C PRO A 43 -9.47 1.89 -14.99
N ALA A 44 -9.04 2.71 -14.02
CA ALA A 44 -9.02 2.29 -12.63
C ALA A 44 -10.41 2.41 -12.00
N VAL A 45 -10.53 1.94 -10.76
CA VAL A 45 -11.80 1.98 -10.05
C VAL A 45 -12.08 3.40 -9.53
N HIS A 46 -13.13 3.53 -8.73
CA HIS A 46 -13.50 4.83 -8.17
C HIS A 46 -13.09 4.92 -6.70
N VAL A 47 -11.83 5.26 -6.47
CA VAL A 47 -11.31 5.39 -5.10
C VAL A 47 -11.00 6.84 -4.78
N GLN A 48 -11.99 7.71 -4.92
CA GLN A 48 -11.81 9.13 -4.63
C GLN A 48 -11.77 9.37 -3.13
N GLY A 49 -12.51 8.58 -2.38
CA GLY A 49 -12.54 8.72 -0.93
C GLY A 49 -11.44 7.93 -0.26
N GLN A 50 -11.61 6.62 -0.17
CA GLN A 50 -10.62 5.76 0.45
C GLN A 50 -9.53 5.37 -0.56
N GLU A 51 -8.64 6.31 -0.84
CA GLU A 51 -7.56 6.08 -1.80
C GLU A 51 -6.52 5.10 -1.23
N PRO A 52 -6.01 5.36 0.00
CA PRO A 52 -5.01 4.48 0.61
C PRO A 52 -5.61 3.27 1.30
N LEU A 53 -5.15 2.08 0.93
CA LEU A 53 -5.63 0.85 1.52
C LEU A 53 -4.91 0.55 2.83
N THR A 54 -5.58 -0.14 3.74
CA THR A 54 -5.00 -0.48 5.02
C THR A 54 -5.89 -1.48 5.77
N ALA A 55 -5.70 -1.56 7.08
CA ALA A 55 -6.48 -2.47 7.90
C ALA A 55 -7.97 -2.16 7.82
N SER A 56 -8.30 -0.87 7.75
CA SER A 56 -9.69 -0.46 7.66
C SER A 56 -10.33 -1.04 6.40
N MET A 57 -9.63 -0.93 5.28
CA MET A 57 -10.11 -1.48 4.02
C MET A 57 -10.29 -2.99 4.14
N LEU A 58 -9.34 -3.63 4.81
CA LEU A 58 -9.39 -5.07 5.01
C LEU A 58 -10.66 -5.47 5.74
N ALA A 59 -10.97 -4.74 6.81
CA ALA A 59 -12.16 -5.01 7.60
C ALA A 59 -13.43 -4.68 6.83
N SER A 60 -13.27 -3.97 5.72
CA SER A 60 -14.41 -3.58 4.88
C SER A 60 -14.91 -4.77 4.07
N ALA A 61 -14.17 -5.87 4.11
CA ALA A 61 -14.55 -7.08 3.37
C ALA A 61 -14.41 -8.32 4.25
N PRO A 62 -15.17 -8.39 5.37
CA PRO A 62 -15.12 -9.53 6.29
C PRO A 62 -15.38 -10.88 5.61
N PRO A 63 -16.49 -11.01 4.84
CA PRO A 63 -16.82 -12.26 4.16
C PRO A 63 -16.19 -12.37 2.77
N GLN A 64 -15.88 -11.23 2.18
CA GLN A 64 -15.29 -11.19 0.84
C GLN A 64 -13.79 -11.51 0.92
N GLU A 65 -12.97 -10.47 1.04
CA GLU A 65 -11.53 -10.65 1.11
C GLU A 65 -11.06 -10.68 2.56
N GLN A 66 -10.73 -9.51 3.10
CA GLN A 66 -10.24 -9.39 4.48
C GLN A 66 -8.81 -9.90 4.61
N LYS A 67 -8.52 -11.01 3.94
CA LYS A 67 -7.19 -11.60 3.94
C LYS A 67 -6.67 -11.76 2.51
N GLN A 68 -7.28 -11.04 1.58
CA GLN A 68 -6.90 -11.11 0.18
C GLN A 68 -6.33 -9.78 -0.31
N MET A 69 -6.98 -8.68 0.07
CA MET A 69 -6.54 -7.35 -0.36
C MET A 69 -5.33 -6.87 0.43
N LEU A 70 -4.99 -7.60 1.50
CA LEU A 70 -3.87 -7.20 2.35
C LEU A 70 -2.56 -7.11 1.57
N GLY A 71 -2.35 -8.04 0.64
CA GLY A 71 -1.13 -8.03 -0.13
C GLY A 71 -1.34 -8.49 -1.56
N GLU A 72 -2.54 -8.26 -2.09
CA GLU A 72 -2.85 -8.65 -3.46
C GLU A 72 -3.66 -7.57 -4.17
N ARG A 73 -4.11 -6.57 -3.42
CA ARG A 73 -4.90 -5.48 -3.99
C ARG A 73 -4.29 -4.13 -3.65
N LEU A 74 -3.39 -4.12 -2.68
CA LEU A 74 -2.74 -2.89 -2.24
C LEU A 74 -1.68 -2.44 -3.23
N PHE A 75 -1.14 -3.38 -3.99
CA PHE A 75 -0.07 -3.09 -4.92
C PHE A 75 -0.32 -1.80 -5.71
N PRO A 76 -1.46 -1.67 -6.41
CA PRO A 76 -1.77 -0.47 -7.19
C PRO A 76 -1.80 0.79 -6.34
N LEU A 77 -1.92 0.62 -5.04
CA LEU A 77 -1.99 1.74 -4.12
C LEU A 77 -0.65 2.02 -3.45
N ILE A 78 0.23 1.01 -3.40
CA ILE A 78 1.55 1.20 -2.80
C ILE A 78 2.37 2.19 -3.61
N GLN A 79 2.23 2.13 -4.93
CA GLN A 79 2.93 3.03 -5.83
C GLN A 79 2.67 4.48 -5.44
N ALA A 80 1.61 4.67 -4.67
CA ALA A 80 1.22 6.00 -4.19
C ALA A 80 2.03 6.41 -2.97
N MET A 81 2.36 5.43 -2.14
CA MET A 81 3.11 5.68 -0.91
C MET A 81 4.60 5.84 -1.21
N HIS A 82 5.11 5.02 -2.10
CA HIS A 82 6.52 5.07 -2.50
C HIS A 82 6.64 5.40 -3.97
N PRO A 83 7.81 5.89 -4.42
CA PRO A 83 8.04 6.22 -5.83
C PRO A 83 7.99 4.98 -6.72
N THR A 84 6.77 4.49 -6.96
CA THR A 84 6.55 3.29 -7.76
C THR A 84 7.53 2.18 -7.37
N LEU A 85 7.82 2.10 -6.07
CA LEU A 85 8.74 1.09 -5.55
C LEU A 85 8.01 -0.21 -5.23
N ALA A 86 6.70 -0.22 -5.50
CA ALA A 86 5.88 -1.40 -5.24
C ALA A 86 6.30 -2.57 -6.14
N GLY A 87 5.33 -3.35 -6.58
CA GLY A 87 5.62 -4.50 -7.40
C GLY A 87 5.96 -5.71 -6.56
N LYS A 88 6.17 -5.47 -5.26
CA LYS A 88 6.52 -6.52 -4.33
C LYS A 88 6.25 -6.13 -2.88
N ILE A 89 6.21 -4.83 -2.60
CA ILE A 89 6.01 -4.35 -1.24
C ILE A 89 4.84 -5.05 -0.55
N THR A 90 3.63 -4.60 -0.82
CA THR A 90 2.44 -5.19 -0.20
C THR A 90 2.39 -6.70 -0.45
N GLY A 91 2.78 -7.12 -1.64
CA GLY A 91 2.83 -8.54 -1.93
C GLY A 91 3.78 -9.23 -0.99
N MET A 92 4.76 -8.47 -0.52
CA MET A 92 5.74 -8.96 0.45
C MET A 92 5.10 -9.01 1.81
N LEU A 93 4.26 -8.03 2.06
CA LEU A 93 3.56 -7.89 3.33
C LEU A 93 2.74 -9.11 3.66
N LEU A 94 2.66 -10.04 2.70
CA LEU A 94 1.99 -11.29 2.91
C LEU A 94 3.01 -12.41 3.00
N GLU A 95 4.21 -12.03 3.46
CA GLU A 95 5.33 -12.96 3.59
C GLU A 95 6.50 -12.33 4.34
N ILE A 96 6.32 -11.08 4.79
CA ILE A 96 7.39 -10.38 5.52
C ILE A 96 7.74 -11.08 6.83
N ASP A 97 8.19 -10.27 7.79
CA ASP A 97 8.53 -10.76 9.13
C ASP A 97 7.32 -11.41 9.79
N ASN A 98 6.19 -11.36 9.11
CA ASN A 98 4.94 -11.96 9.59
C ASN A 98 4.26 -11.06 10.62
N SER A 99 5.06 -10.26 11.31
CA SER A 99 4.51 -9.34 12.30
C SER A 99 3.87 -8.14 11.60
N GLU A 100 4.43 -7.79 10.44
CA GLU A 100 3.88 -6.71 9.63
C GLU A 100 2.63 -7.18 8.92
N LEU A 101 2.53 -8.49 8.74
CA LEU A 101 1.34 -9.09 8.13
C LEU A 101 0.19 -9.10 9.12
N LEU A 102 0.55 -9.09 10.40
CA LEU A 102 -0.45 -9.11 11.48
C LEU A 102 -0.85 -7.70 11.88
N HIS A 103 0.16 -6.84 12.06
CA HIS A 103 -0.09 -5.47 12.49
C HIS A 103 -0.84 -4.69 11.41
N MET A 104 -0.51 -4.96 10.15
CA MET A 104 -1.17 -4.28 9.03
C MET A 104 -2.67 -4.55 9.05
N LEU A 105 -3.05 -5.78 9.38
CA LEU A 105 -4.44 -6.17 9.42
C LEU A 105 -5.09 -5.67 10.69
N GLU A 106 -4.27 -5.23 11.64
CA GLU A 106 -4.78 -4.77 12.92
C GLU A 106 -4.65 -3.26 13.08
N SER A 107 -4.02 -2.59 12.12
CA SER A 107 -3.83 -1.14 12.21
C SER A 107 -3.86 -0.47 10.83
N PRO A 108 -4.50 0.71 10.75
CA PRO A 108 -4.59 1.48 9.50
C PRO A 108 -3.31 2.27 9.23
N GLU A 109 -2.33 2.10 10.11
CA GLU A 109 -1.05 2.79 9.97
C GLU A 109 0.09 1.78 9.92
N SER A 110 -0.19 0.57 10.39
CA SER A 110 0.80 -0.49 10.35
C SER A 110 0.98 -0.97 8.92
N LEU A 111 -0.11 -1.27 8.25
CA LEU A 111 -0.07 -1.71 6.88
C LEU A 111 0.77 -0.76 6.03
N ARG A 112 0.72 0.52 6.37
CA ARG A 112 1.45 1.53 5.62
C ARG A 112 2.89 1.66 6.13
N SER A 113 3.04 2.00 7.41
CA SER A 113 4.36 2.16 8.02
C SER A 113 5.22 0.91 7.80
N LYS A 114 4.58 -0.25 7.84
CA LYS A 114 5.28 -1.51 7.63
C LYS A 114 5.52 -1.74 6.15
N VAL A 115 4.64 -1.20 5.30
CA VAL A 115 4.82 -1.33 3.86
C VAL A 115 6.00 -0.48 3.39
N ASP A 116 6.01 0.78 3.80
CA ASP A 116 7.11 1.69 3.47
C ASP A 116 8.42 1.16 4.02
N GLU A 117 8.37 0.59 5.21
CA GLU A 117 9.55 -0.01 5.82
C GLU A 117 9.91 -1.29 5.10
N ALA A 118 8.88 -2.00 4.62
CA ALA A 118 9.09 -3.21 3.85
C ALA A 118 9.78 -2.88 2.55
N VAL A 119 9.53 -1.68 2.04
CA VAL A 119 10.19 -1.22 0.83
C VAL A 119 11.69 -1.27 1.01
N ALA A 120 12.15 -0.65 2.07
CA ALA A 120 13.56 -0.64 2.40
C ALA A 120 14.09 -2.06 2.46
N VAL A 121 13.20 -3.00 2.74
CA VAL A 121 13.55 -4.40 2.79
C VAL A 121 13.46 -5.04 1.41
N LEU A 122 12.53 -4.53 0.60
CA LEU A 122 12.35 -5.02 -0.76
C LEU A 122 13.52 -4.60 -1.63
N GLN A 123 14.00 -3.37 -1.42
CA GLN A 123 15.14 -2.86 -2.15
C GLN A 123 16.41 -3.53 -1.64
N ALA A 124 16.36 -3.95 -0.38
CA ALA A 124 17.48 -4.62 0.26
C ALA A 124 17.44 -6.12 0.03
N HIS A 125 16.45 -6.58 -0.73
CA HIS A 125 16.32 -7.99 -1.04
C HIS A 125 16.27 -8.21 -2.54
N GLN A 126 15.78 -7.20 -3.25
CA GLN A 126 15.67 -7.26 -4.71
C GLN A 126 16.94 -6.75 -5.39
N ALA A 127 17.11 -5.43 -5.41
CA ALA A 127 18.25 -4.81 -6.09
C ALA A 127 19.50 -4.79 -5.21
N LYS A 128 19.45 -5.48 -4.07
CA LYS A 128 20.59 -5.54 -3.17
C LYS A 128 21.71 -6.38 -3.79
N GLU A 129 22.49 -7.04 -2.93
CA GLU A 129 23.52 -7.94 -3.39
C GLU A 129 22.90 -9.31 -3.62
N ALA A 130 21.60 -9.30 -3.88
CA ALA A 130 20.83 -10.52 -4.09
C ALA A 130 21.16 -11.17 -5.42
N ALA A 131 22.30 -10.82 -6.00
CA ALA A 131 22.72 -11.38 -7.28
C ALA A 131 23.43 -12.72 -7.11
N GLN A 132 22.95 -13.51 -6.16
CA GLN A 132 23.53 -14.82 -5.89
C GLN A 132 23.05 -15.85 -6.90
N LYS A 133 21.83 -16.36 -6.70
CA LYS A 133 21.26 -17.35 -7.59
C LYS A 133 20.62 -16.68 -8.80
N ALA A 134 19.58 -15.88 -8.55
CA ALA A 134 18.88 -15.19 -9.62
C ALA A 134 19.74 -14.08 -10.21
N VAL A 135 20.06 -14.19 -11.49
CA VAL A 135 20.88 -13.20 -12.17
C VAL A 135 20.02 -12.16 -12.88
N ASN A 136 19.07 -12.63 -13.68
CA ASN A 136 18.17 -11.75 -14.40
C ASN A 136 17.16 -11.09 -13.46
N SER A 137 17.39 -9.82 -13.14
CA SER A 137 16.50 -9.09 -12.24
C SER A 137 15.53 -8.22 -13.04
N ALA A 138 14.85 -8.83 -14.00
CA ALA A 138 13.89 -8.11 -14.84
C ALA A 138 12.69 -7.66 -14.02
N THR A 139 12.49 -6.35 -13.97
CA THR A 139 11.37 -5.77 -13.22
C THR A 139 10.15 -5.61 -14.12
N GLY A 140 9.05 -5.13 -13.54
CA GLY A 140 7.83 -4.94 -14.29
C GLY A 140 7.75 -3.57 -14.95
N VAL A 141 7.60 -3.56 -16.26
CA VAL A 141 7.51 -2.31 -17.02
C VAL A 141 6.08 -1.74 -17.01
N PRO A 142 5.08 -2.56 -17.37
CA PRO A 142 3.67 -2.11 -17.40
C PRO A 142 3.22 -1.54 -16.06
N THR A 143 2.28 -0.61 -16.11
CA THR A 143 1.75 0.01 -14.90
C THR A 143 0.38 -0.55 -14.56
N VAL A 144 -0.44 -0.76 -15.58
CA VAL A 144 -1.79 -1.29 -15.39
C VAL A 144 -2.60 -0.42 -14.46
N GLY A 1 50.06 -27.71 2.92
CA GLY A 1 50.54 -27.86 4.33
C GLY A 1 51.00 -26.54 4.92
N PRO A 2 51.47 -26.55 6.18
CA PRO A 2 51.93 -25.33 6.86
C PRO A 2 53.27 -24.85 6.31
N LEU A 3 53.90 -25.68 5.49
CA LEU A 3 55.20 -25.34 4.89
C LEU A 3 55.00 -24.67 3.54
N GLY A 4 54.58 -25.45 2.55
CA GLY A 4 54.36 -24.92 1.22
C GLY A 4 52.95 -24.42 1.01
N SER A 5 52.81 -23.09 0.88
CA SER A 5 51.50 -22.49 0.68
C SER A 5 51.13 -22.46 -0.80
N ALA A 6 49.86 -22.69 -1.09
CA ALA A 6 49.38 -22.69 -2.47
C ALA A 6 49.13 -21.27 -2.97
N ALA A 7 49.43 -21.04 -4.24
CA ALA A 7 49.23 -19.72 -4.85
C ALA A 7 47.91 -19.66 -5.60
N ALA A 8 46.81 -19.82 -4.87
CA ALA A 8 45.48 -19.78 -5.46
C ALA A 8 44.42 -19.45 -4.42
N ALA A 9 43.31 -18.86 -4.87
CA ALA A 9 42.21 -18.49 -3.98
C ALA A 9 40.96 -19.29 -4.30
N THR A 10 40.51 -20.08 -3.34
CA THR A 10 39.31 -20.89 -3.51
C THR A 10 38.07 -20.03 -3.72
N PRO A 11 37.82 -19.01 -2.87
CA PRO A 11 36.65 -18.13 -2.99
C PRO A 11 36.58 -17.48 -4.38
N ALA A 12 35.44 -17.66 -5.05
CA ALA A 12 35.24 -17.10 -6.38
C ALA A 12 34.80 -15.63 -6.29
N VAL A 13 34.23 -15.26 -5.16
CA VAL A 13 33.76 -13.89 -4.96
C VAL A 13 34.89 -13.00 -4.44
N ARG A 14 35.60 -12.36 -5.36
CA ARG A 14 36.70 -11.48 -5.00
C ARG A 14 36.23 -10.03 -4.86
N THR A 15 36.98 -9.25 -4.09
CA THR A 15 36.64 -7.85 -3.87
C THR A 15 37.23 -6.96 -4.96
N VAL A 16 36.57 -5.85 -5.24
CA VAL A 16 37.04 -4.92 -6.26
C VAL A 16 37.70 -3.69 -5.63
N PRO A 17 39.02 -3.51 -5.84
CA PRO A 17 39.76 -2.39 -5.27
C PRO A 17 39.48 -1.08 -6.01
N GLN A 18 38.56 -0.29 -5.47
CA GLN A 18 38.20 1.00 -6.07
C GLN A 18 39.05 2.12 -5.48
N TYR A 19 40.12 2.47 -6.19
CA TYR A 19 41.02 3.53 -5.74
C TYR A 19 40.41 4.90 -5.97
N LYS A 20 39.20 4.92 -6.52
CA LYS A 20 38.50 6.18 -6.78
C LYS A 20 37.82 6.70 -5.52
N TYR A 21 38.62 7.22 -4.60
CA TYR A 21 38.10 7.76 -3.34
C TYR A 21 37.59 9.18 -3.53
N ALA A 22 36.27 9.35 -3.46
CA ALA A 22 35.65 10.66 -3.62
C ALA A 22 35.87 11.52 -2.39
N ALA A 23 36.27 12.77 -2.60
CA ALA A 23 36.52 13.70 -1.51
C ALA A 23 35.21 14.16 -0.88
N GLY A 24 35.31 15.11 0.06
CA GLY A 24 34.13 15.62 0.72
C GLY A 24 33.34 16.58 -0.15
N VAL A 25 32.48 16.02 -1.01
CA VAL A 25 31.65 16.83 -1.89
C VAL A 25 30.23 16.95 -1.36
N ARG A 26 29.41 17.73 -2.06
CA ARG A 26 28.02 17.93 -1.66
C ARG A 26 27.11 16.88 -2.30
N ASN A 27 26.39 16.16 -1.45
CA ASN A 27 25.48 15.12 -1.93
C ASN A 27 24.05 15.66 -2.04
N PRO A 28 23.29 15.18 -3.05
CA PRO A 28 21.90 15.61 -3.27
C PRO A 28 21.04 15.44 -2.02
N GLN A 29 20.74 14.19 -1.69
CA GLN A 29 19.92 13.89 -0.52
C GLN A 29 20.78 13.75 0.73
N GLN A 30 20.68 14.72 1.62
CA GLN A 30 21.46 14.71 2.86
C GLN A 30 20.62 14.20 4.02
N HIS A 31 19.81 15.09 4.60
CA HIS A 31 18.96 14.73 5.73
C HIS A 31 17.76 15.68 5.84
N LEU A 32 17.73 16.68 4.97
CA LEU A 32 16.64 17.65 4.96
C LEU A 32 15.55 17.25 3.98
N ASN A 33 14.48 16.67 4.49
CA ASN A 33 13.36 16.24 3.65
C ASN A 33 12.20 17.21 3.75
N ALA A 34 12.05 18.05 2.73
CA ALA A 34 10.97 19.03 2.70
C ALA A 34 9.64 18.37 2.41
N GLN A 35 8.98 17.89 3.47
CA GLN A 35 7.69 17.23 3.33
C GLN A 35 6.55 18.16 3.77
N PRO A 36 5.37 18.04 3.14
CA PRO A 36 5.11 17.08 2.07
C PRO A 36 5.59 17.57 0.70
N GLN A 37 5.73 16.65 -0.24
CA GLN A 37 6.18 16.99 -1.58
C GLN A 37 5.02 17.49 -2.43
N VAL A 38 5.26 17.67 -3.72
CA VAL A 38 4.23 18.15 -4.64
C VAL A 38 3.28 17.02 -5.04
N THR A 39 2.05 17.11 -4.57
CA THR A 39 1.05 16.09 -4.88
C THR A 39 0.12 16.56 -6.00
N MET A 40 -0.06 15.71 -7.00
CA MET A 40 -0.92 16.04 -8.13
C MET A 40 -2.38 15.72 -7.82
N GLN A 41 -3.28 16.19 -8.69
CA GLN A 41 -4.70 15.95 -8.50
C GLN A 41 -5.10 14.60 -9.07
N GLN A 42 -5.77 13.79 -8.24
CA GLN A 42 -6.22 12.48 -8.66
C GLN A 42 -7.69 12.26 -8.33
N PRO A 43 -8.59 12.51 -9.31
CA PRO A 43 -10.03 12.35 -9.11
C PRO A 43 -10.43 10.89 -8.93
N ALA A 44 -10.80 10.53 -7.70
CA ALA A 44 -11.20 9.16 -7.39
C ALA A 44 -12.69 8.97 -7.63
N VAL A 45 -13.12 9.15 -8.88
CA VAL A 45 -14.52 8.99 -9.24
C VAL A 45 -14.82 7.57 -9.67
N HIS A 46 -14.09 6.62 -9.10
CA HIS A 46 -14.27 5.21 -9.43
C HIS A 46 -15.27 4.56 -8.48
N VAL A 47 -14.85 4.30 -7.25
CA VAL A 47 -15.71 3.69 -6.25
C VAL A 47 -16.24 4.72 -5.26
N GLN A 48 -17.38 4.44 -4.67
CA GLN A 48 -17.99 5.34 -3.69
C GLN A 48 -17.53 5.02 -2.28
N GLY A 49 -16.71 3.97 -2.16
CA GLY A 49 -16.21 3.57 -0.86
C GLY A 49 -14.88 4.22 -0.53
N GLN A 50 -14.06 3.53 0.26
CA GLN A 50 -12.76 4.04 0.64
C GLN A 50 -11.70 3.66 -0.38
N GLU A 51 -10.93 4.66 -0.83
CA GLU A 51 -9.88 4.43 -1.82
C GLU A 51 -8.57 3.97 -1.15
N PRO A 52 -8.09 4.70 -0.13
CA PRO A 52 -6.84 4.34 0.57
C PRO A 52 -6.92 3.00 1.26
N LEU A 53 -6.17 2.03 0.76
CA LEU A 53 -6.15 0.68 1.33
C LEU A 53 -5.41 0.68 2.66
N THR A 54 -5.98 0.00 3.66
CA THR A 54 -5.38 -0.11 4.98
C THR A 54 -6.17 -1.09 5.83
N ALA A 55 -5.77 -1.24 7.09
CA ALA A 55 -6.44 -2.16 8.00
C ALA A 55 -7.96 -1.98 7.99
N SER A 56 -8.41 -0.73 8.01
CA SER A 56 -9.84 -0.43 8.00
C SER A 56 -10.51 -0.99 6.76
N MET A 57 -9.91 -0.72 5.59
CA MET A 57 -10.43 -1.21 4.33
C MET A 57 -10.54 -2.73 4.34
N LEU A 58 -9.50 -3.36 4.88
CA LEU A 58 -9.44 -4.81 4.97
C LEU A 58 -10.58 -5.35 5.84
N ALA A 59 -10.79 -4.71 6.98
CA ALA A 59 -11.85 -5.11 7.90
C ALA A 59 -13.22 -4.98 7.25
N SER A 60 -13.27 -4.25 6.13
CA SER A 60 -14.52 -4.05 5.40
C SER A 60 -14.90 -5.31 4.62
N ALA A 61 -14.00 -6.30 4.61
CA ALA A 61 -14.24 -7.54 3.90
C ALA A 61 -13.90 -8.75 4.78
N PRO A 62 -14.58 -8.89 5.94
CA PRO A 62 -14.33 -10.00 6.88
C PRO A 62 -14.46 -11.38 6.22
N PRO A 63 -15.59 -11.68 5.54
CA PRO A 63 -15.79 -12.97 4.90
C PRO A 63 -15.48 -12.96 3.41
N GLN A 64 -14.58 -12.07 3.00
CA GLN A 64 -14.21 -11.96 1.60
C GLN A 64 -12.70 -11.83 1.40
N GLU A 65 -12.20 -10.60 1.34
CA GLU A 65 -10.79 -10.35 1.09
C GLU A 65 -10.05 -9.88 2.35
N GLN A 66 -10.44 -10.42 3.50
CA GLN A 66 -9.79 -10.05 4.76
C GLN A 66 -8.36 -10.57 4.79
N LYS A 67 -8.09 -11.57 3.95
CA LYS A 67 -6.77 -12.17 3.87
C LYS A 67 -6.31 -12.29 2.42
N GLN A 68 -6.84 -11.41 1.56
CA GLN A 68 -6.49 -11.44 0.14
C GLN A 68 -6.09 -10.07 -0.38
N MET A 69 -6.97 -9.08 -0.22
CA MET A 69 -6.72 -7.73 -0.75
C MET A 69 -5.75 -6.93 0.12
N LEU A 70 -5.00 -7.62 0.96
CA LEU A 70 -4.02 -6.97 1.83
C LEU A 70 -2.68 -6.86 1.12
N GLY A 71 -2.40 -7.85 0.29
CA GLY A 71 -1.17 -7.85 -0.46
C GLY A 71 -1.40 -8.13 -1.93
N GLU A 72 -2.67 -8.08 -2.35
CA GLU A 72 -3.04 -8.34 -3.74
C GLU A 72 -3.90 -7.23 -4.32
N ARG A 73 -4.25 -6.24 -3.50
CA ARG A 73 -5.08 -5.12 -3.95
C ARG A 73 -4.42 -3.80 -3.61
N LEU A 74 -3.49 -3.85 -2.66
CA LEU A 74 -2.79 -2.64 -2.22
C LEU A 74 -1.72 -2.21 -3.19
N PHE A 75 -1.26 -3.15 -4.01
CA PHE A 75 -0.19 -2.89 -4.97
C PHE A 75 -0.38 -1.55 -5.70
N PRO A 76 -1.55 -1.35 -6.37
CA PRO A 76 -1.81 -0.12 -7.12
C PRO A 76 -1.77 1.13 -6.25
N LEU A 77 -1.84 0.94 -4.93
CA LEU A 77 -1.84 2.05 -4.00
C LEU A 77 -0.45 2.30 -3.41
N ILE A 78 0.37 1.26 -3.31
CA ILE A 78 1.71 1.42 -2.75
C ILE A 78 2.53 2.37 -3.61
N GLN A 79 2.37 2.25 -4.93
CA GLN A 79 3.10 3.10 -5.88
C GLN A 79 2.90 4.57 -5.54
N ALA A 80 1.89 4.85 -4.73
CA ALA A 80 1.59 6.21 -4.31
C ALA A 80 2.42 6.61 -3.11
N MET A 81 2.68 5.65 -2.22
CA MET A 81 3.46 5.90 -1.02
C MET A 81 4.95 6.01 -1.35
N HIS A 82 5.40 5.17 -2.28
CA HIS A 82 6.79 5.16 -2.70
C HIS A 82 6.91 5.45 -4.19
N PRO A 83 8.11 5.82 -4.68
CA PRO A 83 8.33 6.11 -6.10
C PRO A 83 8.19 4.86 -6.96
N THR A 84 6.96 4.38 -7.12
CA THR A 84 6.68 3.18 -7.89
C THR A 84 7.60 2.04 -7.49
N LEU A 85 7.98 2.01 -6.22
CA LEU A 85 8.88 0.96 -5.71
C LEU A 85 8.10 -0.29 -5.32
N ALA A 86 6.81 -0.29 -5.61
CA ALA A 86 5.95 -1.43 -5.31
C ALA A 86 6.33 -2.64 -6.16
N GLY A 87 5.32 -3.40 -6.61
CA GLY A 87 5.59 -4.58 -7.40
C GLY A 87 6.02 -5.75 -6.54
N LYS A 88 6.29 -5.46 -5.28
CA LYS A 88 6.71 -6.48 -4.32
C LYS A 88 6.41 -6.08 -2.89
N ILE A 89 6.35 -4.78 -2.62
CA ILE A 89 6.10 -4.29 -1.27
C ILE A 89 4.91 -5.00 -0.63
N THR A 90 3.71 -4.48 -0.88
CA THR A 90 2.49 -5.05 -0.33
C THR A 90 2.39 -6.54 -0.64
N GLY A 91 2.77 -6.92 -1.86
CA GLY A 91 2.74 -8.31 -2.23
C GLY A 91 3.57 -9.14 -1.27
N MET A 92 4.61 -8.51 -0.73
CA MET A 92 5.48 -9.18 0.24
C MET A 92 4.86 -9.11 1.62
N LEU A 93 4.03 -8.10 1.83
CA LEU A 93 3.34 -7.92 3.10
C LEU A 93 2.45 -9.12 3.40
N LEU A 94 2.32 -10.00 2.43
CA LEU A 94 1.58 -11.23 2.62
C LEU A 94 2.56 -12.39 2.73
N GLU A 95 3.77 -12.06 3.19
CA GLU A 95 4.84 -13.04 3.33
C GLU A 95 6.01 -12.49 4.15
N ILE A 96 5.89 -11.24 4.63
CA ILE A 96 6.96 -10.61 5.40
C ILE A 96 7.22 -11.35 6.71
N ASP A 97 7.72 -10.60 7.70
CA ASP A 97 8.01 -11.12 9.02
C ASP A 97 6.75 -11.70 9.67
N ASN A 98 5.63 -11.58 8.97
CA ASN A 98 4.34 -12.07 9.44
C ASN A 98 3.73 -11.14 10.48
N SER A 99 4.58 -10.43 11.21
CA SER A 99 4.11 -9.47 12.19
C SER A 99 3.55 -8.24 11.50
N GLU A 100 4.10 -7.93 10.32
CA GLU A 100 3.64 -6.82 9.51
C GLU A 100 2.37 -7.23 8.77
N LEU A 101 2.19 -8.54 8.62
CA LEU A 101 0.99 -9.08 7.99
C LEU A 101 -0.18 -9.00 8.95
N LEU A 102 0.14 -8.97 10.25
CA LEU A 102 -0.87 -8.91 11.30
C LEU A 102 -1.17 -7.48 11.67
N HIS A 103 -0.14 -6.68 11.88
CA HIS A 103 -0.30 -5.29 12.28
C HIS A 103 -0.97 -4.48 11.18
N MET A 104 -0.64 -4.76 9.92
CA MET A 104 -1.23 -4.03 8.80
C MET A 104 -2.74 -4.17 8.79
N LEU A 105 -3.24 -5.37 9.12
CA LEU A 105 -4.67 -5.62 9.14
C LEU A 105 -5.23 -5.24 10.50
N GLU A 106 -4.34 -4.92 11.43
CA GLU A 106 -4.74 -4.60 12.78
C GLU A 106 -4.57 -3.11 13.08
N SER A 107 -3.99 -2.37 12.14
CA SER A 107 -3.77 -0.94 12.34
C SER A 107 -3.90 -0.17 11.02
N PRO A 108 -4.68 0.92 11.00
CA PRO A 108 -4.87 1.75 9.81
C PRO A 108 -3.62 2.53 9.45
N GLU A 109 -2.52 2.23 10.13
CA GLU A 109 -1.26 2.88 9.89
C GLU A 109 -0.15 1.85 9.69
N SER A 110 -0.33 0.67 10.27
CA SER A 110 0.66 -0.38 10.12
C SER A 110 0.74 -0.81 8.66
N LEU A 111 -0.41 -0.98 8.05
CA LEU A 111 -0.48 -1.30 6.64
C LEU A 111 0.47 -0.39 5.87
N ARG A 112 0.47 0.88 6.23
CA ARG A 112 1.32 1.87 5.57
C ARG A 112 2.76 1.80 6.07
N SER A 113 2.96 2.12 7.35
CA SER A 113 4.28 2.13 7.95
C SER A 113 5.03 0.84 7.64
N LYS A 114 4.40 -0.29 7.92
CA LYS A 114 5.02 -1.60 7.67
C LYS A 114 5.32 -1.77 6.18
N VAL A 115 4.52 -1.16 5.32
CA VAL A 115 4.76 -1.24 3.87
C VAL A 115 5.99 -0.42 3.51
N ASP A 116 6.00 0.85 3.91
CA ASP A 116 7.14 1.73 3.67
C ASP A 116 8.43 1.09 4.19
N GLU A 117 8.31 0.41 5.32
CA GLU A 117 9.46 -0.27 5.92
C GLU A 117 9.77 -1.54 5.14
N ALA A 118 8.73 -2.18 4.62
CA ALA A 118 8.89 -3.39 3.83
C ALA A 118 9.60 -3.05 2.52
N VAL A 119 9.48 -1.80 2.10
CA VAL A 119 10.15 -1.33 0.90
C VAL A 119 11.66 -1.38 1.12
N ALA A 120 12.08 -0.81 2.23
CA ALA A 120 13.48 -0.83 2.60
C ALA A 120 13.98 -2.26 2.66
N VAL A 121 13.04 -3.17 2.95
CA VAL A 121 13.34 -4.58 3.03
C VAL A 121 13.29 -5.23 1.66
N LEU A 122 12.45 -4.69 0.78
CA LEU A 122 12.32 -5.19 -0.58
C LEU A 122 13.53 -4.77 -1.42
N GLN A 123 13.99 -3.55 -1.18
CA GLN A 123 15.15 -3.03 -1.89
C GLN A 123 16.43 -3.67 -1.34
N ALA A 124 16.32 -4.19 -0.13
CA ALA A 124 17.45 -4.83 0.54
C ALA A 124 17.54 -6.32 0.20
N HIS A 125 16.46 -6.86 -0.36
CA HIS A 125 16.41 -8.28 -0.70
C HIS A 125 16.34 -8.48 -2.21
N GLN A 126 15.41 -7.79 -2.85
CA GLN A 126 15.28 -7.87 -4.31
C GLN A 126 16.60 -7.47 -4.94
N ALA A 127 16.92 -6.19 -4.80
CA ALA A 127 18.22 -5.70 -5.24
C ALA A 127 19.17 -5.72 -4.07
N LYS A 128 19.28 -6.89 -3.44
CA LYS A 128 20.08 -7.06 -2.24
C LYS A 128 21.55 -6.82 -2.52
N GLU A 129 22.09 -5.81 -1.85
CA GLU A 129 23.50 -5.47 -1.96
C GLU A 129 24.33 -6.35 -1.04
N ALA A 130 23.68 -7.35 -0.46
CA ALA A 130 24.36 -8.28 0.44
C ALA A 130 25.02 -9.41 -0.33
N ALA A 131 25.27 -9.17 -1.62
CA ALA A 131 25.89 -10.18 -2.47
C ALA A 131 27.38 -10.31 -2.15
N GLN A 132 27.86 -9.50 -1.20
CA GLN A 132 29.25 -9.53 -0.80
C GLN A 132 29.55 -10.76 0.05
N LYS A 133 28.89 -10.85 1.20
CA LYS A 133 29.09 -11.98 2.11
C LYS A 133 28.19 -13.15 1.70
N ALA A 134 28.57 -13.82 0.63
CA ALA A 134 27.80 -14.96 0.13
C ALA A 134 28.03 -16.20 0.99
N VAL A 135 29.30 -16.51 1.26
CA VAL A 135 29.65 -17.65 2.07
C VAL A 135 29.84 -17.27 3.53
N ASN A 136 29.92 -18.27 4.40
CA ASN A 136 30.10 -18.04 5.83
C ASN A 136 31.56 -17.73 6.15
N SER A 137 32.44 -17.96 5.18
CA SER A 137 33.86 -17.71 5.36
C SER A 137 34.24 -16.32 4.84
N ALA A 138 35.12 -15.65 5.57
CA ALA A 138 35.56 -14.31 5.19
C ALA A 138 36.46 -14.36 3.96
N THR A 139 36.71 -13.20 3.36
CA THR A 139 37.55 -13.11 2.18
C THR A 139 38.88 -12.44 2.51
N GLY A 140 39.96 -12.96 1.92
CA GLY A 140 41.27 -12.41 2.16
C GLY A 140 41.65 -11.35 1.14
N VAL A 141 42.38 -10.33 1.58
CA VAL A 141 42.81 -9.25 0.70
C VAL A 141 44.25 -9.46 0.24
N PRO A 142 44.48 -9.52 -1.09
CA PRO A 142 45.83 -9.71 -1.64
C PRO A 142 46.75 -8.52 -1.36
N THR A 143 47.89 -8.81 -0.75
CA THR A 143 48.86 -7.77 -0.43
C THR A 143 49.64 -7.33 -1.67
N VAL A 144 49.81 -8.26 -2.61
CA VAL A 144 50.53 -7.97 -3.85
C VAL A 144 49.66 -7.19 -4.82
N GLY A 1 -27.84 -28.89 -5.23
CA GLY A 1 -26.80 -27.97 -5.75
C GLY A 1 -25.73 -28.69 -6.54
N PRO A 2 -24.54 -28.07 -6.72
CA PRO A 2 -24.23 -26.74 -6.18
C PRO A 2 -24.84 -25.62 -7.03
N LEU A 3 -24.36 -24.41 -6.82
CA LEU A 3 -24.85 -23.24 -7.56
C LEU A 3 -24.21 -23.18 -8.95
N GLY A 4 -24.81 -23.89 -9.89
CA GLY A 4 -24.28 -23.91 -11.25
C GLY A 4 -24.76 -22.71 -12.07
N SER A 5 -24.57 -22.79 -13.38
CA SER A 5 -24.99 -21.71 -14.27
C SER A 5 -26.47 -21.81 -14.61
N ALA A 6 -26.93 -20.94 -15.49
CA ALA A 6 -28.34 -20.92 -15.89
C ALA A 6 -28.48 -20.72 -17.39
N ALA A 7 -28.78 -21.81 -18.10
CA ALA A 7 -28.95 -21.75 -19.55
C ALA A 7 -30.36 -21.32 -19.93
N ALA A 8 -30.55 -20.96 -21.19
CA ALA A 8 -31.86 -20.53 -21.68
C ALA A 8 -32.08 -20.95 -23.12
N ALA A 9 -33.20 -21.63 -23.37
CA ALA A 9 -33.55 -22.08 -24.72
C ALA A 9 -32.45 -22.96 -25.30
N THR A 10 -32.53 -24.26 -25.03
CA THR A 10 -31.54 -25.21 -25.53
C THR A 10 -32.22 -26.44 -26.14
N PRO A 11 -31.90 -26.77 -27.41
CA PRO A 11 -32.49 -27.92 -28.10
C PRO A 11 -32.12 -29.24 -27.43
N ALA A 12 -32.92 -29.64 -26.45
CA ALA A 12 -32.69 -30.89 -25.74
C ALA A 12 -33.61 -32.00 -26.25
N VAL A 13 -34.44 -31.65 -27.22
CA VAL A 13 -35.37 -32.61 -27.81
C VAL A 13 -34.86 -33.12 -29.15
N ARG A 14 -34.78 -34.45 -29.28
CA ARG A 14 -34.29 -35.07 -30.50
C ARG A 14 -35.46 -35.47 -31.40
N THR A 15 -35.69 -34.69 -32.45
CA THR A 15 -36.77 -34.96 -33.39
C THR A 15 -36.22 -35.52 -34.69
N VAL A 16 -36.08 -36.84 -34.76
CA VAL A 16 -35.57 -37.51 -35.96
C VAL A 16 -36.70 -38.18 -36.73
N PRO A 17 -36.63 -38.17 -38.09
CA PRO A 17 -35.53 -37.55 -38.84
C PRO A 17 -35.62 -36.02 -38.83
N GLN A 18 -34.52 -35.37 -39.17
CA GLN A 18 -34.48 -33.91 -39.20
C GLN A 18 -34.98 -33.38 -40.55
N TYR A 19 -34.97 -32.06 -40.71
CA TYR A 19 -35.42 -31.44 -41.94
C TYR A 19 -34.50 -31.79 -43.10
N LYS A 20 -34.89 -31.38 -44.31
CA LYS A 20 -34.08 -31.66 -45.50
C LYS A 20 -33.27 -30.44 -45.90
N TYR A 21 -33.21 -29.46 -45.00
CA TYR A 21 -32.46 -28.23 -45.25
C TYR A 21 -31.05 -28.34 -44.69
N ALA A 22 -30.07 -28.45 -45.60
CA ALA A 22 -28.68 -28.55 -45.19
C ALA A 22 -28.08 -27.19 -44.90
N ALA A 23 -27.78 -26.43 -45.94
CA ALA A 23 -27.21 -25.10 -45.80
C ALA A 23 -28.30 -24.04 -45.68
N GLY A 24 -29.23 -24.24 -44.76
CA GLY A 24 -30.32 -23.31 -44.57
C GLY A 24 -30.12 -22.42 -43.36
N VAL A 25 -29.03 -22.64 -42.63
CA VAL A 25 -28.72 -21.86 -41.45
C VAL A 25 -27.61 -20.85 -41.73
N ARG A 26 -27.98 -19.56 -41.78
CA ARG A 26 -27.02 -18.51 -42.04
C ARG A 26 -26.33 -18.05 -40.75
N ASN A 27 -25.43 -17.08 -40.88
CA ASN A 27 -24.71 -16.55 -39.73
C ASN A 27 -25.48 -15.40 -39.09
N PRO A 28 -25.26 -15.15 -37.78
CA PRO A 28 -24.33 -15.91 -36.96
C PRO A 28 -24.95 -17.20 -36.43
N GLN A 29 -24.13 -18.01 -35.74
CA GLN A 29 -24.60 -19.27 -35.18
C GLN A 29 -25.19 -19.06 -33.80
N GLN A 30 -25.33 -20.15 -33.04
CA GLN A 30 -25.88 -20.09 -31.70
C GLN A 30 -24.89 -19.40 -30.75
N HIS A 31 -25.37 -19.06 -29.56
CA HIS A 31 -24.53 -18.40 -28.56
C HIS A 31 -24.50 -19.20 -27.26
N LEU A 32 -23.88 -20.37 -27.31
CA LEU A 32 -23.78 -21.22 -26.13
C LEU A 32 -22.66 -20.76 -25.21
N ASN A 33 -22.72 -21.19 -23.95
CA ASN A 33 -21.70 -20.81 -22.96
C ASN A 33 -20.56 -21.82 -22.93
N ALA A 34 -20.14 -22.28 -24.11
CA ALA A 34 -19.06 -23.25 -24.22
C ALA A 34 -17.71 -22.57 -24.07
N GLN A 35 -17.72 -21.24 -23.98
CA GLN A 35 -16.50 -20.47 -23.83
C GLN A 35 -16.35 -19.95 -22.41
N PRO A 36 -15.30 -20.38 -21.68
CA PRO A 36 -15.06 -19.95 -20.30
C PRO A 36 -14.66 -18.48 -20.22
N GLN A 37 -14.06 -17.97 -21.30
CA GLN A 37 -13.63 -16.58 -21.34
C GLN A 37 -14.66 -15.71 -22.05
N VAL A 38 -15.92 -15.87 -21.68
CA VAL A 38 -17.00 -15.09 -22.28
C VAL A 38 -17.10 -13.72 -21.62
N THR A 39 -16.99 -12.66 -22.41
CA THR A 39 -17.07 -11.30 -21.90
C THR A 39 -18.35 -10.61 -22.37
N MET A 40 -19.46 -10.94 -21.71
CA MET A 40 -20.75 -10.36 -22.07
C MET A 40 -21.07 -9.16 -21.18
N GLN A 41 -20.31 -9.02 -20.09
CA GLN A 41 -20.51 -7.92 -19.16
C GLN A 41 -19.21 -7.61 -18.41
N GLN A 42 -18.99 -6.33 -18.10
CA GLN A 42 -17.80 -5.90 -17.39
C GLN A 42 -18.07 -4.65 -16.55
N PRO A 43 -18.06 -4.79 -15.21
CA PRO A 43 -18.29 -3.66 -14.30
C PRO A 43 -17.11 -2.70 -14.26
N ALA A 44 -17.14 -1.69 -15.13
CA ALA A 44 -16.06 -0.71 -15.20
C ALA A 44 -16.23 0.36 -14.12
N VAL A 45 -15.17 0.57 -13.34
CA VAL A 45 -15.19 1.57 -12.27
C VAL A 45 -14.73 2.93 -12.80
N HIS A 46 -15.33 3.99 -12.28
CA HIS A 46 -14.99 5.34 -12.70
C HIS A 46 -13.72 5.82 -12.00
N VAL A 47 -13.86 6.25 -10.75
CA VAL A 47 -12.73 6.74 -9.98
C VAL A 47 -11.99 5.58 -9.29
N GLN A 48 -10.67 5.70 -9.18
CA GLN A 48 -9.87 4.68 -8.53
C GLN A 48 -10.14 4.64 -7.03
N GLY A 49 -9.59 3.63 -6.35
CA GLY A 49 -9.78 3.49 -4.93
C GLY A 49 -8.60 4.00 -4.13
N GLN A 50 -8.41 5.32 -4.12
CA GLN A 50 -7.32 5.93 -3.39
C GLN A 50 -7.80 6.44 -2.03
N GLU A 51 -7.78 5.56 -1.03
CA GLU A 51 -8.22 5.91 0.32
C GLU A 51 -7.06 6.45 1.18
N PRO A 52 -5.90 5.76 1.22
CA PRO A 52 -5.63 4.53 0.47
C PRO A 52 -6.02 3.27 1.24
N LEU A 53 -5.68 2.12 0.67
CA LEU A 53 -5.99 0.83 1.30
C LEU A 53 -5.17 0.62 2.56
N THR A 54 -5.78 -0.03 3.54
CA THR A 54 -5.10 -0.34 4.80
C THR A 54 -5.94 -1.32 5.62
N ALA A 55 -5.69 -1.35 6.92
CA ALA A 55 -6.42 -2.27 7.81
C ALA A 55 -7.92 -2.00 7.78
N SER A 56 -8.29 -0.73 7.76
CA SER A 56 -9.70 -0.36 7.71
C SER A 56 -10.37 -0.96 6.48
N MET A 57 -9.71 -0.82 5.34
CA MET A 57 -10.22 -1.37 4.09
C MET A 57 -10.40 -2.88 4.22
N LEU A 58 -9.40 -3.52 4.82
CA LEU A 58 -9.43 -4.97 5.03
C LEU A 58 -10.67 -5.36 5.81
N ALA A 59 -10.93 -4.65 6.89
CA ALA A 59 -12.08 -4.92 7.75
C ALA A 59 -13.39 -4.58 7.04
N SER A 60 -13.29 -3.92 5.89
CA SER A 60 -14.48 -3.54 5.13
C SER A 60 -14.96 -4.68 4.23
N ALA A 61 -14.16 -5.74 4.15
CA ALA A 61 -14.52 -6.89 3.33
C ALA A 61 -14.27 -8.21 4.06
N PRO A 62 -14.88 -8.40 5.25
CA PRO A 62 -14.71 -9.61 6.04
C PRO A 62 -15.84 -10.61 5.83
N PRO A 63 -15.51 -11.89 5.51
CA PRO A 63 -14.14 -12.35 5.36
C PRO A 63 -13.71 -12.41 3.89
N GLN A 64 -14.41 -11.65 3.04
CA GLN A 64 -14.12 -11.62 1.62
C GLN A 64 -12.65 -11.38 1.34
N GLU A 65 -12.24 -10.11 1.33
CA GLU A 65 -10.85 -9.76 1.06
C GLU A 65 -10.15 -9.35 2.35
N GLN A 66 -10.70 -9.78 3.48
CA GLN A 66 -10.13 -9.46 4.79
C GLN A 66 -8.69 -9.96 4.88
N LYS A 67 -8.41 -11.06 4.21
CA LYS A 67 -7.08 -11.65 4.21
C LYS A 67 -6.61 -11.99 2.80
N GLN A 68 -7.09 -11.21 1.81
CA GLN A 68 -6.71 -11.44 0.42
C GLN A 68 -6.20 -10.16 -0.23
N MET A 69 -6.93 -9.06 -0.07
CA MET A 69 -6.58 -7.80 -0.70
C MET A 69 -5.50 -7.04 0.08
N LEU A 70 -4.83 -7.71 1.02
CA LEU A 70 -3.78 -7.06 1.80
C LEU A 70 -2.48 -7.06 1.01
N GLY A 71 -2.21 -8.15 0.32
CA GLY A 71 -1.00 -8.24 -0.45
C GLY A 71 -1.24 -8.70 -1.88
N GLU A 72 -2.38 -8.28 -2.44
CA GLU A 72 -2.72 -8.66 -3.82
C GLU A 72 -3.57 -7.59 -4.50
N ARG A 73 -4.08 -6.63 -3.72
CA ARG A 73 -4.91 -5.55 -4.26
C ARG A 73 -4.36 -4.19 -3.86
N LEU A 74 -3.46 -4.19 -2.87
CA LEU A 74 -2.86 -2.96 -2.39
C LEU A 74 -1.76 -2.47 -3.32
N PHE A 75 -1.36 -3.34 -4.24
CA PHE A 75 -0.29 -3.02 -5.18
C PHE A 75 -0.49 -1.64 -5.83
N PRO A 76 -1.64 -1.39 -6.47
CA PRO A 76 -1.92 -0.09 -7.11
C PRO A 76 -1.98 1.05 -6.11
N LEU A 77 -1.97 0.71 -4.83
CA LEU A 77 -2.04 1.70 -3.77
C LEU A 77 -0.65 2.03 -3.21
N ILE A 78 0.26 1.06 -3.29
CA ILE A 78 1.61 1.27 -2.76
C ILE A 78 2.38 2.27 -3.61
N GLN A 79 2.21 2.16 -4.94
CA GLN A 79 2.88 3.08 -5.86
C GLN A 79 2.62 4.53 -5.44
N ALA A 80 1.60 4.71 -4.62
CA ALA A 80 1.22 6.03 -4.11
C ALA A 80 2.09 6.43 -2.92
N MET A 81 2.36 5.47 -2.05
CA MET A 81 3.17 5.72 -0.85
C MET A 81 4.63 5.90 -1.22
N HIS A 82 5.12 5.04 -2.10
CA HIS A 82 6.50 5.08 -2.54
C HIS A 82 6.58 5.39 -4.03
N PRO A 83 7.72 5.95 -4.49
CA PRO A 83 7.90 6.28 -5.91
C PRO A 83 7.86 5.04 -6.80
N THR A 84 6.66 4.52 -7.03
CA THR A 84 6.47 3.32 -7.83
C THR A 84 7.43 2.22 -7.42
N LEU A 85 7.76 2.17 -6.13
CA LEU A 85 8.69 1.18 -5.61
C LEU A 85 7.97 -0.12 -5.23
N ALA A 86 6.68 -0.18 -5.55
CA ALA A 86 5.88 -1.37 -5.26
C ALA A 86 6.30 -2.54 -6.14
N GLY A 87 5.32 -3.28 -6.65
CA GLY A 87 5.63 -4.44 -7.47
C GLY A 87 5.94 -5.65 -6.64
N LYS A 88 6.22 -5.43 -5.36
CA LYS A 88 6.54 -6.50 -4.44
C LYS A 88 6.26 -6.12 -2.99
N ILE A 89 6.21 -4.83 -2.68
CA ILE A 89 6.00 -4.37 -1.31
C ILE A 89 4.81 -5.08 -0.65
N THR A 90 3.61 -4.61 -0.93
CA THR A 90 2.40 -5.20 -0.33
C THR A 90 2.35 -6.70 -0.60
N GLY A 91 2.74 -7.11 -1.81
CA GLY A 91 2.79 -8.52 -2.11
C GLY A 91 3.72 -9.24 -1.17
N MET A 92 4.70 -8.50 -0.68
CA MET A 92 5.65 -9.02 0.30
C MET A 92 5.00 -9.08 1.66
N LEU A 93 4.17 -8.08 1.93
CA LEU A 93 3.47 -7.95 3.19
C LEU A 93 2.63 -9.19 3.49
N LEU A 94 2.56 -10.10 2.53
CA LEU A 94 1.86 -11.35 2.72
C LEU A 94 2.87 -12.49 2.82
N GLU A 95 4.06 -12.13 3.29
CA GLU A 95 5.16 -13.08 3.42
C GLU A 95 6.32 -12.47 4.20
N ILE A 96 6.16 -11.23 4.65
CA ILE A 96 7.22 -10.55 5.42
C ILE A 96 7.51 -11.26 6.74
N ASP A 97 7.99 -10.49 7.70
CA ASP A 97 8.29 -10.99 9.04
C ASP A 97 7.04 -11.57 9.69
N ASN A 98 5.90 -11.47 8.99
CA ASN A 98 4.62 -11.96 9.47
C ASN A 98 3.99 -11.00 10.47
N SER A 99 4.83 -10.37 11.26
CA SER A 99 4.36 -9.40 12.25
C SER A 99 3.80 -8.17 11.54
N GLU A 100 4.28 -7.95 10.33
CA GLU A 100 3.81 -6.85 9.51
C GLU A 100 2.54 -7.25 8.78
N LEU A 101 2.39 -8.56 8.58
CA LEU A 101 1.18 -9.10 7.95
C LEU A 101 0.03 -9.07 8.96
N LEU A 102 0.39 -9.14 10.24
CA LEU A 102 -0.59 -9.12 11.31
C LEU A 102 -0.95 -7.71 11.72
N HIS A 103 0.06 -6.87 11.90
CA HIS A 103 -0.16 -5.50 12.31
C HIS A 103 -0.88 -4.70 11.22
N MET A 104 -0.53 -4.96 9.96
CA MET A 104 -1.14 -4.28 8.84
C MET A 104 -2.66 -4.49 8.81
N LEU A 105 -3.10 -5.67 9.20
CA LEU A 105 -4.52 -5.99 9.24
C LEU A 105 -5.12 -5.58 10.57
N GLU A 106 -4.23 -5.21 11.50
CA GLU A 106 -4.64 -4.87 12.84
C GLU A 106 -4.54 -3.37 13.11
N SER A 107 -3.97 -2.63 12.16
CA SER A 107 -3.82 -1.18 12.32
C SER A 107 -3.90 -0.46 10.99
N PRO A 108 -4.73 0.60 10.90
CA PRO A 108 -4.91 1.38 9.67
C PRO A 108 -3.65 2.18 9.30
N GLU A 109 -2.62 2.07 10.13
CA GLU A 109 -1.36 2.78 9.89
C GLU A 109 -0.21 1.79 9.84
N SER A 110 -0.45 0.57 10.28
CA SER A 110 0.56 -0.47 10.25
C SER A 110 0.80 -0.92 8.83
N LEU A 111 -0.28 -1.15 8.10
CA LEU A 111 -0.18 -1.58 6.73
C LEU A 111 0.64 -0.59 5.91
N ARG A 112 0.60 0.67 6.31
CA ARG A 112 1.34 1.71 5.59
C ARG A 112 2.76 1.85 6.11
N SER A 113 2.91 1.98 7.42
CA SER A 113 4.21 2.13 8.04
C SER A 113 5.06 0.88 7.84
N LYS A 114 4.42 -0.27 7.85
CA LYS A 114 5.11 -1.54 7.65
C LYS A 114 5.40 -1.77 6.17
N VAL A 115 4.53 -1.23 5.31
CA VAL A 115 4.73 -1.36 3.87
C VAL A 115 5.94 -0.52 3.44
N ASP A 116 5.94 0.75 3.85
CA ASP A 116 7.04 1.66 3.53
C ASP A 116 8.36 1.10 4.07
N GLU A 117 8.28 0.48 5.25
CA GLU A 117 9.45 -0.14 5.86
C GLU A 117 9.82 -1.39 5.09
N ALA A 118 8.79 -2.11 4.64
CA ALA A 118 8.98 -3.32 3.85
C ALA A 118 9.68 -2.97 2.55
N VAL A 119 9.49 -1.74 2.09
CA VAL A 119 10.16 -1.27 0.88
C VAL A 119 11.65 -1.30 1.08
N ALA A 120 12.08 -0.75 2.21
CA ALA A 120 13.48 -0.74 2.56
C ALA A 120 14.01 -2.16 2.63
N VAL A 121 13.09 -3.09 2.86
CA VAL A 121 13.42 -4.50 2.93
C VAL A 121 13.37 -5.14 1.54
N LEU A 122 12.43 -4.66 0.72
CA LEU A 122 12.30 -5.14 -0.64
C LEU A 122 13.53 -4.74 -1.44
N GLN A 123 14.01 -3.54 -1.17
CA GLN A 123 15.22 -3.04 -1.80
C GLN A 123 16.42 -3.77 -1.22
N ALA A 124 16.29 -4.20 0.05
CA ALA A 124 17.33 -4.93 0.74
C ALA A 124 17.21 -6.43 0.52
N HIS A 125 16.34 -6.82 -0.41
CA HIS A 125 16.16 -8.24 -0.70
C HIS A 125 16.08 -8.48 -2.20
N GLN A 126 15.86 -7.40 -2.96
CA GLN A 126 15.76 -7.49 -4.41
C GLN A 126 17.12 -7.35 -5.09
N ALA A 127 17.59 -6.12 -5.20
CA ALA A 127 18.86 -5.83 -5.88
C ALA A 127 20.05 -5.91 -4.92
N LYS A 128 19.84 -6.49 -3.75
CA LYS A 128 20.92 -6.63 -2.77
C LYS A 128 21.76 -7.86 -3.05
N GLU A 129 22.46 -8.33 -2.02
CA GLU A 129 23.26 -9.54 -2.14
C GLU A 129 22.40 -10.75 -1.84
N ALA A 130 21.10 -10.61 -2.10
CA ALA A 130 20.14 -11.67 -1.83
C ALA A 130 20.45 -12.93 -2.62
N ALA A 131 21.08 -12.75 -3.78
CA ALA A 131 21.43 -13.87 -4.64
C ALA A 131 22.49 -14.74 -3.99
N GLN A 132 22.72 -15.92 -4.57
CA GLN A 132 23.73 -16.85 -4.05
C GLN A 132 25.13 -16.38 -4.40
N LYS A 133 25.42 -16.33 -5.70
CA LYS A 133 26.73 -15.90 -6.18
C LYS A 133 26.86 -14.39 -6.17
N ALA A 134 28.03 -13.90 -5.80
CA ALA A 134 28.28 -12.46 -5.75
C ALA A 134 28.65 -11.92 -7.13
N VAL A 135 27.63 -11.59 -7.91
CA VAL A 135 27.85 -11.06 -9.25
C VAL A 135 27.98 -9.53 -9.22
N ASN A 136 28.60 -8.98 -10.25
CA ASN A 136 28.79 -7.54 -10.35
C ASN A 136 27.48 -6.83 -10.63
N SER A 137 26.71 -6.57 -9.58
CA SER A 137 25.42 -5.89 -9.70
C SER A 137 25.57 -4.40 -9.44
N ALA A 138 24.90 -3.59 -10.26
CA ALA A 138 24.96 -2.14 -10.11
C ALA A 138 23.87 -1.63 -9.17
N THR A 139 24.26 -0.90 -8.13
CA THR A 139 23.32 -0.36 -7.17
C THR A 139 23.00 1.10 -7.48
N GLY A 140 21.72 1.40 -7.61
CA GLY A 140 21.29 2.76 -7.92
C GLY A 140 20.74 3.48 -6.71
N VAL A 141 21.33 3.24 -5.54
CA VAL A 141 20.89 3.87 -4.31
C VAL A 141 21.82 5.03 -3.93
N PRO A 142 21.25 6.22 -3.63
CA PRO A 142 19.80 6.45 -3.66
C PRO A 142 19.27 6.68 -5.06
N THR A 143 17.94 6.69 -5.19
CA THR A 143 17.30 6.91 -6.48
C THR A 143 16.70 8.30 -6.57
N VAL A 144 17.11 9.17 -5.65
CA VAL A 144 16.62 10.55 -5.62
C VAL A 144 15.09 10.59 -5.50
N GLY A 1 13.06 -14.58 -28.73
CA GLY A 1 13.81 -15.72 -29.33
C GLY A 1 13.11 -16.30 -30.54
N PRO A 2 12.47 -17.48 -30.39
CA PRO A 2 11.76 -18.13 -31.50
C PRO A 2 10.62 -17.28 -32.04
N LEU A 3 9.61 -17.05 -31.21
CA LEU A 3 8.45 -16.24 -31.61
C LEU A 3 8.67 -14.78 -31.23
N GLY A 4 9.03 -13.97 -32.22
CA GLY A 4 9.25 -12.55 -31.97
C GLY A 4 8.14 -11.69 -32.52
N SER A 5 7.69 -10.73 -31.71
CA SER A 5 6.62 -9.83 -32.12
C SER A 5 7.18 -8.46 -32.52
N ALA A 6 8.42 -8.20 -32.11
CA ALA A 6 9.08 -6.93 -32.42
C ALA A 6 10.51 -7.16 -32.88
N ALA A 7 10.94 -6.37 -33.86
CA ALA A 7 12.30 -6.49 -34.39
C ALA A 7 13.31 -5.81 -33.47
N ALA A 8 13.30 -4.48 -33.46
CA ALA A 8 14.22 -3.72 -32.63
C ALA A 8 13.56 -2.46 -32.10
N ALA A 9 12.84 -1.75 -32.98
CA ALA A 9 12.16 -0.53 -32.60
C ALA A 9 10.74 -0.49 -33.16
N THR A 10 9.77 -0.30 -32.28
CA THR A 10 8.37 -0.25 -32.69
C THR A 10 7.82 1.19 -32.66
N PRO A 11 7.99 1.91 -31.54
CA PRO A 11 7.49 3.30 -31.42
C PRO A 11 8.04 4.21 -32.50
N ALA A 12 7.16 4.75 -33.33
CA ALA A 12 7.56 5.64 -34.41
C ALA A 12 7.50 7.10 -33.97
N VAL A 13 7.38 7.31 -32.67
CA VAL A 13 7.31 8.67 -32.13
C VAL A 13 8.61 9.02 -31.38
N ARG A 14 9.60 9.46 -32.15
CA ARG A 14 10.89 9.84 -31.57
C ARG A 14 10.83 11.24 -31.00
N THR A 15 10.68 12.23 -31.87
CA THR A 15 10.60 13.63 -31.46
C THR A 15 9.15 14.07 -31.31
N VAL A 16 8.86 14.85 -30.28
CA VAL A 16 7.50 15.33 -30.03
C VAL A 16 7.38 16.81 -30.33
N PRO A 17 6.28 17.23 -30.99
CA PRO A 17 6.06 18.64 -31.33
C PRO A 17 5.67 19.47 -30.11
N GLN A 18 4.99 18.82 -29.17
CA GLN A 18 4.56 19.50 -27.94
C GLN A 18 5.59 19.31 -26.83
N TYR A 19 5.51 20.18 -25.82
CA TYR A 19 6.45 20.11 -24.70
C TYR A 19 6.28 18.82 -23.93
N LYS A 20 7.39 18.12 -23.69
CA LYS A 20 7.37 16.86 -22.96
C LYS A 20 7.48 17.10 -21.46
N TYR A 21 7.80 16.03 -20.72
CA TYR A 21 7.93 16.12 -19.27
C TYR A 21 9.34 16.56 -18.87
N ALA A 22 9.90 17.50 -19.65
CA ALA A 22 11.24 18.00 -19.37
C ALA A 22 11.19 19.21 -18.44
N ALA A 23 10.48 20.26 -18.87
CA ALA A 23 10.36 21.47 -18.07
C ALA A 23 9.61 21.21 -16.78
N GLY A 24 10.33 21.24 -15.66
CA GLY A 24 9.72 21.00 -14.36
C GLY A 24 9.05 22.24 -13.80
N VAL A 25 9.66 22.83 -12.78
CA VAL A 25 9.12 24.02 -12.15
C VAL A 25 9.79 25.28 -12.69
N ARG A 26 8.98 26.17 -13.26
CA ARG A 26 9.50 27.42 -13.82
C ARG A 26 9.30 28.58 -12.84
N ASN A 27 8.06 28.79 -12.42
CA ASN A 27 7.74 29.86 -11.48
C ASN A 27 8.01 29.42 -10.04
N PRO A 28 8.57 30.32 -9.21
CA PRO A 28 8.88 30.02 -7.81
C PRO A 28 7.64 30.07 -6.92
N GLN A 29 6.75 29.10 -7.10
CA GLN A 29 5.53 29.03 -6.32
C GLN A 29 5.73 28.21 -5.05
N GLN A 30 5.45 28.81 -3.90
CA GLN A 30 5.61 28.14 -2.62
C GLN A 30 4.27 27.58 -2.13
N HIS A 31 4.21 26.26 -1.95
CA HIS A 31 3.00 25.62 -1.48
C HIS A 31 2.85 25.78 0.03
N LEU A 32 3.93 26.16 0.69
CA LEU A 32 3.93 26.35 2.14
C LEU A 32 3.22 27.65 2.49
N ASN A 33 2.15 27.55 3.28
CA ASN A 33 1.39 28.71 3.70
C ASN A 33 1.68 29.05 5.16
N ALA A 34 2.33 28.14 5.86
CA ALA A 34 2.67 28.33 7.26
C ALA A 34 3.98 29.11 7.42
N GLN A 35 3.87 30.39 7.77
CA GLN A 35 5.04 31.24 7.94
C GLN A 35 5.43 31.36 9.42
N PRO A 36 4.48 31.71 10.31
CA PRO A 36 4.77 31.85 11.75
C PRO A 36 5.01 30.51 12.41
N GLN A 37 4.82 29.43 11.66
CA GLN A 37 5.00 28.08 12.18
C GLN A 37 6.47 27.68 12.15
N VAL A 38 7.06 27.52 13.33
CA VAL A 38 8.47 27.14 13.45
C VAL A 38 8.61 25.65 13.78
N THR A 39 7.53 24.90 13.55
CA THR A 39 7.52 23.47 13.83
C THR A 39 8.21 22.69 12.72
N MET A 40 8.32 21.38 12.90
CA MET A 40 8.96 20.51 11.92
C MET A 40 7.93 19.93 10.95
N GLN A 41 8.36 18.96 10.14
CA GLN A 41 7.48 18.33 9.18
C GLN A 41 6.98 16.98 9.70
N GLN A 42 5.81 16.56 9.21
CA GLN A 42 5.23 15.30 9.63
C GLN A 42 4.29 14.75 8.55
N PRO A 43 4.39 13.44 8.27
CA PRO A 43 3.55 12.79 7.25
C PRO A 43 2.06 12.92 7.57
N ALA A 44 1.28 13.32 6.57
CA ALA A 44 -0.16 13.48 6.73
C ALA A 44 -0.89 12.16 6.57
N VAL A 45 -1.14 11.48 7.69
CA VAL A 45 -1.84 10.21 7.68
C VAL A 45 -3.32 10.39 7.95
N HIS A 46 -3.66 11.44 8.69
CA HIS A 46 -5.06 11.73 9.01
C HIS A 46 -5.65 12.74 8.04
N VAL A 47 -6.34 12.24 7.02
CA VAL A 47 -6.96 13.11 6.01
C VAL A 47 -8.48 13.11 6.14
N GLN A 48 -9.14 13.82 5.25
CA GLN A 48 -10.60 13.92 5.28
C GLN A 48 -11.23 12.61 4.81
N GLY A 49 -10.85 12.17 3.62
CA GLY A 49 -11.40 10.93 3.08
C GLY A 49 -10.42 9.77 3.20
N GLN A 50 -10.94 8.56 3.16
CA GLN A 50 -10.12 7.37 3.27
C GLN A 50 -10.03 6.64 1.93
N GLU A 51 -9.09 7.07 1.09
CA GLU A 51 -8.90 6.47 -0.22
C GLU A 51 -7.88 5.31 -0.16
N PRO A 52 -6.69 5.53 0.43
CA PRO A 52 -5.67 4.49 0.54
C PRO A 52 -6.17 3.24 1.26
N LEU A 53 -5.59 2.09 0.94
CA LEU A 53 -5.98 0.84 1.56
C LEU A 53 -5.17 0.58 2.83
N THR A 54 -5.80 -0.10 3.79
CA THR A 54 -5.12 -0.42 5.05
C THR A 54 -5.94 -1.42 5.85
N ALA A 55 -5.66 -1.52 7.14
CA ALA A 55 -6.36 -2.44 8.01
C ALA A 55 -7.86 -2.16 8.04
N SER A 56 -8.22 -0.89 7.98
CA SER A 56 -9.63 -0.49 7.98
C SER A 56 -10.34 -1.07 6.76
N MET A 57 -9.70 -0.95 5.60
CA MET A 57 -10.26 -1.49 4.37
C MET A 57 -10.42 -3.00 4.48
N LEU A 58 -9.42 -3.63 5.09
CA LEU A 58 -9.44 -5.08 5.30
C LEU A 58 -10.66 -5.49 6.10
N ALA A 59 -10.89 -4.78 7.19
CA ALA A 59 -12.02 -5.06 8.08
C ALA A 59 -13.35 -4.72 7.41
N SER A 60 -13.27 -4.06 6.26
CA SER A 60 -14.47 -3.68 5.51
C SER A 60 -15.00 -4.84 4.68
N ALA A 61 -14.22 -5.91 4.61
CA ALA A 61 -14.62 -7.10 3.86
C ALA A 61 -14.34 -8.38 4.65
N PRO A 62 -14.95 -8.53 5.84
CA PRO A 62 -14.74 -9.70 6.69
C PRO A 62 -15.00 -11.03 5.96
N PRO A 63 -16.16 -11.20 5.28
CA PRO A 63 -16.48 -12.43 4.57
C PRO A 63 -16.17 -12.35 3.07
N GLN A 64 -15.16 -11.56 2.72
CA GLN A 64 -14.79 -11.39 1.33
C GLN A 64 -13.28 -11.30 1.15
N GLU A 65 -12.74 -10.08 1.14
CA GLU A 65 -11.32 -9.87 0.94
C GLU A 65 -10.63 -9.45 2.23
N GLN A 66 -10.97 -10.12 3.34
CA GLN A 66 -10.38 -9.82 4.63
C GLN A 66 -8.94 -10.31 4.69
N LYS A 67 -8.66 -11.40 3.98
CA LYS A 67 -7.32 -11.98 3.95
C LYS A 67 -6.86 -12.19 2.51
N GLN A 68 -7.25 -11.29 1.62
CA GLN A 68 -6.88 -11.41 0.21
C GLN A 68 -6.38 -10.08 -0.35
N MET A 69 -7.17 -9.02 -0.20
CA MET A 69 -6.82 -7.71 -0.75
C MET A 69 -5.83 -6.95 0.13
N LEU A 70 -5.09 -7.68 0.96
CA LEU A 70 -4.10 -7.07 1.84
C LEU A 70 -2.76 -6.97 1.14
N GLY A 71 -2.42 -8.03 0.41
CA GLY A 71 -1.18 -8.04 -0.33
C GLY A 71 -1.39 -8.35 -1.80
N GLU A 72 -2.64 -8.27 -2.24
CA GLU A 72 -2.96 -8.56 -3.64
C GLU A 72 -3.81 -7.47 -4.28
N ARG A 73 -4.18 -6.46 -3.50
CA ARG A 73 -5.00 -5.36 -4.01
C ARG A 73 -4.36 -4.02 -3.73
N LEU A 74 -3.50 -3.99 -2.72
CA LEU A 74 -2.83 -2.75 -2.31
C LEU A 74 -1.73 -2.35 -3.29
N PHE A 75 -1.28 -3.31 -4.11
CA PHE A 75 -0.20 -3.06 -5.05
C PHE A 75 -0.38 -1.74 -5.81
N PRO A 76 -1.53 -1.53 -6.48
CA PRO A 76 -1.77 -0.31 -7.26
C PRO A 76 -1.77 0.94 -6.37
N LEU A 77 -1.88 0.74 -5.06
CA LEU A 77 -1.91 1.85 -4.13
C LEU A 77 -0.54 2.11 -3.49
N ILE A 78 0.32 1.08 -3.46
CA ILE A 78 1.66 1.25 -2.90
C ILE A 78 2.48 2.21 -3.75
N GLN A 79 2.35 2.08 -5.06
CA GLN A 79 3.06 2.94 -6.00
C GLN A 79 2.80 4.42 -5.69
N ALA A 80 1.73 4.65 -4.92
CA ALA A 80 1.35 5.99 -4.51
C ALA A 80 2.18 6.44 -3.30
N MET A 81 2.47 5.48 -2.41
CA MET A 81 3.23 5.77 -1.21
C MET A 81 4.71 5.96 -1.53
N HIS A 82 5.26 5.00 -2.26
CA HIS A 82 6.66 5.05 -2.67
C HIS A 82 6.77 5.41 -4.15
N PRO A 83 7.94 5.88 -4.60
CA PRO A 83 8.14 6.24 -6.01
C PRO A 83 8.10 5.01 -6.93
N THR A 84 6.90 4.46 -7.11
CA THR A 84 6.72 3.28 -7.94
C THR A 84 7.69 2.18 -7.55
N LEU A 85 7.93 2.03 -6.24
CA LEU A 85 8.86 1.03 -5.74
C LEU A 85 8.13 -0.25 -5.33
N ALA A 86 6.85 -0.33 -5.68
CA ALA A 86 6.05 -1.51 -5.36
C ALA A 86 6.52 -2.72 -6.17
N GLY A 87 5.57 -3.53 -6.63
CA GLY A 87 5.92 -4.72 -7.37
C GLY A 87 6.21 -5.90 -6.46
N LYS A 88 6.60 -5.59 -5.23
CA LYS A 88 6.88 -6.62 -4.24
C LYS A 88 6.74 -6.08 -2.82
N ILE A 89 6.17 -4.89 -2.66
CA ILE A 89 5.99 -4.35 -1.33
C ILE A 89 4.84 -5.05 -0.63
N THR A 90 3.63 -4.52 -0.80
CA THR A 90 2.43 -5.10 -0.20
C THR A 90 2.32 -6.59 -0.51
N GLY A 91 2.65 -6.94 -1.75
CA GLY A 91 2.60 -8.34 -2.14
C GLY A 91 3.44 -9.20 -1.21
N MET A 92 4.51 -8.62 -0.70
CA MET A 92 5.39 -9.31 0.22
C MET A 92 4.85 -9.22 1.63
N LEU A 93 4.03 -8.20 1.88
CA LEU A 93 3.41 -8.01 3.18
C LEU A 93 2.53 -9.20 3.53
N LEU A 94 2.36 -10.10 2.57
CA LEU A 94 1.61 -11.32 2.78
C LEU A 94 2.58 -12.48 2.91
N GLU A 95 3.81 -12.16 3.29
CA GLU A 95 4.87 -13.15 3.43
C GLU A 95 6.08 -12.60 4.19
N ILE A 96 6.00 -11.35 4.64
CA ILE A 96 7.10 -10.72 5.37
C ILE A 96 7.40 -11.45 6.69
N ASP A 97 7.92 -10.69 7.65
CA ASP A 97 8.22 -11.20 8.98
C ASP A 97 6.96 -11.76 9.65
N ASN A 98 5.83 -11.62 8.97
CA ASN A 98 4.54 -12.11 9.46
C ASN A 98 3.95 -11.17 10.51
N SER A 99 4.82 -10.47 11.23
CA SER A 99 4.37 -9.51 12.23
C SER A 99 3.85 -8.25 11.54
N GLU A 100 4.34 -8.01 10.33
CA GLU A 100 3.89 -6.89 9.52
C GLU A 100 2.60 -7.26 8.80
N LEU A 101 2.43 -8.55 8.57
CA LEU A 101 1.20 -9.06 7.95
C LEU A 101 0.08 -9.04 8.98
N LEU A 102 0.46 -9.12 10.25
CA LEU A 102 -0.48 -9.13 11.36
C LEU A 102 -0.85 -7.71 11.76
N HIS A 103 0.16 -6.86 11.91
CA HIS A 103 -0.06 -5.49 12.31
C HIS A 103 -0.78 -4.69 11.23
N MET A 104 -0.45 -4.97 9.97
CA MET A 104 -1.06 -4.27 8.83
C MET A 104 -2.58 -4.47 8.83
N LEU A 105 -3.03 -5.65 9.23
CA LEU A 105 -4.46 -5.93 9.30
C LEU A 105 -5.02 -5.50 10.64
N GLU A 106 -4.12 -5.20 11.57
CA GLU A 106 -4.50 -4.85 12.91
C GLU A 106 -4.41 -3.35 13.15
N SER A 107 -3.85 -2.61 12.19
CA SER A 107 -3.71 -1.17 12.34
C SER A 107 -3.82 -0.45 10.99
N PRO A 108 -4.59 0.65 10.94
CA PRO A 108 -4.79 1.44 9.72
C PRO A 108 -3.53 2.23 9.34
N GLU A 109 -2.48 2.06 10.12
CA GLU A 109 -1.22 2.76 9.89
C GLU A 109 -0.06 1.76 9.83
N SER A 110 -0.32 0.54 10.28
CA SER A 110 0.69 -0.51 10.22
C SER A 110 0.89 -0.97 8.80
N LEU A 111 -0.21 -1.18 8.10
CA LEU A 111 -0.15 -1.62 6.73
C LEU A 111 0.65 -0.66 5.88
N ARG A 112 0.62 0.61 6.25
CA ARG A 112 1.32 1.63 5.51
C ARG A 112 2.75 1.82 6.01
N SER A 113 2.91 1.87 7.33
CA SER A 113 4.22 2.04 7.94
C SER A 113 5.09 0.81 7.71
N LYS A 114 4.46 -0.36 7.72
CA LYS A 114 5.16 -1.62 7.49
C LYS A 114 5.41 -1.82 6.01
N VAL A 115 4.53 -1.27 5.18
CA VAL A 115 4.71 -1.38 3.73
C VAL A 115 5.88 -0.51 3.30
N ASP A 116 5.84 0.77 3.71
CA ASP A 116 6.92 1.71 3.41
C ASP A 116 8.23 1.20 3.99
N GLU A 117 8.17 0.54 5.14
CA GLU A 117 9.35 -0.02 5.77
C GLU A 117 9.75 -1.31 5.08
N ALA A 118 8.75 -2.00 4.52
CA ALA A 118 9.00 -3.22 3.80
C ALA A 118 9.70 -2.91 2.48
N VAL A 119 9.50 -1.68 2.00
CA VAL A 119 10.17 -1.23 0.80
C VAL A 119 11.66 -1.17 1.02
N ALA A 120 12.04 -0.49 2.09
CA ALA A 120 13.44 -0.41 2.47
C ALA A 120 14.01 -1.80 2.64
N VAL A 121 13.12 -2.75 2.92
CA VAL A 121 13.48 -4.14 3.10
C VAL A 121 13.51 -4.87 1.77
N LEU A 122 12.64 -4.45 0.85
CA LEU A 122 12.56 -5.06 -0.47
C LEU A 122 13.75 -4.64 -1.32
N GLN A 123 14.16 -3.38 -1.18
CA GLN A 123 15.30 -2.87 -1.91
C GLN A 123 16.61 -3.35 -1.27
N ALA A 124 16.51 -3.71 0.01
CA ALA A 124 17.66 -4.20 0.76
C ALA A 124 17.91 -5.68 0.48
N HIS A 125 16.91 -6.35 -0.09
CA HIS A 125 17.02 -7.77 -0.39
C HIS A 125 17.17 -7.99 -1.89
N GLN A 126 16.35 -7.30 -2.68
CA GLN A 126 16.43 -7.40 -4.12
C GLN A 126 17.83 -6.97 -4.57
N ALA A 127 18.05 -5.67 -4.63
CA ALA A 127 19.36 -5.13 -4.91
C ALA A 127 20.11 -4.97 -3.60
N LYS A 128 20.33 -6.11 -2.94
CA LYS A 128 20.93 -6.12 -1.61
C LYS A 128 22.35 -5.58 -1.63
N GLU A 129 22.56 -4.57 -0.81
CA GLU A 129 23.88 -3.96 -0.66
C GLU A 129 24.66 -4.71 0.41
N ALA A 130 24.07 -5.79 0.90
CA ALA A 130 24.68 -6.61 1.93
C ALA A 130 26.01 -7.19 1.46
N ALA A 131 26.21 -7.23 0.15
CA ALA A 131 27.43 -7.76 -0.42
C ALA A 131 28.58 -6.76 -0.25
N GLN A 132 29.68 -7.24 0.32
CA GLN A 132 30.85 -6.39 0.54
C GLN A 132 31.56 -6.09 -0.77
N LYS A 133 32.23 -7.09 -1.32
CA LYS A 133 32.96 -6.94 -2.58
C LYS A 133 32.05 -7.20 -3.77
N ALA A 134 31.12 -6.29 -4.01
CA ALA A 134 30.19 -6.43 -5.12
C ALA A 134 30.78 -5.83 -6.40
N VAL A 135 30.54 -6.50 -7.52
CA VAL A 135 31.04 -6.03 -8.81
C VAL A 135 30.21 -4.87 -9.34
N ASN A 136 30.89 -3.86 -9.86
CA ASN A 136 30.21 -2.67 -10.41
C ASN A 136 29.83 -2.89 -11.87
N SER A 137 28.72 -2.28 -12.28
CA SER A 137 28.25 -2.41 -13.65
C SER A 137 28.67 -1.19 -14.48
N ALA A 138 28.95 -0.09 -13.80
CA ALA A 138 29.37 1.14 -14.47
C ALA A 138 30.76 1.00 -15.07
N THR A 139 30.87 1.29 -16.38
CA THR A 139 32.13 1.19 -17.07
C THR A 139 32.70 2.58 -17.36
N GLY A 140 34.01 2.66 -17.54
CA GLY A 140 34.65 3.93 -17.82
C GLY A 140 35.00 4.09 -19.29
N VAL A 141 35.92 5.00 -19.58
CA VAL A 141 36.34 5.25 -20.96
C VAL A 141 37.42 4.25 -21.39
N PRO A 142 37.18 3.52 -22.50
CA PRO A 142 38.14 2.54 -23.02
C PRO A 142 39.41 3.19 -23.54
N THR A 143 40.33 3.50 -22.64
CA THR A 143 41.60 4.13 -23.02
C THR A 143 42.68 3.08 -23.25
N VAL A 144 43.82 3.53 -23.76
CA VAL A 144 44.94 2.64 -24.03
C VAL A 144 46.01 2.73 -22.94
N GLY A 1 -25.46 35.15 -47.76
CA GLY A 1 -26.45 34.72 -46.74
C GLY A 1 -27.57 35.73 -46.55
N PRO A 2 -28.78 35.28 -46.18
CA PRO A 2 -29.93 36.17 -45.97
C PRO A 2 -29.65 37.23 -44.92
N LEU A 3 -30.33 38.37 -45.04
CA LEU A 3 -30.15 39.47 -44.09
C LEU A 3 -31.16 39.39 -42.96
N GLY A 4 -32.36 38.90 -43.26
CA GLY A 4 -33.39 38.77 -42.25
C GLY A 4 -33.48 37.37 -41.71
N SER A 5 -32.34 36.77 -41.39
CA SER A 5 -32.30 35.41 -40.86
C SER A 5 -32.13 35.42 -39.35
N ALA A 6 -31.92 36.61 -38.78
CA ALA A 6 -31.74 36.76 -37.34
C ALA A 6 -32.98 36.30 -36.59
N ALA A 7 -34.16 36.64 -37.11
CA ALA A 7 -35.41 36.25 -36.50
C ALA A 7 -35.85 34.87 -36.95
N ALA A 8 -37.00 34.42 -36.47
CA ALA A 8 -37.52 33.11 -36.83
C ALA A 8 -38.89 33.22 -37.49
N ALA A 9 -39.89 33.61 -36.71
CA ALA A 9 -41.25 33.76 -37.21
C ALA A 9 -42.10 34.59 -36.25
N THR A 10 -41.92 34.35 -34.96
CA THR A 10 -42.67 35.08 -33.94
C THR A 10 -41.76 35.55 -32.81
N PRO A 11 -41.73 36.87 -32.54
CA PRO A 11 -40.89 37.43 -31.47
C PRO A 11 -41.41 37.09 -30.08
N ALA A 12 -42.63 36.57 -30.03
CA ALA A 12 -43.23 36.19 -28.76
C ALA A 12 -42.82 34.79 -28.33
N VAL A 13 -41.56 34.64 -27.93
CA VAL A 13 -41.03 33.35 -27.50
C VAL A 13 -40.85 33.31 -26.00
N ARG A 14 -41.19 32.19 -25.38
CA ARG A 14 -41.05 32.02 -23.95
C ARG A 14 -39.68 31.44 -23.60
N THR A 15 -38.64 32.24 -23.81
CA THR A 15 -37.28 31.81 -23.51
C THR A 15 -36.76 32.47 -22.24
N VAL A 16 -36.03 31.69 -21.44
CA VAL A 16 -35.47 32.20 -20.18
C VAL A 16 -34.01 32.62 -20.34
N PRO A 17 -33.15 31.75 -20.91
CA PRO A 17 -31.72 32.08 -21.09
C PRO A 17 -31.50 33.04 -22.26
N GLN A 18 -31.95 34.28 -22.10
CA GLN A 18 -31.80 35.29 -23.14
C GLN A 18 -30.36 35.80 -23.20
N TYR A 19 -30.13 36.82 -24.02
CA TYR A 19 -28.80 37.40 -24.16
C TYR A 19 -28.47 38.34 -23.00
N LYS A 20 -28.49 37.78 -21.79
CA LYS A 20 -28.19 38.57 -20.59
C LYS A 20 -26.78 38.28 -20.09
N TYR A 21 -26.09 39.33 -19.65
CA TYR A 21 -24.72 39.19 -19.15
C TYR A 21 -24.69 38.37 -17.87
N ALA A 22 -24.25 37.12 -17.98
CA ALA A 22 -24.16 36.23 -16.84
C ALA A 22 -22.79 36.29 -16.19
N ALA A 23 -21.85 36.95 -16.87
CA ALA A 23 -20.50 37.08 -16.36
C ALA A 23 -20.37 38.28 -15.43
N GLY A 24 -19.52 38.16 -14.42
CA GLY A 24 -19.34 39.24 -13.47
C GLY A 24 -18.16 40.13 -13.82
N VAL A 25 -18.44 41.25 -14.47
CA VAL A 25 -17.40 42.19 -14.86
C VAL A 25 -17.03 43.10 -13.71
N ARG A 26 -18.04 43.54 -12.96
CA ARG A 26 -17.82 44.42 -11.81
C ARG A 26 -17.37 43.62 -10.59
N ASN A 27 -16.34 44.11 -9.92
CA ASN A 27 -15.82 43.44 -8.74
C ASN A 27 -16.40 44.07 -7.46
N PRO A 28 -17.33 43.37 -6.80
CA PRO A 28 -17.97 43.87 -5.57
C PRO A 28 -16.95 44.13 -4.46
N GLN A 29 -16.45 45.36 -4.39
CA GLN A 29 -15.47 45.72 -3.37
C GLN A 29 -16.15 46.47 -2.21
N GLN A 30 -16.44 45.73 -1.14
CA GLN A 30 -17.09 46.30 0.02
C GLN A 30 -16.16 47.25 0.78
N HIS A 31 -16.59 48.50 0.92
CA HIS A 31 -15.80 49.50 1.62
C HIS A 31 -16.45 49.87 2.95
N LEU A 32 -17.08 48.88 3.58
CA LEU A 32 -17.76 49.11 4.85
C LEU A 32 -16.87 48.73 6.04
N ASN A 33 -16.85 47.43 6.36
CA ASN A 33 -16.04 46.93 7.47
C ASN A 33 -14.70 46.40 6.97
N ALA A 34 -13.61 46.91 7.54
CA ALA A 34 -12.27 46.49 7.17
C ALA A 34 -11.82 45.31 8.03
N GLN A 35 -12.66 44.94 8.99
CA GLN A 35 -12.34 43.83 9.89
C GLN A 35 -13.08 42.56 9.47
N PRO A 36 -12.37 41.42 9.43
CA PRO A 36 -12.97 40.13 9.03
C PRO A 36 -14.16 39.74 9.92
N GLN A 37 -14.91 38.74 9.49
CA GLN A 37 -16.07 38.28 10.24
C GLN A 37 -15.67 37.16 11.21
N VAL A 38 -16.53 36.90 12.18
CA VAL A 38 -16.27 35.87 13.18
C VAL A 38 -17.12 34.62 12.93
N THR A 39 -18.44 34.78 13.10
CA THR A 39 -19.37 33.66 12.91
C THR A 39 -19.78 33.54 11.45
N MET A 40 -19.85 34.66 10.76
CA MET A 40 -20.25 34.69 9.35
C MET A 40 -19.05 34.47 8.44
N GLN A 41 -18.64 33.22 8.30
CA GLN A 41 -17.51 32.87 7.45
C GLN A 41 -17.46 31.37 7.20
N GLN A 42 -17.43 30.98 5.92
CA GLN A 42 -17.39 29.56 5.55
C GLN A 42 -16.16 29.27 4.69
N PRO A 43 -14.97 29.18 5.32
CA PRO A 43 -13.73 28.90 4.60
C PRO A 43 -13.67 27.46 4.09
N ALA A 44 -14.01 27.27 2.82
CA ALA A 44 -14.00 25.94 2.22
C ALA A 44 -12.59 25.54 1.77
N VAL A 45 -12.07 24.49 2.39
CA VAL A 45 -10.73 24.00 2.07
C VAL A 45 -10.80 22.80 1.14
N HIS A 46 -9.73 22.56 0.38
CA HIS A 46 -9.68 21.44 -0.55
C HIS A 46 -9.38 20.14 0.17
N VAL A 47 -10.28 19.17 0.04
CA VAL A 47 -10.10 17.87 0.67
C VAL A 47 -9.58 16.85 -0.32
N GLN A 48 -8.48 16.18 0.04
CA GLN A 48 -7.89 15.17 -0.83
C GLN A 48 -8.41 13.77 -0.49
N GLY A 49 -9.21 13.22 -1.39
CA GLY A 49 -9.77 11.89 -1.16
C GLY A 49 -8.83 10.79 -1.61
N GLN A 50 -7.54 10.97 -1.33
CA GLN A 50 -6.53 9.98 -1.72
C GLN A 50 -6.29 8.98 -0.59
N GLU A 51 -7.35 8.27 -0.19
CA GLU A 51 -7.26 7.29 0.87
C GLU A 51 -6.94 5.91 0.31
N PRO A 52 -5.68 5.43 0.51
CA PRO A 52 -5.26 4.12 0.03
C PRO A 52 -5.85 2.98 0.86
N LEU A 53 -5.40 1.76 0.58
CA LEU A 53 -5.89 0.59 1.31
C LEU A 53 -5.12 0.41 2.60
N THR A 54 -5.79 -0.19 3.59
CA THR A 54 -5.18 -0.45 4.88
C THR A 54 -6.03 -1.44 5.67
N ALA A 55 -5.72 -1.61 6.95
CA ALA A 55 -6.47 -2.53 7.79
C ALA A 55 -7.96 -2.20 7.81
N SER A 56 -8.26 -0.91 7.68
CA SER A 56 -9.65 -0.45 7.68
C SER A 56 -10.38 -0.94 6.44
N MET A 57 -9.77 -0.71 5.28
CA MET A 57 -10.34 -1.16 4.01
C MET A 57 -10.55 -2.66 4.04
N LEU A 58 -9.62 -3.34 4.67
CA LEU A 58 -9.68 -4.79 4.82
C LEU A 58 -10.82 -5.18 5.73
N ALA A 59 -10.99 -4.43 6.81
CA ALA A 59 -12.06 -4.67 7.77
C ALA A 59 -13.43 -4.52 7.12
N SER A 60 -13.44 -3.96 5.91
CA SER A 60 -14.68 -3.77 5.17
C SER A 60 -15.16 -5.10 4.58
N ALA A 61 -14.28 -6.09 4.59
CA ALA A 61 -14.60 -7.41 4.05
C ALA A 61 -13.99 -8.52 4.92
N PRO A 62 -14.34 -8.57 6.21
CA PRO A 62 -13.80 -9.58 7.14
C PRO A 62 -13.93 -11.02 6.61
N PRO A 63 -15.14 -11.44 6.18
CA PRO A 63 -15.36 -12.78 5.67
C PRO A 63 -15.28 -12.85 4.15
N GLN A 64 -14.60 -11.89 3.54
CA GLN A 64 -14.49 -11.85 2.09
C GLN A 64 -13.06 -11.54 1.64
N GLU A 65 -12.75 -10.27 1.46
CA GLU A 65 -11.45 -9.86 0.96
C GLU A 65 -10.58 -9.25 2.05
N GLN A 66 -10.78 -9.70 3.29
CA GLN A 66 -10.00 -9.22 4.42
C GLN A 66 -8.56 -9.67 4.30
N LYS A 67 -8.36 -10.99 4.27
CA LYS A 67 -7.03 -11.57 4.14
C LYS A 67 -6.68 -11.76 2.66
N GLN A 68 -7.23 -10.90 1.82
CA GLN A 68 -6.99 -10.99 0.38
C GLN A 68 -6.47 -9.65 -0.15
N MET A 69 -7.11 -8.56 0.25
CA MET A 69 -6.72 -7.23 -0.20
C MET A 69 -5.44 -6.76 0.48
N LEU A 70 -4.98 -7.51 1.48
CA LEU A 70 -3.79 -7.13 2.24
C LEU A 70 -2.58 -6.99 1.31
N GLY A 71 -2.31 -8.02 0.53
CA GLY A 71 -1.18 -7.98 -0.37
C GLY A 71 -1.59 -8.22 -1.82
N GLU A 72 -2.86 -7.94 -2.13
CA GLU A 72 -3.37 -8.14 -3.48
C GLU A 72 -4.24 -6.96 -3.91
N ARG A 73 -4.36 -5.96 -3.06
CA ARG A 73 -5.16 -4.78 -3.38
C ARG A 73 -4.33 -3.52 -3.20
N LEU A 74 -3.43 -3.53 -2.22
CA LEU A 74 -2.53 -2.42 -1.99
C LEU A 74 -1.67 -2.15 -3.21
N PHE A 75 -1.25 -3.23 -3.86
CA PHE A 75 -0.33 -3.17 -5.00
C PHE A 75 -0.40 -1.84 -5.78
N PRO A 76 -1.57 -1.49 -6.38
CA PRO A 76 -1.70 -0.24 -7.15
C PRO A 76 -1.64 0.99 -6.25
N LEU A 77 -2.10 0.84 -5.02
CA LEU A 77 -2.12 1.95 -4.06
C LEU A 77 -0.77 2.15 -3.39
N ILE A 78 0.10 1.14 -3.45
CA ILE A 78 1.44 1.25 -2.87
C ILE A 78 2.30 2.17 -3.71
N GLN A 79 2.21 2.00 -5.04
CA GLN A 79 2.94 2.85 -5.97
C GLN A 79 2.67 4.32 -5.65
N ALA A 80 1.59 4.54 -4.91
CA ALA A 80 1.20 5.89 -4.50
C ALA A 80 2.02 6.33 -3.29
N MET A 81 2.26 5.40 -2.37
CA MET A 81 3.03 5.70 -1.16
C MET A 81 4.50 5.90 -1.51
N HIS A 82 5.05 4.93 -2.25
CA HIS A 82 6.44 4.98 -2.66
C HIS A 82 6.55 5.23 -4.16
N PRO A 83 7.66 5.83 -4.63
CA PRO A 83 7.85 6.10 -6.06
C PRO A 83 7.88 4.82 -6.88
N THR A 84 6.68 4.31 -7.19
CA THR A 84 6.52 3.07 -7.96
C THR A 84 7.51 1.99 -7.52
N LEU A 85 7.83 1.99 -6.22
CA LEU A 85 8.76 1.02 -5.67
C LEU A 85 8.02 -0.25 -5.24
N ALA A 86 6.76 -0.34 -5.61
CA ALA A 86 5.91 -1.48 -5.26
C ALA A 86 6.24 -2.70 -6.13
N GLY A 87 7.52 -2.92 -6.38
CA GLY A 87 7.93 -4.08 -7.16
C GLY A 87 7.81 -5.36 -6.37
N LYS A 88 7.63 -5.22 -5.06
CA LYS A 88 7.50 -6.37 -4.17
C LYS A 88 7.24 -5.90 -2.73
N ILE A 89 6.52 -4.81 -2.58
CA ILE A 89 6.23 -4.29 -1.25
C ILE A 89 5.07 -5.06 -0.62
N THR A 90 3.86 -4.55 -0.80
CA THR A 90 2.66 -5.19 -0.26
C THR A 90 2.61 -6.67 -0.61
N GLY A 91 2.99 -7.00 -1.84
CA GLY A 91 3.01 -8.38 -2.25
C GLY A 91 3.84 -9.22 -1.31
N MET A 92 4.87 -8.58 -0.74
CA MET A 92 5.73 -9.24 0.21
C MET A 92 5.10 -9.21 1.60
N LEU A 93 4.24 -8.23 1.82
CA LEU A 93 3.55 -8.09 3.11
C LEU A 93 2.71 -9.33 3.38
N LEU A 94 2.62 -10.20 2.39
CA LEU A 94 1.92 -11.46 2.54
C LEU A 94 2.93 -12.58 2.67
N GLU A 95 4.12 -12.22 3.18
CA GLU A 95 5.21 -13.18 3.34
C GLU A 95 6.34 -12.59 4.18
N ILE A 96 6.17 -11.36 4.68
CA ILE A 96 7.20 -10.71 5.49
C ILE A 96 7.46 -11.48 6.79
N ASP A 97 7.89 -10.74 7.81
CA ASP A 97 8.15 -11.30 9.14
C ASP A 97 6.89 -11.93 9.72
N ASN A 98 5.79 -11.81 8.97
CA ASN A 98 4.49 -12.35 9.37
C ASN A 98 3.80 -11.47 10.41
N SER A 99 4.60 -10.78 11.21
CA SER A 99 4.06 -9.86 12.21
C SER A 99 3.53 -8.61 11.54
N GLU A 100 4.12 -8.28 10.39
CA GLU A 100 3.70 -7.13 9.61
C GLU A 100 2.46 -7.47 8.80
N LEU A 101 2.27 -8.77 8.55
CA LEU A 101 1.10 -9.25 7.84
C LEU A 101 -0.11 -9.21 8.77
N LEU A 102 0.16 -9.29 10.06
CA LEU A 102 -0.89 -9.27 11.08
C LEU A 102 -1.23 -7.86 11.50
N HIS A 103 -0.19 -7.06 11.73
CA HIS A 103 -0.39 -5.68 12.15
C HIS A 103 -1.13 -4.89 11.07
N MET A 104 -0.69 -5.06 9.82
CA MET A 104 -1.30 -4.36 8.69
C MET A 104 -2.80 -4.58 8.63
N LEU A 105 -3.24 -5.77 9.06
CA LEU A 105 -4.66 -6.12 9.05
C LEU A 105 -5.35 -5.62 10.31
N GLU A 106 -4.56 -5.19 11.28
CA GLU A 106 -5.10 -4.78 12.56
C GLU A 106 -4.98 -3.26 12.79
N SER A 107 -4.31 -2.56 11.88
CA SER A 107 -4.12 -1.11 12.05
C SER A 107 -4.11 -0.38 10.70
N PRO A 108 -4.74 0.80 10.63
CA PRO A 108 -4.77 1.61 9.40
C PRO A 108 -3.46 2.34 9.17
N GLU A 109 -2.48 2.09 10.04
CA GLU A 109 -1.17 2.72 9.93
C GLU A 109 -0.08 1.66 9.81
N SER A 110 -0.39 0.45 10.27
CA SER A 110 0.54 -0.66 10.19
C SER A 110 0.80 -1.00 8.73
N LEU A 111 -0.29 -1.30 8.04
CA LEU A 111 -0.21 -1.68 6.65
C LEU A 111 0.59 -0.67 5.83
N ARG A 112 0.60 0.58 6.27
CA ARG A 112 1.32 1.63 5.55
C ARG A 112 2.76 1.74 6.06
N SER A 113 2.90 2.05 7.35
CA SER A 113 4.23 2.21 7.95
C SER A 113 5.08 0.95 7.75
N LYS A 114 4.42 -0.21 7.78
CA LYS A 114 5.11 -1.47 7.59
C LYS A 114 5.39 -1.73 6.12
N VAL A 115 4.49 -1.26 5.26
CA VAL A 115 4.69 -1.41 3.81
C VAL A 115 5.88 -0.57 3.38
N ASP A 116 5.85 0.72 3.72
CA ASP A 116 6.95 1.63 3.40
C ASP A 116 8.25 1.10 3.98
N GLU A 117 8.17 0.49 5.16
CA GLU A 117 9.33 -0.09 5.81
C GLU A 117 9.73 -1.39 5.11
N ALA A 118 8.74 -2.07 4.56
CA ALA A 118 8.99 -3.30 3.82
C ALA A 118 9.65 -2.96 2.50
N VAL A 119 9.51 -1.71 2.08
CA VAL A 119 10.16 -1.24 0.86
C VAL A 119 11.65 -1.20 1.06
N ALA A 120 12.06 -0.59 2.18
CA ALA A 120 13.46 -0.51 2.53
C ALA A 120 14.04 -1.92 2.65
N VAL A 121 13.16 -2.86 2.97
CA VAL A 121 13.53 -4.25 3.11
C VAL A 121 13.48 -4.94 1.74
N LEU A 122 12.57 -4.50 0.89
CA LEU A 122 12.43 -5.05 -0.45
C LEU A 122 13.64 -4.64 -1.29
N GLN A 123 14.04 -3.40 -1.16
CA GLN A 123 15.19 -2.86 -1.88
C GLN A 123 16.48 -3.51 -1.38
N ALA A 124 16.46 -3.92 -0.11
CA ALA A 124 17.62 -4.58 0.49
C ALA A 124 17.60 -6.07 0.21
N HIS A 125 16.47 -6.57 -0.26
CA HIS A 125 16.32 -7.99 -0.57
C HIS A 125 16.10 -8.20 -2.07
N GLN A 126 16.24 -7.14 -2.84
CA GLN A 126 16.05 -7.22 -4.29
C GLN A 126 17.27 -7.83 -4.96
N ALA A 127 18.09 -7.00 -5.60
CA ALA A 127 19.29 -7.47 -6.28
C ALA A 127 20.52 -7.34 -5.39
N LYS A 128 20.29 -7.25 -4.09
CA LYS A 128 21.38 -7.11 -3.13
C LYS A 128 21.99 -8.47 -2.80
N GLU A 129 22.40 -8.64 -1.55
CA GLU A 129 23.01 -9.90 -1.12
C GLU A 129 21.94 -10.95 -0.82
N ALA A 130 20.70 -10.63 -1.16
CA ALA A 130 19.58 -11.53 -0.94
C ALA A 130 19.49 -12.59 -2.02
N ALA A 131 20.23 -12.38 -3.12
CA ALA A 131 20.23 -13.32 -4.24
C ALA A 131 20.82 -14.66 -3.82
N GLN A 132 21.50 -14.67 -2.68
CA GLN A 132 22.11 -15.90 -2.17
C GLN A 132 21.14 -16.65 -1.25
N LYS A 133 20.46 -17.66 -1.80
CA LYS A 133 19.51 -18.44 -1.03
C LYS A 133 20.23 -19.56 -0.28
N ALA A 134 20.25 -19.44 1.05
CA ALA A 134 20.89 -20.45 1.89
C ALA A 134 19.99 -21.65 2.13
N VAL A 135 20.58 -22.83 2.17
CA VAL A 135 19.82 -24.05 2.39
C VAL A 135 20.00 -24.56 3.81
N ASN A 136 19.05 -24.23 4.68
CA ASN A 136 19.09 -24.65 6.07
C ASN A 136 18.33 -25.96 6.27
N SER A 137 17.68 -26.43 5.21
CA SER A 137 16.91 -27.67 5.28
C SER A 137 17.75 -28.85 4.80
N ALA A 138 18.65 -28.59 3.85
CA ALA A 138 19.51 -29.63 3.31
C ALA A 138 20.76 -29.81 4.15
N THR A 139 21.63 -30.74 3.73
CA THR A 139 22.85 -31.01 4.46
C THR A 139 24.05 -30.34 3.78
N GLY A 140 25.24 -30.57 4.32
CA GLY A 140 26.44 -29.99 3.76
C GLY A 140 26.89 -30.71 2.51
N VAL A 141 27.99 -31.45 2.62
CA VAL A 141 28.52 -32.21 1.49
C VAL A 141 28.16 -33.68 1.60
N PRO A 142 27.76 -34.30 0.47
CA PRO A 142 27.38 -35.72 0.45
C PRO A 142 28.47 -36.62 1.02
N THR A 143 28.05 -37.59 1.85
CA THR A 143 29.01 -38.51 2.47
C THR A 143 29.24 -39.72 1.58
N VAL A 144 30.08 -39.54 0.55
CA VAL A 144 30.40 -40.61 -0.38
C VAL A 144 31.91 -40.82 -0.48
N GLY A 1 27.86 -12.86 -32.02
CA GLY A 1 29.10 -12.87 -32.84
C GLY A 1 30.06 -11.75 -32.48
N PRO A 2 30.96 -11.37 -33.41
CA PRO A 2 31.94 -10.29 -33.18
C PRO A 2 31.25 -8.98 -32.76
N LEU A 3 31.70 -8.41 -31.65
CA LEU A 3 31.14 -7.16 -31.16
C LEU A 3 31.97 -5.97 -31.62
N GLY A 4 33.23 -6.21 -31.95
CA GLY A 4 34.11 -5.15 -32.40
C GLY A 4 34.30 -5.17 -33.91
N SER A 5 34.37 -3.99 -34.52
CA SER A 5 34.55 -3.87 -35.96
C SER A 5 36.02 -4.08 -36.34
N ALA A 6 36.41 -5.34 -36.45
CA ALA A 6 37.79 -5.68 -36.81
C ALA A 6 37.85 -6.42 -38.14
N ALA A 7 39.05 -6.79 -38.55
CA ALA A 7 39.24 -7.52 -39.82
C ALA A 7 39.99 -8.82 -39.58
N ALA A 8 40.00 -9.29 -38.34
CA ALA A 8 40.69 -10.53 -37.99
C ALA A 8 42.16 -10.48 -38.37
N ALA A 9 42.72 -9.26 -38.40
CA ALA A 9 44.12 -9.07 -38.74
C ALA A 9 44.84 -8.27 -37.67
N THR A 10 44.37 -7.05 -37.44
CA THR A 10 44.96 -6.17 -36.44
C THR A 10 43.90 -5.32 -35.74
N PRO A 11 43.84 -5.38 -34.40
CA PRO A 11 42.85 -4.60 -33.63
C PRO A 11 43.13 -3.10 -33.67
N ALA A 12 42.63 -2.45 -34.72
CA ALA A 12 42.84 -1.01 -34.88
C ALA A 12 41.74 -0.23 -34.15
N VAL A 13 41.84 -0.16 -32.83
CA VAL A 13 40.87 0.55 -32.01
C VAL A 13 41.43 1.89 -31.54
N ARG A 14 40.61 2.92 -31.60
CA ARG A 14 41.02 4.26 -31.18
C ARG A 14 40.52 4.57 -29.78
N THR A 15 41.38 4.42 -28.79
CA THR A 15 41.02 4.67 -27.40
C THR A 15 41.35 6.10 -27.01
N VAL A 16 40.60 7.05 -27.55
CA VAL A 16 40.82 8.47 -27.26
C VAL A 16 39.69 9.04 -26.39
N PRO A 17 38.41 8.87 -26.79
CA PRO A 17 37.27 9.38 -26.02
C PRO A 17 37.26 8.88 -24.58
N GLN A 18 36.53 9.57 -23.71
CA GLN A 18 36.43 9.20 -22.32
C GLN A 18 35.50 7.99 -22.13
N TYR A 19 35.38 7.52 -20.89
CA TYR A 19 34.53 6.40 -20.58
C TYR A 19 33.06 6.74 -20.82
N LYS A 20 32.42 7.28 -19.80
CA LYS A 20 31.02 7.65 -19.89
C LYS A 20 30.86 9.04 -20.53
N TYR A 21 29.62 9.54 -20.56
CA TYR A 21 29.34 10.84 -21.12
C TYR A 21 29.53 11.94 -20.10
N ALA A 22 29.53 11.56 -18.82
CA ALA A 22 29.71 12.52 -17.74
C ALA A 22 31.17 12.95 -17.61
N ALA A 23 31.42 14.25 -17.78
CA ALA A 23 32.76 14.79 -17.69
C ALA A 23 33.24 14.83 -16.23
N GLY A 24 34.43 14.28 -16.00
CA GLY A 24 34.98 14.25 -14.65
C GLY A 24 35.76 15.51 -14.33
N VAL A 25 35.20 16.67 -14.70
CA VAL A 25 35.86 17.95 -14.45
C VAL A 25 35.11 18.74 -13.39
N ARG A 26 35.72 19.82 -12.92
CA ARG A 26 35.12 20.67 -11.91
C ARG A 26 34.05 21.58 -12.52
N ASN A 27 32.93 21.71 -11.81
CA ASN A 27 31.83 22.55 -12.28
C ASN A 27 32.17 24.02 -12.14
N PRO A 28 31.80 24.85 -13.13
CA PRO A 28 32.06 26.29 -13.11
C PRO A 28 31.09 27.06 -12.22
N GLN A 29 30.33 26.32 -11.41
CA GLN A 29 29.35 26.92 -10.51
C GLN A 29 29.94 27.13 -9.12
N GLN A 30 29.45 28.14 -8.42
CA GLN A 30 29.92 28.46 -7.08
C GLN A 30 29.30 27.51 -6.06
N HIS A 31 29.38 27.88 -4.78
CA HIS A 31 28.82 27.07 -3.70
C HIS A 31 27.32 26.87 -3.90
N LEU A 32 26.66 27.88 -4.42
CA LEU A 32 25.21 27.81 -4.67
C LEU A 32 24.92 27.13 -6.00
N ASN A 33 23.95 26.21 -5.99
CA ASN A 33 23.58 25.49 -7.19
C ASN A 33 22.61 26.29 -8.04
N ALA A 34 22.87 26.34 -9.35
CA ALA A 34 22.03 27.08 -10.27
C ALA A 34 20.82 26.25 -10.69
N GLN A 35 21.00 25.43 -11.72
CA GLN A 35 19.93 24.58 -12.22
C GLN A 35 19.95 23.23 -11.51
N PRO A 36 18.76 22.63 -11.28
CA PRO A 36 17.47 23.21 -11.68
C PRO A 36 17.01 24.32 -10.73
N GLN A 37 16.58 25.43 -11.30
CA GLN A 37 16.11 26.57 -10.51
C GLN A 37 14.75 26.27 -9.88
N VAL A 38 14.22 27.22 -9.14
CA VAL A 38 12.93 27.07 -8.48
C VAL A 38 11.78 27.26 -9.48
N THR A 39 11.41 26.18 -10.15
CA THR A 39 10.33 26.22 -11.13
C THR A 39 9.10 25.46 -10.64
N MET A 40 9.26 24.16 -10.44
CA MET A 40 8.17 23.31 -9.97
C MET A 40 8.13 23.28 -8.45
N GLN A 41 6.92 23.14 -7.89
CA GLN A 41 6.76 23.10 -6.45
C GLN A 41 5.88 21.92 -6.04
N GLN A 42 5.31 21.99 -4.84
CA GLN A 42 4.45 20.92 -4.33
C GLN A 42 3.28 20.66 -5.28
N PRO A 43 3.01 19.38 -5.61
CA PRO A 43 1.92 19.01 -6.51
C PRO A 43 0.54 19.23 -5.88
N ALA A 44 -0.40 19.71 -6.68
CA ALA A 44 -1.75 19.97 -6.21
C ALA A 44 -2.55 18.66 -6.10
N VAL A 45 -2.60 18.12 -4.89
CA VAL A 45 -3.33 16.87 -4.66
C VAL A 45 -4.76 17.15 -4.18
N HIS A 46 -5.68 17.22 -5.12
CA HIS A 46 -7.09 17.49 -4.81
C HIS A 46 -7.92 16.22 -4.98
N VAL A 47 -7.26 15.07 -4.98
CA VAL A 47 -7.94 13.80 -5.13
C VAL A 47 -8.12 13.10 -3.78
N GLN A 48 -8.72 13.81 -2.83
CA GLN A 48 -8.95 13.27 -1.50
C GLN A 48 -10.29 12.53 -1.43
N GLY A 49 -10.92 12.35 -2.60
CA GLY A 49 -12.19 11.67 -2.65
C GLY A 49 -12.05 10.16 -2.65
N GLN A 50 -10.86 9.68 -2.97
CA GLN A 50 -10.59 8.25 -3.01
C GLN A 50 -9.87 7.79 -1.75
N GLU A 51 -10.47 6.84 -1.04
CA GLU A 51 -9.88 6.32 0.20
C GLU A 51 -8.79 5.29 -0.11
N PRO A 52 -7.66 5.35 0.62
CA PRO A 52 -6.53 4.44 0.42
C PRO A 52 -6.75 3.09 1.09
N LEU A 53 -5.94 2.10 0.68
CA LEU A 53 -6.03 0.76 1.24
C LEU A 53 -5.29 0.68 2.57
N THR A 54 -5.89 0.01 3.55
CA THR A 54 -5.28 -0.18 4.86
C THR A 54 -6.13 -1.12 5.70
N ALA A 55 -5.75 -1.28 6.97
CA ALA A 55 -6.46 -2.17 7.88
C ALA A 55 -7.96 -1.92 7.86
N SER A 56 -8.35 -0.65 7.84
CA SER A 56 -9.76 -0.28 7.82
C SER A 56 -10.45 -0.86 6.58
N MET A 57 -9.87 -0.60 5.42
CA MET A 57 -10.41 -1.09 4.16
C MET A 57 -10.51 -2.61 4.18
N LEU A 58 -9.48 -3.25 4.76
CA LEU A 58 -9.43 -4.69 4.86
C LEU A 58 -10.59 -5.22 5.69
N ALA A 59 -10.85 -4.56 6.81
CA ALA A 59 -11.93 -4.96 7.71
C ALA A 59 -13.28 -4.86 7.00
N SER A 60 -13.31 -4.15 5.89
CA SER A 60 -14.54 -3.98 5.13
C SER A 60 -14.89 -5.26 4.36
N ALA A 61 -13.98 -6.23 4.41
CA ALA A 61 -14.20 -7.50 3.73
C ALA A 61 -13.86 -8.68 4.64
N PRO A 62 -14.55 -8.81 5.80
CA PRO A 62 -14.29 -9.89 6.76
C PRO A 62 -14.37 -11.30 6.13
N PRO A 63 -15.49 -11.63 5.45
CA PRO A 63 -15.66 -12.95 4.83
C PRO A 63 -15.31 -12.94 3.35
N GLN A 64 -14.52 -11.98 2.92
CA GLN A 64 -14.16 -11.85 1.52
C GLN A 64 -12.64 -11.77 1.33
N GLU A 65 -12.13 -10.54 1.23
CA GLU A 65 -10.71 -10.33 0.99
C GLU A 65 -9.99 -9.82 2.25
N GLN A 66 -10.38 -10.33 3.41
CA GLN A 66 -9.74 -9.94 4.66
C GLN A 66 -8.31 -10.47 4.74
N LYS A 67 -8.03 -11.47 3.93
CA LYS A 67 -6.70 -12.08 3.90
C LYS A 67 -6.19 -12.22 2.47
N GLN A 68 -6.71 -11.38 1.57
CA GLN A 68 -6.32 -11.45 0.16
C GLN A 68 -5.96 -10.07 -0.40
N MET A 69 -6.86 -9.11 -0.24
CA MET A 69 -6.66 -7.77 -0.79
C MET A 69 -5.69 -6.95 0.05
N LEU A 70 -4.96 -7.60 0.93
CA LEU A 70 -3.99 -6.92 1.77
C LEU A 70 -2.64 -6.84 1.08
N GLY A 71 -2.39 -7.82 0.22
CA GLY A 71 -1.16 -7.85 -0.53
C GLY A 71 -1.40 -8.12 -1.99
N GLU A 72 -2.68 -8.06 -2.40
CA GLU A 72 -3.05 -8.30 -3.79
C GLU A 72 -3.96 -7.20 -4.34
N ARG A 73 -4.28 -6.22 -3.50
CA ARG A 73 -5.14 -5.11 -3.92
C ARG A 73 -4.47 -3.77 -3.61
N LEU A 74 -3.52 -3.80 -2.67
CA LEU A 74 -2.80 -2.60 -2.29
C LEU A 74 -1.76 -2.22 -3.34
N PHE A 75 -1.48 -3.17 -4.21
CA PHE A 75 -0.48 -3.01 -5.26
C PHE A 75 -0.53 -1.60 -5.87
N PRO A 76 -1.69 -1.15 -6.38
CA PRO A 76 -1.83 0.18 -6.98
C PRO A 76 -1.74 1.29 -5.95
N LEU A 77 -2.02 0.95 -4.70
CA LEU A 77 -2.00 1.92 -3.60
C LEU A 77 -0.58 2.18 -3.12
N ILE A 78 0.29 1.18 -3.20
CA ILE A 78 1.67 1.34 -2.75
C ILE A 78 2.43 2.28 -3.66
N GLN A 79 2.22 2.13 -4.96
CA GLN A 79 2.85 3.00 -5.95
C GLN A 79 2.63 4.47 -5.58
N ALA A 80 1.64 4.69 -4.73
CA ALA A 80 1.31 6.03 -4.25
C ALA A 80 2.22 6.44 -3.11
N MET A 81 2.48 5.49 -2.20
CA MET A 81 3.35 5.74 -1.06
C MET A 81 4.79 5.93 -1.50
N HIS A 82 5.22 5.07 -2.41
CA HIS A 82 6.57 5.11 -2.93
C HIS A 82 6.55 5.35 -4.44
N PRO A 83 7.58 6.01 -4.99
CA PRO A 83 7.66 6.29 -6.43
C PRO A 83 7.65 4.99 -7.24
N THR A 84 6.47 4.40 -7.39
CA THR A 84 6.31 3.15 -8.11
C THR A 84 7.36 2.13 -7.66
N LEU A 85 7.70 2.16 -6.38
CA LEU A 85 8.70 1.26 -5.82
C LEU A 85 8.07 -0.04 -5.34
N ALA A 86 6.76 -0.17 -5.55
CA ALA A 86 6.03 -1.37 -5.15
C ALA A 86 6.57 -2.60 -5.87
N GLY A 87 5.75 -3.22 -6.72
CA GLY A 87 6.18 -4.38 -7.47
C GLY A 87 6.52 -5.56 -6.57
N LYS A 88 6.40 -5.37 -5.25
CA LYS A 88 6.72 -6.43 -4.31
C LYS A 88 6.42 -6.02 -2.86
N ILE A 89 6.33 -4.72 -2.60
CA ILE A 89 6.09 -4.24 -1.24
C ILE A 89 4.90 -4.95 -0.59
N THR A 90 3.69 -4.44 -0.85
CA THR A 90 2.47 -5.02 -0.28
C THR A 90 2.39 -6.52 -0.57
N GLY A 91 2.82 -6.92 -1.77
CA GLY A 91 2.83 -8.33 -2.09
C GLY A 91 3.67 -9.10 -1.10
N MET A 92 4.67 -8.41 -0.55
CA MET A 92 5.54 -8.99 0.46
C MET A 92 4.83 -9.02 1.80
N LEU A 93 4.01 -7.99 2.02
CA LEU A 93 3.29 -7.84 3.27
C LEU A 93 2.43 -9.05 3.57
N LEU A 94 2.28 -9.94 2.59
CA LEU A 94 1.55 -11.18 2.79
C LEU A 94 2.53 -12.33 2.90
N GLU A 95 3.73 -12.02 3.37
CA GLU A 95 4.80 -13.01 3.50
C GLU A 95 6.01 -12.44 4.24
N ILE A 96 5.93 -11.18 4.69
CA ILE A 96 7.06 -10.56 5.38
C ILE A 96 7.37 -11.27 6.70
N ASP A 97 7.88 -10.49 7.66
CA ASP A 97 8.17 -10.96 8.99
C ASP A 97 6.94 -11.64 9.61
N ASN A 98 5.81 -11.48 8.93
CA ASN A 98 4.53 -12.04 9.37
C ASN A 98 3.90 -11.17 10.44
N SER A 99 4.73 -10.41 11.15
CA SER A 99 4.25 -9.50 12.17
C SER A 99 3.60 -8.29 11.51
N GLU A 100 4.11 -7.94 10.34
CA GLU A 100 3.56 -6.84 9.56
C GLU A 100 2.23 -7.25 8.95
N LEU A 101 2.13 -8.53 8.61
CA LEU A 101 0.90 -9.07 8.04
C LEU A 101 -0.22 -9.02 9.07
N LEU A 102 0.15 -9.02 10.34
CA LEU A 102 -0.81 -8.97 11.43
C LEU A 102 -1.15 -7.55 11.82
N HIS A 103 -0.12 -6.73 12.00
CA HIS A 103 -0.32 -5.35 12.39
C HIS A 103 -0.98 -4.54 11.28
N MET A 104 -0.63 -4.83 10.03
CA MET A 104 -1.20 -4.13 8.88
C MET A 104 -2.72 -4.30 8.83
N LEU A 105 -3.19 -5.49 9.23
CA LEU A 105 -4.62 -5.76 9.24
C LEU A 105 -5.23 -5.31 10.56
N GLU A 106 -4.35 -4.98 11.50
CA GLU A 106 -4.79 -4.61 12.84
C GLU A 106 -4.66 -3.11 13.09
N SER A 107 -4.06 -2.39 12.16
CA SER A 107 -3.87 -0.95 12.31
C SER A 107 -3.94 -0.23 10.96
N PRO A 108 -4.73 0.86 10.88
CA PRO A 108 -4.87 1.65 9.65
C PRO A 108 -3.62 2.43 9.32
N GLU A 109 -2.58 2.26 10.14
CA GLU A 109 -1.30 2.94 9.94
C GLU A 109 -0.16 1.94 9.87
N SER A 110 -0.42 0.72 10.35
CA SER A 110 0.59 -0.32 10.31
C SER A 110 0.83 -0.77 8.89
N LEU A 111 -0.26 -1.00 8.17
CA LEU A 111 -0.17 -1.43 6.80
C LEU A 111 0.69 -0.47 5.99
N ARG A 112 0.72 0.78 6.41
CA ARG A 112 1.48 1.81 5.71
C ARG A 112 2.91 1.88 6.22
N SER A 113 3.08 2.00 7.54
CA SER A 113 4.40 2.09 8.15
C SER A 113 5.19 0.80 7.92
N LYS A 114 4.48 -0.32 7.90
CA LYS A 114 5.11 -1.62 7.68
C LYS A 114 5.38 -1.82 6.19
N VAL A 115 4.54 -1.22 5.35
CA VAL A 115 4.76 -1.32 3.91
C VAL A 115 5.99 -0.51 3.53
N ASP A 116 6.03 0.73 3.98
CA ASP A 116 7.18 1.61 3.74
C ASP A 116 8.46 0.96 4.27
N GLU A 117 8.35 0.32 5.43
CA GLU A 117 9.49 -0.37 6.03
C GLU A 117 9.79 -1.65 5.25
N ALA A 118 8.75 -2.22 4.65
CA ALA A 118 8.91 -3.42 3.85
C ALA A 118 9.62 -3.07 2.55
N VAL A 119 9.52 -1.80 2.15
CA VAL A 119 10.20 -1.33 0.96
C VAL A 119 11.69 -1.41 1.17
N ALA A 120 12.14 -0.90 2.31
CA ALA A 120 13.54 -0.94 2.67
C ALA A 120 14.00 -2.40 2.71
N VAL A 121 13.05 -3.29 2.96
CA VAL A 121 13.31 -4.72 3.02
C VAL A 121 13.27 -5.33 1.62
N LEU A 122 12.45 -4.76 0.76
CA LEU A 122 12.32 -5.23 -0.62
C LEU A 122 13.55 -4.80 -1.42
N GLN A 123 14.00 -3.59 -1.18
CA GLN A 123 15.18 -3.05 -1.85
C GLN A 123 16.42 -3.85 -1.44
N ALA A 124 16.41 -4.36 -0.21
CA ALA A 124 17.51 -5.15 0.31
C ALA A 124 17.46 -6.58 -0.22
N HIS A 125 16.30 -7.21 -0.14
CA HIS A 125 16.17 -8.58 -0.60
C HIS A 125 16.33 -8.69 -2.11
N GLN A 126 16.10 -7.59 -2.81
CA GLN A 126 16.23 -7.57 -4.26
C GLN A 126 17.65 -7.26 -4.69
N ALA A 127 18.25 -6.25 -4.06
CA ALA A 127 19.61 -5.85 -4.40
C ALA A 127 20.65 -6.50 -3.48
N LYS A 128 20.37 -6.51 -2.18
CA LYS A 128 21.29 -7.08 -1.20
C LYS A 128 20.91 -8.52 -0.87
N GLU A 129 21.72 -9.11 -0.02
CA GLU A 129 21.48 -10.47 0.47
C GLU A 129 20.64 -10.43 1.74
N ALA A 130 19.56 -9.65 1.69
CA ALA A 130 18.70 -9.48 2.85
C ALA A 130 18.13 -10.82 3.34
N ALA A 131 18.23 -11.85 2.50
CA ALA A 131 17.73 -13.17 2.84
C ALA A 131 18.51 -13.77 4.01
N GLN A 132 19.60 -14.47 3.70
CA GLN A 132 20.42 -15.11 4.72
C GLN A 132 21.29 -14.07 5.43
N LYS A 133 21.21 -14.06 6.76
CA LYS A 133 21.99 -13.13 7.57
C LYS A 133 23.41 -13.64 7.75
N ALA A 134 23.54 -14.92 8.09
CA ALA A 134 24.85 -15.53 8.29
C ALA A 134 25.50 -15.89 6.96
N VAL A 135 26.56 -15.15 6.61
CA VAL A 135 27.27 -15.39 5.35
C VAL A 135 28.58 -16.12 5.59
N ASN A 136 29.08 -16.76 4.54
CA ASN A 136 30.34 -17.50 4.64
C ASN A 136 31.53 -16.59 4.35
N SER A 137 32.65 -17.19 3.95
CA SER A 137 33.86 -16.43 3.65
C SER A 137 33.81 -15.86 2.23
N ALA A 138 32.78 -15.06 1.96
CA ALA A 138 32.61 -14.45 0.64
C ALA A 138 33.54 -13.25 0.46
N THR A 139 33.38 -12.54 -0.65
CA THR A 139 34.20 -11.38 -0.94
C THR A 139 33.41 -10.08 -0.75
N GLY A 140 33.61 -9.44 0.40
CA GLY A 140 32.90 -8.20 0.68
C GLY A 140 33.77 -6.97 0.43
N VAL A 141 35.04 -7.06 0.83
CA VAL A 141 35.96 -5.94 0.64
C VAL A 141 36.89 -6.20 -0.55
N PRO A 142 37.21 -5.14 -1.32
CA PRO A 142 38.10 -5.25 -2.49
C PRO A 142 39.47 -5.81 -2.14
N THR A 143 40.23 -6.17 -3.16
CA THR A 143 41.57 -6.71 -2.96
C THR A 143 42.62 -5.61 -3.06
N VAL A 144 43.64 -5.70 -2.21
CA VAL A 144 44.71 -4.71 -2.21
C VAL A 144 45.55 -4.79 -3.49
N GLY A 1 14.47 -0.15 -36.93
CA GLY A 1 14.62 0.07 -35.46
C GLY A 1 13.46 0.82 -34.86
N PRO A 2 13.48 1.08 -33.54
CA PRO A 2 12.40 1.81 -32.86
C PRO A 2 12.37 3.28 -33.23
N LEU A 3 13.55 3.86 -33.46
CA LEU A 3 13.65 5.26 -33.81
C LEU A 3 13.55 5.45 -35.32
N GLY A 4 13.07 6.62 -35.73
CA GLY A 4 12.92 6.91 -37.15
C GLY A 4 14.16 7.56 -37.74
N SER A 5 13.97 8.66 -38.45
CA SER A 5 15.07 9.38 -39.06
C SER A 5 15.39 10.66 -38.30
N ALA A 6 16.46 10.62 -37.51
CA ALA A 6 16.87 11.77 -36.71
C ALA A 6 18.39 11.85 -36.59
N ALA A 7 19.02 12.47 -37.57
CA ALA A 7 20.47 12.61 -37.58
C ALA A 7 20.89 13.96 -37.02
N ALA A 8 20.77 15.01 -37.84
CA ALA A 8 21.13 16.36 -37.44
C ALA A 8 22.57 16.41 -36.93
N ALA A 9 23.44 15.63 -37.55
CA ALA A 9 24.85 15.58 -37.17
C ALA A 9 25.69 16.48 -38.05
N THR A 10 25.05 17.46 -38.68
CA THR A 10 25.74 18.40 -39.56
C THR A 10 26.17 19.66 -38.78
N PRO A 11 25.25 20.30 -38.03
CA PRO A 11 25.58 21.51 -37.27
C PRO A 11 26.32 21.19 -35.97
N ALA A 12 27.61 20.88 -36.09
CA ALA A 12 28.42 20.54 -34.93
C ALA A 12 29.07 21.79 -34.34
N VAL A 13 28.86 22.93 -35.00
CA VAL A 13 29.43 24.19 -34.53
C VAL A 13 28.38 25.03 -33.81
N ARG A 14 28.83 25.82 -32.84
CA ARG A 14 27.93 26.68 -32.08
C ARG A 14 27.41 27.81 -32.95
N THR A 15 26.09 27.93 -33.04
CA THR A 15 25.46 28.97 -33.84
C THR A 15 24.98 30.12 -32.98
N VAL A 16 24.96 31.32 -33.55
CA VAL A 16 24.51 32.51 -32.84
C VAL A 16 23.08 32.89 -33.23
N PRO A 17 22.79 33.02 -34.54
CA PRO A 17 21.44 33.38 -35.02
C PRO A 17 20.37 32.43 -34.50
N GLN A 18 20.69 31.14 -34.47
CA GLN A 18 19.75 30.13 -34.00
C GLN A 18 19.83 29.99 -32.48
N TYR A 19 18.97 30.72 -31.78
CA TYR A 19 18.95 30.68 -30.31
C TYR A 19 18.29 29.40 -29.82
N LYS A 20 18.53 29.06 -28.55
CA LYS A 20 17.95 27.86 -27.96
C LYS A 20 16.48 28.07 -27.65
N TYR A 21 15.62 27.30 -28.32
CA TYR A 21 14.18 27.39 -28.11
C TYR A 21 13.76 26.69 -26.84
N ALA A 22 14.73 26.11 -26.13
CA ALA A 22 14.47 25.40 -24.89
C ALA A 22 14.62 26.34 -23.69
N ALA A 23 14.02 27.51 -23.77
CA ALA A 23 14.08 28.49 -22.70
C ALA A 23 13.43 27.96 -21.43
N GLY A 24 13.68 28.63 -20.31
CA GLY A 24 13.10 28.21 -19.05
C GLY A 24 11.87 29.01 -18.67
N VAL A 25 10.94 29.12 -19.61
CA VAL A 25 9.69 29.85 -19.38
C VAL A 25 8.58 28.91 -18.93
N ARG A 26 8.76 28.30 -17.77
CA ARG A 26 7.78 27.37 -17.23
C ARG A 26 6.71 28.11 -16.42
N ASN A 27 6.33 29.30 -16.89
CA ASN A 27 5.32 30.11 -16.22
C ASN A 27 3.91 29.74 -16.69
N PRO A 28 3.66 29.71 -18.02
CA PRO A 28 2.34 29.37 -18.56
C PRO A 28 2.11 27.87 -18.62
N GLN A 29 1.68 27.29 -17.50
CA GLN A 29 1.41 25.86 -17.43
C GLN A 29 -0.05 25.56 -17.76
N GLN A 30 -0.29 25.16 -19.01
CA GLN A 30 -1.65 24.85 -19.46
C GLN A 30 -1.92 23.35 -19.37
N HIS A 31 -1.25 22.58 -20.22
CA HIS A 31 -1.42 21.12 -20.24
C HIS A 31 -2.88 20.76 -20.47
N LEU A 32 -3.57 21.59 -21.25
CA LEU A 32 -4.98 21.34 -21.56
C LEU A 32 -5.13 20.63 -22.91
N ASN A 33 -4.84 19.33 -22.92
CA ASN A 33 -4.94 18.54 -24.13
C ASN A 33 -6.14 17.60 -24.07
N ALA A 34 -7.22 17.98 -24.73
CA ALA A 34 -8.44 17.17 -24.74
C ALA A 34 -8.38 16.12 -25.85
N GLN A 35 -9.35 15.22 -25.85
CA GLN A 35 -9.42 14.17 -26.86
C GLN A 35 -10.31 14.58 -28.05
N PRO A 36 -11.55 15.06 -27.80
CA PRO A 36 -12.13 15.24 -26.47
C PRO A 36 -12.91 14.02 -25.99
N GLN A 37 -13.34 14.06 -24.73
CA GLN A 37 -14.11 12.96 -24.16
C GLN A 37 -15.58 13.06 -24.55
N VAL A 38 -16.05 12.08 -25.32
CA VAL A 38 -17.44 12.07 -25.77
C VAL A 38 -18.28 11.11 -24.93
N THR A 39 -17.64 10.45 -23.97
CA THR A 39 -18.33 9.51 -23.09
C THR A 39 -18.79 10.20 -21.80
N MET A 40 -20.01 9.91 -21.38
CA MET A 40 -20.57 10.50 -20.17
C MET A 40 -20.54 9.51 -19.01
N GLN A 41 -20.41 8.22 -19.35
CA GLN A 41 -20.38 7.16 -18.33
C GLN A 41 -19.15 7.31 -17.43
N GLN A 42 -19.23 6.73 -16.24
CA GLN A 42 -18.13 6.78 -15.28
C GLN A 42 -17.83 8.23 -14.86
N PRO A 43 -18.18 8.60 -13.62
CA PRO A 43 -17.93 9.96 -13.11
C PRO A 43 -16.45 10.28 -13.00
N ALA A 44 -16.12 11.56 -13.05
CA ALA A 44 -14.73 12.01 -12.95
C ALA A 44 -14.32 12.19 -11.49
N VAL A 45 -13.09 12.65 -11.29
CA VAL A 45 -12.57 12.88 -9.95
C VAL A 45 -12.61 14.36 -9.58
N HIS A 46 -13.19 14.67 -8.43
CA HIS A 46 -13.29 16.04 -7.96
C HIS A 46 -12.35 16.30 -6.79
N VAL A 47 -12.04 15.23 -6.05
CA VAL A 47 -11.14 15.34 -4.91
C VAL A 47 -9.75 14.83 -5.26
N GLN A 48 -8.73 15.60 -4.90
CA GLN A 48 -7.35 15.24 -5.17
C GLN A 48 -6.78 14.37 -4.05
N GLY A 49 -7.34 14.53 -2.86
CA GLY A 49 -6.87 13.75 -1.71
C GLY A 49 -7.57 12.41 -1.59
N GLN A 50 -7.02 11.40 -2.23
CA GLN A 50 -7.59 10.06 -2.19
C GLN A 50 -6.87 9.19 -1.17
N GLU A 51 -7.64 8.51 -0.32
CA GLU A 51 -7.08 7.65 0.70
C GLU A 51 -6.80 6.25 0.15
N PRO A 52 -5.63 5.66 0.47
CA PRO A 52 -5.26 4.33 0.00
C PRO A 52 -5.87 3.22 0.84
N LEU A 53 -5.35 2.00 0.67
CA LEU A 53 -5.84 0.85 1.42
C LEU A 53 -5.08 0.68 2.72
N THR A 54 -5.71 0.05 3.70
CA THR A 54 -5.10 -0.21 5.00
C THR A 54 -5.98 -1.13 5.81
N ALA A 55 -5.67 -1.28 7.09
CA ALA A 55 -6.44 -2.15 7.97
C ALA A 55 -7.92 -1.77 7.97
N SER A 56 -8.20 -0.50 7.77
CA SER A 56 -9.57 -0.01 7.74
C SER A 56 -10.30 -0.56 6.51
N MET A 57 -9.68 -0.41 5.35
CA MET A 57 -10.25 -0.92 4.10
C MET A 57 -10.46 -2.42 4.19
N LEU A 58 -9.51 -3.10 4.80
CA LEU A 58 -9.57 -4.54 4.98
C LEU A 58 -10.76 -4.92 5.85
N ALA A 59 -10.93 -4.18 6.94
CA ALA A 59 -12.03 -4.42 7.87
C ALA A 59 -13.37 -4.15 7.20
N SER A 60 -13.33 -3.48 6.04
CA SER A 60 -14.54 -3.16 5.30
C SER A 60 -15.06 -4.40 4.58
N ALA A 61 -14.25 -5.46 4.57
CA ALA A 61 -14.63 -6.71 3.92
C ALA A 61 -14.34 -7.89 4.83
N PRO A 62 -15.35 -8.73 5.10
CA PRO A 62 -15.19 -9.94 5.93
C PRO A 62 -14.06 -10.82 5.38
N PRO A 63 -13.94 -12.11 5.82
CA PRO A 63 -12.90 -13.01 5.29
C PRO A 63 -12.75 -12.89 3.77
N GLN A 64 -13.75 -12.28 3.14
CA GLN A 64 -13.75 -12.03 1.70
C GLN A 64 -12.38 -11.61 1.20
N GLU A 65 -12.07 -10.32 1.33
CA GLU A 65 -10.79 -9.79 0.88
C GLU A 65 -9.88 -9.46 2.06
N GLN A 66 -10.38 -9.67 3.28
CA GLN A 66 -9.60 -9.41 4.47
C GLN A 66 -8.27 -10.15 4.42
N LYS A 67 -8.30 -11.34 3.86
CA LYS A 67 -7.11 -12.17 3.74
C LYS A 67 -6.75 -12.38 2.27
N GLN A 68 -7.10 -11.40 1.43
CA GLN A 68 -6.82 -11.49 0.00
C GLN A 68 -6.32 -10.16 -0.54
N MET A 69 -7.10 -9.10 -0.36
CA MET A 69 -6.73 -7.79 -0.86
C MET A 69 -5.64 -7.13 -0.02
N LEU A 70 -5.31 -7.76 1.11
CA LEU A 70 -4.27 -7.22 2.00
C LEU A 70 -2.94 -7.09 1.27
N GLY A 71 -2.61 -8.07 0.45
CA GLY A 71 -1.34 -8.04 -0.27
C GLY A 71 -1.50 -8.44 -1.73
N GLU A 72 -2.69 -8.20 -2.28
CA GLU A 72 -2.96 -8.55 -3.68
C GLU A 72 -3.82 -7.48 -4.35
N ARG A 73 -4.18 -6.45 -3.58
CA ARG A 73 -5.00 -5.37 -4.11
C ARG A 73 -4.37 -4.01 -3.77
N LEU A 74 -3.54 -4.00 -2.74
CA LEU A 74 -2.84 -2.78 -2.33
C LEU A 74 -1.75 -2.44 -3.32
N PHE A 75 -1.32 -3.46 -4.07
CA PHE A 75 -0.24 -3.33 -5.05
C PHE A 75 -0.30 -1.99 -5.81
N PRO A 76 -1.43 -1.67 -6.48
CA PRO A 76 -1.55 -0.41 -7.23
C PRO A 76 -1.63 0.81 -6.31
N LEU A 77 -1.99 0.57 -5.06
CA LEU A 77 -2.12 1.66 -4.08
C LEU A 77 -0.80 1.93 -3.37
N ILE A 78 0.12 0.96 -3.39
CA ILE A 78 1.43 1.14 -2.78
C ILE A 78 2.27 2.08 -3.63
N GLN A 79 2.15 1.93 -4.95
CA GLN A 79 2.86 2.79 -5.88
C GLN A 79 2.57 4.26 -5.56
N ALA A 80 1.51 4.46 -4.78
CA ALA A 80 1.09 5.80 -4.35
C ALA A 80 1.94 6.27 -3.17
N MET A 81 2.25 5.35 -2.26
CA MET A 81 3.04 5.69 -1.08
C MET A 81 4.49 5.94 -1.45
N HIS A 82 5.03 5.04 -2.27
CA HIS A 82 6.41 5.13 -2.71
C HIS A 82 6.50 5.44 -4.21
N PRO A 83 7.64 5.97 -4.67
CA PRO A 83 7.83 6.30 -6.09
C PRO A 83 7.79 5.05 -6.98
N THR A 84 6.59 4.53 -7.19
CA THR A 84 6.39 3.32 -7.99
C THR A 84 7.38 2.23 -7.60
N LEU A 85 7.64 2.12 -6.29
CA LEU A 85 8.57 1.12 -5.78
C LEU A 85 7.83 -0.15 -5.35
N ALA A 86 6.53 -0.17 -5.61
CA ALA A 86 5.71 -1.33 -5.27
C ALA A 86 5.91 -2.47 -6.26
N GLY A 87 7.13 -2.99 -6.31
CA GLY A 87 7.42 -4.11 -7.17
C GLY A 87 7.35 -5.40 -6.39
N LYS A 88 7.21 -5.26 -5.07
CA LYS A 88 7.12 -6.38 -4.16
C LYS A 88 6.91 -5.90 -2.73
N ILE A 89 6.22 -4.77 -2.58
CA ILE A 89 5.97 -4.22 -1.25
C ILE A 89 4.81 -4.95 -0.56
N THR A 90 3.59 -4.47 -0.77
CA THR A 90 2.40 -5.09 -0.17
C THR A 90 2.34 -6.58 -0.46
N GLY A 91 2.70 -6.96 -1.69
CA GLY A 91 2.73 -8.37 -2.03
C GLY A 91 3.61 -9.13 -1.07
N MET A 92 4.61 -8.44 -0.55
CA MET A 92 5.52 -9.01 0.45
C MET A 92 4.85 -9.06 1.79
N LEU A 93 4.00 -8.07 2.04
CA LEU A 93 3.30 -7.95 3.31
C LEU A 93 2.42 -9.16 3.58
N LEU A 94 2.37 -10.07 2.62
CA LEU A 94 1.63 -11.31 2.79
C LEU A 94 2.61 -12.46 2.87
N GLU A 95 3.82 -12.14 3.33
CA GLU A 95 4.89 -13.12 3.46
C GLU A 95 6.08 -12.55 4.23
N ILE A 96 5.93 -11.30 4.70
CA ILE A 96 7.01 -10.64 5.46
C ILE A 96 7.32 -11.39 6.76
N ASP A 97 7.78 -10.64 7.75
CA ASP A 97 8.08 -11.16 9.07
C ASP A 97 6.84 -11.79 9.71
N ASN A 98 5.71 -11.69 9.01
CA ASN A 98 4.44 -12.22 9.46
C ASN A 98 3.79 -11.31 10.49
N SER A 99 4.60 -10.61 11.26
CA SER A 99 4.09 -9.67 12.25
C SER A 99 3.52 -8.43 11.56
N GLU A 100 4.14 -8.07 10.44
CA GLU A 100 3.67 -6.94 9.64
C GLU A 100 2.41 -7.31 8.90
N LEU A 101 2.21 -8.62 8.68
CA LEU A 101 1.02 -9.12 8.05
C LEU A 101 -0.16 -9.08 9.03
N LEU A 102 0.16 -9.11 10.31
CA LEU A 102 -0.84 -9.09 11.37
C LEU A 102 -1.17 -7.67 11.79
N HIS A 103 -0.14 -6.87 11.97
CA HIS A 103 -0.33 -5.49 12.39
C HIS A 103 -1.01 -4.67 11.30
N MET A 104 -0.68 -4.96 10.05
CA MET A 104 -1.26 -4.25 8.91
C MET A 104 -2.78 -4.42 8.88
N LEU A 105 -3.25 -5.61 9.26
CA LEU A 105 -4.67 -5.89 9.29
C LEU A 105 -5.26 -5.45 10.62
N GLU A 106 -4.38 -5.11 11.55
CA GLU A 106 -4.79 -4.75 12.89
C GLU A 106 -4.64 -3.26 13.17
N SER A 107 -4.07 -2.52 12.22
CA SER A 107 -3.87 -1.09 12.40
C SER A 107 -3.96 -0.33 11.08
N PRO A 108 -4.78 0.75 11.02
CA PRO A 108 -4.96 1.55 9.80
C PRO A 108 -3.69 2.29 9.40
N GLU A 109 -2.64 2.11 10.18
CA GLU A 109 -1.35 2.76 9.90
C GLU A 109 -0.23 1.74 9.83
N SER A 110 -0.46 0.56 10.40
CA SER A 110 0.53 -0.50 10.37
C SER A 110 0.76 -0.94 8.95
N LEU A 111 -0.33 -1.18 8.23
CA LEU A 111 -0.24 -1.59 6.84
C LEU A 111 0.66 -0.65 6.06
N ARG A 112 0.82 0.56 6.58
CA ARG A 112 1.66 1.56 5.94
C ARG A 112 3.07 1.54 6.51
N SER A 113 3.18 1.84 7.80
CA SER A 113 4.48 1.82 8.47
C SER A 113 5.18 0.50 8.17
N LYS A 114 4.40 -0.54 7.96
CA LYS A 114 4.93 -1.85 7.62
C LYS A 114 5.27 -1.93 6.14
N VAL A 115 4.38 -1.40 5.30
CA VAL A 115 4.61 -1.42 3.85
C VAL A 115 5.83 -0.57 3.51
N ASP A 116 5.78 0.71 3.87
CA ASP A 116 6.90 1.62 3.62
C ASP A 116 8.21 1.02 4.13
N GLU A 117 8.15 0.39 5.30
CA GLU A 117 9.34 -0.24 5.88
C GLU A 117 9.69 -1.50 5.10
N ALA A 118 8.67 -2.18 4.58
CA ALA A 118 8.88 -3.37 3.78
C ALA A 118 9.54 -3.00 2.47
N VAL A 119 9.38 -1.75 2.06
CA VAL A 119 10.02 -1.26 0.85
C VAL A 119 11.51 -1.26 1.03
N ALA A 120 11.95 -0.71 2.16
CA ALA A 120 13.35 -0.69 2.51
C ALA A 120 13.90 -2.11 2.55
N VAL A 121 12.99 -3.05 2.85
CA VAL A 121 13.33 -4.46 2.92
C VAL A 121 13.29 -5.09 1.53
N LEU A 122 12.40 -4.59 0.68
CA LEU A 122 12.25 -5.09 -0.68
C LEU A 122 13.44 -4.64 -1.53
N GLN A 123 13.85 -3.39 -1.34
CA GLN A 123 14.99 -2.84 -2.06
C GLN A 123 16.25 -3.62 -1.72
N ALA A 124 16.35 -4.05 -0.47
CA ALA A 124 17.46 -4.85 -0.02
C ALA A 124 17.40 -6.25 -0.60
N HIS A 125 16.54 -7.09 -0.02
CA HIS A 125 16.39 -8.48 -0.44
C HIS A 125 16.69 -8.69 -1.91
N GLN A 126 16.26 -7.75 -2.74
CA GLN A 126 16.49 -7.84 -4.18
C GLN A 126 17.99 -7.86 -4.50
N ALA A 127 18.60 -6.67 -4.54
CA ALA A 127 20.02 -6.55 -4.88
C ALA A 127 20.93 -6.47 -3.66
N LYS A 128 20.51 -7.06 -2.54
CA LYS A 128 21.34 -7.03 -1.33
C LYS A 128 22.16 -8.30 -1.20
N GLU A 129 22.66 -8.54 0.01
CA GLU A 129 23.42 -9.74 0.30
C GLU A 129 22.48 -10.86 0.73
N ALA A 130 21.24 -10.79 0.24
CA ALA A 130 20.22 -11.76 0.57
C ALA A 130 20.66 -13.17 0.16
N ALA A 131 20.58 -13.44 -1.15
CA ALA A 131 20.97 -14.73 -1.68
C ALA A 131 22.44 -14.72 -2.11
N GLN A 132 22.84 -15.75 -2.87
CA GLN A 132 24.21 -15.84 -3.35
C GLN A 132 24.43 -14.91 -4.52
N LYS A 133 25.71 -14.63 -4.82
CA LYS A 133 26.06 -13.75 -5.92
C LYS A 133 25.83 -14.43 -7.27
N ALA A 134 24.79 -14.01 -7.97
CA ALA A 134 24.46 -14.58 -9.28
C ALA A 134 25.20 -13.87 -10.39
N VAL A 135 24.76 -14.08 -11.62
CA VAL A 135 25.38 -13.45 -12.78
C VAL A 135 25.05 -11.97 -12.87
N ASN A 136 24.00 -11.57 -12.14
CA ASN A 136 23.56 -10.18 -12.13
C ASN A 136 24.36 -9.36 -11.12
N SER A 137 25.63 -9.72 -10.94
CA SER A 137 26.49 -9.01 -10.01
C SER A 137 27.23 -7.86 -10.70
N ALA A 138 27.24 -6.70 -10.05
CA ALA A 138 27.91 -5.53 -10.61
C ALA A 138 29.43 -5.67 -10.53
N THR A 139 30.13 -4.59 -10.85
CA THR A 139 31.59 -4.60 -10.82
C THR A 139 32.11 -4.05 -9.50
N GLY A 140 31.80 -4.73 -8.42
CA GLY A 140 32.24 -4.30 -7.10
C GLY A 140 33.52 -4.98 -6.66
N VAL A 141 34.63 -4.27 -6.73
CA VAL A 141 35.92 -4.81 -6.32
C VAL A 141 36.13 -4.70 -4.82
N PRO A 142 36.71 -5.73 -4.18
CA PRO A 142 37.16 -6.96 -4.86
C PRO A 142 36.01 -7.90 -5.16
N THR A 143 36.04 -8.52 -6.34
CA THR A 143 35.00 -9.46 -6.75
C THR A 143 35.46 -10.90 -6.53
N VAL A 144 34.85 -11.57 -5.56
CA VAL A 144 35.19 -12.96 -5.26
C VAL A 144 34.47 -13.92 -6.18
N GLY A 1 -17.82 24.11 48.38
CA GLY A 1 -18.97 23.49 47.67
C GLY A 1 -18.53 22.45 46.64
N PRO A 2 -19.25 22.32 45.52
CA PRO A 2 -18.91 21.36 44.47
C PRO A 2 -17.50 21.57 43.92
N LEU A 3 -16.67 20.53 44.02
CA LEU A 3 -15.30 20.60 43.54
C LEU A 3 -15.25 20.32 42.04
N GLY A 4 -16.12 19.45 41.56
CA GLY A 4 -16.16 19.12 40.16
C GLY A 4 -17.15 19.95 39.37
N SER A 5 -17.17 21.25 39.67
CA SER A 5 -18.08 22.16 38.99
C SER A 5 -17.52 22.58 37.63
N ALA A 6 -16.27 23.05 37.63
CA ALA A 6 -15.61 23.48 36.40
C ALA A 6 -14.17 23.00 36.35
N ALA A 7 -13.97 21.78 35.85
CA ALA A 7 -12.63 21.20 35.74
C ALA A 7 -12.48 20.41 34.46
N ALA A 8 -13.21 20.80 33.42
CA ALA A 8 -13.16 20.12 32.13
C ALA A 8 -11.77 20.24 31.52
N ALA A 9 -11.50 19.40 30.52
CA ALA A 9 -10.20 19.41 29.85
C ALA A 9 -9.98 20.74 29.13
N THR A 10 -8.75 20.94 28.66
CA THR A 10 -8.38 22.17 27.96
C THR A 10 -8.57 23.39 28.85
N PRO A 11 -7.47 23.91 29.44
CA PRO A 11 -6.12 23.38 29.25
C PRO A 11 -5.87 22.10 30.03
N ALA A 12 -4.95 21.28 29.55
CA ALA A 12 -4.62 20.02 30.21
C ALA A 12 -3.42 20.19 31.15
N VAL A 13 -2.33 20.74 30.62
CA VAL A 13 -1.13 20.96 31.42
C VAL A 13 -0.93 22.44 31.71
N ARG A 14 0.08 22.74 32.53
CA ARG A 14 0.38 24.12 32.89
C ARG A 14 1.21 24.80 31.82
N THR A 15 2.29 24.13 31.39
CA THR A 15 3.17 24.68 30.37
C THR A 15 2.74 24.22 28.98
N VAL A 16 3.04 25.03 27.97
CA VAL A 16 2.68 24.70 26.60
C VAL A 16 3.87 24.12 25.84
N PRO A 17 3.68 22.93 25.22
CA PRO A 17 4.75 22.26 24.46
C PRO A 17 5.15 23.05 23.22
N GLN A 18 5.57 22.34 22.17
CA GLN A 18 5.97 22.97 20.92
C GLN A 18 4.76 23.55 20.19
N TYR A 19 5.00 24.62 19.44
CA TYR A 19 3.93 25.28 18.70
C TYR A 19 3.28 24.32 17.70
N LYS A 20 1.95 24.41 17.60
CA LYS A 20 1.21 23.55 16.68
C LYS A 20 1.14 24.18 15.29
N TYR A 21 0.21 23.70 14.47
CA TYR A 21 0.03 24.22 13.12
C TYR A 21 -0.52 25.64 13.15
N ALA A 22 0.37 26.62 13.16
CA ALA A 22 -0.03 28.03 13.19
C ALA A 22 -0.19 28.57 11.78
N ALA A 23 -1.42 28.52 11.27
CA ALA A 23 -1.71 29.02 9.93
C ALA A 23 -1.72 30.55 9.89
N GLY A 24 -0.87 31.11 9.04
CA GLY A 24 -0.78 32.56 8.92
C GLY A 24 -1.92 33.14 8.11
N VAL A 25 -3.08 33.31 8.73
CA VAL A 25 -4.25 33.87 8.07
C VAL A 25 -4.43 35.34 8.43
N ARG A 26 -3.74 35.77 9.48
CA ARG A 26 -3.83 37.15 9.94
C ARG A 26 -2.85 38.04 9.16
N ASN A 27 -1.95 37.42 8.41
CA ASN A 27 -0.98 38.15 7.62
C ASN A 27 -1.48 38.36 6.20
N PRO A 28 -1.55 39.62 5.74
CA PRO A 28 -2.02 39.95 4.39
C PRO A 28 -1.14 39.32 3.31
N GLN A 29 -1.52 38.12 2.86
CA GLN A 29 -0.77 37.41 1.83
C GLN A 29 -1.35 37.70 0.46
N GLN A 30 -0.50 37.59 -0.58
CA GLN A 30 -0.94 37.84 -1.95
C GLN A 30 -1.76 36.66 -2.48
N HIS A 31 -2.16 36.76 -3.75
CA HIS A 31 -2.95 35.71 -4.38
C HIS A 31 -2.50 35.47 -5.81
N LEU A 32 -1.20 35.68 -6.06
CA LEU A 32 -0.64 35.50 -7.40
C LEU A 32 -0.55 34.02 -7.75
N ASN A 33 -0.39 33.17 -6.73
CA ASN A 33 -0.28 31.73 -6.94
C ASN A 33 -1.59 31.03 -6.59
N ALA A 34 -2.70 31.73 -6.79
CA ALA A 34 -4.02 31.18 -6.49
C ALA A 34 -4.58 30.42 -7.68
N GLN A 35 -3.84 30.45 -8.79
CA GLN A 35 -4.26 29.77 -10.01
C GLN A 35 -4.01 28.27 -9.91
N PRO A 36 -5.06 27.44 -10.11
CA PRO A 36 -4.93 25.98 -10.03
C PRO A 36 -4.05 25.43 -11.16
N GLN A 37 -3.43 24.28 -10.91
CA GLN A 37 -2.56 23.64 -11.89
C GLN A 37 -3.34 22.63 -12.72
N VAL A 38 -3.79 23.05 -13.90
CA VAL A 38 -4.54 22.19 -14.79
C VAL A 38 -3.61 21.35 -15.67
N THR A 39 -2.41 21.88 -15.92
CA THR A 39 -1.42 21.18 -16.73
C THR A 39 -0.68 20.13 -15.90
N MET A 40 -0.88 20.17 -14.59
CA MET A 40 -0.24 19.23 -13.70
C MET A 40 -1.11 17.99 -13.48
N GLN A 41 -0.84 16.94 -14.25
CA GLN A 41 -1.60 15.70 -14.13
C GLN A 41 -0.86 14.69 -13.26
N GLN A 42 -1.09 14.78 -11.95
CA GLN A 42 -0.45 13.86 -11.01
C GLN A 42 -1.33 13.65 -9.78
N PRO A 43 -2.08 12.53 -9.74
CA PRO A 43 -2.97 12.22 -8.61
C PRO A 43 -2.19 12.05 -7.30
N ALA A 44 -2.12 13.13 -6.53
CA ALA A 44 -1.41 13.10 -5.25
C ALA A 44 -2.25 12.43 -4.17
N VAL A 45 -1.58 11.81 -3.21
CA VAL A 45 -2.25 11.12 -2.12
C VAL A 45 -2.41 12.03 -0.91
N HIS A 46 -2.44 13.34 -1.17
CA HIS A 46 -2.59 14.32 -0.11
C HIS A 46 -4.02 14.86 -0.04
N VAL A 47 -4.69 14.88 -1.19
CA VAL A 47 -6.06 15.37 -1.27
C VAL A 47 -7.05 14.28 -0.89
N GLN A 48 -8.34 14.59 -1.00
CA GLN A 48 -9.39 13.64 -0.67
C GLN A 48 -9.88 12.91 -1.93
N GLY A 49 -8.94 12.59 -2.81
CA GLY A 49 -9.29 11.90 -4.04
C GLY A 49 -9.17 10.40 -3.91
N GLN A 50 -7.94 9.90 -3.98
CA GLN A 50 -7.68 8.47 -3.87
C GLN A 50 -7.23 8.11 -2.46
N GLU A 51 -8.09 7.39 -1.74
CA GLU A 51 -7.78 6.97 -0.37
C GLU A 51 -7.05 5.63 -0.36
N PRO A 52 -5.77 5.62 0.07
CA PRO A 52 -4.97 4.39 0.13
C PRO A 52 -5.62 3.30 0.98
N LEU A 53 -5.15 2.07 0.80
CA LEU A 53 -5.68 0.94 1.56
C LEU A 53 -4.99 0.80 2.90
N THR A 54 -5.70 0.23 3.86
CA THR A 54 -5.17 0.01 5.21
C THR A 54 -6.04 -0.99 5.96
N ALA A 55 -5.71 -1.22 7.22
CA ALA A 55 -6.46 -2.17 8.04
C ALA A 55 -7.95 -1.87 8.02
N SER A 56 -8.30 -0.59 7.90
CA SER A 56 -9.70 -0.17 7.85
C SER A 56 -10.37 -0.67 6.57
N MET A 57 -9.70 -0.43 5.44
CA MET A 57 -10.20 -0.86 4.15
C MET A 57 -10.36 -2.38 4.13
N LEU A 58 -9.43 -3.05 4.79
CA LEU A 58 -9.44 -4.50 4.87
C LEU A 58 -10.67 -4.98 5.64
N ALA A 59 -10.95 -4.31 6.74
CA ALA A 59 -12.11 -4.64 7.56
C ALA A 59 -13.40 -4.33 6.81
N SER A 60 -13.26 -3.65 5.68
CA SER A 60 -14.41 -3.29 4.84
C SER A 60 -14.91 -4.51 4.07
N ALA A 61 -14.22 -5.63 4.22
CA ALA A 61 -14.58 -6.85 3.53
C ALA A 61 -14.61 -8.03 4.49
N PRO A 62 -15.83 -8.55 4.78
CA PRO A 62 -16.02 -9.72 5.66
C PRO A 62 -15.18 -10.92 5.17
N PRO A 63 -15.50 -12.18 5.57
CA PRO A 63 -14.75 -13.36 5.12
C PRO A 63 -14.42 -13.32 3.62
N GLN A 64 -15.06 -12.40 2.89
CA GLN A 64 -14.79 -12.20 1.48
C GLN A 64 -13.30 -12.25 1.20
N GLU A 65 -12.64 -11.10 1.36
CA GLU A 65 -11.21 -11.01 1.18
C GLU A 65 -10.51 -10.87 2.53
N GLN A 66 -10.54 -9.64 3.05
CA GLN A 66 -9.92 -9.32 4.35
C GLN A 66 -8.44 -9.68 4.34
N LYS A 67 -8.19 -10.98 4.38
CA LYS A 67 -6.83 -11.50 4.35
C LYS A 67 -6.39 -11.75 2.92
N GLN A 68 -7.09 -11.11 1.97
CA GLN A 68 -6.76 -11.25 0.55
C GLN A 68 -6.32 -9.93 -0.06
N MET A 69 -6.96 -8.83 0.35
CA MET A 69 -6.63 -7.51 -0.17
C MET A 69 -5.39 -6.92 0.50
N LEU A 70 -4.91 -7.58 1.55
CA LEU A 70 -3.75 -7.09 2.29
C LEU A 70 -2.52 -6.99 1.40
N GLY A 71 -2.37 -7.92 0.47
CA GLY A 71 -1.21 -7.90 -0.40
C GLY A 71 -1.53 -8.31 -1.82
N GLU A 72 -2.77 -8.08 -2.25
CA GLU A 72 -3.18 -8.43 -3.61
C GLU A 72 -4.07 -7.35 -4.22
N ARG A 73 -4.42 -6.36 -3.40
CA ARG A 73 -5.24 -5.23 -3.85
C ARG A 73 -4.56 -3.92 -3.50
N LEU A 74 -3.63 -3.99 -2.55
CA LEU A 74 -2.87 -2.82 -2.13
C LEU A 74 -1.78 -2.50 -3.12
N PHE A 75 -1.34 -3.52 -3.84
CA PHE A 75 -0.27 -3.39 -4.81
C PHE A 75 -0.35 -2.08 -5.60
N PRO A 76 -1.50 -1.76 -6.22
CA PRO A 76 -1.66 -0.53 -7.00
C PRO A 76 -1.69 0.73 -6.14
N LEU A 77 -2.04 0.56 -4.86
CA LEU A 77 -2.14 1.70 -3.95
C LEU A 77 -0.80 2.00 -3.28
N ILE A 78 0.08 1.00 -3.20
CA ILE A 78 1.39 1.19 -2.60
C ILE A 78 2.27 2.03 -3.51
N GLN A 79 2.14 1.80 -4.82
CA GLN A 79 2.90 2.57 -5.81
C GLN A 79 2.69 4.07 -5.60
N ALA A 80 1.67 4.39 -4.81
CA ALA A 80 1.34 5.77 -4.48
C ALA A 80 2.18 6.25 -3.31
N MET A 81 2.43 5.36 -2.36
CA MET A 81 3.21 5.70 -1.17
C MET A 81 4.69 5.86 -1.51
N HIS A 82 5.16 5.05 -2.45
CA HIS A 82 6.55 5.08 -2.87
C HIS A 82 6.66 5.36 -4.37
N PRO A 83 7.84 5.78 -4.86
CA PRO A 83 8.05 6.07 -6.28
C PRO A 83 7.93 4.82 -7.15
N THR A 84 6.70 4.35 -7.30
CA THR A 84 6.42 3.15 -8.10
C THR A 84 7.31 1.99 -7.66
N LEU A 85 7.77 2.02 -6.42
CA LEU A 85 8.63 0.98 -5.89
C LEU A 85 7.80 -0.18 -5.35
N ALA A 86 6.49 -0.10 -5.53
CA ALA A 86 5.58 -1.13 -5.06
C ALA A 86 5.50 -2.29 -6.06
N GLY A 87 6.65 -2.75 -6.50
CA GLY A 87 6.69 -3.88 -7.40
C GLY A 87 6.81 -5.18 -6.64
N LYS A 88 6.62 -5.10 -5.33
CA LYS A 88 6.73 -6.27 -4.46
C LYS A 88 6.40 -5.94 -3.00
N ILE A 89 6.32 -4.66 -2.64
CA ILE A 89 6.07 -4.26 -1.26
C ILE A 89 4.88 -4.99 -0.65
N THR A 90 3.67 -4.50 -0.92
CA THR A 90 2.46 -5.11 -0.36
C THR A 90 2.41 -6.60 -0.67
N GLY A 91 2.85 -6.97 -1.88
CA GLY A 91 2.90 -8.37 -2.23
C GLY A 91 3.81 -9.12 -1.28
N MET A 92 4.79 -8.39 -0.75
CA MET A 92 5.72 -8.93 0.23
C MET A 92 5.04 -9.03 1.58
N LEU A 93 4.23 -8.03 1.86
CA LEU A 93 3.52 -7.93 3.12
C LEU A 93 2.70 -9.17 3.40
N LEU A 94 2.60 -10.05 2.40
CA LEU A 94 1.91 -11.31 2.55
C LEU A 94 2.93 -12.44 2.63
N GLU A 95 4.11 -12.09 3.14
CA GLU A 95 5.20 -13.04 3.26
C GLU A 95 6.38 -12.44 4.04
N ILE A 96 6.23 -11.22 4.51
CA ILE A 96 7.30 -10.54 5.27
C ILE A 96 7.60 -11.27 6.57
N ASP A 97 8.05 -10.49 7.57
CA ASP A 97 8.34 -11.01 8.89
C ASP A 97 7.12 -11.69 9.50
N ASN A 98 5.99 -11.59 8.78
CA ASN A 98 4.72 -12.17 9.20
C ASN A 98 4.03 -11.30 10.24
N SER A 99 4.81 -10.53 10.98
CA SER A 99 4.27 -9.63 11.98
C SER A 99 3.69 -8.39 11.31
N GLU A 100 4.27 -8.03 10.17
CA GLU A 100 3.79 -6.90 9.40
C GLU A 100 2.52 -7.28 8.64
N LEU A 101 2.36 -8.59 8.42
CA LEU A 101 1.16 -9.10 7.77
C LEU A 101 0.00 -9.10 8.76
N LEU A 102 0.33 -9.17 10.04
CA LEU A 102 -0.67 -9.19 11.10
C LEU A 102 -0.99 -7.78 11.57
N HIS A 103 0.06 -7.00 11.78
CA HIS A 103 -0.09 -5.64 12.26
C HIS A 103 -0.83 -4.77 11.24
N MET A 104 -0.50 -4.95 9.97
CA MET A 104 -1.15 -4.19 8.89
C MET A 104 -2.66 -4.39 8.93
N LEU A 105 -3.07 -5.61 9.24
CA LEU A 105 -4.50 -5.96 9.30
C LEU A 105 -5.13 -5.51 10.60
N GLU A 106 -4.29 -5.11 11.55
CA GLU A 106 -4.78 -4.73 12.86
C GLU A 106 -4.60 -3.25 13.15
N SER A 107 -3.96 -2.53 12.23
CA SER A 107 -3.72 -1.10 12.44
C SER A 107 -3.81 -0.30 11.14
N PRO A 108 -4.51 0.85 11.17
CA PRO A 108 -4.67 1.73 10.02
C PRO A 108 -3.37 2.47 9.71
N GLU A 109 -2.33 2.17 10.48
CA GLU A 109 -1.02 2.80 10.28
C GLU A 109 0.06 1.74 10.12
N SER A 110 -0.26 0.50 10.45
CA SER A 110 0.68 -0.59 10.29
C SER A 110 0.77 -0.98 8.84
N LEU A 111 -0.39 -1.14 8.21
CA LEU A 111 -0.47 -1.42 6.79
C LEU A 111 0.47 -0.48 6.04
N ARG A 112 0.50 0.78 6.46
CA ARG A 112 1.34 1.77 5.82
C ARG A 112 2.78 1.70 6.33
N SER A 113 2.98 2.02 7.60
CA SER A 113 4.31 2.02 8.21
C SER A 113 5.09 0.75 7.84
N LYS A 114 4.45 -0.39 8.03
CA LYS A 114 5.07 -1.68 7.73
C LYS A 114 5.37 -1.81 6.25
N VAL A 115 4.53 -1.19 5.41
CA VAL A 115 4.74 -1.24 3.97
C VAL A 115 5.96 -0.41 3.58
N ASP A 116 5.96 0.87 3.95
CA ASP A 116 7.08 1.76 3.69
C ASP A 116 8.36 1.17 4.26
N GLU A 117 8.24 0.50 5.40
CA GLU A 117 9.38 -0.13 6.04
C GLU A 117 9.75 -1.41 5.29
N ALA A 118 8.74 -2.07 4.73
CA ALA A 118 8.97 -3.27 3.94
C ALA A 118 9.71 -2.93 2.66
N VAL A 119 9.49 -1.70 2.18
CA VAL A 119 10.18 -1.23 0.99
C VAL A 119 11.68 -1.26 1.23
N ALA A 120 12.09 -0.69 2.36
CA ALA A 120 13.48 -0.69 2.74
C ALA A 120 14.01 -2.12 2.77
N VAL A 121 13.08 -3.05 3.01
CA VAL A 121 13.40 -4.47 3.08
C VAL A 121 13.38 -5.09 1.68
N LEU A 122 12.52 -4.56 0.81
CA LEU A 122 12.40 -5.05 -0.55
C LEU A 122 13.63 -4.62 -1.37
N GLN A 123 14.06 -3.39 -1.16
CA GLN A 123 15.23 -2.87 -1.84
C GLN A 123 16.47 -3.64 -1.41
N ALA A 124 16.49 -4.03 -0.13
CA ALA A 124 17.59 -4.82 0.41
C ALA A 124 17.55 -6.24 -0.13
N HIS A 125 16.63 -7.04 0.43
CA HIS A 125 16.49 -8.44 0.03
C HIS A 125 16.83 -8.68 -1.43
N GLN A 126 16.51 -7.71 -2.28
CA GLN A 126 16.84 -7.80 -3.70
C GLN A 126 18.34 -7.70 -3.94
N ALA A 127 18.86 -6.47 -3.90
CA ALA A 127 20.28 -6.22 -4.16
C ALA A 127 21.11 -6.12 -2.88
N LYS A 128 20.73 -6.85 -1.83
CA LYS A 128 21.49 -6.83 -0.59
C LYS A 128 22.47 -8.01 -0.52
N GLU A 129 22.84 -8.37 0.70
CA GLU A 129 23.71 -9.52 0.92
C GLU A 129 22.85 -10.78 1.02
N ALA A 130 21.65 -10.69 0.44
CA ALA A 130 20.70 -11.78 0.47
C ALA A 130 21.29 -13.05 -0.15
N ALA A 131 22.23 -12.87 -1.07
CA ALA A 131 22.88 -14.00 -1.73
C ALA A 131 23.89 -14.66 -0.81
N GLN A 132 24.67 -13.85 -0.11
CA GLN A 132 25.69 -14.36 0.81
C GLN A 132 25.06 -14.70 2.16
N LYS A 133 24.75 -15.97 2.36
CA LYS A 133 24.16 -16.42 3.62
C LYS A 133 25.23 -16.81 4.62
N ALA A 134 26.22 -17.58 4.16
CA ALA A 134 27.30 -18.03 5.01
C ALA A 134 28.24 -16.87 5.38
N VAL A 135 29.10 -17.10 6.35
CA VAL A 135 30.04 -16.09 6.80
C VAL A 135 31.35 -16.15 6.00
N ASN A 136 31.55 -15.16 5.13
CA ASN A 136 32.75 -15.11 4.31
C ASN A 136 33.99 -14.84 5.16
N SER A 137 33.76 -14.32 6.37
CA SER A 137 34.85 -14.03 7.29
C SER A 137 35.11 -15.20 8.23
N ALA A 138 35.95 -16.13 7.80
CA ALA A 138 36.27 -17.31 8.61
C ALA A 138 37.40 -17.00 9.60
N THR A 139 37.12 -17.21 10.88
CA THR A 139 38.12 -16.96 11.92
C THR A 139 38.66 -18.27 12.47
N GLY A 140 39.98 -18.30 12.70
CA GLY A 140 40.61 -19.50 13.22
C GLY A 140 40.42 -19.65 14.72
N VAL A 141 41.44 -19.30 15.48
CA VAL A 141 41.38 -19.40 16.94
C VAL A 141 40.58 -18.25 17.54
N PRO A 142 39.81 -18.52 18.62
CA PRO A 142 39.00 -17.49 19.29
C PRO A 142 39.83 -16.31 19.77
N THR A 143 39.28 -15.11 19.61
CA THR A 143 39.98 -13.89 20.03
C THR A 143 39.58 -13.50 21.45
N VAL A 144 38.59 -14.19 22.00
CA VAL A 144 38.12 -13.91 23.35
C VAL A 144 38.54 -15.01 24.31
N GLY A 1 -10.89 -28.87 -19.25
CA GLY A 1 -10.93 -30.32 -18.92
C GLY A 1 -11.56 -31.15 -20.03
N PRO A 2 -11.83 -32.45 -19.78
CA PRO A 2 -12.44 -33.33 -20.78
C PRO A 2 -13.87 -32.93 -21.12
N LEU A 3 -14.60 -32.48 -20.11
CA LEU A 3 -15.99 -32.07 -20.30
C LEU A 3 -16.09 -30.54 -20.40
N GLY A 4 -17.29 -30.06 -20.69
CA GLY A 4 -17.50 -28.62 -20.81
C GLY A 4 -17.86 -27.98 -19.49
N SER A 5 -17.43 -28.59 -18.40
CA SER A 5 -17.71 -28.07 -17.06
C SER A 5 -16.54 -27.25 -16.55
N ALA A 6 -15.34 -27.57 -17.03
CA ALA A 6 -14.14 -26.86 -16.61
C ALA A 6 -13.87 -25.65 -17.51
N ALA A 7 -12.85 -24.87 -17.14
CA ALA A 7 -12.49 -23.69 -17.91
C ALA A 7 -11.62 -24.04 -19.11
N ALA A 8 -10.97 -23.03 -19.69
CA ALA A 8 -10.12 -23.24 -20.86
C ALA A 8 -10.88 -23.91 -22.00
N ALA A 9 -12.01 -23.32 -22.36
CA ALA A 9 -12.84 -23.84 -23.44
C ALA A 9 -13.48 -22.72 -24.24
N THR A 10 -14.41 -22.02 -23.60
CA THR A 10 -15.12 -20.91 -24.24
C THR A 10 -15.86 -20.07 -23.21
N PRO A 11 -15.76 -18.73 -23.30
CA PRO A 11 -16.42 -17.81 -22.37
C PRO A 11 -17.91 -17.64 -22.69
N ALA A 12 -18.45 -18.54 -23.49
CA ALA A 12 -19.85 -18.47 -23.88
C ALA A 12 -20.75 -18.81 -22.69
N VAL A 13 -20.22 -19.56 -21.73
CA VAL A 13 -20.99 -19.95 -20.56
C VAL A 13 -20.84 -18.92 -19.44
N ARG A 14 -20.29 -17.75 -19.78
CA ARG A 14 -20.10 -16.69 -18.82
C ARG A 14 -21.24 -15.68 -18.87
N THR A 15 -22.28 -15.93 -18.09
CA THR A 15 -23.45 -15.05 -18.06
C THR A 15 -23.35 -14.06 -16.90
N VAL A 16 -24.42 -13.29 -16.69
CA VAL A 16 -24.46 -12.30 -15.62
C VAL A 16 -25.50 -12.68 -14.57
N PRO A 17 -25.07 -13.30 -13.46
CA PRO A 17 -25.97 -13.71 -12.38
C PRO A 17 -26.42 -12.54 -11.51
N GLN A 18 -25.49 -11.64 -11.21
CA GLN A 18 -25.79 -10.48 -10.39
C GLN A 18 -26.09 -9.26 -11.25
N TYR A 19 -26.25 -8.10 -10.61
CA TYR A 19 -26.55 -6.87 -11.31
C TYR A 19 -25.31 -6.33 -12.02
N LYS A 20 -25.40 -5.09 -12.49
CA LYS A 20 -24.28 -4.46 -13.19
C LYS A 20 -23.30 -3.82 -12.20
N TYR A 21 -23.45 -4.19 -10.93
CA TYR A 21 -22.58 -3.65 -9.88
C TYR A 21 -21.34 -4.53 -9.71
N ALA A 22 -20.31 -4.25 -10.52
CA ALA A 22 -19.07 -5.01 -10.47
C ALA A 22 -18.10 -4.41 -9.46
N ALA A 23 -17.65 -3.19 -9.73
CA ALA A 23 -16.72 -2.50 -8.85
C ALA A 23 -17.36 -2.20 -7.49
N GLY A 24 -16.53 -1.94 -6.49
CA GLY A 24 -17.04 -1.64 -5.16
C GLY A 24 -17.08 -0.16 -4.88
N VAL A 25 -16.62 0.64 -5.84
CA VAL A 25 -16.62 2.10 -5.68
C VAL A 25 -17.99 2.68 -6.02
N ARG A 26 -18.40 3.68 -5.24
CA ARG A 26 -19.69 4.32 -5.45
C ARG A 26 -19.59 5.37 -6.56
N ASN A 27 -20.70 6.07 -6.81
CA ASN A 27 -20.74 7.10 -7.83
C ASN A 27 -20.30 8.46 -7.28
N PRO A 28 -19.10 8.94 -7.67
CA PRO A 28 -18.57 10.22 -7.19
C PRO A 28 -19.42 11.41 -7.66
N GLN A 29 -19.26 11.77 -8.93
CA GLN A 29 -20.01 12.88 -9.50
C GLN A 29 -21.35 12.40 -10.08
N GLN A 30 -22.44 12.87 -9.49
CA GLN A 30 -23.77 12.49 -9.95
C GLN A 30 -24.36 13.56 -10.87
N HIS A 31 -25.56 13.32 -11.36
CA HIS A 31 -26.24 14.25 -12.24
C HIS A 31 -27.61 14.65 -11.67
N LEU A 32 -27.73 14.59 -10.35
CA LEU A 32 -28.97 14.94 -9.68
C LEU A 32 -29.00 16.42 -9.31
N ASN A 33 -30.17 16.89 -8.90
CA ASN A 33 -30.34 18.30 -8.52
C ASN A 33 -30.26 18.45 -7.00
N ALA A 34 -29.03 18.56 -6.49
CA ALA A 34 -28.82 18.71 -5.06
C ALA A 34 -28.71 20.19 -4.67
N GLN A 35 -29.50 21.03 -5.34
CA GLN A 35 -29.50 22.46 -5.06
C GLN A 35 -30.42 22.79 -3.88
N PRO A 36 -31.70 22.32 -3.90
CA PRO A 36 -32.64 22.60 -2.82
C PRO A 36 -32.26 21.87 -1.53
N GLN A 37 -31.31 20.95 -1.64
CA GLN A 37 -30.86 20.17 -0.49
C GLN A 37 -29.70 20.88 0.21
N VAL A 38 -29.97 21.44 1.38
CA VAL A 38 -28.95 22.13 2.15
C VAL A 38 -28.39 21.23 3.25
N THR A 39 -27.06 21.19 3.36
CA THR A 39 -26.41 20.36 4.36
C THR A 39 -26.31 21.09 5.70
N MET A 40 -26.59 20.38 6.78
CA MET A 40 -26.54 20.95 8.12
C MET A 40 -25.28 20.51 8.85
N GLN A 41 -24.48 21.48 9.29
CA GLN A 41 -23.24 21.20 10.01
C GLN A 41 -22.32 20.30 9.19
N GLN A 42 -21.57 20.91 8.28
CA GLN A 42 -20.65 20.17 7.43
C GLN A 42 -19.46 21.04 7.03
N PRO A 43 -18.38 21.04 7.85
CA PRO A 43 -17.19 21.83 7.58
C PRO A 43 -16.57 21.51 6.22
N ALA A 44 -16.80 22.39 5.25
CA ALA A 44 -16.27 22.20 3.90
C ALA A 44 -14.80 22.62 3.83
N VAL A 45 -13.93 21.75 4.31
CA VAL A 45 -12.49 22.02 4.31
C VAL A 45 -11.84 21.47 3.05
N HIS A 46 -10.57 21.84 2.84
CA HIS A 46 -9.82 21.37 1.68
C HIS A 46 -9.15 20.03 1.97
N VAL A 47 -9.97 19.02 2.28
CA VAL A 47 -9.46 17.69 2.59
C VAL A 47 -9.45 16.81 1.34
N GLN A 48 -8.42 15.98 1.22
CA GLN A 48 -8.29 15.08 0.08
C GLN A 48 -9.14 13.82 0.28
N GLY A 49 -9.97 13.51 -0.70
CA GLY A 49 -10.83 12.34 -0.62
C GLY A 49 -10.20 11.11 -1.24
N GLN A 50 -8.86 11.07 -1.24
CA GLN A 50 -8.14 9.94 -1.82
C GLN A 50 -7.47 9.11 -0.72
N GLU A 51 -8.29 8.37 0.02
CA GLU A 51 -7.79 7.52 1.10
C GLU A 51 -7.31 6.18 0.56
N PRO A 52 -6.03 5.83 0.78
CA PRO A 52 -5.47 4.55 0.29
C PRO A 52 -5.98 3.36 1.09
N LEU A 53 -5.45 2.18 0.77
CA LEU A 53 -5.85 0.95 1.44
C LEU A 53 -5.14 0.80 2.78
N THR A 54 -5.83 0.17 3.74
CA THR A 54 -5.26 -0.05 5.07
C THR A 54 -6.08 -1.09 5.83
N ALA A 55 -5.72 -1.30 7.09
CA ALA A 55 -6.41 -2.29 7.92
C ALA A 55 -7.92 -2.09 7.88
N SER A 56 -8.37 -0.85 7.71
CA SER A 56 -9.78 -0.54 7.64
C SER A 56 -10.39 -1.13 6.37
N MET A 57 -9.71 -0.91 5.25
CA MET A 57 -10.15 -1.44 3.96
C MET A 57 -10.27 -2.95 4.04
N LEU A 58 -9.32 -3.55 4.75
CA LEU A 58 -9.31 -4.99 4.95
C LEU A 58 -10.51 -5.42 5.76
N ALA A 59 -10.81 -4.66 6.81
CA ALA A 59 -11.95 -4.94 7.67
C ALA A 59 -13.27 -4.65 6.96
N SER A 60 -13.17 -4.17 5.72
CA SER A 60 -14.35 -3.86 4.93
C SER A 60 -14.86 -5.11 4.20
N ALA A 61 -14.05 -6.17 4.24
CA ALA A 61 -14.41 -7.43 3.59
C ALA A 61 -14.19 -8.63 4.52
N PRO A 62 -14.75 -8.60 5.74
CA PRO A 62 -14.55 -9.67 6.72
C PRO A 62 -14.82 -11.08 6.15
N PRO A 63 -15.96 -11.31 5.46
CA PRO A 63 -16.29 -12.61 4.91
C PRO A 63 -15.92 -12.75 3.44
N GLN A 64 -15.29 -11.72 2.90
CA GLN A 64 -14.91 -11.72 1.49
C GLN A 64 -13.38 -11.75 1.32
N GLU A 65 -12.78 -10.58 1.11
CA GLU A 65 -11.35 -10.49 0.90
C GLU A 65 -10.65 -9.90 2.12
N GLN A 66 -11.02 -10.38 3.30
CA GLN A 66 -10.41 -9.88 4.54
C GLN A 66 -8.92 -10.19 4.56
N LYS A 67 -8.55 -11.29 3.93
CA LYS A 67 -7.16 -11.70 3.86
C LYS A 67 -6.69 -11.85 2.41
N GLN A 68 -7.17 -10.96 1.55
CA GLN A 68 -6.82 -11.01 0.13
C GLN A 68 -6.30 -9.67 -0.36
N MET A 69 -7.04 -8.60 -0.09
CA MET A 69 -6.67 -7.26 -0.54
C MET A 69 -5.51 -6.69 0.26
N LEU A 70 -4.90 -7.54 1.08
CA LEU A 70 -3.79 -7.12 1.91
C LEU A 70 -2.54 -6.94 1.07
N GLY A 71 -2.11 -8.04 0.49
CA GLY A 71 -0.93 -8.02 -0.33
C GLY A 71 -1.22 -8.30 -1.78
N GLU A 72 -2.49 -8.20 -2.17
CA GLU A 72 -2.88 -8.48 -3.56
C GLU A 72 -3.72 -7.37 -4.18
N ARG A 73 -4.14 -6.39 -3.37
CA ARG A 73 -4.95 -5.29 -3.86
C ARG A 73 -4.32 -3.95 -3.52
N LEU A 74 -3.41 -3.98 -2.56
CA LEU A 74 -2.73 -2.77 -2.12
C LEU A 74 -1.66 -2.33 -3.11
N PHE A 75 -1.35 -3.20 -4.07
CA PHE A 75 -0.31 -2.91 -5.05
C PHE A 75 -0.51 -1.53 -5.69
N PRO A 76 -1.69 -1.23 -6.25
CA PRO A 76 -1.96 0.08 -6.87
C PRO A 76 -1.98 1.20 -5.83
N LEU A 77 -2.05 0.82 -4.56
CA LEU A 77 -2.09 1.81 -3.47
C LEU A 77 -0.68 2.21 -3.06
N ILE A 78 0.23 1.25 -2.96
CA ILE A 78 1.60 1.53 -2.56
C ILE A 78 2.27 2.47 -3.56
N GLN A 79 1.99 2.24 -4.83
CA GLN A 79 2.56 3.05 -5.91
C GLN A 79 2.43 4.53 -5.61
N ALA A 80 1.49 4.86 -4.72
CA ALA A 80 1.25 6.24 -4.31
C ALA A 80 2.21 6.65 -3.20
N MET A 81 2.41 5.76 -2.24
CA MET A 81 3.31 6.01 -1.12
C MET A 81 4.76 6.06 -1.60
N HIS A 82 5.09 5.16 -2.51
CA HIS A 82 6.44 5.03 -3.02
C HIS A 82 6.46 5.18 -4.55
N PRO A 83 7.61 5.57 -5.12
CA PRO A 83 7.76 5.73 -6.57
C PRO A 83 7.57 4.41 -7.31
N THR A 84 6.31 4.00 -7.46
CA THR A 84 5.96 2.75 -8.12
C THR A 84 6.91 1.61 -7.74
N LEU A 85 7.44 1.68 -6.52
CA LEU A 85 8.37 0.67 -6.03
C LEU A 85 7.60 -0.50 -5.42
N ALA A 86 6.29 -0.49 -5.60
CA ALA A 86 5.42 -1.53 -5.05
C ALA A 86 5.62 -2.87 -5.78
N GLY A 87 6.68 -2.96 -6.58
CA GLY A 87 6.96 -4.18 -7.33
C GLY A 87 6.99 -5.41 -6.44
N LYS A 88 7.23 -5.22 -5.15
CA LYS A 88 7.28 -6.35 -4.22
C LYS A 88 7.10 -5.88 -2.78
N ILE A 89 6.42 -4.76 -2.59
CA ILE A 89 6.19 -4.26 -1.24
C ILE A 89 5.03 -4.98 -0.58
N THR A 90 3.81 -4.47 -0.78
CA THR A 90 2.61 -5.06 -0.18
C THR A 90 2.53 -6.57 -0.48
N GLY A 91 2.91 -6.96 -1.69
CA GLY A 91 2.92 -8.37 -2.03
C GLY A 91 3.80 -9.14 -1.07
N MET A 92 4.83 -8.46 -0.59
CA MET A 92 5.75 -9.04 0.39
C MET A 92 5.09 -9.07 1.76
N LEU A 93 4.27 -8.06 2.01
CA LEU A 93 3.60 -7.90 3.29
C LEU A 93 2.73 -9.10 3.63
N LEU A 94 2.59 -10.02 2.69
CA LEU A 94 1.84 -11.24 2.95
C LEU A 94 2.80 -12.41 2.95
N GLU A 95 4.04 -12.11 3.35
CA GLU A 95 5.10 -13.10 3.41
C GLU A 95 6.32 -12.57 4.16
N ILE A 96 6.24 -11.32 4.63
CA ILE A 96 7.35 -10.71 5.37
C ILE A 96 7.62 -11.45 6.67
N ASP A 97 8.09 -10.70 7.66
CA ASP A 97 8.32 -11.20 9.01
C ASP A 97 7.04 -11.79 9.59
N ASN A 98 5.94 -11.62 8.84
CA ASN A 98 4.61 -12.11 9.25
C ASN A 98 3.99 -11.19 10.28
N SER A 99 4.82 -10.57 11.09
CA SER A 99 4.34 -9.64 12.11
C SER A 99 3.77 -8.40 11.44
N GLU A 100 4.31 -8.08 10.27
CA GLU A 100 3.83 -6.95 9.49
C GLU A 100 2.52 -7.30 8.82
N LEU A 101 2.38 -8.55 8.41
CA LEU A 101 1.15 -9.02 7.80
C LEU A 101 0.01 -8.97 8.80
N LEU A 102 0.35 -9.14 10.07
CA LEU A 102 -0.65 -9.11 11.13
C LEU A 102 -0.99 -7.68 11.54
N HIS A 103 0.05 -6.87 11.75
CA HIS A 103 -0.13 -5.50 12.19
C HIS A 103 -0.85 -4.66 11.12
N MET A 104 -0.44 -4.83 9.87
CA MET A 104 -1.02 -4.08 8.76
C MET A 104 -2.53 -4.27 8.69
N LEU A 105 -3.00 -5.46 9.06
CA LEU A 105 -4.43 -5.74 9.02
C LEU A 105 -5.10 -5.30 10.30
N GLU A 106 -4.30 -4.97 11.31
CA GLU A 106 -4.84 -4.59 12.60
C GLU A 106 -4.71 -3.09 12.87
N SER A 107 -4.03 -2.36 11.99
CA SER A 107 -3.84 -0.93 12.20
C SER A 107 -3.90 -0.15 10.89
N PRO A 108 -4.56 1.03 10.91
CA PRO A 108 -4.66 1.89 9.73
C PRO A 108 -3.36 2.64 9.47
N GLU A 109 -2.36 2.36 10.28
CA GLU A 109 -1.05 2.99 10.15
C GLU A 109 0.03 1.93 10.04
N SER A 110 -0.33 0.68 10.35
CA SER A 110 0.62 -0.42 10.24
C SER A 110 0.73 -0.85 8.79
N LEU A 111 -0.42 -0.98 8.14
CA LEU A 111 -0.46 -1.30 6.73
C LEU A 111 0.51 -0.39 5.98
N ARG A 112 0.54 0.88 6.37
CA ARG A 112 1.42 1.85 5.75
C ARG A 112 2.86 1.72 6.26
N SER A 113 3.04 1.93 7.56
CA SER A 113 4.35 1.86 8.18
C SER A 113 5.08 0.58 7.79
N LYS A 114 4.42 -0.55 8.01
CA LYS A 114 4.99 -1.85 7.68
C LYS A 114 5.32 -1.97 6.21
N VAL A 115 4.56 -1.26 5.36
CA VAL A 115 4.82 -1.29 3.92
C VAL A 115 6.08 -0.49 3.62
N ASP A 116 6.04 0.81 3.91
CA ASP A 116 7.21 1.67 3.70
C ASP A 116 8.46 1.04 4.29
N GLU A 117 8.30 0.35 5.41
CA GLU A 117 9.41 -0.32 6.07
C GLU A 117 9.82 -1.56 5.28
N ALA A 118 8.84 -2.33 4.83
CA ALA A 118 9.11 -3.52 4.03
C ALA A 118 9.80 -3.13 2.74
N VAL A 119 9.62 -1.87 2.36
CA VAL A 119 10.27 -1.34 1.18
C VAL A 119 11.77 -1.32 1.38
N ALA A 120 12.17 -0.83 2.55
CA ALA A 120 13.57 -0.81 2.92
C ALA A 120 14.12 -2.24 2.91
N VAL A 121 13.21 -3.19 3.13
CA VAL A 121 13.56 -4.59 3.13
C VAL A 121 13.56 -5.14 1.71
N LEU A 122 12.69 -4.60 0.87
CA LEU A 122 12.60 -5.00 -0.53
C LEU A 122 13.81 -4.49 -1.29
N GLN A 123 14.23 -3.28 -0.96
CA GLN A 123 15.40 -2.68 -1.58
C GLN A 123 16.66 -3.43 -1.17
N ALA A 124 16.61 -4.02 0.02
CA ALA A 124 17.73 -4.80 0.54
C ALA A 124 17.64 -6.26 0.11
N HIS A 125 16.51 -6.63 -0.48
CA HIS A 125 16.30 -8.00 -0.91
C HIS A 125 16.02 -8.09 -2.40
N GLN A 126 16.18 -6.98 -3.11
CA GLN A 126 15.96 -6.96 -4.55
C GLN A 126 17.11 -7.65 -5.28
N ALA A 127 17.92 -6.88 -5.99
CA ALA A 127 19.05 -7.43 -6.71
C ALA A 127 20.34 -7.33 -5.89
N LYS A 128 20.19 -7.44 -4.57
CA LYS A 128 21.33 -7.34 -3.67
C LYS A 128 21.86 -8.73 -3.31
N GLU A 129 22.29 -8.89 -2.06
CA GLU A 129 22.84 -10.16 -1.59
C GLU A 129 21.72 -11.09 -1.13
N ALA A 130 20.49 -10.78 -1.50
CA ALA A 130 19.34 -11.59 -1.13
C ALA A 130 19.44 -12.99 -1.73
N ALA A 131 19.95 -13.06 -2.96
CA ALA A 131 20.10 -14.34 -3.66
C ALA A 131 21.28 -15.12 -3.09
N GLN A 132 21.01 -16.38 -2.71
CA GLN A 132 22.05 -17.24 -2.15
C GLN A 132 22.96 -17.78 -3.25
N LYS A 133 24.07 -17.09 -3.46
CA LYS A 133 25.04 -17.51 -4.49
C LYS A 133 25.96 -18.60 -3.96
N ALA A 134 25.94 -18.80 -2.64
CA ALA A 134 26.78 -19.82 -2.02
C ALA A 134 26.25 -21.22 -2.32
N VAL A 135 27.13 -22.20 -2.21
CA VAL A 135 26.77 -23.59 -2.48
C VAL A 135 26.03 -24.20 -1.28
N ASN A 136 25.84 -25.52 -1.33
CA ASN A 136 25.15 -26.22 -0.25
C ASN A 136 26.00 -26.23 1.02
N SER A 137 25.80 -25.21 1.86
CA SER A 137 26.55 -25.10 3.10
C SER A 137 25.68 -25.49 4.30
N ALA A 138 25.74 -26.77 4.66
CA ALA A 138 24.97 -27.28 5.79
C ALA A 138 25.60 -26.89 7.11
N THR A 139 25.32 -25.65 7.54
CA THR A 139 25.87 -25.14 8.80
C THR A 139 24.96 -25.50 9.98
N GLY A 140 25.24 -26.63 10.62
CA GLY A 140 24.45 -27.05 11.75
C GLY A 140 25.04 -26.61 13.08
N VAL A 141 26.25 -27.10 13.37
CA VAL A 141 26.93 -26.75 14.61
C VAL A 141 27.91 -25.58 14.41
N PRO A 142 28.78 -25.61 13.36
CA PRO A 142 28.84 -26.68 12.37
C PRO A 142 29.78 -27.82 12.77
N THR A 143 30.98 -27.46 13.22
CA THR A 143 31.97 -28.45 13.64
C THR A 143 32.04 -28.56 15.16
N VAL A 144 32.72 -29.59 15.64
CA VAL A 144 32.86 -29.81 17.08
C VAL A 144 34.31 -29.62 17.52
N GLY A 1 8.24 52.45 -13.73
CA GLY A 1 7.43 53.08 -12.65
C GLY A 1 7.71 52.48 -11.29
N PRO A 2 6.68 52.36 -10.42
CA PRO A 2 6.85 51.79 -9.08
C PRO A 2 7.43 50.38 -9.11
N LEU A 3 7.17 49.66 -10.20
CA LEU A 3 7.67 48.30 -10.35
C LEU A 3 8.95 48.28 -11.19
N GLY A 4 10.00 47.68 -10.64
CA GLY A 4 11.26 47.61 -11.35
C GLY A 4 11.35 46.40 -12.27
N SER A 5 12.15 46.52 -13.32
CA SER A 5 12.32 45.44 -14.27
C SER A 5 13.59 44.65 -13.98
N ALA A 6 13.43 43.49 -13.34
CA ALA A 6 14.56 42.64 -12.99
C ALA A 6 15.58 43.40 -12.14
N ALA A 7 15.26 43.60 -10.88
CA ALA A 7 16.15 44.31 -9.96
C ALA A 7 17.22 43.39 -9.40
N ALA A 8 18.43 43.49 -9.94
CA ALA A 8 19.55 42.68 -9.49
C ALA A 8 19.22 41.18 -9.58
N ALA A 9 19.98 40.37 -8.85
CA ALA A 9 19.76 38.93 -8.85
C ALA A 9 19.98 38.34 -7.46
N THR A 10 19.29 38.89 -6.48
CA THR A 10 19.41 38.41 -5.10
C THR A 10 18.07 38.53 -4.38
N PRO A 11 17.57 37.43 -3.76
CA PRO A 11 18.27 36.14 -3.75
C PRO A 11 18.19 35.42 -5.09
N ALA A 12 18.75 34.22 -5.15
CA ALA A 12 18.74 33.43 -6.37
C ALA A 12 17.39 32.76 -6.59
N VAL A 13 16.62 32.66 -5.52
CA VAL A 13 15.30 32.02 -5.59
C VAL A 13 14.20 33.06 -5.85
N ARG A 14 13.27 32.71 -6.74
CA ARG A 14 12.18 33.62 -7.08
C ARG A 14 10.91 33.22 -6.33
N THR A 15 10.81 31.94 -5.98
CA THR A 15 9.65 31.43 -5.27
C THR A 15 9.98 31.16 -3.80
N VAL A 16 10.20 32.23 -3.04
CA VAL A 16 10.52 32.12 -1.63
C VAL A 16 9.28 32.36 -0.76
N PRO A 17 9.02 31.46 0.21
CA PRO A 17 7.85 31.58 1.09
C PRO A 17 7.94 32.81 2.00
N GLN A 18 7.07 33.78 1.76
CA GLN A 18 7.06 35.01 2.54
C GLN A 18 6.28 34.82 3.84
N TYR A 19 6.91 35.13 4.97
CA TYR A 19 6.27 34.99 6.28
C TYR A 19 5.22 36.08 6.48
N LYS A 20 4.63 36.09 7.67
CA LYS A 20 3.61 37.08 8.00
C LYS A 20 4.24 38.34 8.58
N TYR A 21 5.50 38.57 8.26
CA TYR A 21 6.22 39.74 8.75
C TYR A 21 6.02 40.93 7.82
N ALA A 22 5.87 40.64 6.54
CA ALA A 22 5.68 41.67 5.53
C ALA A 22 4.21 41.86 5.22
N ALA A 23 3.34 41.33 6.07
CA ALA A 23 1.91 41.43 5.89
C ALA A 23 1.46 42.90 5.88
N GLY A 24 1.05 43.38 4.71
CA GLY A 24 0.61 44.75 4.59
C GLY A 24 -0.90 44.88 4.65
N VAL A 25 -1.55 43.91 5.29
CA VAL A 25 -3.00 43.92 5.42
C VAL A 25 -3.43 44.27 6.84
N ARG A 26 -2.96 45.42 7.33
CA ARG A 26 -3.28 45.87 8.67
C ARG A 26 -4.69 46.47 8.72
N ASN A 27 -5.07 47.13 7.64
CA ASN A 27 -6.39 47.77 7.55
C ASN A 27 -7.47 46.74 7.20
N PRO A 28 -8.72 46.97 7.63
CA PRO A 28 -9.11 48.16 8.41
C PRO A 28 -8.68 48.06 9.86
N GLN A 29 -9.40 47.28 10.65
CA GLN A 29 -9.09 47.09 12.07
C GLN A 29 -8.22 45.86 12.27
N GLN A 30 -8.82 44.79 12.81
CA GLN A 30 -8.09 43.56 13.05
C GLN A 30 -8.40 42.53 11.96
N HIS A 31 -7.55 41.53 11.84
CA HIS A 31 -7.73 40.48 10.83
C HIS A 31 -8.60 39.35 11.37
N LEU A 32 -9.18 39.57 12.55
CA LEU A 32 -10.03 38.57 13.19
C LEU A 32 -11.41 38.56 12.54
N ASN A 33 -12.00 37.37 12.42
CA ASN A 33 -13.32 37.21 11.83
C ASN A 33 -14.40 37.23 12.90
N ALA A 34 -15.47 37.99 12.65
CA ALA A 34 -16.58 38.09 13.60
C ALA A 34 -17.63 37.02 13.31
N GLN A 35 -17.18 35.90 12.76
CA GLN A 35 -18.09 34.80 12.43
C GLN A 35 -18.05 33.72 13.51
N PRO A 36 -19.08 33.67 14.37
CA PRO A 36 -19.16 32.68 15.45
C PRO A 36 -19.50 31.29 14.95
N GLN A 37 -20.06 31.22 13.74
CA GLN A 37 -20.44 29.95 13.14
C GLN A 37 -19.21 29.21 12.62
N VAL A 38 -19.42 27.96 12.19
CA VAL A 38 -18.32 27.15 11.68
C VAL A 38 -18.34 27.10 10.15
N THR A 39 -17.56 27.99 9.53
CA THR A 39 -17.48 28.06 8.07
C THR A 39 -16.22 27.37 7.57
N MET A 40 -16.28 26.05 7.45
CA MET A 40 -15.14 25.27 6.96
C MET A 40 -15.05 25.32 5.44
N GLN A 41 -14.26 26.26 4.93
CA GLN A 41 -14.09 26.43 3.50
C GLN A 41 -12.96 25.56 2.97
N GLN A 42 -13.24 24.80 1.92
CA GLN A 42 -12.25 23.92 1.32
C GLN A 42 -12.57 23.65 -0.15
N PRO A 43 -11.94 24.39 -1.08
CA PRO A 43 -12.17 24.22 -2.52
C PRO A 43 -11.82 22.81 -3.00
N ALA A 44 -12.83 21.94 -3.05
CA ALA A 44 -12.63 20.56 -3.49
C ALA A 44 -12.80 20.44 -5.01
N VAL A 45 -12.00 21.21 -5.75
CA VAL A 45 -12.07 21.21 -7.20
C VAL A 45 -11.30 20.03 -7.80
N HIS A 46 -10.02 19.94 -7.46
CA HIS A 46 -9.17 18.87 -7.96
C HIS A 46 -9.05 17.73 -6.95
N VAL A 47 -8.48 16.62 -7.39
CA VAL A 47 -8.30 15.46 -6.52
C VAL A 47 -6.99 15.56 -5.74
N GLN A 48 -7.09 15.90 -4.45
CA GLN A 48 -5.92 16.03 -3.61
C GLN A 48 -5.60 14.73 -2.89
N GLY A 49 -6.24 14.52 -1.75
CA GLY A 49 -6.00 13.31 -0.98
C GLY A 49 -7.02 12.22 -1.27
N GLN A 50 -6.54 11.08 -1.73
CA GLN A 50 -7.42 9.95 -2.05
C GLN A 50 -7.53 9.00 -0.86
N GLU A 51 -8.41 8.02 -0.98
CA GLU A 51 -8.61 7.03 0.08
C GLU A 51 -7.70 5.82 -0.11
N PRO A 52 -6.62 5.70 0.70
CA PRO A 52 -5.69 4.58 0.59
C PRO A 52 -6.21 3.33 1.29
N LEU A 53 -5.52 2.21 1.10
CA LEU A 53 -5.91 0.95 1.71
C LEU A 53 -5.12 0.69 2.98
N THR A 54 -5.75 0.01 3.93
CA THR A 54 -5.11 -0.34 5.19
C THR A 54 -5.94 -1.34 5.96
N ALA A 55 -5.67 -1.48 7.25
CA ALA A 55 -6.38 -2.43 8.09
C ALA A 55 -7.89 -2.17 8.07
N SER A 56 -8.26 -0.89 8.11
CA SER A 56 -9.67 -0.51 8.09
C SER A 56 -10.35 -1.04 6.84
N MET A 57 -9.70 -0.87 5.69
CA MET A 57 -10.22 -1.36 4.43
C MET A 57 -10.38 -2.87 4.47
N LEU A 58 -9.39 -3.54 5.04
CA LEU A 58 -9.41 -5.00 5.18
C LEU A 58 -10.64 -5.44 5.97
N ALA A 59 -10.87 -4.76 7.10
CA ALA A 59 -12.00 -5.07 7.96
C ALA A 59 -13.32 -4.74 7.29
N SER A 60 -13.25 -4.03 6.16
CA SER A 60 -14.44 -3.64 5.42
C SER A 60 -14.93 -4.78 4.53
N ALA A 61 -14.15 -5.85 4.45
CA ALA A 61 -14.51 -7.01 3.64
C ALA A 61 -14.29 -8.32 4.39
N PRO A 62 -14.90 -8.49 5.58
CA PRO A 62 -14.76 -9.70 6.39
C PRO A 62 -15.11 -10.99 5.62
N PRO A 63 -16.29 -11.04 4.96
CA PRO A 63 -16.71 -12.23 4.23
C PRO A 63 -16.20 -12.25 2.78
N GLN A 64 -15.60 -11.14 2.36
CA GLN A 64 -15.08 -11.03 1.00
C GLN A 64 -13.59 -11.37 0.95
N GLU A 65 -12.74 -10.39 1.26
CA GLU A 65 -11.30 -10.58 1.24
C GLU A 65 -10.74 -10.71 2.65
N GLN A 66 -10.40 -9.55 3.25
CA GLN A 66 -9.83 -9.50 4.59
C GLN A 66 -8.37 -9.98 4.57
N LYS A 67 -8.18 -11.23 4.19
CA LYS A 67 -6.84 -11.80 4.09
C LYS A 67 -6.48 -12.09 2.64
N GLN A 68 -7.12 -11.38 1.73
CA GLN A 68 -6.85 -11.55 0.30
C GLN A 68 -6.31 -10.28 -0.33
N MET A 69 -7.06 -9.18 -0.15
CA MET A 69 -6.67 -7.90 -0.74
C MET A 69 -5.60 -7.17 0.09
N LEU A 70 -5.12 -7.81 1.15
CA LEU A 70 -4.10 -7.21 1.99
C LEU A 70 -2.80 -7.02 1.23
N GLY A 71 -2.42 -8.03 0.46
CA GLY A 71 -1.18 -7.95 -0.31
C GLY A 71 -1.36 -8.35 -1.76
N GLU A 72 -2.52 -8.04 -2.32
CA GLU A 72 -2.82 -8.39 -3.72
C GLU A 72 -3.69 -7.32 -4.38
N ARG A 73 -4.09 -6.32 -3.60
CA ARG A 73 -4.91 -5.24 -4.09
C ARG A 73 -4.28 -3.90 -3.73
N LEU A 74 -3.43 -3.92 -2.70
CA LEU A 74 -2.73 -2.72 -2.27
C LEU A 74 -1.59 -2.40 -3.22
N PHE A 75 -1.18 -3.41 -3.99
CA PHE A 75 -0.08 -3.28 -4.93
C PHE A 75 -0.15 -1.97 -5.73
N PRO A 76 -1.27 -1.71 -6.43
CA PRO A 76 -1.42 -0.47 -7.22
C PRO A 76 -1.61 0.75 -6.33
N LEU A 77 -1.80 0.51 -5.03
CA LEU A 77 -2.00 1.59 -4.08
C LEU A 77 -0.70 1.95 -3.37
N ILE A 78 0.24 1.02 -3.29
CA ILE A 78 1.53 1.30 -2.69
C ILE A 78 2.31 2.26 -3.57
N GLN A 79 2.16 2.07 -4.88
CA GLN A 79 2.80 2.94 -5.86
C GLN A 79 2.51 4.40 -5.55
N ALA A 80 1.50 4.61 -4.70
CA ALA A 80 1.10 5.94 -4.27
C ALA A 80 2.00 6.43 -3.15
N MET A 81 2.29 5.54 -2.20
CA MET A 81 3.16 5.88 -1.08
C MET A 81 4.60 6.01 -1.53
N HIS A 82 4.94 5.24 -2.57
CA HIS A 82 6.29 5.17 -3.06
C HIS A 82 6.38 5.51 -4.54
N PRO A 83 7.56 5.93 -5.03
CA PRO A 83 7.77 6.20 -6.44
C PRO A 83 7.71 4.91 -7.26
N THR A 84 6.50 4.39 -7.42
CA THR A 84 6.27 3.13 -8.12
C THR A 84 7.26 2.06 -7.66
N LEU A 85 7.64 2.11 -6.38
CA LEU A 85 8.58 1.17 -5.81
C LEU A 85 7.89 -0.11 -5.36
N ALA A 86 6.58 -0.18 -5.59
CA ALA A 86 5.78 -1.34 -5.23
C ALA A 86 6.00 -2.48 -6.20
N GLY A 87 7.24 -2.95 -6.29
CA GLY A 87 7.55 -4.07 -7.15
C GLY A 87 7.48 -5.37 -6.38
N LYS A 88 7.35 -5.23 -5.06
CA LYS A 88 7.27 -6.37 -4.16
C LYS A 88 7.03 -5.91 -2.72
N ILE A 89 6.35 -4.77 -2.55
CA ILE A 89 6.09 -4.28 -1.21
C ILE A 89 4.91 -5.01 -0.56
N THR A 90 3.70 -4.47 -0.75
CA THR A 90 2.49 -5.05 -0.19
C THR A 90 2.40 -6.55 -0.52
N GLY A 91 2.72 -6.89 -1.77
CA GLY A 91 2.69 -8.27 -2.17
C GLY A 91 3.52 -9.13 -1.24
N MET A 92 4.60 -8.55 -0.74
CA MET A 92 5.47 -9.24 0.18
C MET A 92 4.95 -9.14 1.61
N LEU A 93 4.11 -8.13 1.84
CA LEU A 93 3.51 -7.95 3.15
C LEU A 93 2.65 -9.15 3.51
N LEU A 94 2.51 -10.06 2.54
CA LEU A 94 1.79 -11.29 2.75
C LEU A 94 2.78 -12.43 2.89
N GLU A 95 4.00 -12.09 3.30
CA GLU A 95 5.07 -13.07 3.46
C GLU A 95 6.23 -12.49 4.27
N ILE A 96 6.11 -11.24 4.72
CA ILE A 96 7.18 -10.61 5.51
C ILE A 96 7.44 -11.34 6.82
N ASP A 97 7.95 -10.59 7.80
CA ASP A 97 8.22 -11.10 9.13
C ASP A 97 6.96 -11.65 9.77
N ASN A 98 5.83 -11.50 9.07
CA ASN A 98 4.53 -11.96 9.55
C ASN A 98 3.92 -10.99 10.54
N SER A 99 4.78 -10.38 11.35
CA SER A 99 4.34 -9.41 12.33
C SER A 99 3.78 -8.18 11.62
N GLU A 100 4.27 -7.94 10.40
CA GLU A 100 3.80 -6.85 9.59
C GLU A 100 2.52 -7.27 8.85
N LEU A 101 2.39 -8.58 8.66
CA LEU A 101 1.20 -9.14 8.03
C LEU A 101 0.05 -9.11 9.02
N LEU A 102 0.39 -9.13 10.31
CA LEU A 102 -0.60 -9.12 11.37
C LEU A 102 -0.98 -7.71 11.78
N HIS A 103 0.03 -6.87 11.95
CA HIS A 103 -0.18 -5.50 12.38
C HIS A 103 -0.88 -4.67 11.31
N MET A 104 -0.56 -4.93 10.05
CA MET A 104 -1.18 -4.21 8.93
C MET A 104 -2.68 -4.42 8.91
N LEU A 105 -3.11 -5.62 9.30
CA LEU A 105 -4.53 -5.97 9.31
C LEU A 105 -5.20 -5.50 10.58
N GLU A 106 -4.37 -5.14 11.57
CA GLU A 106 -4.89 -4.72 12.86
C GLU A 106 -4.75 -3.22 13.07
N SER A 107 -4.02 -2.55 12.18
CA SER A 107 -3.81 -1.12 12.33
C SER A 107 -3.87 -0.39 10.98
N PRO A 108 -4.64 0.71 10.91
CA PRO A 108 -4.78 1.51 9.69
C PRO A 108 -3.52 2.33 9.39
N GLU A 109 -2.47 2.07 10.17
CA GLU A 109 -1.20 2.77 10.01
C GLU A 109 -0.07 1.77 9.88
N SER A 110 -0.25 0.60 10.47
CA SER A 110 0.76 -0.44 10.40
C SER A 110 0.96 -0.87 8.96
N LEU A 111 -0.15 -1.16 8.30
CA LEU A 111 -0.10 -1.57 6.90
C LEU A 111 0.74 -0.60 6.07
N ARG A 112 0.71 0.67 6.44
CA ARG A 112 1.44 1.70 5.71
C ARG A 112 2.88 1.80 6.19
N SER A 113 3.06 2.09 7.48
CA SER A 113 4.40 2.24 8.06
C SER A 113 5.22 0.97 7.85
N LYS A 114 4.55 -0.18 7.89
CA LYS A 114 5.23 -1.46 7.70
C LYS A 114 5.48 -1.70 6.22
N VAL A 115 4.62 -1.15 5.37
CA VAL A 115 4.79 -1.28 3.94
C VAL A 115 6.01 -0.46 3.49
N ASP A 116 6.00 0.83 3.86
CA ASP A 116 7.10 1.72 3.54
C ASP A 116 8.43 1.18 4.09
N GLU A 117 8.36 0.55 5.26
CA GLU A 117 9.54 -0.03 5.88
C GLU A 117 9.90 -1.33 5.16
N ALA A 118 8.89 -2.06 4.73
CA ALA A 118 9.10 -3.28 3.97
C ALA A 118 9.81 -2.95 2.67
N VAL A 119 9.56 -1.76 2.16
CA VAL A 119 10.20 -1.29 0.95
C VAL A 119 11.70 -1.36 1.11
N ALA A 120 12.18 -0.68 2.15
CA ALA A 120 13.59 -0.66 2.47
C ALA A 120 14.12 -2.08 2.57
N VAL A 121 13.22 -3.01 2.86
CA VAL A 121 13.56 -4.42 2.97
C VAL A 121 13.50 -5.10 1.61
N LEU A 122 12.60 -4.63 0.76
CA LEU A 122 12.44 -5.16 -0.58
C LEU A 122 13.62 -4.75 -1.44
N GLN A 123 14.01 -3.50 -1.32
CA GLN A 123 15.15 -2.97 -2.06
C GLN A 123 16.44 -3.63 -1.60
N ALA A 124 16.46 -3.97 -0.32
CA ALA A 124 17.61 -4.64 0.29
C ALA A 124 17.61 -6.13 0.00
N HIS A 125 16.49 -6.64 -0.51
CA HIS A 125 16.35 -8.05 -0.80
C HIS A 125 16.08 -8.28 -2.29
N GLN A 126 16.17 -7.22 -3.08
CA GLN A 126 15.93 -7.31 -4.52
C GLN A 126 17.20 -7.77 -5.25
N ALA A 127 17.93 -6.83 -5.82
CA ALA A 127 19.15 -7.14 -6.56
C ALA A 127 20.39 -6.99 -5.68
N LYS A 128 20.20 -7.08 -4.37
CA LYS A 128 21.31 -6.94 -3.43
C LYS A 128 22.02 -8.28 -3.21
N GLU A 129 22.57 -8.46 -2.01
CA GLU A 129 23.26 -9.69 -1.66
C GLU A 129 22.27 -10.79 -1.32
N ALA A 130 20.99 -10.44 -1.32
CA ALA A 130 19.92 -11.39 -1.01
C ALA A 130 19.88 -12.51 -2.05
N ALA A 131 20.02 -12.13 -3.31
CA ALA A 131 19.99 -13.09 -4.41
C ALA A 131 21.38 -13.68 -4.65
N GLN A 132 22.39 -13.05 -4.06
CA GLN A 132 23.77 -13.51 -4.20
C GLN A 132 24.14 -14.48 -3.08
N LYS A 133 25.43 -14.72 -2.90
CA LYS A 133 25.92 -15.63 -1.87
C LYS A 133 25.64 -15.06 -0.47
N ALA A 134 25.65 -15.94 0.53
CA ALA A 134 25.41 -15.52 1.91
C ALA A 134 26.68 -14.95 2.53
N VAL A 135 27.76 -15.73 2.47
CA VAL A 135 29.04 -15.31 3.03
C VAL A 135 29.90 -14.65 1.96
N ASN A 136 30.40 -13.45 2.28
CA ASN A 136 31.26 -12.71 1.34
C ASN A 136 32.73 -13.00 1.60
N SER A 137 33.00 -13.78 2.64
CA SER A 137 34.36 -14.14 3.00
C SER A 137 34.88 -15.26 2.09
N ALA A 138 36.20 -15.35 1.96
CA ALA A 138 36.81 -16.37 1.13
C ALA A 138 36.58 -17.76 1.71
N THR A 139 35.58 -18.45 1.19
CA THR A 139 35.25 -19.80 1.66
C THR A 139 36.04 -20.85 0.90
N GLY A 140 36.23 -22.01 1.54
CA GLY A 140 36.97 -23.09 0.91
C GLY A 140 36.07 -24.20 0.43
N VAL A 141 35.41 -23.97 -0.71
CA VAL A 141 34.51 -24.96 -1.28
C VAL A 141 35.27 -25.93 -2.19
N PRO A 142 34.76 -27.17 -2.34
CA PRO A 142 35.40 -28.19 -3.19
C PRO A 142 35.46 -27.78 -4.65
N THR A 143 36.13 -28.59 -5.47
CA THR A 143 36.26 -28.31 -6.89
C THR A 143 35.03 -28.76 -7.66
N VAL A 144 34.28 -27.81 -8.21
CA VAL A 144 33.09 -28.12 -8.97
C VAL A 144 33.22 -27.70 -10.43
N GLY A 1 -3.59 -21.53 20.41
CA GLY A 1 -2.66 -20.63 21.15
C GLY A 1 -2.60 -19.23 20.55
N PRO A 2 -1.77 -19.02 19.50
CA PRO A 2 -1.66 -17.71 18.85
C PRO A 2 -2.94 -17.29 18.14
N LEU A 3 -3.77 -18.27 17.81
CA LEU A 3 -5.04 -18.01 17.14
C LEU A 3 -6.18 -17.90 18.14
N GLY A 4 -6.73 -16.69 18.26
CA GLY A 4 -7.83 -16.46 19.19
C GLY A 4 -9.18 -16.54 18.52
N SER A 5 -9.18 -16.62 17.20
CA SER A 5 -10.42 -16.70 16.43
C SER A 5 -10.65 -18.11 15.91
N ALA A 6 -11.85 -18.64 16.17
CA ALA A 6 -12.20 -19.98 15.72
C ALA A 6 -13.31 -19.95 14.68
N ALA A 7 -12.92 -19.90 13.41
CA ALA A 7 -13.89 -19.87 12.32
C ALA A 7 -14.02 -21.23 11.66
N ALA A 8 -15.01 -21.36 10.78
CA ALA A 8 -15.25 -22.62 10.08
C ALA A 8 -14.24 -22.82 8.95
N ALA A 9 -14.07 -24.07 8.54
CA ALA A 9 -13.12 -24.40 7.48
C ALA A 9 -13.60 -23.86 6.13
N THR A 10 -12.73 -23.93 5.13
CA THR A 10 -13.06 -23.44 3.79
C THR A 10 -14.06 -24.37 3.11
N PRO A 11 -15.06 -23.81 2.39
CA PRO A 11 -15.22 -22.36 2.24
C PRO A 11 -15.87 -21.71 3.47
N ALA A 12 -15.61 -20.43 3.68
CA ALA A 12 -16.17 -19.71 4.81
C ALA A 12 -17.49 -19.05 4.42
N VAL A 13 -18.26 -19.74 3.59
CA VAL A 13 -19.55 -19.21 3.14
C VAL A 13 -20.64 -19.48 4.18
N ARG A 14 -20.41 -20.48 5.04
CA ARG A 14 -21.36 -20.84 6.06
C ARG A 14 -21.05 -20.14 7.38
N THR A 15 -21.96 -19.28 7.83
CA THR A 15 -21.78 -18.55 9.08
C THR A 15 -22.78 -19.02 10.13
N VAL A 16 -22.28 -19.30 11.33
CA VAL A 16 -23.12 -19.75 12.42
C VAL A 16 -23.49 -18.60 13.36
N PRO A 17 -24.79 -18.45 13.68
CA PRO A 17 -25.25 -17.37 14.57
C PRO A 17 -24.62 -17.45 15.96
N GLN A 18 -24.93 -16.48 16.81
CA GLN A 18 -24.40 -16.45 18.17
C GLN A 18 -25.30 -17.21 19.12
N TYR A 19 -24.68 -18.02 19.99
CA TYR A 19 -25.44 -18.80 20.97
C TYR A 19 -25.97 -17.92 22.09
N LYS A 20 -25.48 -16.69 22.14
CA LYS A 20 -25.89 -15.74 23.17
C LYS A 20 -27.21 -15.06 22.78
N TYR A 21 -27.74 -14.25 23.70
CA TYR A 21 -29.00 -13.56 23.45
C TYR A 21 -28.82 -12.48 22.37
N ALA A 22 -27.56 -12.13 22.10
CA ALA A 22 -27.26 -11.13 21.09
C ALA A 22 -27.07 -11.76 19.72
N ALA A 23 -28.18 -12.05 19.05
CA ALA A 23 -28.14 -12.66 17.73
C ALA A 23 -27.58 -11.69 16.69
N GLY A 24 -26.35 -11.94 16.27
CA GLY A 24 -25.71 -11.08 15.28
C GLY A 24 -25.99 -11.53 13.86
N VAL A 25 -27.18 -12.09 13.64
CA VAL A 25 -27.56 -12.56 12.32
C VAL A 25 -28.19 -11.44 11.50
N ARG A 26 -28.22 -10.24 12.07
CA ARG A 26 -28.80 -9.08 11.40
C ARG A 26 -27.77 -8.43 10.48
N ASN A 27 -27.05 -9.25 9.72
CA ASN A 27 -26.04 -8.75 8.80
C ASN A 27 -26.69 -8.06 7.60
N PRO A 28 -26.10 -6.94 7.14
CA PRO A 28 -26.62 -6.18 6.00
C PRO A 28 -26.25 -6.81 4.65
N GLN A 29 -25.98 -8.11 4.68
CA GLN A 29 -25.61 -8.84 3.46
C GLN A 29 -26.85 -9.32 2.70
N GLN A 30 -27.93 -8.55 2.80
CA GLN A 30 -29.18 -8.91 2.13
C GLN A 30 -29.10 -8.60 0.63
N HIS A 31 -29.21 -7.32 0.29
CA HIS A 31 -29.15 -6.89 -1.10
C HIS A 31 -28.03 -5.87 -1.31
N LEU A 32 -27.57 -5.27 -0.21
CA LEU A 32 -26.49 -4.28 -0.28
C LEU A 32 -25.15 -4.92 0.03
N ASN A 33 -24.21 -4.81 -0.91
CA ASN A 33 -22.88 -5.38 -0.74
C ASN A 33 -21.99 -4.45 0.07
N ALA A 34 -21.14 -5.04 0.90
CA ALA A 34 -20.22 -4.26 1.74
C ALA A 34 -18.98 -3.86 0.97
N GLN A 35 -18.94 -4.22 -0.31
CA GLN A 35 -17.79 -3.88 -1.16
C GLN A 35 -17.94 -2.49 -1.75
N PRO A 36 -17.07 -1.54 -1.36
CA PRO A 36 -17.12 -0.16 -1.85
C PRO A 36 -16.68 -0.05 -3.31
N GLN A 37 -17.13 1.01 -3.97
CA GLN A 37 -16.79 1.24 -5.38
C GLN A 37 -15.39 1.85 -5.50
N VAL A 38 -14.92 1.96 -6.73
CA VAL A 38 -13.60 2.54 -7.00
C VAL A 38 -13.69 4.05 -7.12
N THR A 39 -12.75 4.74 -6.49
CA THR A 39 -12.72 6.21 -6.52
C THR A 39 -11.67 6.72 -7.49
N MET A 40 -11.61 6.10 -8.67
CA MET A 40 -10.65 6.49 -9.69
C MET A 40 -11.24 7.54 -10.62
N GLN A 41 -10.54 7.79 -11.73
CA GLN A 41 -10.98 8.77 -12.72
C GLN A 41 -11.11 10.16 -12.10
N GLN A 42 -10.05 10.95 -12.21
CA GLN A 42 -10.03 12.31 -11.67
C GLN A 42 -10.35 12.30 -10.18
N PRO A 43 -9.35 12.08 -9.32
CA PRO A 43 -9.53 12.06 -7.86
C PRO A 43 -10.00 13.41 -7.33
N ALA A 44 -11.14 13.40 -6.62
CA ALA A 44 -11.68 14.62 -6.06
C ALA A 44 -10.73 15.24 -5.04
N VAL A 45 -10.53 16.55 -5.13
CA VAL A 45 -9.63 17.25 -4.23
C VAL A 45 -10.42 17.91 -3.09
N HIS A 46 -10.82 17.11 -2.11
CA HIS A 46 -11.57 17.62 -0.96
C HIS A 46 -10.71 17.58 0.30
N VAL A 47 -10.19 16.41 0.62
CA VAL A 47 -9.34 16.23 1.80
C VAL A 47 -7.88 16.07 1.40
N GLN A 48 -6.98 16.58 2.23
CA GLN A 48 -5.55 16.49 1.96
C GLN A 48 -5.02 15.09 2.27
N GLY A 49 -5.65 14.42 3.23
CA GLY A 49 -5.22 13.09 3.60
C GLY A 49 -6.09 12.00 2.98
N GLN A 50 -5.64 11.47 1.85
CA GLN A 50 -6.38 10.42 1.16
C GLN A 50 -5.87 9.04 1.56
N GLU A 51 -6.55 8.42 2.51
CA GLU A 51 -6.17 7.09 2.98
C GLU A 51 -6.90 6.00 2.19
N PRO A 52 -6.19 5.32 1.27
CA PRO A 52 -6.78 4.25 0.45
C PRO A 52 -6.86 2.93 1.20
N LEU A 53 -6.17 1.91 0.70
CA LEU A 53 -6.16 0.59 1.30
C LEU A 53 -5.43 0.61 2.65
N THR A 54 -6.03 -0.02 3.65
CA THR A 54 -5.43 -0.12 4.97
C THR A 54 -6.23 -1.10 5.84
N ALA A 55 -5.83 -1.23 7.10
CA ALA A 55 -6.50 -2.15 8.02
C ALA A 55 -8.01 -1.93 8.04
N SER A 56 -8.43 -0.68 7.87
CA SER A 56 -9.86 -0.35 7.87
C SER A 56 -10.54 -0.92 6.64
N MET A 57 -9.95 -0.69 5.48
CA MET A 57 -10.49 -1.18 4.22
C MET A 57 -10.62 -2.70 4.27
N LEU A 58 -9.61 -3.34 4.84
CA LEU A 58 -9.59 -4.78 4.99
C LEU A 58 -10.72 -5.23 5.91
N ALA A 59 -10.89 -4.52 7.01
CA ALA A 59 -11.93 -4.83 7.98
C ALA A 59 -13.31 -4.67 7.36
N SER A 60 -13.36 -4.10 6.16
CA SER A 60 -14.61 -3.90 5.45
C SER A 60 -15.02 -5.16 4.68
N ALA A 61 -14.11 -6.13 4.62
CA ALA A 61 -14.38 -7.38 3.93
C ALA A 61 -13.95 -8.60 4.77
N PRO A 62 -14.45 -8.70 6.03
CA PRO A 62 -14.10 -9.78 6.93
C PRO A 62 -15.20 -10.85 7.05
N PRO A 63 -14.90 -12.11 6.70
CA PRO A 63 -13.60 -12.55 6.21
C PRO A 63 -13.57 -12.66 4.69
N GLN A 64 -14.34 -11.80 4.02
CA GLN A 64 -14.42 -11.82 2.57
C GLN A 64 -13.04 -11.72 1.93
N GLU A 65 -12.58 -10.50 1.68
CA GLU A 65 -11.28 -10.30 1.07
C GLU A 65 -10.28 -9.75 2.08
N GLN A 66 -10.59 -9.95 3.36
CA GLN A 66 -9.72 -9.49 4.45
C GLN A 66 -8.30 -9.99 4.26
N LYS A 67 -8.16 -11.30 4.08
CA LYS A 67 -6.84 -11.90 3.89
C LYS A 67 -6.56 -12.17 2.41
N GLN A 68 -7.05 -11.27 1.55
CA GLN A 68 -6.85 -11.40 0.11
C GLN A 68 -6.40 -10.08 -0.50
N MET A 69 -7.13 -9.01 -0.19
CA MET A 69 -6.82 -7.69 -0.73
C MET A 69 -5.67 -7.02 0.01
N LEU A 70 -5.23 -7.63 1.10
CA LEU A 70 -4.14 -7.07 1.89
C LEU A 70 -2.86 -6.95 1.08
N GLY A 71 -2.64 -7.89 0.18
CA GLY A 71 -1.44 -7.87 -0.63
C GLY A 71 -1.69 -8.23 -2.08
N GLU A 72 -2.91 -7.95 -2.55
CA GLU A 72 -3.28 -8.24 -3.94
C GLU A 72 -4.06 -7.08 -4.55
N ARG A 73 -4.42 -6.11 -3.72
CA ARG A 73 -5.16 -4.94 -4.17
C ARG A 73 -4.43 -3.67 -3.78
N LEU A 74 -3.54 -3.81 -2.81
CA LEU A 74 -2.76 -2.69 -2.32
C LEU A 74 -1.59 -2.39 -3.25
N PHE A 75 -1.08 -3.43 -3.90
CA PHE A 75 0.07 -3.31 -4.77
C PHE A 75 0.02 -2.03 -5.62
N PRO A 76 -1.09 -1.79 -6.36
CA PRO A 76 -1.23 -0.59 -7.19
C PRO A 76 -1.33 0.69 -6.35
N LEU A 77 -1.73 0.53 -5.09
CA LEU A 77 -1.89 1.65 -4.19
C LEU A 77 -0.59 1.96 -3.46
N ILE A 78 0.33 0.99 -3.41
CA ILE A 78 1.62 1.18 -2.77
C ILE A 78 2.49 2.10 -3.61
N GLN A 79 2.36 1.97 -4.92
CA GLN A 79 3.10 2.83 -5.85
C GLN A 79 2.86 4.29 -5.51
N ALA A 80 1.80 4.52 -4.74
CA ALA A 80 1.45 5.86 -4.28
C ALA A 80 2.29 6.26 -3.09
N MET A 81 2.55 5.30 -2.20
CA MET A 81 3.35 5.56 -1.00
C MET A 81 4.80 5.79 -1.37
N HIS A 82 5.29 4.98 -2.31
CA HIS A 82 6.68 5.05 -2.74
C HIS A 82 6.76 5.30 -4.24
N PRO A 83 7.85 5.94 -4.72
CA PRO A 83 8.04 6.20 -6.14
C PRO A 83 8.02 4.91 -6.96
N THR A 84 6.81 4.44 -7.28
CA THR A 84 6.62 3.20 -8.03
C THR A 84 7.58 2.12 -7.57
N LEU A 85 7.85 2.07 -6.26
CA LEU A 85 8.75 1.09 -5.68
C LEU A 85 7.99 -0.16 -5.24
N ALA A 86 6.71 -0.21 -5.58
CA ALA A 86 5.86 -1.34 -5.20
C ALA A 86 6.09 -2.54 -6.13
N GLY A 87 7.36 -2.83 -6.40
CA GLY A 87 7.68 -3.98 -7.23
C GLY A 87 7.55 -5.27 -6.46
N LYS A 88 7.40 -5.16 -5.14
CA LYS A 88 7.26 -6.32 -4.28
C LYS A 88 7.01 -5.88 -2.83
N ILE A 89 6.33 -4.76 -2.65
CA ILE A 89 6.03 -4.28 -1.31
C ILE A 89 4.82 -5.02 -0.72
N THR A 90 3.63 -4.48 -0.96
CA THR A 90 2.39 -5.09 -0.46
C THR A 90 2.33 -6.56 -0.79
N GLY A 91 2.71 -6.91 -2.01
CA GLY A 91 2.71 -8.31 -2.41
C GLY A 91 3.53 -9.14 -1.45
N MET A 92 4.56 -8.53 -0.89
CA MET A 92 5.43 -9.20 0.07
C MET A 92 4.83 -9.13 1.46
N LEU A 93 3.97 -8.14 1.66
CA LEU A 93 3.29 -7.97 2.94
C LEU A 93 2.43 -9.18 3.25
N LEU A 94 2.31 -10.07 2.26
CA LEU A 94 1.58 -11.31 2.43
C LEU A 94 2.58 -12.45 2.54
N GLU A 95 3.79 -12.11 3.02
CA GLU A 95 4.86 -13.09 3.15
C GLU A 95 6.02 -12.53 3.97
N ILE A 96 5.86 -11.29 4.44
CA ILE A 96 6.91 -10.63 5.24
C ILE A 96 7.17 -11.38 6.55
N ASP A 97 7.66 -10.63 7.54
CA ASP A 97 7.92 -11.15 8.86
C ASP A 97 6.65 -11.70 9.50
N ASN A 98 5.53 -11.57 8.79
CA ASN A 98 4.22 -12.04 9.26
C ASN A 98 3.63 -11.07 10.25
N SER A 99 4.48 -10.47 11.06
CA SER A 99 4.03 -9.50 12.05
C SER A 99 3.50 -8.26 11.35
N GLU A 100 3.99 -8.03 10.13
CA GLU A 100 3.54 -6.91 9.33
C GLU A 100 2.27 -7.30 8.58
N LEU A 101 2.11 -8.60 8.37
CA LEU A 101 0.90 -9.12 7.74
C LEU A 101 -0.26 -9.08 8.73
N LEU A 102 0.09 -9.14 10.01
CA LEU A 102 -0.90 -9.10 11.07
C LEU A 102 -1.20 -7.66 11.49
N HIS A 103 -0.16 -6.88 11.70
CA HIS A 103 -0.31 -5.51 12.12
C HIS A 103 -1.02 -4.68 11.07
N MET A 104 -0.68 -4.89 9.80
CA MET A 104 -1.29 -4.13 8.71
C MET A 104 -2.81 -4.26 8.73
N LEU A 105 -3.30 -5.47 9.04
CA LEU A 105 -4.74 -5.72 9.09
C LEU A 105 -5.28 -5.35 10.47
N GLU A 106 -4.36 -5.04 11.37
CA GLU A 106 -4.73 -4.75 12.74
C GLU A 106 -4.55 -3.27 13.08
N SER A 107 -3.98 -2.52 12.15
CA SER A 107 -3.75 -1.10 12.38
C SER A 107 -3.86 -0.29 11.08
N PRO A 108 -4.65 0.81 11.10
CA PRO A 108 -4.84 1.67 9.92
C PRO A 108 -3.57 2.42 9.56
N GLU A 109 -2.51 2.18 10.32
CA GLU A 109 -1.23 2.82 10.09
C GLU A 109 -0.13 1.79 9.93
N SER A 110 -0.45 0.53 10.25
CA SER A 110 0.52 -0.54 10.09
C SER A 110 0.61 -0.94 8.65
N LEU A 111 -0.54 -1.09 8.01
CA LEU A 111 -0.61 -1.38 6.60
C LEU A 111 0.35 -0.44 5.86
N ARG A 112 0.36 0.81 6.28
CA ARG A 112 1.24 1.81 5.66
C ARG A 112 2.67 1.69 6.18
N SER A 113 2.85 1.89 7.48
CA SER A 113 4.18 1.83 8.09
C SER A 113 4.92 0.56 7.69
N LYS A 114 4.27 -0.58 7.90
CA LYS A 114 4.86 -1.88 7.57
C LYS A 114 5.18 -1.96 6.08
N VAL A 115 4.41 -1.26 5.25
CA VAL A 115 4.64 -1.27 3.81
C VAL A 115 5.87 -0.44 3.47
N ASP A 116 5.87 0.82 3.90
CA ASP A 116 7.00 1.72 3.67
C ASP A 116 8.29 1.11 4.23
N GLU A 117 8.15 0.36 5.31
CA GLU A 117 9.29 -0.31 5.93
C GLU A 117 9.66 -1.54 5.13
N ALA A 118 8.63 -2.24 4.64
CA ALA A 118 8.84 -3.42 3.81
C ALA A 118 9.58 -3.02 2.54
N VAL A 119 9.46 -1.75 2.16
CA VAL A 119 10.16 -1.25 1.00
C VAL A 119 11.65 -1.25 1.27
N ALA A 120 12.03 -0.67 2.39
CA ALA A 120 13.43 -0.64 2.79
C ALA A 120 13.96 -2.07 2.89
N VAL A 121 13.04 -2.99 3.11
CA VAL A 121 13.36 -4.40 3.22
C VAL A 121 13.41 -5.05 1.83
N LEU A 122 12.57 -4.55 0.93
CA LEU A 122 12.51 -5.06 -0.42
C LEU A 122 13.70 -4.57 -1.22
N GLN A 123 14.11 -3.33 -0.96
CA GLN A 123 15.26 -2.75 -1.61
C GLN A 123 16.52 -3.52 -1.23
N ALA A 124 16.59 -3.92 0.02
CA ALA A 124 17.71 -4.72 0.52
C ALA A 124 17.73 -6.07 -0.17
N HIS A 125 16.87 -6.98 0.29
CA HIS A 125 16.80 -8.33 -0.24
C HIS A 125 17.10 -8.38 -1.73
N GLN A 126 16.72 -7.33 -2.45
CA GLN A 126 16.98 -7.24 -3.87
C GLN A 126 18.46 -6.96 -4.16
N ALA A 127 18.88 -5.71 -3.95
CA ALA A 127 20.26 -5.30 -4.23
C ALA A 127 21.15 -5.33 -2.99
N LYS A 128 20.87 -6.22 -2.05
CA LYS A 128 21.70 -6.34 -0.84
C LYS A 128 22.74 -7.43 -1.00
N GLU A 129 23.20 -7.95 0.13
CA GLU A 129 24.14 -9.06 0.14
C GLU A 129 23.38 -10.38 0.08
N ALA A 130 22.15 -10.29 -0.40
CA ALA A 130 21.27 -11.45 -0.48
C ALA A 130 21.89 -12.55 -1.34
N ALA A 131 22.31 -12.18 -2.55
CA ALA A 131 22.91 -13.13 -3.46
C ALA A 131 24.42 -13.27 -3.20
N GLN A 132 25.14 -13.81 -4.17
CA GLN A 132 26.58 -14.00 -4.04
C GLN A 132 27.31 -12.66 -4.04
N LYS A 133 27.49 -12.08 -5.23
CA LYS A 133 28.17 -10.81 -5.36
C LYS A 133 27.19 -9.65 -5.26
N ALA A 134 27.71 -8.43 -5.29
CA ALA A 134 26.88 -7.24 -5.20
C ALA A 134 26.06 -7.05 -6.48
N VAL A 135 26.59 -7.54 -7.59
CA VAL A 135 25.91 -7.44 -8.87
C VAL A 135 24.77 -8.45 -8.98
N ASN A 136 23.70 -8.07 -9.69
CA ASN A 136 22.55 -8.95 -9.87
C ASN A 136 22.80 -9.95 -11.00
N SER A 137 22.21 -11.13 -10.85
CA SER A 137 22.37 -12.19 -11.85
C SER A 137 21.14 -12.24 -12.77
N ALA A 138 21.31 -12.87 -13.93
CA ALA A 138 20.21 -13.00 -14.89
C ALA A 138 19.15 -13.96 -14.39
N THR A 139 18.25 -14.37 -15.28
CA THR A 139 17.19 -15.30 -14.93
C THR A 139 17.66 -16.75 -15.08
N GLY A 140 17.82 -17.18 -16.32
CA GLY A 140 18.26 -18.54 -16.58
C GLY A 140 19.77 -18.64 -16.65
N VAL A 141 20.42 -18.53 -15.51
CA VAL A 141 21.89 -18.61 -15.43
C VAL A 141 22.34 -20.03 -15.07
N PRO A 142 22.85 -20.79 -16.06
CA PRO A 142 23.31 -22.16 -15.83
C PRO A 142 24.69 -22.20 -15.20
N THR A 143 24.84 -23.03 -14.17
CA THR A 143 26.12 -23.18 -13.49
C THR A 143 26.84 -24.44 -13.95
N VAL A 144 26.10 -25.32 -14.61
CA VAL A 144 26.67 -26.57 -15.12
C VAL A 144 26.51 -26.67 -16.62
N GLY A 1 -31.31 -27.59 18.75
CA GLY A 1 -30.34 -28.71 18.60
C GLY A 1 -30.28 -29.25 17.19
N PRO A 2 -29.57 -28.56 16.27
CA PRO A 2 -29.46 -28.99 14.87
C PRO A 2 -28.58 -30.22 14.72
N LEU A 3 -29.01 -31.16 13.89
CA LEU A 3 -28.26 -32.38 13.64
C LEU A 3 -27.42 -32.27 12.39
N GLY A 4 -27.82 -31.37 11.48
CA GLY A 4 -27.09 -31.18 10.25
C GLY A 4 -25.88 -30.28 10.41
N SER A 5 -24.83 -30.82 11.02
CA SER A 5 -23.60 -30.07 11.24
C SER A 5 -22.69 -30.13 10.02
N ALA A 6 -22.99 -29.31 9.02
CA ALA A 6 -22.20 -29.27 7.79
C ALA A 6 -21.77 -27.84 7.46
N ALA A 7 -21.04 -27.69 6.36
CA ALA A 7 -20.56 -26.38 5.93
C ALA A 7 -21.55 -25.75 4.95
N ALA A 8 -22.51 -25.01 5.50
CA ALA A 8 -23.52 -24.34 4.68
C ALA A 8 -24.25 -23.27 5.47
N ALA A 9 -23.93 -22.00 5.21
CA ALA A 9 -24.55 -20.89 5.91
C ALA A 9 -24.58 -19.64 5.02
N THR A 10 -23.72 -19.61 4.02
CA THR A 10 -23.64 -18.47 3.11
C THR A 10 -23.08 -18.89 1.74
N PRO A 11 -21.90 -19.54 1.70
CA PRO A 11 -21.28 -19.98 0.44
C PRO A 11 -22.12 -21.05 -0.26
N ALA A 12 -22.67 -21.97 0.53
CA ALA A 12 -23.49 -23.05 0.00
C ALA A 12 -24.95 -22.62 -0.14
N VAL A 13 -25.20 -21.71 -1.08
CA VAL A 13 -26.55 -21.21 -1.32
C VAL A 13 -27.34 -22.17 -2.21
N ARG A 14 -28.65 -22.24 -1.99
CA ARG A 14 -29.51 -23.12 -2.76
C ARG A 14 -30.06 -22.40 -4.00
N THR A 15 -29.58 -21.18 -4.23
CA THR A 15 -30.02 -20.40 -5.38
C THR A 15 -28.97 -20.42 -6.48
N VAL A 16 -29.41 -20.10 -7.70
CA VAL A 16 -28.52 -20.09 -8.85
C VAL A 16 -28.03 -18.67 -9.18
N PRO A 17 -28.94 -17.69 -9.33
CA PRO A 17 -28.58 -16.31 -9.63
C PRO A 17 -27.93 -15.60 -8.45
N GLN A 18 -26.80 -14.95 -8.70
CA GLN A 18 -26.09 -14.23 -7.64
C GLN A 18 -26.68 -12.84 -7.45
N TYR A 19 -26.37 -12.23 -6.30
CA TYR A 19 -26.87 -10.89 -5.99
C TYR A 19 -26.14 -9.83 -6.81
N LYS A 20 -25.04 -9.33 -6.26
CA LYS A 20 -24.25 -8.31 -6.93
C LYS A 20 -23.48 -8.92 -8.10
N TYR A 21 -23.73 -8.39 -9.30
CA TYR A 21 -23.06 -8.88 -10.51
C TYR A 21 -21.66 -8.31 -10.63
N ALA A 22 -20.85 -8.93 -11.48
CA ALA A 22 -19.47 -8.48 -11.69
C ALA A 22 -19.42 -7.33 -12.68
N ALA A 23 -19.97 -7.55 -13.88
CA ALA A 23 -20.00 -6.52 -14.91
C ALA A 23 -21.09 -5.49 -14.65
N GLY A 24 -20.70 -4.22 -14.57
CA GLY A 24 -21.66 -3.17 -14.32
C GLY A 24 -22.42 -2.75 -15.57
N VAL A 25 -21.85 -3.06 -16.73
CA VAL A 25 -22.49 -2.72 -18.00
C VAL A 25 -23.06 -3.97 -18.67
N ARG A 26 -24.28 -3.84 -19.18
CA ARG A 26 -24.96 -4.94 -19.85
C ARG A 26 -24.77 -4.87 -21.36
N ASN A 27 -24.97 -5.99 -22.04
CA ASN A 27 -24.82 -6.05 -23.49
C ASN A 27 -25.94 -5.27 -24.19
N PRO A 28 -25.63 -4.61 -25.32
CA PRO A 28 -26.61 -3.83 -26.07
C PRO A 28 -27.68 -4.71 -26.70
N GLN A 29 -28.78 -4.91 -25.97
CA GLN A 29 -29.88 -5.73 -26.46
C GLN A 29 -31.01 -4.86 -27.00
N GLN A 30 -30.67 -3.65 -27.42
CA GLN A 30 -31.65 -2.71 -27.96
C GLN A 30 -31.85 -2.94 -29.45
N HIS A 31 -31.07 -2.22 -30.26
CA HIS A 31 -31.16 -2.34 -31.72
C HIS A 31 -30.00 -1.62 -32.40
N LEU A 32 -29.57 -0.51 -31.80
CA LEU A 32 -28.46 0.26 -32.35
C LEU A 32 -27.15 -0.48 -32.22
N ASN A 33 -26.19 -0.14 -33.09
CA ASN A 33 -24.89 -0.79 -33.07
C ASN A 33 -23.87 0.07 -32.32
N ALA A 34 -23.81 -0.10 -31.01
CA ALA A 34 -22.88 0.66 -30.18
C ALA A 34 -21.59 -0.11 -29.97
N GLN A 35 -20.62 0.12 -30.84
CA GLN A 35 -19.33 -0.55 -30.75
C GLN A 35 -18.41 0.15 -29.73
N PRO A 36 -18.24 1.48 -29.84
CA PRO A 36 -17.37 2.23 -28.92
C PRO A 36 -18.07 2.52 -27.59
N GLN A 37 -18.31 1.47 -26.81
CA GLN A 37 -18.95 1.61 -25.51
C GLN A 37 -17.92 1.76 -24.40
N VAL A 38 -16.73 2.23 -24.76
CA VAL A 38 -15.66 2.41 -23.79
C VAL A 38 -15.83 3.72 -23.03
N THR A 39 -16.64 4.62 -23.59
CA THR A 39 -16.89 5.91 -22.96
C THR A 39 -17.96 5.79 -21.88
N MET A 40 -17.57 6.09 -20.64
CA MET A 40 -18.49 6.03 -19.51
C MET A 40 -18.99 7.42 -19.12
N GLN A 41 -19.80 7.48 -18.08
CA GLN A 41 -20.35 8.75 -17.61
C GLN A 41 -20.84 8.64 -16.17
N GLN A 42 -20.43 9.59 -15.34
CA GLN A 42 -20.83 9.61 -13.93
C GLN A 42 -20.46 8.29 -13.24
N PRO A 43 -19.17 8.05 -13.02
CA PRO A 43 -18.69 6.81 -12.37
C PRO A 43 -18.97 6.81 -10.88
N ALA A 44 -20.19 6.41 -10.51
CA ALA A 44 -20.59 6.35 -9.10
C ALA A 44 -19.82 5.26 -8.38
N VAL A 45 -18.90 5.67 -7.51
CA VAL A 45 -18.08 4.73 -6.75
C VAL A 45 -18.71 4.42 -5.39
N HIS A 46 -18.77 3.14 -5.05
CA HIS A 46 -19.34 2.71 -3.78
C HIS A 46 -18.25 2.60 -2.72
N VAL A 47 -17.23 3.44 -2.84
CA VAL A 47 -16.12 3.44 -1.89
C VAL A 47 -16.39 4.39 -0.73
N GLN A 48 -15.87 4.04 0.44
CA GLN A 48 -16.03 4.86 1.64
C GLN A 48 -15.20 6.14 1.53
N GLY A 49 -15.03 6.82 2.66
CA GLY A 49 -14.26 8.05 2.68
C GLY A 49 -12.77 7.80 2.58
N GLN A 50 -12.35 6.59 2.91
CA GLN A 50 -10.95 6.22 2.86
C GLN A 50 -10.57 5.65 1.50
N GLU A 51 -9.74 6.39 0.76
CA GLU A 51 -9.31 5.96 -0.57
C GLU A 51 -8.16 4.96 -0.50
N PRO A 52 -7.08 5.26 0.26
CA PRO A 52 -5.93 4.35 0.37
C PRO A 52 -6.28 3.05 1.09
N LEU A 53 -5.61 1.97 0.69
CA LEU A 53 -5.84 0.67 1.29
C LEU A 53 -5.16 0.58 2.66
N THR A 54 -5.87 -0.02 3.62
CA THR A 54 -5.33 -0.17 4.97
C THR A 54 -6.17 -1.15 5.77
N ALA A 55 -5.77 -1.38 7.01
CA ALA A 55 -6.46 -2.32 7.89
C ALA A 55 -7.96 -2.06 7.89
N SER A 56 -8.35 -0.79 7.89
CA SER A 56 -9.76 -0.42 7.89
C SER A 56 -10.46 -1.01 6.66
N MET A 57 -9.85 -0.83 5.50
CA MET A 57 -10.40 -1.36 4.25
C MET A 57 -10.56 -2.87 4.35
N LEU A 58 -9.56 -3.52 4.92
CA LEU A 58 -9.58 -4.97 5.09
C LEU A 58 -10.77 -5.39 5.96
N ALA A 59 -10.97 -4.67 7.06
CA ALA A 59 -12.06 -4.95 7.98
C ALA A 59 -13.42 -4.76 7.31
N SER A 60 -13.42 -4.13 6.13
CA SER A 60 -14.66 -3.89 5.40
C SER A 60 -15.17 -5.16 4.72
N ALA A 61 -14.32 -6.18 4.69
CA ALA A 61 -14.69 -7.46 4.06
C ALA A 61 -14.21 -8.65 4.90
N PRO A 62 -14.68 -8.76 6.15
CA PRO A 62 -14.30 -9.85 7.05
C PRO A 62 -15.34 -10.96 7.13
N PRO A 63 -14.95 -12.22 6.85
CA PRO A 63 -13.60 -12.60 6.46
C PRO A 63 -13.44 -12.73 4.95
N GLN A 64 -14.22 -11.94 4.21
CA GLN A 64 -14.19 -11.98 2.75
C GLN A 64 -12.77 -11.83 2.21
N GLU A 65 -12.33 -10.58 2.05
CA GLU A 65 -11.01 -10.30 1.53
C GLU A 65 -10.08 -9.82 2.63
N GLN A 66 -10.36 -10.26 3.86
CA GLN A 66 -9.57 -9.89 5.02
C GLN A 66 -8.18 -10.49 4.96
N LYS A 67 -8.02 -11.51 4.13
CA LYS A 67 -6.74 -12.18 3.97
C LYS A 67 -6.38 -12.34 2.51
N GLN A 68 -6.88 -11.42 1.68
CA GLN A 68 -6.63 -11.49 0.24
C GLN A 68 -6.18 -10.15 -0.33
N MET A 69 -7.00 -9.12 -0.16
CA MET A 69 -6.70 -7.80 -0.71
C MET A 69 -5.72 -7.01 0.14
N LEU A 70 -4.92 -7.70 0.93
CA LEU A 70 -3.93 -7.05 1.78
C LEU A 70 -2.65 -6.86 1.01
N GLY A 71 -2.27 -7.89 0.27
CA GLY A 71 -1.08 -7.83 -0.55
C GLY A 71 -1.43 -8.01 -2.01
N GLU A 72 -2.73 -7.96 -2.31
CA GLU A 72 -3.21 -8.13 -3.68
C GLU A 72 -4.07 -6.96 -4.12
N ARG A 73 -4.22 -5.96 -3.25
CA ARG A 73 -5.02 -4.78 -3.58
C ARG A 73 -4.22 -3.50 -3.38
N LEU A 74 -3.31 -3.50 -2.41
CA LEU A 74 -2.47 -2.37 -2.15
C LEU A 74 -1.66 -1.95 -3.38
N PHE A 75 -1.31 -2.94 -4.18
CA PHE A 75 -0.42 -2.73 -5.33
C PHE A 75 -0.60 -1.36 -6.02
N PRO A 76 -1.79 -1.05 -6.58
CA PRO A 76 -2.01 0.23 -7.27
C PRO A 76 -1.90 1.42 -6.31
N LEU A 77 -2.01 1.14 -5.03
CA LEU A 77 -1.98 2.18 -4.01
C LEU A 77 -0.60 2.33 -3.36
N ILE A 78 0.24 1.29 -3.50
CA ILE A 78 1.60 1.35 -2.94
C ILE A 78 2.47 2.29 -3.73
N GLN A 79 2.42 2.16 -5.06
CA GLN A 79 3.17 3.01 -5.96
C GLN A 79 2.91 4.49 -5.65
N ALA A 80 1.83 4.71 -4.91
CA ALA A 80 1.44 6.04 -4.49
C ALA A 80 2.26 6.48 -3.28
N MET A 81 2.53 5.54 -2.39
CA MET A 81 3.29 5.82 -1.18
C MET A 81 4.78 6.01 -1.50
N HIS A 82 5.32 5.07 -2.26
CA HIS A 82 6.73 5.11 -2.66
C HIS A 82 6.85 5.46 -4.13
N PRO A 83 8.03 5.97 -4.57
CA PRO A 83 8.27 6.32 -5.97
C PRO A 83 8.22 5.10 -6.89
N THR A 84 7.02 4.56 -7.09
CA THR A 84 6.83 3.39 -7.93
C THR A 84 7.81 2.28 -7.55
N LEU A 85 8.03 2.12 -6.24
CA LEU A 85 8.96 1.12 -5.75
C LEU A 85 8.23 -0.16 -5.35
N ALA A 86 6.94 -0.23 -5.68
CA ALA A 86 6.13 -1.40 -5.38
C ALA A 86 6.57 -2.60 -6.21
N GLY A 87 5.61 -3.39 -6.69
CA GLY A 87 5.93 -4.56 -7.48
C GLY A 87 6.36 -5.72 -6.62
N LYS A 88 6.61 -5.44 -5.35
CA LYS A 88 7.03 -6.47 -4.40
C LYS A 88 6.72 -6.07 -2.96
N ILE A 89 6.60 -4.77 -2.70
CA ILE A 89 6.35 -4.29 -1.34
C ILE A 89 5.16 -5.01 -0.71
N THR A 90 3.96 -4.55 -0.98
CA THR A 90 2.75 -5.15 -0.42
C THR A 90 2.69 -6.64 -0.75
N GLY A 91 3.15 -7.00 -1.95
CA GLY A 91 3.19 -8.39 -2.32
C GLY A 91 4.02 -9.17 -1.33
N MET A 92 4.99 -8.49 -0.74
CA MET A 92 5.85 -9.06 0.29
C MET A 92 5.08 -9.13 1.60
N LEU A 93 4.25 -8.13 1.82
CA LEU A 93 3.45 -8.01 3.03
C LEU A 93 2.55 -9.23 3.23
N LEU A 94 2.51 -10.09 2.23
CA LEU A 94 1.74 -11.32 2.34
C LEU A 94 2.70 -12.49 2.46
N GLU A 95 3.88 -12.19 3.01
CA GLU A 95 4.93 -13.20 3.18
C GLU A 95 6.08 -12.65 4.04
N ILE A 96 5.92 -11.42 4.54
CA ILE A 96 6.96 -10.80 5.36
C ILE A 96 7.19 -11.56 6.67
N ASP A 97 7.61 -10.83 7.69
CA ASP A 97 7.84 -11.39 9.03
C ASP A 97 6.55 -11.99 9.59
N ASN A 98 5.46 -11.87 8.81
CA ASN A 98 4.16 -12.39 9.20
C ASN A 98 3.47 -11.49 10.21
N SER A 99 4.26 -10.77 11.00
CA SER A 99 3.72 -9.85 11.99
C SER A 99 3.21 -8.59 11.29
N GLU A 100 3.87 -8.24 10.19
CA GLU A 100 3.47 -7.08 9.39
C GLU A 100 2.23 -7.43 8.58
N LEU A 101 2.04 -8.72 8.34
CA LEU A 101 0.86 -9.21 7.64
C LEU A 101 -0.35 -9.15 8.56
N LEU A 102 -0.09 -9.17 9.86
CA LEU A 102 -1.14 -9.15 10.86
C LEU A 102 -1.45 -7.72 11.31
N HIS A 103 -0.40 -6.93 11.50
CA HIS A 103 -0.54 -5.56 11.95
C HIS A 103 -1.20 -4.70 10.88
N MET A 104 -0.82 -4.92 9.63
CA MET A 104 -1.38 -4.15 8.52
C MET A 104 -2.90 -4.29 8.48
N LEU A 105 -3.40 -5.45 8.86
CA LEU A 105 -4.84 -5.72 8.86
C LEU A 105 -5.47 -5.27 10.17
N GLU A 106 -4.64 -4.93 11.14
CA GLU A 106 -5.14 -4.54 12.45
C GLU A 106 -4.90 -3.05 12.74
N SER A 107 -4.15 -2.39 11.87
CA SER A 107 -3.87 -0.96 12.07
C SER A 107 -3.93 -0.18 10.77
N PRO A 108 -4.63 0.98 10.77
CA PRO A 108 -4.74 1.84 9.57
C PRO A 108 -3.44 2.56 9.26
N GLU A 109 -2.40 2.24 10.03
CA GLU A 109 -1.09 2.83 9.84
C GLU A 109 -0.03 1.76 9.70
N SER A 110 -0.39 0.52 10.04
CA SER A 110 0.53 -0.59 9.91
C SER A 110 0.62 -1.01 8.46
N LEU A 111 -0.54 -1.16 7.83
CA LEU A 111 -0.60 -1.46 6.41
C LEU A 111 0.37 -0.56 5.65
N ARG A 112 0.40 0.71 6.05
CA ARG A 112 1.26 1.69 5.41
C ARG A 112 2.69 1.64 5.96
N SER A 113 2.85 1.99 7.23
CA SER A 113 4.17 2.03 7.86
C SER A 113 4.95 0.74 7.57
N LYS A 114 4.30 -0.40 7.75
CA LYS A 114 4.93 -1.69 7.51
C LYS A 114 5.28 -1.85 6.03
N VAL A 115 4.46 -1.28 5.15
CA VAL A 115 4.73 -1.34 3.71
C VAL A 115 5.95 -0.50 3.38
N ASP A 116 5.91 0.78 3.76
CA ASP A 116 7.03 1.69 3.53
C ASP A 116 8.30 1.12 4.12
N GLU A 117 8.18 0.46 5.28
CA GLU A 117 9.33 -0.16 5.93
C GLU A 117 9.70 -1.44 5.21
N ALA A 118 8.70 -2.10 4.63
CA ALA A 118 8.94 -3.32 3.87
C ALA A 118 9.65 -2.99 2.56
N VAL A 119 9.54 -1.73 2.14
CA VAL A 119 10.23 -1.29 0.95
C VAL A 119 11.72 -1.27 1.21
N ALA A 120 12.10 -0.67 2.33
CA ALA A 120 13.49 -0.65 2.74
C ALA A 120 13.99 -2.08 2.88
N VAL A 121 13.04 -2.99 3.08
CA VAL A 121 13.33 -4.41 3.20
C VAL A 121 13.38 -5.06 1.82
N LEU A 122 12.54 -4.57 0.92
CA LEU A 122 12.50 -5.09 -0.44
C LEU A 122 13.76 -4.67 -1.19
N GLN A 123 14.20 -3.44 -0.94
CA GLN A 123 15.42 -2.92 -1.53
C GLN A 123 16.63 -3.63 -0.94
N ALA A 124 16.49 -4.09 0.29
CA ALA A 124 17.55 -4.81 0.98
C ALA A 124 17.46 -6.30 0.71
N HIS A 125 16.40 -6.71 0.03
CA HIS A 125 16.19 -8.12 -0.29
C HIS A 125 16.23 -8.36 -1.79
N GLN A 126 16.33 -7.28 -2.56
CA GLN A 126 16.36 -7.38 -4.01
C GLN A 126 17.67 -8.02 -4.48
N ALA A 127 18.58 -7.21 -5.02
CA ALA A 127 19.87 -7.71 -5.49
C ALA A 127 20.95 -7.56 -4.43
N LYS A 128 20.54 -7.66 -3.17
CA LYS A 128 21.48 -7.53 -2.05
C LYS A 128 22.00 -8.89 -1.61
N GLU A 129 22.45 -8.97 -0.36
CA GLU A 129 22.97 -10.20 0.20
C GLU A 129 21.85 -11.03 0.81
N ALA A 130 20.64 -10.80 0.34
CA ALA A 130 19.47 -11.52 0.84
C ALA A 130 19.26 -12.84 0.11
N ALA A 131 20.37 -13.50 -0.23
CA ALA A 131 20.30 -14.79 -0.92
C ALA A 131 19.71 -15.85 -0.03
N GLN A 132 19.54 -15.53 1.26
CA GLN A 132 18.98 -16.46 2.22
C GLN A 132 17.46 -16.33 2.27
N LYS A 133 16.80 -17.31 2.87
CA LYS A 133 15.35 -17.30 2.99
C LYS A 133 14.91 -16.62 4.28
N ALA A 134 15.82 -16.58 5.25
CA ALA A 134 15.52 -15.96 6.55
C ALA A 134 15.71 -14.45 6.48
N VAL A 135 14.74 -13.72 7.03
CA VAL A 135 14.79 -12.26 7.02
C VAL A 135 15.17 -11.72 8.41
N ASN A 136 16.10 -10.78 8.43
CA ASN A 136 16.56 -10.18 9.69
C ASN A 136 15.76 -8.93 10.03
N SER A 137 15.79 -8.55 11.30
CA SER A 137 15.06 -7.37 11.75
C SER A 137 15.99 -6.17 11.88
N ALA A 138 16.83 -6.18 12.92
CA ALA A 138 17.77 -5.09 13.14
C ALA A 138 18.99 -5.22 12.24
N THR A 139 19.64 -4.09 11.97
CA THR A 139 20.82 -4.08 11.11
C THR A 139 22.09 -4.07 11.95
N GLY A 140 22.05 -3.39 13.08
CA GLY A 140 23.21 -3.33 13.95
C GLY A 140 23.23 -4.44 14.99
N VAL A 141 23.19 -5.69 14.52
CA VAL A 141 23.18 -6.84 15.42
C VAL A 141 24.60 -7.41 15.58
N PRO A 142 25.32 -7.70 14.47
CA PRO A 142 26.67 -8.25 14.55
C PRO A 142 27.67 -7.27 15.16
N THR A 143 28.94 -7.66 15.20
CA THR A 143 29.98 -6.81 15.76
C THR A 143 30.49 -5.81 14.72
N VAL A 144 29.63 -4.85 14.36
CA VAL A 144 29.98 -3.84 13.39
C VAL A 144 30.06 -2.46 14.03
N GLY A 1 45.39 -2.94 -16.32
CA GLY A 1 44.21 -2.97 -17.23
C GLY A 1 43.18 -1.91 -16.88
N PRO A 2 43.01 -0.87 -17.71
CA PRO A 2 42.04 0.20 -17.46
C PRO A 2 40.61 -0.32 -17.40
N LEU A 3 39.72 0.49 -16.82
CA LEU A 3 38.32 0.11 -16.70
C LEU A 3 37.47 0.78 -17.78
N GLY A 4 36.45 0.08 -18.23
CA GLY A 4 35.57 0.61 -19.25
C GLY A 4 34.32 1.25 -18.68
N SER A 5 33.95 2.41 -19.23
CA SER A 5 32.77 3.12 -18.77
C SER A 5 31.53 2.67 -19.53
N ALA A 6 30.38 2.68 -18.86
CA ALA A 6 29.12 2.26 -19.46
C ALA A 6 29.22 0.86 -20.03
N ALA A 7 29.50 -0.11 -19.16
CA ALA A 7 29.63 -1.50 -19.57
C ALA A 7 28.28 -2.22 -19.47
N ALA A 8 27.22 -1.45 -19.27
CA ALA A 8 25.88 -1.99 -19.17
C ALA A 8 24.83 -0.96 -19.51
N ALA A 9 25.11 -0.16 -20.55
CA ALA A 9 24.20 0.88 -20.99
C ALA A 9 23.96 1.91 -19.89
N THR A 10 23.15 2.92 -20.21
CA THR A 10 22.85 3.98 -19.24
C THR A 10 21.35 4.29 -19.24
N PRO A 11 20.74 4.43 -18.05
CA PRO A 11 21.43 4.31 -16.76
C PRO A 11 21.84 2.88 -16.44
N ALA A 12 23.01 2.72 -15.85
CA ALA A 12 23.53 1.40 -15.50
C ALA A 12 22.88 0.88 -14.22
N VAL A 13 22.34 1.80 -13.42
CA VAL A 13 21.69 1.43 -12.16
C VAL A 13 20.17 1.50 -12.30
N ARG A 14 19.49 0.47 -11.82
CA ARG A 14 18.03 0.42 -11.89
C ARG A 14 17.40 1.11 -10.69
N THR A 15 17.71 0.62 -9.49
CA THR A 15 17.18 1.19 -8.26
C THR A 15 18.19 2.12 -7.60
N VAL A 16 17.77 3.35 -7.33
CA VAL A 16 18.64 4.33 -6.69
C VAL A 16 18.10 4.72 -5.32
N PRO A 17 18.86 4.41 -4.24
CA PRO A 17 18.44 4.73 -2.86
C PRO A 17 18.15 6.21 -2.69
N GLN A 18 16.88 6.54 -2.44
CA GLN A 18 16.47 7.92 -2.24
C GLN A 18 16.69 8.35 -0.79
N TYR A 19 16.07 9.46 -0.40
CA TYR A 19 16.19 9.97 0.96
C TYR A 19 15.67 8.95 1.98
N LYS A 20 16.53 8.58 2.92
CA LYS A 20 16.16 7.62 3.95
C LYS A 20 15.54 8.32 5.16
N TYR A 21 15.15 7.53 6.16
CA TYR A 21 14.55 8.08 7.37
C TYR A 21 15.61 8.41 8.41
N ALA A 22 16.57 9.25 8.02
CA ALA A 22 17.64 9.65 8.91
C ALA A 22 17.24 10.89 9.71
N ALA A 23 16.55 10.68 10.83
CA ALA A 23 16.12 11.77 11.68
C ALA A 23 17.20 12.16 12.68
N GLY A 24 18.39 11.62 12.49
CA GLY A 24 19.50 11.92 13.38
C GLY A 24 20.15 13.26 13.07
N VAL A 25 20.78 13.35 11.92
CA VAL A 25 21.44 14.58 11.50
C VAL A 25 20.64 15.30 10.42
N ARG A 26 20.33 16.57 10.65
CA ARG A 26 19.57 17.36 9.71
C ARG A 26 20.49 18.23 8.86
N ASN A 27 20.77 17.77 7.64
CA ASN A 27 21.63 18.50 6.72
C ASN A 27 20.81 19.31 5.70
N PRO A 28 20.77 20.64 5.85
CA PRO A 28 20.01 21.51 4.96
C PRO A 28 20.53 21.45 3.52
N GLN A 29 21.72 22.01 3.30
CA GLN A 29 22.33 22.01 1.99
C GLN A 29 23.18 20.77 1.76
N GLN A 30 22.51 19.62 1.74
CA GLN A 30 23.20 18.34 1.55
C GLN A 30 23.57 18.14 0.08
N HIS A 31 22.55 17.88 -0.75
CA HIS A 31 22.76 17.67 -2.17
C HIS A 31 21.48 17.94 -2.96
N LEU A 32 20.40 18.21 -2.24
CA LEU A 32 19.11 18.48 -2.86
C LEU A 32 19.11 19.86 -3.51
N ASN A 33 19.01 19.89 -4.84
CA ASN A 33 19.00 21.13 -5.59
C ASN A 33 17.57 21.53 -5.97
N ALA A 34 16.68 20.54 -6.00
CA ALA A 34 15.28 20.77 -6.35
C ALA A 34 14.49 21.23 -5.13
N GLN A 35 14.07 22.49 -5.13
CA GLN A 35 13.30 23.04 -4.03
C GLN A 35 11.80 22.79 -4.24
N PRO A 36 11.14 22.13 -3.27
CA PRO A 36 9.71 21.84 -3.36
C PRO A 36 8.86 23.09 -3.20
N GLN A 37 7.63 22.92 -2.75
CA GLN A 37 6.72 24.04 -2.55
C GLN A 37 7.01 24.77 -1.24
N VAL A 38 7.42 26.03 -1.35
CA VAL A 38 7.74 26.83 -0.18
C VAL A 38 6.46 27.36 0.48
N THR A 39 5.35 27.25 -0.23
CA THR A 39 4.06 27.72 0.28
C THR A 39 3.41 26.65 1.15
N MET A 40 3.04 27.03 2.37
CA MET A 40 2.40 26.09 3.30
C MET A 40 0.91 25.99 3.03
N GLN A 41 0.39 24.76 3.14
CA GLN A 41 -1.03 24.52 2.91
C GLN A 41 -1.76 24.26 4.23
N GLN A 42 -2.81 25.03 4.48
CA GLN A 42 -3.58 24.89 5.71
C GLN A 42 -4.28 23.52 5.78
N PRO A 43 -5.03 23.12 4.73
CA PRO A 43 -5.73 21.83 4.72
C PRO A 43 -4.76 20.65 4.69
N ALA A 44 -5.29 19.45 4.46
CA ALA A 44 -4.48 18.25 4.42
C ALA A 44 -3.56 18.26 3.21
N VAL A 45 -2.70 17.25 3.11
CA VAL A 45 -1.76 17.15 2.00
C VAL A 45 -2.24 16.14 0.96
N HIS A 46 -2.97 15.13 1.43
CA HIS A 46 -3.50 14.08 0.56
C HIS A 46 -4.97 14.33 0.25
N VAL A 47 -5.59 13.37 -0.44
CA VAL A 47 -7.00 13.48 -0.80
C VAL A 47 -7.89 12.80 0.25
N GLN A 48 -9.07 13.35 0.45
CA GLN A 48 -10.01 12.79 1.42
C GLN A 48 -10.88 11.71 0.78
N GLY A 49 -11.07 11.83 -0.54
CA GLY A 49 -11.88 10.86 -1.25
C GLY A 49 -11.05 9.74 -1.86
N GLN A 50 -9.75 9.97 -2.00
CA GLN A 50 -8.85 8.97 -2.57
C GLN A 50 -8.06 8.26 -1.47
N GLU A 51 -8.77 7.73 -0.49
CA GLU A 51 -8.13 7.02 0.62
C GLU A 51 -7.57 5.69 0.16
N PRO A 52 -6.28 5.42 0.44
CA PRO A 52 -5.63 4.16 0.04
C PRO A 52 -6.14 2.97 0.82
N LEU A 53 -5.53 1.81 0.59
CA LEU A 53 -5.93 0.59 1.27
C LEU A 53 -5.12 0.39 2.56
N THR A 54 -5.75 -0.24 3.55
CA THR A 54 -5.09 -0.50 4.83
C THR A 54 -5.94 -1.46 5.66
N ALA A 55 -5.64 -1.55 6.95
CA ALA A 55 -6.36 -2.43 7.85
C ALA A 55 -7.86 -2.14 7.83
N SER A 56 -8.20 -0.86 7.75
CA SER A 56 -9.60 -0.45 7.72
C SER A 56 -10.30 -1.05 6.50
N MET A 57 -9.67 -0.95 5.34
CA MET A 57 -10.21 -1.51 4.12
C MET A 57 -10.43 -3.00 4.28
N LEU A 58 -9.44 -3.67 4.88
CA LEU A 58 -9.52 -5.10 5.12
C LEU A 58 -10.75 -5.45 5.95
N ALA A 59 -10.93 -4.69 7.03
CA ALA A 59 -12.06 -4.91 7.94
C ALA A 59 -13.37 -4.46 7.29
N SER A 60 -13.28 -3.90 6.09
CA SER A 60 -14.46 -3.42 5.37
C SER A 60 -15.08 -4.53 4.53
N ALA A 61 -14.39 -5.67 4.45
CA ALA A 61 -14.88 -6.80 3.68
C ALA A 61 -14.73 -8.12 4.44
N PRO A 62 -15.25 -8.21 5.67
CA PRO A 62 -15.15 -9.39 6.50
C PRO A 62 -16.44 -10.21 6.57
N PRO A 63 -16.44 -11.44 6.03
CA PRO A 63 -15.29 -12.06 5.37
C PRO A 63 -15.37 -11.98 3.86
N GLN A 64 -14.27 -11.57 3.22
CA GLN A 64 -14.23 -11.46 1.76
C GLN A 64 -12.82 -11.12 1.28
N GLU A 65 -12.51 -9.82 1.26
CA GLU A 65 -11.21 -9.36 0.80
C GLU A 65 -10.25 -9.18 1.98
N GLN A 66 -10.75 -9.46 3.20
CA GLN A 66 -9.92 -9.35 4.39
C GLN A 66 -8.65 -10.17 4.23
N LYS A 67 -8.81 -11.42 3.81
CA LYS A 67 -7.67 -12.30 3.58
C LYS A 67 -7.42 -12.47 2.08
N GLN A 68 -7.63 -11.38 1.33
CA GLN A 68 -7.41 -11.40 -0.10
C GLN A 68 -6.68 -10.14 -0.57
N MET A 69 -7.31 -8.99 -0.38
CA MET A 69 -6.75 -7.72 -0.81
C MET A 69 -5.74 -7.16 0.20
N LEU A 70 -5.17 -8.03 1.03
CA LEU A 70 -4.19 -7.58 2.03
C LEU A 70 -2.82 -7.39 1.40
N GLY A 71 -2.41 -8.32 0.55
CA GLY A 71 -1.12 -8.21 -0.11
C GLY A 71 -1.18 -8.65 -1.56
N GLU A 72 -2.33 -8.45 -2.19
CA GLU A 72 -2.51 -8.83 -3.59
C GLU A 72 -3.33 -7.78 -4.34
N ARG A 73 -3.87 -6.81 -3.61
CA ARG A 73 -4.67 -5.75 -4.22
C ARG A 73 -4.16 -4.38 -3.82
N LEU A 74 -3.30 -4.34 -2.80
CA LEU A 74 -2.74 -3.08 -2.33
C LEU A 74 -1.66 -2.58 -3.27
N PHE A 75 -1.18 -3.47 -4.14
CA PHE A 75 -0.11 -3.13 -5.06
C PHE A 75 -0.37 -1.79 -5.77
N PRO A 76 -1.51 -1.64 -6.46
CA PRO A 76 -1.83 -0.38 -7.18
C PRO A 76 -1.90 0.81 -6.24
N LEU A 77 -1.90 0.54 -4.93
CA LEU A 77 -1.99 1.59 -3.93
C LEU A 77 -0.61 1.93 -3.36
N ILE A 78 0.29 0.95 -3.33
CA ILE A 78 1.63 1.17 -2.79
C ILE A 78 2.40 2.17 -3.64
N GLN A 79 2.22 2.08 -4.96
CA GLN A 79 2.89 2.99 -5.89
C GLN A 79 2.64 4.45 -5.48
N ALA A 80 1.64 4.64 -4.65
CA ALA A 80 1.28 5.97 -4.15
C ALA A 80 2.14 6.36 -2.96
N MET A 81 2.44 5.39 -2.10
CA MET A 81 3.24 5.64 -0.91
C MET A 81 4.71 5.81 -1.28
N HIS A 82 5.14 5.05 -2.28
CA HIS A 82 6.52 5.08 -2.74
C HIS A 82 6.58 5.34 -4.24
N PRO A 83 7.71 5.88 -4.73
CA PRO A 83 7.90 6.17 -6.16
C PRO A 83 7.83 4.90 -7.00
N THR A 84 6.63 4.36 -7.17
CA THR A 84 6.43 3.13 -7.93
C THR A 84 7.41 2.05 -7.49
N LEU A 85 7.79 2.08 -6.22
CA LEU A 85 8.73 1.10 -5.68
C LEU A 85 8.02 -0.18 -5.28
N ALA A 86 6.72 -0.26 -5.57
CA ALA A 86 5.93 -1.44 -5.26
C ALA A 86 6.36 -2.63 -6.10
N GLY A 87 5.39 -3.40 -6.60
CA GLY A 87 5.71 -4.57 -7.40
C GLY A 87 6.04 -5.76 -6.52
N LYS A 88 6.33 -5.50 -5.26
CA LYS A 88 6.66 -6.55 -4.32
C LYS A 88 6.38 -6.14 -2.87
N ILE A 89 6.29 -4.84 -2.60
CA ILE A 89 6.08 -4.36 -1.24
C ILE A 89 4.90 -5.07 -0.57
N THR A 90 3.68 -4.63 -0.86
CA THR A 90 2.50 -5.24 -0.26
C THR A 90 2.48 -6.74 -0.52
N GLY A 91 2.89 -7.14 -1.72
CA GLY A 91 2.97 -8.56 -2.03
C GLY A 91 3.90 -9.26 -1.06
N MET A 92 4.85 -8.50 -0.55
CA MET A 92 5.80 -8.98 0.44
C MET A 92 5.12 -9.04 1.79
N LEU A 93 4.29 -8.05 2.04
CA LEU A 93 3.57 -7.92 3.30
C LEU A 93 2.71 -9.15 3.55
N LEU A 94 2.66 -10.04 2.57
CA LEU A 94 1.95 -11.29 2.71
C LEU A 94 2.95 -12.43 2.80
N GLU A 95 4.14 -12.10 3.29
CA GLU A 95 5.23 -13.06 3.43
C GLU A 95 6.39 -12.47 4.25
N ILE A 96 6.22 -11.24 4.72
CA ILE A 96 7.27 -10.57 5.51
C ILE A 96 7.54 -11.32 6.82
N ASP A 97 7.99 -10.57 7.82
CA ASP A 97 8.26 -11.09 9.15
C ASP A 97 6.99 -11.68 9.77
N ASN A 98 5.87 -11.56 9.03
CA ASN A 98 4.57 -12.06 9.47
C ASN A 98 3.93 -11.12 10.46
N SER A 99 4.76 -10.49 11.30
CA SER A 99 4.26 -9.54 12.28
C SER A 99 3.71 -8.32 11.58
N GLU A 100 4.28 -8.02 10.42
CA GLU A 100 3.82 -6.90 9.60
C GLU A 100 2.57 -7.29 8.84
N LEU A 101 2.42 -8.59 8.59
CA LEU A 101 1.24 -9.11 7.92
C LEU A 101 0.07 -9.13 8.90
N LEU A 102 0.40 -9.23 10.18
CA LEU A 102 -0.61 -9.26 11.24
C LEU A 102 -1.01 -7.85 11.66
N HIS A 103 -0.01 -7.01 11.89
CA HIS A 103 -0.25 -5.65 12.33
C HIS A 103 -0.94 -4.83 11.23
N MET A 104 -0.53 -5.04 9.99
CA MET A 104 -1.11 -4.33 8.85
C MET A 104 -2.62 -4.52 8.79
N LEU A 105 -3.08 -5.70 9.17
CA LEU A 105 -4.51 -6.01 9.14
C LEU A 105 -5.18 -5.53 10.41
N GLU A 106 -4.37 -5.20 11.41
CA GLU A 106 -4.89 -4.78 12.70
C GLU A 106 -4.72 -3.28 12.94
N SER A 107 -4.10 -2.57 12.00
CA SER A 107 -3.89 -1.13 12.16
C SER A 107 -3.86 -0.40 10.82
N PRO A 108 -4.59 0.72 10.71
CA PRO A 108 -4.66 1.53 9.48
C PRO A 108 -3.33 2.22 9.18
N GLU A 109 -2.36 2.03 10.07
CA GLU A 109 -1.03 2.61 9.92
C GLU A 109 0.00 1.51 9.78
N SER A 110 -0.29 0.38 10.39
CA SER A 110 0.65 -0.73 10.34
C SER A 110 0.83 -1.19 8.92
N LEU A 111 -0.25 -1.26 8.17
CA LEU A 111 -0.16 -1.68 6.78
C LEU A 111 0.73 -0.74 5.98
N ARG A 112 0.85 0.48 6.44
CA ARG A 112 1.67 1.49 5.77
C ARG A 112 3.05 1.55 6.39
N SER A 113 3.10 2.00 7.63
CA SER A 113 4.33 2.08 8.38
C SER A 113 5.16 0.81 8.15
N LYS A 114 4.47 -0.33 7.99
CA LYS A 114 5.14 -1.58 7.68
C LYS A 114 5.46 -1.69 6.19
N VAL A 115 4.50 -1.31 5.33
CA VAL A 115 4.74 -1.38 3.88
C VAL A 115 5.92 -0.50 3.49
N ASP A 116 5.83 0.79 3.82
CA ASP A 116 6.90 1.74 3.54
C ASP A 116 8.23 1.22 4.06
N GLU A 117 8.22 0.64 5.26
CA GLU A 117 9.43 0.08 5.85
C GLU A 117 9.82 -1.21 5.15
N ALA A 118 8.82 -1.92 4.65
CA ALA A 118 9.05 -3.15 3.92
C ALA A 118 9.72 -2.83 2.61
N VAL A 119 9.46 -1.63 2.09
CA VAL A 119 10.10 -1.18 0.87
C VAL A 119 11.59 -1.17 1.05
N ALA A 120 12.03 -0.50 2.11
CA ALA A 120 13.44 -0.44 2.45
C ALA A 120 14.01 -1.85 2.56
N VAL A 121 13.12 -2.80 2.83
CA VAL A 121 13.49 -4.20 2.95
C VAL A 121 13.47 -4.87 1.59
N LEU A 122 12.60 -4.40 0.71
CA LEU A 122 12.49 -4.94 -0.64
C LEU A 122 13.66 -4.47 -1.49
N GLN A 123 14.02 -3.20 -1.34
CA GLN A 123 15.14 -2.63 -2.08
C GLN A 123 16.45 -3.21 -1.57
N ALA A 124 16.45 -3.59 -0.30
CA ALA A 124 17.63 -4.17 0.34
C ALA A 124 17.83 -5.62 -0.06
N HIS A 125 16.73 -6.34 -0.29
CA HIS A 125 16.81 -7.75 -0.66
C HIS A 125 16.91 -7.93 -2.16
N GLN A 126 16.05 -7.25 -2.91
CA GLN A 126 16.11 -7.32 -4.36
C GLN A 126 17.48 -6.90 -4.84
N ALA A 127 17.85 -5.67 -4.52
CA ALA A 127 19.18 -5.15 -4.83
C ALA A 127 20.07 -5.31 -3.60
N LYS A 128 20.40 -6.55 -3.27
CA LYS A 128 21.18 -6.84 -2.08
C LYS A 128 22.58 -6.24 -2.15
N GLU A 129 22.75 -5.14 -1.45
CA GLU A 129 24.05 -4.50 -1.34
C GLU A 129 24.82 -5.13 -0.18
N ALA A 130 24.24 -6.20 0.37
CA ALA A 130 24.82 -6.90 1.49
C ALA A 130 25.82 -7.97 1.03
N ALA A 131 25.91 -8.15 -0.28
CA ALA A 131 26.82 -9.13 -0.86
C ALA A 131 28.28 -8.74 -0.60
N GLN A 132 28.86 -9.32 0.44
CA GLN A 132 30.25 -9.04 0.80
C GLN A 132 31.19 -10.12 0.26
N LYS A 133 31.09 -11.31 0.83
CA LYS A 133 31.93 -12.43 0.40
C LYS A 133 31.34 -13.14 -0.80
N ALA A 134 31.00 -12.38 -1.84
CA ALA A 134 30.42 -12.93 -3.04
C ALA A 134 31.50 -13.38 -4.02
N VAL A 135 32.39 -14.26 -3.55
CA VAL A 135 33.48 -14.78 -4.38
C VAL A 135 33.12 -16.16 -4.93
N ASN A 136 32.14 -16.81 -4.31
CA ASN A 136 31.69 -18.13 -4.74
C ASN A 136 30.66 -18.02 -5.85
N SER A 137 30.46 -16.81 -6.35
CA SER A 137 29.50 -16.57 -7.42
C SER A 137 30.09 -16.90 -8.78
N ALA A 138 30.00 -18.16 -9.18
CA ALA A 138 30.53 -18.60 -10.46
C ALA A 138 29.75 -18.00 -11.62
N THR A 139 28.43 -17.97 -11.48
CA THR A 139 27.56 -17.42 -12.51
C THR A 139 27.15 -15.99 -12.17
N GLY A 140 27.27 -15.09 -13.15
CA GLY A 140 26.92 -13.70 -12.93
C GLY A 140 25.50 -13.39 -13.36
N VAL A 141 25.29 -13.24 -14.66
CA VAL A 141 23.98 -12.95 -15.20
C VAL A 141 23.16 -14.23 -15.43
N PRO A 142 22.09 -14.43 -14.65
CA PRO A 142 21.25 -15.63 -14.77
C PRO A 142 20.66 -15.78 -16.16
N THR A 143 20.45 -14.65 -16.84
CA THR A 143 19.88 -14.67 -18.19
C THR A 143 20.99 -14.87 -19.23
N VAL A 144 21.88 -15.82 -18.97
CA VAL A 144 23.00 -16.13 -19.86
C VAL A 144 23.54 -14.88 -20.56
N GLY A 1 -56.42 17.49 -28.81
CA GLY A 1 -55.10 17.44 -28.13
C GLY A 1 -54.06 18.32 -28.81
N PRO A 2 -53.55 19.35 -28.10
CA PRO A 2 -52.54 20.25 -28.66
C PRO A 2 -51.27 19.53 -29.08
N LEU A 3 -50.63 18.86 -28.13
CA LEU A 3 -49.40 18.12 -28.40
C LEU A 3 -49.69 16.64 -28.64
N GLY A 4 -50.97 16.33 -28.83
CA GLY A 4 -51.37 14.95 -29.06
C GLY A 4 -51.08 14.50 -30.48
N SER A 5 -50.13 13.57 -30.63
CA SER A 5 -49.77 13.05 -31.95
C SER A 5 -50.52 11.77 -32.25
N ALA A 6 -50.43 10.81 -31.34
CA ALA A 6 -51.10 9.52 -31.50
C ALA A 6 -51.51 8.94 -30.16
N ALA A 7 -52.78 8.56 -30.05
CA ALA A 7 -53.30 7.98 -28.80
C ALA A 7 -53.07 8.92 -27.62
N ALA A 8 -53.32 10.21 -27.85
CA ALA A 8 -53.15 11.21 -26.80
C ALA A 8 -54.08 12.41 -27.02
N ALA A 9 -55.20 12.16 -27.68
CA ALA A 9 -56.17 13.21 -27.97
C ALA A 9 -57.34 13.16 -27.00
N THR A 10 -57.26 13.96 -25.94
CA THR A 10 -58.31 14.02 -24.92
C THR A 10 -58.75 12.62 -24.49
N PRO A 11 -57.90 11.92 -23.73
CA PRO A 11 -58.21 10.56 -23.25
C PRO A 11 -59.41 10.54 -22.32
N ALA A 12 -60.48 9.91 -22.76
CA ALA A 12 -61.70 9.81 -21.97
C ALA A 12 -61.62 8.68 -20.95
N VAL A 13 -60.73 7.73 -21.22
CA VAL A 13 -60.54 6.59 -20.32
C VAL A 13 -59.50 6.90 -19.24
N ARG A 14 -59.97 7.02 -17.99
CA ARG A 14 -59.09 7.32 -16.88
C ARG A 14 -58.42 6.04 -16.37
N THR A 15 -57.41 6.21 -15.52
CA THR A 15 -56.68 5.08 -14.96
C THR A 15 -57.31 4.62 -13.64
N VAL A 16 -57.01 3.39 -13.24
CA VAL A 16 -57.55 2.83 -12.00
C VAL A 16 -56.49 2.84 -10.90
N PRO A 17 -56.66 3.68 -9.86
CA PRO A 17 -55.71 3.76 -8.75
C PRO A 17 -55.70 2.50 -7.90
N GLN A 18 -56.70 1.64 -8.11
CA GLN A 18 -56.81 0.39 -7.37
C GLN A 18 -55.77 -0.62 -7.85
N TYR A 19 -54.77 -0.87 -7.02
CA TYR A 19 -53.71 -1.81 -7.36
C TYR A 19 -54.19 -3.25 -7.20
N LYS A 20 -54.07 -4.02 -8.28
CA LYS A 20 -54.49 -5.42 -8.28
C LYS A 20 -53.30 -6.35 -8.09
N TYR A 21 -53.14 -6.88 -6.89
CA TYR A 21 -52.05 -7.79 -6.58
C TYR A 21 -52.19 -9.09 -7.35
N ALA A 22 -51.16 -9.42 -8.13
CA ALA A 22 -51.17 -10.64 -8.92
C ALA A 22 -51.14 -11.87 -8.02
N ALA A 23 -50.23 -11.88 -7.06
CA ALA A 23 -50.09 -12.99 -6.13
C ALA A 23 -51.20 -12.97 -5.08
N GLY A 24 -51.48 -14.13 -4.51
CA GLY A 24 -52.52 -14.22 -3.49
C GLY A 24 -51.94 -14.25 -2.08
N VAL A 25 -50.69 -13.85 -1.95
CA VAL A 25 -50.01 -13.83 -0.65
C VAL A 25 -49.89 -12.40 -0.13
N ARG A 26 -49.99 -12.26 1.20
CA ARG A 26 -49.88 -10.95 1.84
C ARG A 26 -48.42 -10.49 1.88
N ASN A 27 -48.11 -9.60 2.82
CA ASN A 27 -46.76 -9.08 2.96
C ASN A 27 -45.81 -10.18 3.49
N PRO A 28 -44.83 -10.60 2.67
CA PRO A 28 -43.87 -11.64 3.05
C PRO A 28 -42.98 -11.20 4.21
N GLN A 29 -42.27 -10.09 4.00
CA GLN A 29 -41.36 -9.56 5.02
C GLN A 29 -42.09 -8.61 5.95
N GLN A 30 -42.22 -9.00 7.22
CA GLN A 30 -42.89 -8.16 8.21
C GLN A 30 -41.89 -7.33 8.98
N HIS A 31 -42.25 -6.07 9.25
CA HIS A 31 -41.37 -5.17 9.98
C HIS A 31 -41.54 -5.34 11.49
N LEU A 32 -42.53 -6.13 11.88
CA LEU A 32 -42.79 -6.39 13.29
C LEU A 32 -41.93 -7.54 13.82
N ASN A 33 -40.63 -7.29 13.91
CA ASN A 33 -39.70 -8.31 14.39
C ASN A 33 -39.29 -8.02 15.83
N ALA A 34 -39.34 -9.06 16.67
CA ALA A 34 -38.97 -8.92 18.07
C ALA A 34 -37.50 -9.27 18.30
N GLN A 35 -36.84 -9.71 17.24
CA GLN A 35 -35.43 -10.08 17.32
C GLN A 35 -34.53 -8.87 17.08
N PRO A 36 -33.31 -8.88 17.65
CA PRO A 36 -32.37 -7.76 17.50
C PRO A 36 -32.12 -7.41 16.03
N GLN A 37 -31.75 -6.16 15.79
CA GLN A 37 -31.48 -5.68 14.43
C GLN A 37 -29.99 -5.69 14.13
N VAL A 38 -29.62 -6.14 12.94
CA VAL A 38 -28.22 -6.18 12.53
C VAL A 38 -27.88 -5.03 11.59
N THR A 39 -26.64 -4.58 11.63
CA THR A 39 -26.18 -3.49 10.79
C THR A 39 -25.51 -4.02 9.53
N MET A 40 -25.15 -3.09 8.63
CA MET A 40 -24.50 -3.46 7.38
C MET A 40 -22.99 -3.60 7.57
N GLN A 41 -22.27 -3.73 6.47
CA GLN A 41 -20.82 -3.87 6.52
C GLN A 41 -20.14 -2.68 5.83
N GLN A 42 -20.46 -1.48 6.29
CA GLN A 42 -19.88 -0.26 5.72
C GLN A 42 -20.15 -0.19 4.22
N PRO A 43 -21.33 0.29 3.82
CA PRO A 43 -21.70 0.41 2.40
C PRO A 43 -20.84 1.42 1.66
N ALA A 44 -21.10 1.58 0.36
CA ALA A 44 -20.35 2.52 -0.46
C ALA A 44 -20.58 3.96 -0.01
N VAL A 45 -19.62 4.51 0.71
CA VAL A 45 -19.71 5.89 1.20
C VAL A 45 -19.05 6.86 0.23
N HIS A 46 -19.67 8.04 0.08
CA HIS A 46 -19.14 9.05 -0.83
C HIS A 46 -18.08 9.90 -0.14
N VAL A 47 -16.82 9.57 -0.38
CA VAL A 47 -15.71 10.32 0.21
C VAL A 47 -15.20 11.39 -0.73
N GLN A 48 -14.78 12.52 -0.17
CA GLN A 48 -14.29 13.64 -0.95
C GLN A 48 -12.92 13.33 -1.56
N GLY A 49 -11.99 12.92 -0.71
CA GLY A 49 -10.65 12.59 -1.19
C GLY A 49 -10.50 11.13 -1.54
N GLN A 50 -9.34 10.77 -2.06
CA GLN A 50 -9.07 9.40 -2.45
C GLN A 50 -8.17 8.70 -1.42
N GLU A 51 -8.80 8.01 -0.48
CA GLU A 51 -8.07 7.32 0.57
C GLU A 51 -7.59 5.95 0.08
N PRO A 52 -6.30 5.62 0.31
CA PRO A 52 -5.72 4.35 -0.11
C PRO A 52 -6.20 3.18 0.74
N LEU A 53 -5.65 2.00 0.49
CA LEU A 53 -6.02 0.80 1.23
C LEU A 53 -5.25 0.72 2.55
N THR A 54 -5.88 0.12 3.55
CA THR A 54 -5.26 -0.04 4.86
C THR A 54 -6.05 -1.02 5.71
N ALA A 55 -5.64 -1.18 6.96
CA ALA A 55 -6.32 -2.09 7.87
C ALA A 55 -7.83 -1.85 7.88
N SER A 56 -8.22 -0.59 7.72
CA SER A 56 -9.63 -0.23 7.69
C SER A 56 -10.33 -0.87 6.50
N MET A 57 -9.68 -0.79 5.34
CA MET A 57 -10.22 -1.38 4.12
C MET A 57 -10.38 -2.88 4.29
N LEU A 58 -9.39 -3.50 4.90
CA LEU A 58 -9.39 -4.93 5.14
C LEU A 58 -10.55 -5.32 6.05
N ALA A 59 -10.75 -4.53 7.11
CA ALA A 59 -11.82 -4.78 8.06
C ALA A 59 -13.18 -4.58 7.43
N SER A 60 -13.21 -3.98 6.24
CA SER A 60 -14.45 -3.74 5.54
C SER A 60 -14.96 -5.02 4.88
N ALA A 61 -14.08 -6.00 4.77
CA ALA A 61 -14.43 -7.29 4.17
C ALA A 61 -13.90 -8.45 5.02
N PRO A 62 -14.32 -8.56 6.29
CA PRO A 62 -13.85 -9.62 7.20
C PRO A 62 -14.02 -11.02 6.62
N PRO A 63 -15.22 -11.40 6.13
CA PRO A 63 -15.47 -12.71 5.57
C PRO A 63 -15.34 -12.74 4.05
N GLN A 64 -14.61 -11.76 3.50
CA GLN A 64 -14.44 -11.67 2.06
C GLN A 64 -12.97 -11.58 1.68
N GLU A 65 -12.48 -10.35 1.52
CA GLU A 65 -11.09 -10.13 1.11
C GLU A 65 -10.23 -9.66 2.28
N GLN A 66 -10.60 -10.03 3.49
CA GLN A 66 -9.84 -9.64 4.67
C GLN A 66 -8.40 -10.14 4.58
N LYS A 67 -8.25 -11.39 4.14
CA LYS A 67 -6.93 -11.98 3.98
C LYS A 67 -6.66 -12.33 2.52
N GLN A 68 -7.05 -11.41 1.62
CA GLN A 68 -6.86 -11.62 0.20
C GLN A 68 -6.35 -10.35 -0.48
N MET A 69 -7.08 -9.26 -0.31
CA MET A 69 -6.71 -7.99 -0.93
C MET A 69 -5.63 -7.27 -0.15
N LEU A 70 -5.20 -7.86 0.97
CA LEU A 70 -4.16 -7.25 1.81
C LEU A 70 -2.85 -7.11 1.05
N GLY A 71 -2.48 -8.14 0.31
CA GLY A 71 -1.22 -8.10 -0.42
C GLY A 71 -1.39 -8.50 -1.87
N GLU A 72 -2.58 -8.27 -2.43
CA GLU A 72 -2.85 -8.60 -3.81
C GLU A 72 -3.72 -7.54 -4.49
N ARG A 73 -4.11 -6.53 -3.71
CA ARG A 73 -4.94 -5.45 -4.23
C ARG A 73 -4.31 -4.10 -3.91
N LEU A 74 -3.47 -4.08 -2.89
CA LEU A 74 -2.81 -2.85 -2.46
C LEU A 74 -1.70 -2.44 -3.41
N PHE A 75 -1.19 -3.40 -4.17
CA PHE A 75 -0.09 -3.15 -5.10
C PHE A 75 -0.29 -1.86 -5.90
N PRO A 76 -1.42 -1.73 -6.63
CA PRO A 76 -1.68 -0.54 -7.44
C PRO A 76 -1.76 0.74 -6.60
N LEU A 77 -1.89 0.56 -5.28
CA LEU A 77 -2.01 1.69 -4.37
C LEU A 77 -0.67 2.02 -3.70
N ILE A 78 0.21 1.03 -3.59
CA ILE A 78 1.52 1.26 -2.96
C ILE A 78 2.34 2.23 -3.80
N GLN A 79 2.24 2.08 -5.12
CA GLN A 79 2.96 2.93 -6.05
C GLN A 79 2.68 4.40 -5.76
N ALA A 80 1.66 4.64 -4.95
CA ALA A 80 1.26 6.00 -4.56
C ALA A 80 2.01 6.48 -3.33
N MET A 81 2.36 5.54 -2.44
CA MET A 81 2.95 5.87 -1.15
C MET A 81 4.45 6.11 -1.20
N HIS A 82 5.17 5.21 -1.86
CA HIS A 82 6.64 5.25 -1.80
C HIS A 82 7.32 6.27 -2.72
N PRO A 83 6.81 6.54 -3.94
CA PRO A 83 5.59 5.98 -4.48
C PRO A 83 5.84 4.77 -5.39
N THR A 84 6.31 5.03 -6.60
CA THR A 84 6.57 3.97 -7.57
C THR A 84 7.75 3.09 -7.15
N LEU A 85 7.51 2.21 -6.18
CA LEU A 85 8.53 1.31 -5.68
C LEU A 85 7.92 -0.03 -5.29
N ALA A 86 6.66 -0.21 -5.66
CA ALA A 86 5.91 -1.42 -5.32
C ALA A 86 6.30 -2.61 -6.19
N GLY A 87 7.60 -2.78 -6.43
CA GLY A 87 8.05 -3.91 -7.21
C GLY A 87 7.86 -5.22 -6.49
N LYS A 88 7.56 -5.14 -5.19
CA LYS A 88 7.34 -6.32 -4.36
C LYS A 88 7.09 -5.89 -2.92
N ILE A 89 6.39 -4.78 -2.74
CA ILE A 89 6.11 -4.29 -1.41
C ILE A 89 4.95 -5.05 -0.76
N THR A 90 3.74 -4.54 -0.96
CA THR A 90 2.54 -5.16 -0.39
C THR A 90 2.46 -6.64 -0.72
N GLY A 91 2.85 -7.00 -1.95
CA GLY A 91 2.85 -8.39 -2.33
C GLY A 91 3.66 -9.21 -1.37
N MET A 92 4.71 -8.58 -0.83
CA MET A 92 5.58 -9.24 0.13
C MET A 92 4.97 -9.17 1.52
N LEU A 93 4.14 -8.15 1.74
CA LEU A 93 3.48 -7.97 3.03
C LEU A 93 2.64 -9.18 3.38
N LEU A 94 2.50 -10.09 2.43
CA LEU A 94 1.77 -11.32 2.66
C LEU A 94 2.76 -12.46 2.78
N GLU A 95 3.97 -12.12 3.22
CA GLU A 95 5.05 -13.09 3.35
C GLU A 95 6.22 -12.52 4.17
N ILE A 96 6.06 -11.27 4.65
CA ILE A 96 7.12 -10.63 5.44
C ILE A 96 7.37 -11.38 6.75
N ASP A 97 7.82 -10.63 7.77
CA ASP A 97 8.07 -11.17 9.09
C ASP A 97 6.80 -11.79 9.69
N ASN A 98 5.70 -11.66 8.95
CA ASN A 98 4.40 -12.20 9.35
C ASN A 98 3.72 -11.29 10.38
N SER A 99 4.52 -10.58 11.16
CA SER A 99 3.96 -9.65 12.15
C SER A 99 3.46 -8.41 11.45
N GLU A 100 4.12 -8.04 10.36
CA GLU A 100 3.72 -6.89 9.55
C GLU A 100 2.47 -7.23 8.76
N LEU A 101 2.26 -8.52 8.52
CA LEU A 101 1.07 -8.99 7.82
C LEU A 101 -0.14 -8.91 8.74
N LEU A 102 0.12 -8.98 10.04
CA LEU A 102 -0.94 -8.92 11.04
C LEU A 102 -1.25 -7.49 11.45
N HIS A 103 -0.21 -6.71 11.71
CA HIS A 103 -0.37 -5.33 12.12
C HIS A 103 -1.03 -4.51 11.02
N MET A 104 -0.62 -4.75 9.79
CA MET A 104 -1.16 -4.04 8.63
C MET A 104 -2.68 -4.17 8.57
N LEU A 105 -3.19 -5.32 8.97
CA LEU A 105 -4.62 -5.58 8.95
C LEU A 105 -5.29 -5.10 10.22
N GLU A 106 -4.48 -4.70 11.20
CA GLU A 106 -5.01 -4.28 12.48
C GLU A 106 -4.82 -2.79 12.74
N SER A 107 -4.07 -2.10 11.87
CA SER A 107 -3.83 -0.67 12.07
C SER A 107 -3.88 0.09 10.74
N PRO A 108 -4.61 1.22 10.69
CA PRO A 108 -4.73 2.05 9.48
C PRO A 108 -3.41 2.73 9.13
N GLU A 109 -2.39 2.47 9.93
CA GLU A 109 -1.07 3.04 9.71
C GLU A 109 -0.02 1.95 9.68
N SER A 110 -0.39 0.74 10.07
CA SER A 110 0.52 -0.39 10.01
C SER A 110 0.66 -0.85 8.58
N LEU A 111 -0.47 -0.97 7.90
CA LEU A 111 -0.48 -1.32 6.49
C LEU A 111 0.53 -0.47 5.73
N ARG A 112 0.76 0.75 6.23
CA ARG A 112 1.70 1.67 5.60
C ARG A 112 3.08 1.60 6.23
N SER A 113 3.16 1.97 7.50
CA SER A 113 4.42 1.93 8.22
C SER A 113 5.14 0.61 7.96
N LYS A 114 4.34 -0.44 7.76
CA LYS A 114 4.88 -1.75 7.45
C LYS A 114 5.25 -1.86 5.98
N VAL A 115 4.39 -1.31 5.10
CA VAL A 115 4.65 -1.35 3.67
C VAL A 115 5.91 -0.55 3.34
N ASP A 116 5.88 0.75 3.59
CA ASP A 116 7.02 1.62 3.35
C ASP A 116 8.31 1.02 3.93
N GLU A 117 8.19 0.43 5.12
CA GLU A 117 9.35 -0.19 5.78
C GLU A 117 9.71 -1.49 5.07
N ALA A 118 8.70 -2.21 4.60
CA ALA A 118 8.92 -3.46 3.89
C ALA A 118 9.66 -3.18 2.60
N VAL A 119 9.49 -1.96 2.08
CA VAL A 119 10.17 -1.56 0.87
C VAL A 119 11.67 -1.53 1.10
N ALA A 120 12.06 -0.92 2.21
CA ALA A 120 13.46 -0.86 2.58
C ALA A 120 14.02 -2.27 2.65
N VAL A 121 13.12 -3.22 2.89
CA VAL A 121 13.47 -4.63 2.95
C VAL A 121 13.39 -5.24 1.56
N LEU A 122 12.45 -4.76 0.76
CA LEU A 122 12.29 -5.22 -0.62
C LEU A 122 13.51 -4.82 -1.43
N GLN A 123 14.08 -3.68 -1.08
CA GLN A 123 15.28 -3.18 -1.71
C GLN A 123 16.51 -3.90 -1.13
N ALA A 124 16.35 -4.38 0.10
CA ALA A 124 17.41 -5.12 0.78
C ALA A 124 17.33 -6.60 0.46
N HIS A 125 16.42 -6.95 -0.44
CA HIS A 125 16.29 -8.34 -0.84
C HIS A 125 16.36 -8.44 -2.36
N GLN A 126 15.96 -7.37 -3.04
CA GLN A 126 16.00 -7.32 -4.50
C GLN A 126 17.37 -6.82 -4.97
N ALA A 127 17.91 -5.85 -4.23
CA ALA A 127 19.22 -5.29 -4.56
C ALA A 127 20.32 -5.96 -3.76
N LYS A 128 20.15 -6.01 -2.44
CA LYS A 128 21.14 -6.63 -1.58
C LYS A 128 20.74 -8.07 -1.25
N GLU A 129 21.70 -8.78 -0.68
CA GLU A 129 21.50 -10.15 -0.24
C GLU A 129 20.99 -10.14 1.20
N ALA A 130 19.67 -10.02 1.36
CA ALA A 130 19.09 -9.95 2.68
C ALA A 130 19.47 -11.17 3.52
N ALA A 131 19.03 -12.34 3.06
CA ALA A 131 19.31 -13.59 3.76
C ALA A 131 20.66 -14.16 3.34
N GLN A 132 21.32 -14.86 4.27
CA GLN A 132 22.62 -15.46 4.00
C GLN A 132 22.48 -16.94 3.64
N LYS A 133 21.61 -17.22 2.67
CA LYS A 133 21.39 -18.59 2.23
C LYS A 133 22.61 -19.14 1.52
N ALA A 134 23.12 -18.38 0.55
CA ALA A 134 24.30 -18.80 -0.21
C ALA A 134 25.58 -18.29 0.44
N VAL A 135 25.98 -18.93 1.54
CA VAL A 135 27.19 -18.55 2.25
C VAL A 135 28.38 -19.39 1.81
N ASN A 136 29.56 -18.78 1.81
CA ASN A 136 30.78 -19.48 1.42
C ASN A 136 31.08 -20.63 2.37
N SER A 137 31.60 -21.72 1.81
CA SER A 137 31.93 -22.90 2.62
C SER A 137 33.37 -22.83 3.12
N ALA A 138 33.66 -21.81 3.93
CA ALA A 138 35.00 -21.63 4.48
C ALA A 138 35.30 -22.67 5.55
N THR A 139 36.58 -22.86 5.84
CA THR A 139 37.01 -23.82 6.85
C THR A 139 37.32 -23.12 8.17
N GLY A 140 37.60 -21.82 8.09
CA GLY A 140 37.91 -21.05 9.28
C GLY A 140 36.67 -20.55 9.99
N VAL A 141 36.85 -19.95 11.16
CA VAL A 141 35.73 -19.43 11.93
C VAL A 141 35.20 -18.13 11.32
N PRO A 142 33.89 -18.08 11.02
CA PRO A 142 33.26 -16.89 10.43
C PRO A 142 33.05 -15.78 11.44
N THR A 143 33.25 -14.53 11.00
CA THR A 143 33.09 -13.38 11.87
C THR A 143 31.62 -12.93 11.90
N VAL A 144 30.85 -13.38 10.92
CA VAL A 144 29.44 -13.02 10.84
C VAL A 144 28.70 -13.93 9.84
N GLY A 1 3.44 4.44 -31.73
CA GLY A 1 3.27 3.31 -30.77
C GLY A 1 3.00 3.79 -29.36
N PRO A 2 2.42 2.93 -28.50
CA PRO A 2 2.12 3.29 -27.11
C PRO A 2 3.38 3.54 -26.29
N LEU A 3 4.04 2.45 -25.87
CA LEU A 3 5.25 2.55 -25.08
C LEU A 3 6.49 2.36 -25.95
N GLY A 4 6.27 2.11 -27.24
CA GLY A 4 7.37 1.92 -28.15
C GLY A 4 7.77 3.20 -28.87
N SER A 5 9.00 3.24 -29.36
CA SER A 5 9.51 4.42 -30.06
C SER A 5 9.23 4.31 -31.57
N ALA A 6 9.28 5.44 -32.26
CA ALA A 6 9.04 5.48 -33.69
C ALA A 6 10.35 5.47 -34.47
N ALA A 7 10.92 4.27 -34.65
CA ALA A 7 12.17 4.12 -35.39
C ALA A 7 12.36 2.67 -35.84
N ALA A 8 12.30 1.75 -34.88
CA ALA A 8 12.46 0.33 -35.18
C ALA A 8 11.19 -0.24 -35.83
N ALA A 9 10.04 0.20 -35.35
CA ALA A 9 8.76 -0.26 -35.88
C ALA A 9 7.63 0.67 -35.47
N THR A 10 6.45 0.46 -36.06
CA THR A 10 5.29 1.28 -35.77
C THR A 10 5.57 2.76 -36.00
N PRO A 11 5.32 3.26 -37.22
CA PRO A 11 5.55 4.67 -37.57
C PRO A 11 4.70 5.62 -36.73
N ALA A 12 5.18 6.85 -36.57
CA ALA A 12 4.46 7.85 -35.80
C ALA A 12 3.46 8.60 -36.65
N VAL A 13 2.87 7.90 -37.62
CA VAL A 13 1.88 8.49 -38.52
C VAL A 13 0.47 8.13 -38.08
N ARG A 14 -0.47 9.05 -38.31
CA ARG A 14 -1.86 8.83 -37.95
C ARG A 14 -2.67 8.33 -39.14
N THR A 15 -3.15 7.09 -39.03
CA THR A 15 -3.94 6.49 -40.10
C THR A 15 -5.43 6.66 -39.84
N VAL A 16 -6.19 6.91 -40.90
CA VAL A 16 -7.63 7.09 -40.78
C VAL A 16 -8.37 5.78 -40.97
N PRO A 17 -9.43 5.53 -40.17
CA PRO A 17 -10.21 4.30 -40.26
C PRO A 17 -10.83 4.10 -41.63
N GLN A 18 -11.64 5.07 -42.05
CA GLN A 18 -12.30 5.01 -43.35
C GLN A 18 -11.43 5.63 -44.44
N TYR A 19 -11.60 5.16 -45.67
CA TYR A 19 -10.83 5.66 -46.80
C TYR A 19 -11.32 7.03 -47.22
N LYS A 20 -12.53 7.38 -46.80
CA LYS A 20 -13.13 8.67 -47.13
C LYS A 20 -12.49 9.79 -46.32
N TYR A 21 -11.91 10.76 -47.02
CA TYR A 21 -11.26 11.89 -46.37
C TYR A 21 -12.28 12.79 -45.69
N ALA A 22 -12.06 13.05 -44.39
CA ALA A 22 -12.97 13.90 -43.63
C ALA A 22 -12.72 15.38 -43.93
N ALA A 23 -13.21 16.25 -43.06
CA ALA A 23 -13.05 17.69 -43.24
C ALA A 23 -11.58 18.07 -43.26
N GLY A 24 -11.04 18.27 -44.46
CA GLY A 24 -9.63 18.63 -44.60
C GLY A 24 -9.41 20.13 -44.48
N VAL A 25 -10.47 20.86 -44.12
CA VAL A 25 -10.38 22.30 -43.97
C VAL A 25 -10.03 22.68 -42.53
N ARG A 26 -10.66 21.98 -41.58
CA ARG A 26 -10.42 22.25 -40.16
C ARG A 26 -9.04 21.76 -39.75
N ASN A 27 -8.11 22.70 -39.61
CA ASN A 27 -6.74 22.37 -39.21
C ASN A 27 -6.65 22.05 -37.72
N PRO A 28 -7.16 22.94 -36.85
CA PRO A 28 -7.11 22.73 -35.40
C PRO A 28 -8.15 21.72 -34.93
N GLN A 29 -7.72 20.49 -34.67
CA GLN A 29 -8.62 19.43 -34.22
C GLN A 29 -8.69 19.41 -32.69
N GLN A 30 -7.62 18.91 -32.07
CA GLN A 30 -7.56 18.83 -30.61
C GLN A 30 -6.76 19.99 -30.05
N HIS A 31 -5.96 20.62 -30.90
CA HIS A 31 -5.12 21.74 -30.50
C HIS A 31 -4.22 21.36 -29.32
N LEU A 32 -3.70 20.14 -29.35
CA LEU A 32 -2.83 19.67 -28.29
C LEU A 32 -1.39 20.10 -28.52
N ASN A 33 -1.02 21.25 -27.96
CA ASN A 33 0.33 21.78 -28.11
C ASN A 33 1.22 21.31 -26.98
N ALA A 34 2.47 21.79 -26.99
CA ALA A 34 3.43 21.41 -25.95
C ALA A 34 3.17 22.16 -24.65
N GLN A 35 2.16 23.04 -24.68
CA GLN A 35 1.79 23.82 -23.51
C GLN A 35 0.92 23.00 -22.55
N PRO A 36 0.98 23.31 -21.25
CA PRO A 36 0.20 22.60 -20.23
C PRO A 36 -1.25 23.07 -20.17
N GLN A 37 -1.91 23.12 -21.32
CA GLN A 37 -3.29 23.56 -21.40
C GLN A 37 -4.25 22.39 -21.16
N VAL A 38 -4.01 21.65 -20.08
CA VAL A 38 -4.85 20.51 -19.75
C VAL A 38 -6.15 20.96 -19.08
N THR A 39 -7.28 20.57 -19.66
CA THR A 39 -8.58 20.93 -19.12
C THR A 39 -9.17 19.79 -18.30
N MET A 40 -8.56 18.61 -18.41
CA MET A 40 -9.03 17.44 -17.68
C MET A 40 -8.17 17.18 -16.46
N GLN A 41 -8.59 17.73 -15.33
CA GLN A 41 -7.86 17.56 -14.07
C GLN A 41 -8.82 17.57 -12.88
N GLN A 42 -8.61 16.66 -11.93
CA GLN A 42 -9.46 16.57 -10.76
C GLN A 42 -9.45 17.88 -9.95
N PRO A 43 -8.25 18.43 -9.61
CA PRO A 43 -6.95 17.87 -9.97
C PRO A 43 -6.41 16.92 -8.91
N ALA A 44 -5.23 16.37 -9.16
CA ALA A 44 -4.61 15.43 -8.22
C ALA A 44 -4.32 16.11 -6.89
N VAL A 45 -4.69 15.44 -5.80
CA VAL A 45 -4.47 15.98 -4.46
C VAL A 45 -3.03 15.74 -4.01
N HIS A 46 -2.41 16.78 -3.46
CA HIS A 46 -1.04 16.68 -2.98
C HIS A 46 -1.00 16.45 -1.48
N VAL A 47 -2.17 16.51 -0.84
CA VAL A 47 -2.26 16.31 0.61
C VAL A 47 -2.39 14.83 0.94
N GLN A 48 -2.22 14.49 2.21
CA GLN A 48 -2.31 13.11 2.66
C GLN A 48 -3.69 12.82 3.24
N GLY A 49 -4.70 12.81 2.38
CA GLY A 49 -6.06 12.54 2.82
C GLY A 49 -6.34 11.06 2.94
N GLN A 50 -6.45 10.38 1.79
CA GLN A 50 -6.72 8.95 1.76
C GLN A 50 -5.42 8.15 1.80
N GLU A 51 -5.51 6.90 2.24
CA GLU A 51 -4.34 6.03 2.32
C GLU A 51 -3.96 5.48 0.94
N PRO A 52 -4.91 4.87 0.19
CA PRO A 52 -6.31 4.70 0.60
C PRO A 52 -6.57 3.37 1.29
N LEU A 53 -5.97 2.30 0.79
CA LEU A 53 -6.14 0.97 1.37
C LEU A 53 -5.36 0.83 2.67
N THR A 54 -5.97 0.15 3.63
CA THR A 54 -5.33 -0.08 4.93
C THR A 54 -6.12 -1.11 5.73
N ALA A 55 -5.79 -1.23 7.01
CA ALA A 55 -6.46 -2.19 7.89
C ALA A 55 -7.97 -1.99 7.87
N SER A 56 -8.42 -0.74 7.84
CA SER A 56 -9.84 -0.42 7.81
C SER A 56 -10.49 -1.03 6.56
N MET A 57 -9.84 -0.85 5.43
CA MET A 57 -10.33 -1.39 4.16
C MET A 57 -10.47 -2.91 4.27
N LEU A 58 -9.46 -3.53 4.87
CA LEU A 58 -9.45 -4.97 5.08
C LEU A 58 -10.66 -5.41 5.88
N ALA A 59 -10.90 -4.70 6.98
CA ALA A 59 -12.02 -5.00 7.86
C ALA A 59 -13.36 -4.62 7.21
N SER A 60 -13.28 -4.05 6.01
CA SER A 60 -14.49 -3.64 5.29
C SER A 60 -15.03 -4.76 4.42
N ALA A 61 -14.29 -5.86 4.33
CA ALA A 61 -14.70 -7.00 3.53
C ALA A 61 -14.53 -8.33 4.27
N PRO A 62 -15.06 -8.43 5.51
CA PRO A 62 -14.96 -9.64 6.31
C PRO A 62 -16.25 -10.46 6.34
N PRO A 63 -16.20 -11.74 5.92
CA PRO A 63 -15.01 -12.39 5.43
C PRO A 63 -14.96 -12.45 3.91
N GLN A 64 -13.87 -11.94 3.33
CA GLN A 64 -13.71 -11.95 1.88
C GLN A 64 -12.28 -11.59 1.48
N GLU A 65 -12.03 -10.29 1.34
CA GLU A 65 -10.69 -9.82 0.95
C GLU A 65 -9.89 -9.42 2.19
N GLN A 66 -10.44 -9.69 3.36
CA GLN A 66 -9.76 -9.37 4.61
C GLN A 66 -8.36 -9.95 4.64
N LYS A 67 -8.22 -11.15 4.08
CA LYS A 67 -6.93 -11.83 4.01
C LYS A 67 -6.54 -12.11 2.58
N GLN A 68 -6.98 -11.25 1.66
CA GLN A 68 -6.68 -11.42 0.24
C GLN A 68 -6.17 -10.13 -0.38
N MET A 69 -6.93 -9.04 -0.22
CA MET A 69 -6.55 -7.75 -0.78
C MET A 69 -5.46 -7.07 0.03
N LEU A 70 -4.99 -7.75 1.07
CA LEU A 70 -3.94 -7.19 1.93
C LEU A 70 -2.61 -7.10 1.20
N GLY A 71 -2.30 -8.10 0.39
CA GLY A 71 -1.04 -8.08 -0.34
C GLY A 71 -1.20 -8.53 -1.78
N GLU A 72 -2.39 -8.30 -2.34
CA GLU A 72 -2.66 -8.67 -3.72
C GLU A 72 -3.49 -7.60 -4.42
N ARG A 73 -3.99 -6.63 -3.66
CA ARG A 73 -4.79 -5.56 -4.22
C ARG A 73 -4.25 -4.20 -3.80
N LEU A 74 -3.37 -4.20 -2.80
CA LEU A 74 -2.78 -2.97 -2.30
C LEU A 74 -1.67 -2.48 -3.21
N PHE A 75 -1.21 -3.35 -4.11
CA PHE A 75 -0.12 -3.01 -5.01
C PHE A 75 -0.37 -1.66 -5.72
N PRO A 76 -1.53 -1.49 -6.39
CA PRO A 76 -1.83 -0.24 -7.09
C PRO A 76 -1.91 0.96 -6.16
N LEU A 77 -1.89 0.69 -4.85
CA LEU A 77 -1.97 1.74 -3.85
C LEU A 77 -0.60 2.12 -3.31
N ILE A 78 0.29 1.14 -3.18
CA ILE A 78 1.64 1.40 -2.67
C ILE A 78 2.36 2.39 -3.57
N GLN A 79 2.18 2.22 -4.88
CA GLN A 79 2.81 3.09 -5.86
C GLN A 79 2.59 4.56 -5.53
N ALA A 80 1.59 4.81 -4.69
CA ALA A 80 1.26 6.16 -4.25
C ALA A 80 2.13 6.57 -3.08
N MET A 81 2.35 5.65 -2.15
CA MET A 81 3.20 5.92 -0.98
C MET A 81 4.65 6.03 -1.39
N HIS A 82 5.04 5.18 -2.33
CA HIS A 82 6.42 5.13 -2.80
C HIS A 82 6.47 5.38 -4.30
N PRO A 83 7.57 5.97 -4.81
CA PRO A 83 7.73 6.25 -6.23
C PRO A 83 7.70 4.97 -7.06
N THR A 84 6.50 4.41 -7.23
CA THR A 84 6.32 3.16 -7.96
C THR A 84 7.31 2.11 -7.48
N LEU A 85 7.72 2.22 -6.21
CA LEU A 85 8.67 1.29 -5.62
C LEU A 85 7.99 -0.01 -5.20
N ALA A 86 6.69 -0.10 -5.46
CA ALA A 86 5.92 -1.29 -5.12
C ALA A 86 6.35 -2.48 -5.99
N GLY A 87 5.39 -3.18 -6.57
CA GLY A 87 5.71 -4.33 -7.41
C GLY A 87 6.00 -5.55 -6.58
N LYS A 88 6.31 -5.35 -5.30
CA LYS A 88 6.62 -6.45 -4.40
C LYS A 88 6.37 -6.08 -2.94
N ILE A 89 6.35 -4.78 -2.62
CA ILE A 89 6.15 -4.35 -1.25
C ILE A 89 4.96 -5.03 -0.59
N THR A 90 3.74 -4.55 -0.87
CA THR A 90 2.54 -5.14 -0.29
C THR A 90 2.48 -6.64 -0.56
N GLY A 91 2.85 -7.05 -1.77
CA GLY A 91 2.89 -8.46 -2.08
C GLY A 91 3.80 -9.20 -1.13
N MET A 92 4.80 -8.47 -0.64
CA MET A 92 5.75 -9.01 0.34
C MET A 92 5.10 -9.07 1.69
N LEU A 93 4.27 -8.06 1.95
CA LEU A 93 3.58 -7.92 3.22
C LEU A 93 2.75 -9.16 3.54
N LEU A 94 2.63 -10.05 2.58
CA LEU A 94 1.92 -11.29 2.78
C LEU A 94 2.92 -12.43 2.87
N GLU A 95 4.12 -12.08 3.34
CA GLU A 95 5.21 -13.05 3.45
C GLU A 95 6.40 -12.46 4.23
N ILE A 96 6.28 -11.20 4.67
CA ILE A 96 7.37 -10.57 5.42
C ILE A 96 7.64 -11.28 6.75
N ASP A 97 8.08 -10.50 7.73
CA ASP A 97 8.31 -10.97 9.08
C ASP A 97 7.07 -11.66 9.64
N ASN A 98 5.97 -11.52 8.91
CA ASN A 98 4.67 -12.09 9.29
C ASN A 98 3.98 -11.24 10.34
N SER A 99 4.76 -10.45 11.08
CA SER A 99 4.20 -9.56 12.07
C SER A 99 3.58 -8.35 11.38
N GLU A 100 4.18 -7.97 10.26
CA GLU A 100 3.66 -6.87 9.45
C GLU A 100 2.36 -7.29 8.78
N LEU A 101 2.25 -8.58 8.50
CA LEU A 101 1.05 -9.12 7.89
C LEU A 101 -0.10 -9.09 8.87
N LEU A 102 0.23 -9.13 10.16
CA LEU A 102 -0.78 -9.10 11.20
C LEU A 102 -1.14 -7.67 11.59
N HIS A 103 -0.11 -6.85 11.80
CA HIS A 103 -0.30 -5.48 12.22
C HIS A 103 -1.00 -4.65 11.15
N MET A 104 -0.64 -4.88 9.88
CA MET A 104 -1.23 -4.13 8.78
C MET A 104 -2.76 -4.31 8.77
N LEU A 105 -3.22 -5.49 9.13
CA LEU A 105 -4.65 -5.77 9.14
C LEU A 105 -5.27 -5.35 10.46
N GLU A 106 -4.44 -4.99 11.42
CA GLU A 106 -4.93 -4.61 12.74
C GLU A 106 -4.76 -3.11 12.99
N SER A 107 -4.05 -2.42 12.11
CA SER A 107 -3.82 -0.99 12.31
C SER A 107 -3.92 -0.22 10.99
N PRO A 108 -4.69 0.90 10.98
CA PRO A 108 -4.85 1.74 9.79
C PRO A 108 -3.58 2.48 9.43
N GLU A 109 -2.51 2.22 10.19
CA GLU A 109 -1.23 2.86 9.95
C GLU A 109 -0.12 1.82 9.83
N SER A 110 -0.45 0.58 10.21
CA SER A 110 0.52 -0.51 10.09
C SER A 110 0.62 -0.95 8.65
N LEU A 111 -0.54 -1.12 8.01
CA LEU A 111 -0.58 -1.45 6.61
C LEU A 111 0.38 -0.55 5.84
N ARG A 112 0.39 0.74 6.21
CA ARG A 112 1.26 1.70 5.57
C ARG A 112 2.68 1.62 6.11
N SER A 113 2.84 1.91 7.41
CA SER A 113 4.15 1.90 8.04
C SER A 113 4.91 0.61 7.72
N LYS A 114 4.28 -0.52 8.00
CA LYS A 114 4.88 -1.82 7.72
C LYS A 114 5.24 -1.96 6.24
N VAL A 115 4.45 -1.32 5.38
CA VAL A 115 4.74 -1.37 3.95
C VAL A 115 6.00 -0.56 3.64
N ASP A 116 5.98 0.73 3.99
CA ASP A 116 7.13 1.60 3.79
C ASP A 116 8.41 0.97 4.34
N GLU A 117 8.29 0.31 5.48
CA GLU A 117 9.43 -0.37 6.11
C GLU A 117 9.84 -1.58 5.29
N ALA A 118 8.84 -2.36 4.86
CA ALA A 118 9.10 -3.53 4.03
C ALA A 118 9.82 -3.12 2.77
N VAL A 119 9.58 -1.88 2.32
CA VAL A 119 10.26 -1.34 1.15
C VAL A 119 11.75 -1.40 1.35
N ALA A 120 12.17 -0.86 2.49
CA ALA A 120 13.57 -0.87 2.86
C ALA A 120 14.11 -2.30 2.82
N VAL A 121 13.20 -3.25 3.02
CA VAL A 121 13.54 -4.66 3.01
C VAL A 121 13.49 -5.22 1.58
N LEU A 122 12.62 -4.64 0.75
CA LEU A 122 12.49 -5.07 -0.63
C LEU A 122 13.69 -4.58 -1.44
N GLN A 123 14.11 -3.36 -1.16
CA GLN A 123 15.26 -2.78 -1.83
C GLN A 123 16.50 -3.60 -1.51
N ALA A 124 16.58 -4.08 -0.28
CA ALA A 124 17.66 -4.94 0.15
C ALA A 124 17.57 -6.29 -0.56
N HIS A 125 16.69 -7.15 -0.06
CA HIS A 125 16.51 -8.50 -0.61
C HIS A 125 16.74 -8.55 -2.12
N GLN A 126 16.35 -7.49 -2.81
CA GLN A 126 16.52 -7.43 -4.26
C GLN A 126 18.00 -7.35 -4.63
N ALA A 127 18.60 -6.17 -4.49
CA ALA A 127 19.99 -5.96 -4.88
C ALA A 127 20.96 -6.07 -3.70
N LYS A 128 20.59 -6.83 -2.67
CA LYS A 128 21.47 -7.01 -1.51
C LYS A 128 22.28 -8.28 -1.62
N GLU A 129 22.80 -8.73 -0.49
CA GLU A 129 23.55 -9.98 -0.42
C GLU A 129 22.59 -11.13 -0.17
N ALA A 130 21.34 -10.95 -0.59
CA ALA A 130 20.30 -11.94 -0.37
C ALA A 130 20.67 -13.28 -1.00
N ALA A 131 20.65 -13.33 -2.33
CA ALA A 131 20.98 -14.55 -3.06
C ALA A 131 22.49 -14.72 -3.17
N GLN A 132 22.92 -15.73 -3.93
CA GLN A 132 24.34 -16.01 -4.13
C GLN A 132 24.87 -15.30 -5.38
N LYS A 133 24.43 -15.77 -6.54
CA LYS A 133 24.86 -15.18 -7.80
C LYS A 133 24.09 -13.90 -8.10
N ALA A 134 24.16 -13.44 -9.35
CA ALA A 134 23.48 -12.22 -9.76
C ALA A 134 21.97 -12.39 -9.67
N VAL A 135 21.24 -11.30 -9.94
CA VAL A 135 19.78 -11.32 -9.88
C VAL A 135 19.18 -11.54 -11.27
N ASN A 136 19.14 -12.80 -11.71
CA ASN A 136 18.59 -13.14 -13.01
C ASN A 136 17.11 -13.50 -12.90
N SER A 137 16.54 -13.24 -11.73
CA SER A 137 15.13 -13.54 -11.50
C SER A 137 14.26 -12.30 -11.73
N ALA A 138 13.93 -12.03 -12.98
CA ALA A 138 13.11 -10.87 -13.34
C ALA A 138 11.63 -11.18 -13.17
N THR A 139 11.10 -12.00 -14.08
CA THR A 139 9.70 -12.39 -14.04
C THR A 139 9.56 -13.88 -13.76
N GLY A 140 10.66 -14.61 -13.95
CA GLY A 140 10.64 -16.05 -13.71
C GLY A 140 11.29 -16.41 -12.39
N VAL A 141 10.49 -16.89 -11.44
CA VAL A 141 11.00 -17.28 -10.14
C VAL A 141 11.14 -18.79 -10.02
N PRO A 142 12.37 -19.32 -10.16
CA PRO A 142 12.63 -20.76 -10.07
C PRO A 142 12.57 -21.27 -8.63
N THR A 143 12.95 -22.53 -8.44
CA THR A 143 12.95 -23.14 -7.11
C THR A 143 14.22 -22.80 -6.35
N VAL A 144 14.34 -23.30 -5.13
CA VAL A 144 15.51 -23.05 -4.29
C VAL A 144 16.70 -23.88 -4.75
N GLY A 1 -55.07 13.46 3.33
CA GLY A 1 -56.25 13.30 2.45
C GLY A 1 -57.37 12.52 3.12
N PRO A 2 -58.64 12.83 2.80
CA PRO A 2 -59.79 12.15 3.39
C PRO A 2 -60.07 10.80 2.72
N LEU A 3 -59.02 10.06 2.42
CA LEU A 3 -59.15 8.76 1.78
C LEU A 3 -59.60 7.71 2.78
N GLY A 4 -60.47 6.80 2.34
CA GLY A 4 -60.97 5.75 3.21
C GLY A 4 -60.13 4.48 3.13
N SER A 5 -60.31 3.59 4.11
CA SER A 5 -59.58 2.34 4.14
C SER A 5 -60.43 1.19 3.64
N ALA A 6 -61.75 1.39 3.66
CA ALA A 6 -62.68 0.36 3.21
C ALA A 6 -63.67 0.93 2.19
N ALA A 7 -63.49 2.20 1.85
CA ALA A 7 -64.36 2.87 0.89
C ALA A 7 -63.79 2.77 -0.52
N ALA A 8 -64.34 3.58 -1.42
CA ALA A 8 -63.88 3.58 -2.82
C ALA A 8 -62.40 3.97 -2.92
N ALA A 9 -61.65 3.23 -3.71
CA ALA A 9 -60.23 3.49 -3.90
C ALA A 9 -59.89 3.72 -5.36
N THR A 10 -60.78 3.28 -6.24
CA THR A 10 -60.58 3.43 -7.68
C THR A 10 -61.23 4.72 -8.19
N PRO A 11 -60.57 5.41 -9.14
CA PRO A 11 -61.10 6.66 -9.70
C PRO A 11 -62.27 6.43 -10.64
N ALA A 12 -63.47 6.82 -10.19
CA ALA A 12 -64.67 6.65 -10.99
C ALA A 12 -64.88 7.83 -11.93
N VAL A 13 -64.43 9.01 -11.50
CA VAL A 13 -64.55 10.22 -12.31
C VAL A 13 -63.23 10.60 -12.96
N ARG A 14 -63.30 11.10 -14.18
CA ARG A 14 -62.09 11.50 -14.90
C ARG A 14 -61.50 12.77 -14.32
N THR A 15 -60.26 12.67 -13.84
CA THR A 15 -59.57 13.81 -13.24
C THR A 15 -58.41 14.27 -14.13
N VAL A 16 -58.51 15.50 -14.62
CA VAL A 16 -57.46 16.06 -15.48
C VAL A 16 -56.37 16.74 -14.65
N PRO A 17 -56.73 17.65 -13.73
CA PRO A 17 -55.75 18.37 -12.90
C PRO A 17 -54.90 17.40 -12.06
N GLN A 18 -53.60 17.47 -12.25
CA GLN A 18 -52.68 16.61 -11.51
C GLN A 18 -52.56 17.05 -10.05
N TYR A 19 -51.73 16.34 -9.29
CA TYR A 19 -51.53 16.66 -7.89
C TYR A 19 -50.67 17.91 -7.72
N LYS A 20 -51.30 19.07 -7.84
CA LYS A 20 -50.59 20.34 -7.71
C LYS A 20 -50.84 20.97 -6.34
N TYR A 21 -49.97 21.90 -5.96
CA TYR A 21 -50.09 22.58 -4.67
C TYR A 21 -50.98 23.81 -4.78
N ALA A 22 -51.09 24.55 -3.68
CA ALA A 22 -51.91 25.75 -3.64
C ALA A 22 -51.10 26.99 -4.05
N ALA A 23 -50.06 27.28 -3.26
CA ALA A 23 -49.21 28.44 -3.53
C ALA A 23 -48.44 28.25 -4.83
N GLY A 24 -47.87 29.34 -5.33
CA GLY A 24 -47.10 29.28 -6.57
C GLY A 24 -45.67 28.86 -6.35
N VAL A 25 -45.46 27.86 -5.50
CA VAL A 25 -44.13 27.36 -5.20
C VAL A 25 -43.82 26.10 -6.00
N ARG A 26 -42.64 26.08 -6.63
CA ARG A 26 -42.23 24.94 -7.43
C ARG A 26 -41.40 23.97 -6.60
N ASN A 27 -41.97 22.78 -6.35
CA ASN A 27 -41.28 21.75 -5.56
C ASN A 27 -40.33 20.94 -6.44
N PRO A 28 -39.01 21.11 -6.24
CA PRO A 28 -38.00 20.39 -7.03
C PRO A 28 -37.93 18.91 -6.64
N GLN A 29 -38.84 18.11 -7.18
CA GLN A 29 -38.88 16.68 -6.90
C GLN A 29 -38.13 15.90 -7.97
N GLN A 30 -36.82 16.03 -8.00
CA GLN A 30 -36.00 15.34 -8.98
C GLN A 30 -35.89 13.86 -8.65
N HIS A 31 -35.48 13.05 -9.63
CA HIS A 31 -35.34 11.62 -9.45
C HIS A 31 -33.87 11.23 -9.38
N LEU A 32 -33.19 11.67 -8.33
CA LEU A 32 -31.78 11.36 -8.14
C LEU A 32 -31.59 10.13 -7.26
N ASN A 33 -32.46 9.99 -6.26
CA ASN A 33 -32.39 8.85 -5.34
C ASN A 33 -32.98 7.61 -5.99
N ALA A 34 -33.91 7.80 -6.92
CA ALA A 34 -34.54 6.68 -7.62
C ALA A 34 -33.72 6.28 -8.84
N GLN A 35 -32.82 5.31 -8.65
CA GLN A 35 -31.97 4.83 -9.73
C GLN A 35 -32.55 3.56 -10.34
N PRO A 36 -32.53 3.45 -11.69
CA PRO A 36 -33.04 2.27 -12.39
C PRO A 36 -32.08 1.09 -12.30
N GLN A 37 -32.15 0.19 -13.28
CA GLN A 37 -31.29 -0.97 -13.32
C GLN A 37 -30.03 -0.70 -14.13
N VAL A 38 -29.25 0.29 -13.70
CA VAL A 38 -28.02 0.64 -14.39
C VAL A 38 -26.79 0.11 -13.63
N THR A 39 -26.92 -1.08 -13.09
CA THR A 39 -25.83 -1.70 -12.33
C THR A 39 -24.84 -2.37 -13.27
N MET A 40 -25.30 -2.69 -14.48
CA MET A 40 -24.45 -3.34 -15.48
C MET A 40 -23.69 -2.31 -16.30
N GLN A 41 -23.86 -1.05 -15.96
CA GLN A 41 -23.18 0.04 -16.67
C GLN A 41 -23.25 1.35 -15.88
N GLN A 42 -22.16 1.68 -15.21
CA GLN A 42 -22.09 2.90 -14.41
C GLN A 42 -20.67 3.46 -14.42
N PRO A 43 -20.53 4.80 -14.55
CA PRO A 43 -19.22 5.46 -14.57
C PRO A 43 -18.37 5.10 -13.36
N ALA A 44 -17.19 4.56 -13.62
CA ALA A 44 -16.28 4.17 -12.54
C ALA A 44 -15.36 5.33 -12.15
N VAL A 45 -15.48 5.76 -10.91
CA VAL A 45 -14.67 6.87 -10.40
C VAL A 45 -13.28 6.38 -9.95
N HIS A 46 -12.28 6.64 -10.77
CA HIS A 46 -10.91 6.22 -10.46
C HIS A 46 -10.05 7.42 -10.08
N VAL A 47 -10.48 8.16 -9.05
CA VAL A 47 -9.75 9.33 -8.60
C VAL A 47 -8.70 8.95 -7.54
N GLN A 48 -7.58 9.68 -7.55
CA GLN A 48 -6.50 9.42 -6.61
C GLN A 48 -6.68 10.23 -5.34
N GLY A 49 -7.74 11.03 -5.29
CA GLY A 49 -8.00 11.85 -4.12
C GLY A 49 -8.83 11.12 -3.07
N GLN A 50 -8.89 9.80 -3.18
CA GLN A 50 -9.67 8.99 -2.24
C GLN A 50 -8.76 8.43 -1.14
N GLU A 51 -9.38 7.80 -0.16
CA GLU A 51 -8.64 7.21 0.96
C GLU A 51 -7.96 5.91 0.54
N PRO A 52 -6.62 5.85 0.63
CA PRO A 52 -5.85 4.66 0.26
C PRO A 52 -6.28 3.42 1.02
N LEU A 53 -5.72 2.27 0.66
CA LEU A 53 -6.05 1.02 1.31
C LEU A 53 -5.27 0.86 2.61
N THR A 54 -5.91 0.26 3.61
CA THR A 54 -5.28 0.04 4.91
C THR A 54 -6.08 -0.97 5.72
N ALA A 55 -5.77 -1.08 7.00
CA ALA A 55 -6.46 -2.02 7.87
C ALA A 55 -7.96 -1.75 7.88
N SER A 56 -8.33 -0.47 7.84
CA SER A 56 -9.73 -0.08 7.82
C SER A 56 -10.42 -0.66 6.59
N MET A 57 -9.76 -0.56 5.44
CA MET A 57 -10.29 -1.10 4.20
C MET A 57 -10.47 -2.61 4.31
N LEU A 58 -9.48 -3.25 4.92
CA LEU A 58 -9.51 -4.69 5.12
C LEU A 58 -10.74 -5.10 5.94
N ALA A 59 -10.97 -4.35 7.02
CA ALA A 59 -12.10 -4.62 7.90
C ALA A 59 -13.42 -4.30 7.21
N SER A 60 -13.35 -3.61 6.08
CA SER A 60 -14.55 -3.24 5.33
C SER A 60 -15.11 -4.44 4.58
N ALA A 61 -14.34 -5.53 4.57
CA ALA A 61 -14.75 -6.75 3.89
C ALA A 61 -14.54 -7.96 4.78
N PRO A 62 -15.57 -8.80 4.97
CA PRO A 62 -15.47 -10.04 5.77
C PRO A 62 -14.31 -10.92 5.28
N PRO A 63 -14.24 -12.22 5.66
CA PRO A 63 -13.18 -13.11 5.19
C PRO A 63 -12.90 -12.94 3.68
N GLN A 64 -13.81 -12.27 3.00
CA GLN A 64 -13.68 -11.96 1.57
C GLN A 64 -12.25 -11.58 1.22
N GLU A 65 -11.96 -10.30 1.36
CA GLU A 65 -10.64 -9.76 1.05
C GLU A 65 -9.87 -9.44 2.32
N GLN A 66 -10.42 -9.83 3.46
CA GLN A 66 -9.78 -9.60 4.75
C GLN A 66 -8.39 -10.23 4.78
N LYS A 67 -8.21 -11.24 3.95
CA LYS A 67 -6.93 -11.94 3.87
C LYS A 67 -6.47 -12.07 2.42
N GLN A 68 -6.95 -11.16 1.57
CA GLN A 68 -6.60 -11.19 0.15
C GLN A 68 -6.12 -9.83 -0.35
N MET A 69 -6.96 -8.81 -0.20
CA MET A 69 -6.64 -7.46 -0.70
C MET A 69 -5.60 -6.76 0.16
N LEU A 70 -4.87 -7.52 0.97
CA LEU A 70 -3.83 -6.96 1.83
C LEU A 70 -2.50 -6.92 1.10
N GLY A 71 -2.23 -7.97 0.35
CA GLY A 71 -0.99 -8.04 -0.40
C GLY A 71 -1.22 -8.41 -1.85
N GLU A 72 -2.47 -8.29 -2.31
CA GLU A 72 -2.79 -8.63 -3.69
C GLU A 72 -3.65 -7.56 -4.36
N ARG A 73 -4.16 -6.63 -3.58
CA ARG A 73 -5.00 -5.57 -4.13
C ARG A 73 -4.48 -4.19 -3.71
N LEU A 74 -3.58 -4.18 -2.74
CA LEU A 74 -2.99 -2.94 -2.26
C LEU A 74 -1.93 -2.42 -3.22
N PHE A 75 -1.55 -3.27 -4.17
CA PHE A 75 -0.51 -2.92 -5.13
C PHE A 75 -0.73 -1.53 -5.73
N PRO A 76 -1.92 -1.25 -6.31
CA PRO A 76 -2.22 0.05 -6.92
C PRO A 76 -2.17 1.19 -5.90
N LEU A 77 -2.21 0.82 -4.63
CA LEU A 77 -2.19 1.82 -3.56
C LEU A 77 -0.78 2.09 -3.07
N ILE A 78 0.10 1.10 -3.19
CA ILE A 78 1.48 1.26 -2.73
C ILE A 78 2.25 2.21 -3.63
N GLN A 79 2.02 2.10 -4.94
CA GLN A 79 2.67 2.96 -5.92
C GLN A 79 2.45 4.43 -5.54
N ALA A 80 1.48 4.65 -4.67
CA ALA A 80 1.14 5.99 -4.19
C ALA A 80 2.06 6.40 -3.04
N MET A 81 2.39 5.44 -2.18
CA MET A 81 3.25 5.70 -1.03
C MET A 81 4.71 5.85 -1.47
N HIS A 82 5.09 5.07 -2.46
CA HIS A 82 6.45 5.07 -2.98
C HIS A 82 6.47 5.33 -4.48
N PRO A 83 7.63 5.72 -5.04
CA PRO A 83 7.76 5.98 -6.48
C PRO A 83 7.63 4.71 -7.31
N THR A 84 6.40 4.19 -7.39
CA THR A 84 6.12 2.97 -8.12
C THR A 84 7.13 1.87 -7.80
N LEU A 85 7.47 1.74 -6.52
CA LEU A 85 8.42 0.73 -6.07
C LEU A 85 7.68 -0.48 -5.49
N ALA A 86 6.38 -0.51 -5.71
CA ALA A 86 5.53 -1.59 -5.21
C ALA A 86 5.76 -2.90 -5.98
N GLY A 87 6.92 -3.02 -6.60
CA GLY A 87 7.24 -4.23 -7.34
C GLY A 87 7.21 -5.47 -6.48
N LYS A 88 7.26 -5.29 -5.17
CA LYS A 88 7.23 -6.41 -4.23
C LYS A 88 7.02 -5.92 -2.80
N ILE A 89 6.32 -4.81 -2.63
CA ILE A 89 6.07 -4.30 -1.30
C ILE A 89 4.90 -5.03 -0.65
N THR A 90 3.69 -4.50 -0.84
CA THR A 90 2.49 -5.10 -0.26
C THR A 90 2.39 -6.57 -0.61
N GLY A 91 2.72 -6.92 -1.85
CA GLY A 91 2.68 -8.30 -2.26
C GLY A 91 3.51 -9.17 -1.34
N MET A 92 4.58 -8.58 -0.81
CA MET A 92 5.45 -9.28 0.11
C MET A 92 4.93 -9.19 1.53
N LEU A 93 4.12 -8.16 1.78
CA LEU A 93 3.51 -7.98 3.08
C LEU A 93 2.65 -9.18 3.45
N LEU A 94 2.44 -10.05 2.47
CA LEU A 94 1.70 -11.27 2.70
C LEU A 94 2.68 -12.43 2.81
N GLU A 95 3.90 -12.12 3.22
CA GLU A 95 4.95 -13.11 3.33
C GLU A 95 6.14 -12.59 4.14
N ILE A 96 6.08 -11.34 4.61
CA ILE A 96 7.18 -10.77 5.38
C ILE A 96 7.41 -11.53 6.69
N ASP A 97 7.91 -10.80 7.69
CA ASP A 97 8.12 -11.32 9.03
C ASP A 97 6.84 -11.93 9.58
N ASN A 98 5.74 -11.71 8.87
CA ASN A 98 4.41 -12.21 9.26
C ASN A 98 3.80 -11.35 10.35
N SER A 99 4.64 -10.64 11.09
CA SER A 99 4.14 -9.74 12.13
C SER A 99 3.62 -8.47 11.48
N GLU A 100 4.14 -8.17 10.30
CA GLU A 100 3.69 -7.02 9.54
C GLU A 100 2.37 -7.34 8.84
N LEU A 101 2.27 -8.56 8.34
CA LEU A 101 1.05 -9.03 7.69
C LEU A 101 -0.09 -9.04 8.69
N LEU A 102 0.26 -9.09 9.97
CA LEU A 102 -0.71 -9.12 11.06
C LEU A 102 -1.09 -7.71 11.49
N HIS A 103 -0.07 -6.91 11.79
CA HIS A 103 -0.29 -5.55 12.25
C HIS A 103 -0.97 -4.70 11.19
N MET A 104 -0.59 -4.91 9.93
CA MET A 104 -1.15 -4.17 8.82
C MET A 104 -2.67 -4.33 8.76
N LEU A 105 -3.15 -5.51 9.13
CA LEU A 105 -4.58 -5.78 9.12
C LEU A 105 -5.22 -5.36 10.43
N GLU A 106 -4.40 -5.02 11.41
CA GLU A 106 -4.89 -4.66 12.72
C GLU A 106 -4.71 -3.18 13.03
N SER A 107 -4.05 -2.44 12.14
CA SER A 107 -3.83 -1.02 12.36
C SER A 107 -3.95 -0.22 11.07
N PRO A 108 -4.75 0.87 11.08
CA PRO A 108 -4.97 1.72 9.89
C PRO A 108 -3.69 2.46 9.48
N GLU A 109 -2.58 2.14 10.14
CA GLU A 109 -1.30 2.75 9.84
C GLU A 109 -0.23 1.70 9.70
N SER A 110 -0.43 0.53 10.31
CA SER A 110 0.53 -0.54 10.21
C SER A 110 0.65 -0.99 8.77
N LEU A 111 -0.49 -1.09 8.10
CA LEU A 111 -0.54 -1.42 6.69
C LEU A 111 0.46 -0.54 5.94
N ARG A 112 0.70 0.66 6.48
CA ARG A 112 1.62 1.61 5.87
C ARG A 112 3.01 1.52 6.48
N SER A 113 3.12 1.90 7.75
CA SER A 113 4.39 1.85 8.45
C SER A 113 5.10 0.54 8.17
N LYS A 114 4.33 -0.51 7.93
CA LYS A 114 4.89 -1.81 7.60
C LYS A 114 5.27 -1.87 6.12
N VAL A 115 4.41 -1.35 5.26
CA VAL A 115 4.69 -1.35 3.82
C VAL A 115 5.92 -0.51 3.52
N ASP A 116 5.86 0.78 3.85
CA ASP A 116 6.98 1.69 3.62
C ASP A 116 8.27 1.11 4.20
N GLU A 117 8.18 0.49 5.37
CA GLU A 117 9.35 -0.11 6.00
C GLU A 117 9.74 -1.37 5.27
N ALA A 118 8.74 -2.08 4.75
CA ALA A 118 8.99 -3.29 3.99
C ALA A 118 9.70 -2.96 2.69
N VAL A 119 9.48 -1.75 2.19
CA VAL A 119 10.15 -1.28 0.99
C VAL A 119 11.65 -1.29 1.23
N ALA A 120 12.03 -0.72 2.37
CA ALA A 120 13.44 -0.70 2.76
C ALA A 120 13.97 -2.12 2.81
N VAL A 121 13.07 -3.06 3.03
CA VAL A 121 13.39 -4.47 3.11
C VAL A 121 13.37 -5.11 1.72
N LEU A 122 12.51 -4.58 0.85
CA LEU A 122 12.39 -5.08 -0.52
C LEU A 122 13.61 -4.65 -1.32
N GLN A 123 14.05 -3.42 -1.11
CA GLN A 123 15.22 -2.89 -1.79
C GLN A 123 16.46 -3.69 -1.38
N ALA A 124 16.52 -4.06 -0.11
CA ALA A 124 17.61 -4.87 0.41
C ALA A 124 17.50 -6.29 -0.12
N HIS A 125 16.60 -7.07 0.47
CA HIS A 125 16.40 -8.47 0.10
C HIS A 125 16.64 -8.73 -1.38
N GLN A 126 16.31 -7.76 -2.22
CA GLN A 126 16.51 -7.88 -3.65
C GLN A 126 17.99 -7.95 -4.00
N ALA A 127 18.65 -6.79 -4.04
CA ALA A 127 20.07 -6.72 -4.40
C ALA A 127 21.00 -6.70 -3.19
N LYS A 128 20.56 -7.24 -2.07
CA LYS A 128 21.40 -7.27 -0.87
C LYS A 128 22.13 -8.60 -0.75
N GLU A 129 22.63 -8.86 0.45
CA GLU A 129 23.30 -10.11 0.75
C GLU A 129 22.27 -11.15 1.20
N ALA A 130 21.05 -11.00 0.70
CA ALA A 130 19.95 -11.88 1.08
C ALA A 130 20.27 -13.34 0.75
N ALA A 131 20.27 -13.67 -0.54
CA ALA A 131 20.55 -15.03 -0.98
C ALA A 131 22.03 -15.36 -0.84
N GLN A 132 22.36 -16.64 -1.01
CA GLN A 132 23.73 -17.10 -0.89
C GLN A 132 24.42 -17.13 -2.25
N LYS A 133 24.23 -16.06 -3.02
CA LYS A 133 24.83 -15.96 -4.35
C LYS A 133 26.36 -16.03 -4.26
N ALA A 134 26.94 -15.08 -3.52
CA ALA A 134 28.39 -15.03 -3.37
C ALA A 134 28.83 -15.83 -2.14
N VAL A 135 29.97 -16.51 -2.28
CA VAL A 135 30.51 -17.32 -1.18
C VAL A 135 31.40 -16.48 -0.27
N ASN A 136 30.94 -15.27 0.05
CA ASN A 136 31.68 -14.37 0.91
C ASN A 136 31.62 -14.82 2.36
N SER A 137 32.71 -15.41 2.84
CA SER A 137 32.78 -15.89 4.22
C SER A 137 33.21 -14.76 5.16
N ALA A 138 33.52 -15.13 6.41
CA ALA A 138 33.94 -14.15 7.39
C ALA A 138 35.27 -13.51 7.02
N THR A 139 35.34 -12.19 7.10
CA THR A 139 36.55 -11.46 6.76
C THR A 139 37.33 -11.08 8.01
N GLY A 140 38.24 -10.12 7.88
CA GLY A 140 39.04 -9.68 9.01
C GLY A 140 38.54 -8.38 9.60
N VAL A 141 37.69 -7.68 8.87
CA VAL A 141 37.14 -6.41 9.33
C VAL A 141 35.91 -6.62 10.22
N PRO A 142 34.92 -7.42 9.77
CA PRO A 142 33.70 -7.67 10.56
C PRO A 142 34.00 -8.30 11.91
N THR A 143 35.23 -8.77 12.08
CA THR A 143 35.64 -9.40 13.33
C THR A 143 35.90 -8.37 14.41
N VAL A 144 37.02 -7.66 14.30
CA VAL A 144 37.38 -6.63 15.28
C VAL A 144 38.16 -5.51 14.61
N GLY A 1 22.26 9.30 39.02
CA GLY A 1 22.79 9.22 40.41
C GLY A 1 23.23 10.57 40.95
N PRO A 2 23.14 10.78 42.28
CA PRO A 2 23.54 12.05 42.90
C PRO A 2 25.04 12.27 42.86
N LEU A 3 25.45 13.54 42.99
CA LEU A 3 26.86 13.88 42.97
C LEU A 3 27.42 14.02 44.38
N GLY A 4 28.14 13.00 44.84
CA GLY A 4 28.71 13.04 46.17
C GLY A 4 30.16 13.45 46.18
N SER A 5 31.04 12.50 45.88
CA SER A 5 32.47 12.76 45.84
C SER A 5 32.89 13.31 44.49
N ALA A 6 34.21 13.39 44.27
CA ALA A 6 34.76 13.91 43.01
C ALA A 6 34.29 15.33 42.75
N ALA A 7 33.19 15.47 42.01
CA ALA A 7 32.63 16.78 41.69
C ALA A 7 33.68 17.67 41.03
N ALA A 8 33.95 17.41 39.74
CA ALA A 8 34.92 18.18 38.99
C ALA A 8 34.50 18.32 37.53
N ALA A 9 33.84 17.30 37.02
CA ALA A 9 33.39 17.30 35.64
C ALA A 9 31.99 17.89 35.52
N THR A 10 31.54 18.54 36.58
CA THR A 10 30.22 19.15 36.60
C THR A 10 30.31 20.65 36.84
N PRO A 11 29.41 21.44 36.23
CA PRO A 11 29.41 22.90 36.38
C PRO A 11 28.90 23.33 37.75
N ALA A 12 28.94 24.64 38.01
CA ALA A 12 28.48 25.19 39.28
C ALA A 12 26.97 25.14 39.38
N VAL A 13 26.31 24.98 38.23
CA VAL A 13 24.84 24.92 38.19
C VAL A 13 24.37 23.48 38.03
N ARG A 14 24.30 22.76 39.15
CA ARG A 14 23.86 21.37 39.13
C ARG A 14 22.35 21.28 39.03
N THR A 15 21.68 22.41 39.25
CA THR A 15 20.21 22.45 39.20
C THR A 15 19.76 23.26 37.98
N VAL A 16 18.48 23.10 37.63
CA VAL A 16 17.91 23.81 36.50
C VAL A 16 17.05 24.99 36.95
N PRO A 17 17.34 26.20 36.45
CA PRO A 17 16.60 27.41 36.83
C PRO A 17 15.10 27.27 36.56
N GLN A 18 14.75 26.97 35.31
CA GLN A 18 13.36 26.82 34.92
C GLN A 18 12.94 25.36 34.94
N TYR A 19 11.67 25.11 35.25
CA TYR A 19 11.13 23.75 35.30
C TYR A 19 10.98 23.17 33.90
N LYS A 20 10.65 21.88 33.84
CA LYS A 20 10.48 21.21 32.56
C LYS A 20 9.13 21.56 31.94
N TYR A 21 8.96 21.22 30.67
CA TYR A 21 7.71 21.51 29.96
C TYR A 21 6.69 20.41 30.21
N ALA A 22 5.70 20.69 31.05
CA ALA A 22 4.66 19.72 31.37
C ALA A 22 3.70 19.56 30.20
N ALA A 23 2.63 18.79 30.42
CA ALA A 23 1.62 18.55 29.39
C ALA A 23 0.80 19.80 29.13
N GLY A 24 0.87 20.32 27.91
CA GLY A 24 0.13 21.51 27.55
C GLY A 24 -1.24 21.18 27.00
N VAL A 25 -1.84 20.10 27.50
CA VAL A 25 -3.16 19.66 27.05
C VAL A 25 -4.22 19.98 28.12
N ARG A 26 -4.05 21.11 28.79
CA ARG A 26 -4.98 21.54 29.82
C ARG A 26 -6.29 22.04 29.21
N ASN A 27 -7.13 22.65 30.04
CA ASN A 27 -8.42 23.17 29.59
C ASN A 27 -8.34 24.65 29.21
N PRO A 28 -7.79 25.51 30.08
CA PRO A 28 -7.67 26.94 29.81
C PRO A 28 -6.76 27.24 28.62
N GLN A 29 -7.33 27.79 27.55
CA GLN A 29 -6.58 28.12 26.35
C GLN A 29 -5.80 29.42 26.54
N GLN A 30 -4.72 29.57 25.78
CA GLN A 30 -3.89 30.77 25.87
C GLN A 30 -4.27 31.78 24.79
N HIS A 31 -4.91 32.87 25.21
CA HIS A 31 -5.32 33.92 24.27
C HIS A 31 -4.25 35.00 24.16
N LEU A 32 -3.06 34.69 24.66
CA LEU A 32 -1.95 35.63 24.62
C LEU A 32 -1.30 35.66 23.24
N ASN A 33 -0.74 34.53 22.83
CA ASN A 33 -0.10 34.42 21.53
C ASN A 33 -1.12 34.16 20.43
N ALA A 34 -1.62 32.93 20.36
CA ALA A 34 -2.61 32.56 19.35
C ALA A 34 -3.95 33.23 19.64
N GLN A 35 -4.42 34.03 18.70
CA GLN A 35 -5.70 34.73 18.85
C GLN A 35 -6.88 33.86 18.39
N PRO A 36 -6.81 33.29 17.17
CA PRO A 36 -7.89 32.44 16.64
C PRO A 36 -7.98 31.10 17.36
N GLN A 37 -9.17 30.76 17.81
CA GLN A 37 -9.39 29.49 18.51
C GLN A 37 -10.03 28.46 17.58
N VAL A 38 -9.84 28.65 16.28
CA VAL A 38 -10.40 27.74 15.28
C VAL A 38 -9.37 26.70 14.84
N THR A 39 -8.12 26.90 15.26
CA THR A 39 -7.04 25.98 14.91
C THR A 39 -7.05 24.75 15.80
N MET A 40 -6.81 24.96 17.09
CA MET A 40 -6.78 23.86 18.05
C MET A 40 -8.18 23.57 18.59
N GLN A 41 -9.09 23.14 17.72
CA GLN A 41 -10.45 22.82 18.11
C GLN A 41 -11.12 21.91 17.08
N GLN A 42 -10.35 20.97 16.55
CA GLN A 42 -10.87 20.04 15.55
C GLN A 42 -10.02 18.76 15.50
N PRO A 43 -10.53 17.65 16.06
CA PRO A 43 -9.81 16.38 16.07
C PRO A 43 -9.75 15.75 14.69
N ALA A 44 -8.67 14.99 14.43
CA ALA A 44 -8.49 14.34 13.15
C ALA A 44 -9.53 13.25 12.93
N VAL A 45 -10.45 13.50 12.01
CA VAL A 45 -11.51 12.54 11.71
C VAL A 45 -11.16 11.71 10.48
N HIS A 46 -12.01 10.75 10.15
CA HIS A 46 -11.79 9.87 9.00
C HIS A 46 -12.59 10.35 7.79
N VAL A 47 -12.12 9.99 6.60
CA VAL A 47 -12.79 10.38 5.37
C VAL A 47 -13.89 9.38 5.01
N GLN A 48 -14.88 9.86 4.26
CA GLN A 48 -16.00 9.01 3.84
C GLN A 48 -15.57 8.03 2.76
N GLY A 49 -14.65 8.47 1.90
CA GLY A 49 -14.16 7.62 0.83
C GLY A 49 -13.09 6.66 1.30
N GLN A 50 -13.46 5.38 1.43
CA GLN A 50 -12.52 4.37 1.89
C GLN A 50 -11.70 3.83 0.72
N GLU A 51 -11.13 4.72 -0.08
CA GLU A 51 -10.32 4.33 -1.22
C GLU A 51 -8.95 3.81 -0.78
N PRO A 52 -8.22 4.56 0.08
CA PRO A 52 -6.89 4.14 0.55
C PRO A 52 -6.93 2.81 1.30
N LEU A 53 -6.18 1.84 0.80
CA LEU A 53 -6.12 0.51 1.41
C LEU A 53 -5.41 0.56 2.76
N THR A 54 -5.99 -0.10 3.75
CA THR A 54 -5.40 -0.17 5.09
C THR A 54 -6.15 -1.19 5.93
N ALA A 55 -5.74 -1.32 7.19
CA ALA A 55 -6.37 -2.28 8.10
C ALA A 55 -7.88 -2.11 8.13
N SER A 56 -8.34 -0.86 8.03
CA SER A 56 -9.77 -0.56 8.05
C SER A 56 -10.47 -1.13 6.83
N MET A 57 -9.88 -0.87 5.65
CA MET A 57 -10.43 -1.36 4.40
C MET A 57 -10.54 -2.87 4.42
N LEU A 58 -9.50 -3.51 4.95
CA LEU A 58 -9.45 -4.96 5.06
C LEU A 58 -10.55 -5.47 5.97
N ALA A 59 -10.71 -4.82 7.11
CA ALA A 59 -11.75 -5.19 8.07
C ALA A 59 -13.13 -4.91 7.48
N SER A 60 -13.15 -4.21 6.35
CA SER A 60 -14.40 -3.88 5.67
C SER A 60 -14.87 -5.04 4.80
N ALA A 61 -14.01 -6.05 4.67
CA ALA A 61 -14.33 -7.22 3.86
C ALA A 61 -13.99 -8.51 4.61
N PRO A 62 -14.55 -8.72 5.82
CA PRO A 62 -14.29 -9.91 6.63
C PRO A 62 -14.50 -11.22 5.87
N PRO A 63 -15.67 -11.41 5.21
CA PRO A 63 -15.96 -12.64 4.48
C PRO A 63 -15.63 -12.53 2.99
N GLN A 64 -14.89 -11.48 2.64
CA GLN A 64 -14.53 -11.25 1.24
C GLN A 64 -13.01 -11.18 1.06
N GLU A 65 -12.47 -9.96 1.06
CA GLU A 65 -11.04 -9.77 0.85
C GLU A 65 -10.33 -9.39 2.15
N GLN A 66 -10.77 -9.97 3.26
CA GLN A 66 -10.15 -9.67 4.55
C GLN A 66 -8.66 -10.03 4.54
N LYS A 67 -8.37 -11.24 4.10
CA LYS A 67 -7.00 -11.72 4.00
C LYS A 67 -6.63 -12.00 2.55
N GLN A 68 -7.15 -11.19 1.64
CA GLN A 68 -6.89 -11.37 0.22
C GLN A 68 -6.36 -10.09 -0.42
N MET A 69 -7.06 -8.98 -0.18
CA MET A 69 -6.67 -7.69 -0.75
C MET A 69 -5.54 -7.04 0.04
N LEU A 70 -5.14 -7.67 1.13
CA LEU A 70 -4.07 -7.14 1.98
C LEU A 70 -2.77 -7.02 1.20
N GLY A 71 -2.49 -8.00 0.35
CA GLY A 71 -1.25 -7.99 -0.41
C GLY A 71 -1.47 -8.39 -1.86
N GLU A 72 -2.66 -8.10 -2.38
CA GLU A 72 -2.99 -8.43 -3.77
C GLU A 72 -3.87 -7.35 -4.40
N ARG A 73 -4.18 -6.33 -3.61
CA ARG A 73 -5.00 -5.21 -4.07
C ARG A 73 -4.31 -3.89 -3.72
N LEU A 74 -3.44 -3.96 -2.72
CA LEU A 74 -2.69 -2.80 -2.29
C LEU A 74 -1.57 -2.49 -3.25
N PHE A 75 -1.13 -3.52 -3.97
CA PHE A 75 -0.03 -3.40 -4.91
C PHE A 75 -0.10 -2.09 -5.73
N PRO A 76 -1.22 -1.83 -6.43
CA PRO A 76 -1.36 -0.61 -7.22
C PRO A 76 -1.53 0.64 -6.35
N LEU A 77 -1.83 0.41 -5.07
CA LEU A 77 -2.03 1.51 -4.13
C LEU A 77 -0.74 1.87 -3.42
N ILE A 78 0.22 0.95 -3.38
CA ILE A 78 1.51 1.23 -2.76
C ILE A 78 2.31 2.17 -3.66
N GLN A 79 2.17 1.98 -4.97
CA GLN A 79 2.82 2.84 -5.95
C GLN A 79 2.50 4.30 -5.66
N ALA A 80 1.51 4.50 -4.80
CA ALA A 80 1.08 5.82 -4.37
C ALA A 80 1.95 6.33 -3.23
N MET A 81 2.23 5.46 -2.25
CA MET A 81 3.05 5.81 -1.11
C MET A 81 4.50 5.99 -1.54
N HIS A 82 4.90 5.16 -2.49
CA HIS A 82 6.25 5.14 -3.00
C HIS A 82 6.25 5.44 -4.50
N PRO A 83 7.22 6.23 -4.99
CA PRO A 83 7.31 6.59 -6.40
C PRO A 83 6.77 5.49 -7.31
N THR A 84 7.23 4.27 -7.06
CA THR A 84 6.77 3.10 -7.81
C THR A 84 7.54 1.86 -7.34
N LEU A 85 8.21 1.99 -6.20
CA LEU A 85 9.01 0.90 -5.64
C LEU A 85 8.14 -0.26 -5.20
N ALA A 86 6.84 -0.15 -5.46
CA ALA A 86 5.89 -1.20 -5.09
C ALA A 86 5.94 -2.35 -6.08
N GLY A 87 7.14 -2.81 -6.40
CA GLY A 87 7.29 -3.94 -7.29
C GLY A 87 7.23 -5.24 -6.52
N LYS A 88 7.20 -5.14 -5.20
CA LYS A 88 7.14 -6.30 -4.33
C LYS A 88 6.99 -5.89 -2.87
N ILE A 89 6.37 -4.74 -2.62
CA ILE A 89 6.17 -4.30 -1.25
C ILE A 89 4.97 -5.01 -0.62
N THR A 90 3.76 -4.50 -0.85
CA THR A 90 2.56 -5.10 -0.30
C THR A 90 2.52 -6.60 -0.62
N GLY A 91 2.92 -6.96 -1.83
CA GLY A 91 2.97 -8.37 -2.19
C GLY A 91 3.84 -9.12 -1.21
N MET A 92 4.83 -8.43 -0.69
CA MET A 92 5.72 -8.98 0.32
C MET A 92 5.02 -9.07 1.65
N LEU A 93 4.23 -8.03 1.94
CA LEU A 93 3.51 -7.92 3.19
C LEU A 93 2.65 -9.15 3.46
N LEU A 94 2.52 -10.00 2.47
CA LEU A 94 1.79 -11.24 2.63
C LEU A 94 2.79 -12.39 2.72
N GLU A 95 3.98 -12.07 3.22
CA GLU A 95 5.04 -13.06 3.35
C GLU A 95 6.23 -12.52 4.13
N ILE A 96 6.15 -11.26 4.59
CA ILE A 96 7.26 -10.67 5.34
C ILE A 96 7.50 -11.40 6.67
N ASP A 97 8.00 -10.65 7.65
CA ASP A 97 8.24 -11.14 8.99
C ASP A 97 6.96 -11.74 9.58
N ASN A 98 5.85 -11.53 8.89
CA ASN A 98 4.54 -12.02 9.32
C ASN A 98 3.94 -11.11 10.38
N SER A 99 4.80 -10.40 11.11
CA SER A 99 4.33 -9.46 12.12
C SER A 99 3.77 -8.22 11.44
N GLU A 100 4.31 -7.92 10.27
CA GLU A 100 3.83 -6.81 9.46
C GLU A 100 2.50 -7.18 8.82
N LEU A 101 2.41 -8.44 8.39
CA LEU A 101 1.18 -8.95 7.80
C LEU A 101 0.06 -8.94 8.83
N LEU A 102 0.44 -8.97 10.09
CA LEU A 102 -0.52 -8.97 11.19
C LEU A 102 -0.89 -7.55 11.60
N HIS A 103 0.12 -6.72 11.78
CA HIS A 103 -0.08 -5.35 12.20
C HIS A 103 -0.82 -4.54 11.14
N MET A 104 -0.46 -4.76 9.87
CA MET A 104 -1.09 -4.04 8.76
C MET A 104 -2.60 -4.25 8.76
N LEU A 105 -3.05 -5.43 9.17
CA LEU A 105 -4.48 -5.73 9.20
C LEU A 105 -5.09 -5.27 10.52
N GLU A 106 -4.25 -4.91 11.46
CA GLU A 106 -4.73 -4.52 12.79
C GLU A 106 -4.59 -3.02 13.04
N SER A 107 -3.93 -2.29 12.14
CA SER A 107 -3.74 -0.86 12.34
C SER A 107 -3.85 -0.08 11.03
N PRO A 108 -4.58 1.06 11.05
CA PRO A 108 -4.75 1.91 9.86
C PRO A 108 -3.47 2.65 9.51
N GLU A 109 -2.42 2.42 10.30
CA GLU A 109 -1.13 3.06 10.09
C GLU A 109 -0.05 2.00 9.95
N SER A 110 -0.39 0.76 10.27
CA SER A 110 0.55 -0.34 10.13
C SER A 110 0.65 -0.77 8.69
N LEU A 111 -0.51 -0.92 8.07
CA LEU A 111 -0.56 -1.25 6.66
C LEU A 111 0.38 -0.33 5.88
N ARG A 112 0.41 0.94 6.29
CA ARG A 112 1.28 1.92 5.65
C ARG A 112 2.71 1.82 6.17
N SER A 113 2.88 1.98 7.48
CA SER A 113 4.21 1.92 8.09
C SER A 113 4.93 0.64 7.71
N LYS A 114 4.29 -0.49 8.01
CA LYS A 114 4.88 -1.80 7.69
C LYS A 114 5.22 -1.90 6.21
N VAL A 115 4.44 -1.23 5.36
CA VAL A 115 4.71 -1.25 3.93
C VAL A 115 5.98 -0.47 3.63
N ASP A 116 5.98 0.83 3.95
CA ASP A 116 7.16 1.68 3.74
C ASP A 116 8.42 1.03 4.31
N GLU A 117 8.27 0.36 5.45
CA GLU A 117 9.39 -0.32 6.09
C GLU A 117 9.75 -1.58 5.31
N ALA A 118 8.74 -2.29 4.82
CA ALA A 118 8.97 -3.47 4.01
C ALA A 118 9.72 -3.10 2.75
N VAL A 119 9.51 -1.88 2.29
CA VAL A 119 10.20 -1.37 1.12
C VAL A 119 11.70 -1.46 1.32
N ALA A 120 12.14 -0.88 2.43
CA ALA A 120 13.54 -0.91 2.81
C ALA A 120 14.04 -2.34 2.82
N VAL A 121 13.11 -3.27 3.06
CA VAL A 121 13.42 -4.69 3.10
C VAL A 121 13.36 -5.29 1.69
N LEU A 122 12.50 -4.74 0.86
CA LEU A 122 12.36 -5.21 -0.52
C LEU A 122 13.60 -4.82 -1.32
N GLN A 123 14.04 -3.59 -1.13
CA GLN A 123 15.23 -3.08 -1.80
C GLN A 123 16.47 -3.79 -1.28
N ALA A 124 16.38 -4.27 -0.05
CA ALA A 124 17.49 -4.98 0.59
C ALA A 124 17.44 -6.48 0.28
N HIS A 125 16.30 -6.93 -0.25
CA HIS A 125 16.12 -8.34 -0.57
C HIS A 125 15.99 -8.57 -2.07
N GLN A 126 16.01 -7.48 -2.84
CA GLN A 126 15.88 -7.58 -4.29
C GLN A 126 17.11 -8.22 -4.91
N ALA A 127 17.97 -7.40 -5.52
CA ALA A 127 19.18 -7.90 -6.16
C ALA A 127 20.39 -7.81 -5.22
N LYS A 128 20.10 -7.66 -3.93
CA LYS A 128 21.16 -7.55 -2.92
C LYS A 128 21.73 -8.92 -2.57
N GLU A 129 22.31 -9.02 -1.38
CA GLU A 129 22.88 -10.28 -0.91
C GLU A 129 21.82 -11.12 -0.22
N ALA A 130 20.69 -10.49 0.11
CA ALA A 130 19.60 -11.19 0.78
C ALA A 130 18.92 -12.18 -0.15
N ALA A 131 19.22 -12.07 -1.44
CA ALA A 131 18.65 -12.97 -2.44
C ALA A 131 19.06 -14.41 -2.17
N GLN A 132 18.14 -15.19 -1.59
CA GLN A 132 18.41 -16.58 -1.28
C GLN A 132 18.23 -17.46 -2.52
N LYS A 133 19.15 -18.40 -2.70
CA LYS A 133 19.09 -19.31 -3.85
C LYS A 133 18.10 -20.44 -3.60
N ALA A 134 17.57 -21.00 -4.68
CA ALA A 134 16.60 -22.09 -4.57
C ALA A 134 17.30 -23.44 -4.65
N VAL A 135 17.92 -23.85 -3.54
CA VAL A 135 18.62 -25.13 -3.49
C VAL A 135 17.76 -26.19 -2.81
N ASN A 136 16.90 -25.75 -1.90
CA ASN A 136 16.02 -26.66 -1.17
C ASN A 136 14.76 -26.96 -1.97
N SER A 137 14.02 -27.99 -1.55
CA SER A 137 12.79 -28.38 -2.23
C SER A 137 11.57 -27.72 -1.56
N ALA A 138 11.83 -26.70 -0.76
CA ALA A 138 10.75 -25.99 -0.07
C ALA A 138 10.15 -24.91 -0.97
N THR A 139 10.71 -24.76 -2.16
CA THR A 139 10.24 -23.76 -3.11
C THR A 139 9.25 -24.38 -4.10
N GLY A 140 8.23 -23.62 -4.49
CA GLY A 140 7.25 -24.11 -5.42
C GLY A 140 7.73 -24.05 -6.85
N VAL A 141 7.93 -25.23 -7.46
CA VAL A 141 8.40 -25.31 -8.84
C VAL A 141 7.25 -25.06 -9.82
N PRO A 142 7.52 -24.33 -10.92
CA PRO A 142 6.51 -24.03 -11.94
C PRO A 142 6.15 -25.24 -12.78
N THR A 143 4.99 -25.84 -12.49
CA THR A 143 4.53 -27.02 -13.22
C THR A 143 3.83 -26.61 -14.51
N VAL A 144 2.61 -26.09 -14.39
CA VAL A 144 1.83 -25.67 -15.56
C VAL A 144 1.70 -24.15 -15.59
N GLY A 1 -8.34 -17.69 26.42
CA GLY A 1 -7.46 -18.82 26.86
C GLY A 1 -8.10 -19.66 27.96
N PRO A 2 -7.74 -20.96 28.05
CA PRO A 2 -8.29 -21.85 29.07
C PRO A 2 -7.94 -21.41 30.49
N LEU A 3 -8.69 -21.92 31.46
CA LEU A 3 -8.45 -21.57 32.86
C LEU A 3 -7.62 -22.65 33.55
N GLY A 4 -6.84 -23.38 32.77
CA GLY A 4 -6.01 -24.44 33.31
C GLY A 4 -4.65 -23.93 33.75
N SER A 5 -4.33 -22.69 33.38
CA SER A 5 -3.05 -22.10 33.73
C SER A 5 -3.05 -21.65 35.19
N ALA A 6 -1.95 -21.06 35.63
CA ALA A 6 -1.82 -20.59 37.00
C ALA A 6 -1.13 -19.22 37.06
N ALA A 7 -1.20 -18.49 35.96
CA ALA A 7 -0.60 -17.17 35.88
C ALA A 7 -1.16 -16.36 34.71
N ALA A 8 -0.48 -16.39 33.58
CA ALA A 8 -0.93 -15.66 32.40
C ALA A 8 -1.10 -14.17 32.68
N ALA A 9 -0.44 -13.71 33.74
CA ALA A 9 -0.52 -12.31 34.13
C ALA A 9 0.57 -11.95 35.13
N THR A 10 0.88 -12.89 36.03
CA THR A 10 1.89 -12.69 37.05
C THR A 10 1.60 -11.44 37.88
N PRO A 11 0.84 -11.59 38.99
CA PRO A 11 0.49 -10.48 39.87
C PRO A 11 1.69 -10.01 40.69
N ALA A 12 1.63 -8.74 41.12
CA ALA A 12 2.71 -8.17 41.93
C ALA A 12 2.53 -8.51 43.39
N VAL A 13 1.49 -7.96 44.00
CA VAL A 13 1.20 -8.21 45.41
C VAL A 13 0.27 -9.40 45.58
N ARG A 14 0.61 -10.28 46.53
CA ARG A 14 -0.19 -11.47 46.79
C ARG A 14 -1.33 -11.17 47.75
N THR A 15 -1.08 -10.25 48.68
CA THR A 15 -2.08 -9.86 49.67
C THR A 15 -3.05 -8.82 49.09
N VAL A 16 -4.30 -8.88 49.52
CA VAL A 16 -5.31 -7.95 49.05
C VAL A 16 -5.55 -6.83 50.07
N PRO A 17 -5.47 -5.56 49.65
CA PRO A 17 -5.68 -4.42 50.53
C PRO A 17 -7.16 -4.16 50.81
N GLN A 18 -7.58 -2.90 50.73
CA GLN A 18 -8.98 -2.54 50.98
C GLN A 18 -9.87 -3.03 49.84
N TYR A 19 -11.15 -3.22 50.15
CA TYR A 19 -12.12 -3.68 49.17
C TYR A 19 -12.57 -2.55 48.25
N LYS A 20 -11.61 -1.93 47.56
CA LYS A 20 -11.92 -0.83 46.66
C LYS A 20 -11.90 -1.30 45.20
N TYR A 21 -13.02 -1.84 44.73
CA TYR A 21 -13.12 -2.32 43.36
C TYR A 21 -13.57 -1.21 42.43
N ALA A 22 -12.65 -0.29 42.12
CA ALA A 22 -12.95 0.82 41.23
C ALA A 22 -12.65 0.45 39.78
N ALA A 23 -13.34 1.11 38.86
CA ALA A 23 -13.14 0.86 37.43
C ALA A 23 -12.05 1.75 36.86
N GLY A 24 -11.03 2.02 37.67
CA GLY A 24 -9.93 2.86 37.22
C GLY A 24 -8.94 2.10 36.36
N VAL A 25 -9.15 0.80 36.21
CA VAL A 25 -8.27 -0.03 35.42
C VAL A 25 -8.95 -0.47 34.13
N ARG A 26 -10.26 -0.66 34.20
CA ARG A 26 -11.05 -1.08 33.04
C ARG A 26 -11.29 0.10 32.10
N ASN A 27 -11.20 -0.16 30.80
CA ASN A 27 -11.41 0.88 29.79
C ASN A 27 -12.88 1.26 29.71
N PRO A 28 -13.18 2.54 29.40
CA PRO A 28 -14.56 3.02 29.27
C PRO A 28 -15.38 2.19 28.31
N GLN A 29 -16.19 1.28 28.85
CA GLN A 29 -17.04 0.43 28.03
C GLN A 29 -18.36 1.12 27.70
N GLN A 30 -18.32 2.01 26.71
CA GLN A 30 -19.51 2.74 26.30
C GLN A 30 -20.28 1.98 25.22
N HIS A 31 -21.50 2.42 24.93
CA HIS A 31 -22.33 1.78 23.93
C HIS A 31 -21.70 1.91 22.54
N LEU A 32 -20.95 2.98 22.33
CA LEU A 32 -20.30 3.23 21.06
C LEU A 32 -18.89 2.66 21.05
N ASN A 33 -18.71 1.53 20.37
CA ASN A 33 -17.41 0.89 20.29
C ASN A 33 -16.59 1.48 19.15
N ALA A 34 -17.15 1.45 17.94
CA ALA A 34 -16.47 1.98 16.77
C ALA A 34 -16.89 3.43 16.50
N GLN A 35 -16.28 4.03 15.48
CA GLN A 35 -16.59 5.41 15.12
C GLN A 35 -17.45 5.47 13.86
N PRO A 36 -18.77 5.71 14.02
CA PRO A 36 -19.70 5.79 12.89
C PRO A 36 -19.50 7.05 12.06
N GLN A 37 -19.05 6.88 10.81
CA GLN A 37 -18.82 8.01 9.92
C GLN A 37 -20.10 8.42 9.21
N VAL A 38 -20.49 9.68 9.39
CA VAL A 38 -21.70 10.20 8.77
C VAL A 38 -21.47 10.50 7.29
N THR A 39 -22.44 10.14 6.46
CA THR A 39 -22.35 10.37 5.02
C THR A 39 -23.25 11.52 4.59
N MET A 40 -22.64 12.64 4.24
CA MET A 40 -23.39 13.82 3.81
C MET A 40 -23.38 13.93 2.28
N GLN A 41 -24.58 14.06 1.70
CA GLN A 41 -24.72 14.17 0.26
C GLN A 41 -25.03 15.61 -0.15
N GLN A 42 -24.03 16.32 -0.66
CA GLN A 42 -24.19 17.70 -1.10
C GLN A 42 -24.67 18.59 0.05
N PRO A 43 -23.75 19.26 0.76
CA PRO A 43 -22.31 19.19 0.48
C PRO A 43 -21.66 17.97 1.10
N ALA A 44 -20.77 17.33 0.35
CA ALA A 44 -20.06 16.15 0.83
C ALA A 44 -18.76 16.53 1.54
N VAL A 45 -18.78 16.45 2.86
CA VAL A 45 -17.62 16.79 3.67
C VAL A 45 -16.58 15.68 3.63
N HIS A 46 -15.30 16.06 3.58
CA HIS A 46 -14.21 15.10 3.54
C HIS A 46 -13.80 14.69 4.94
N VAL A 47 -13.14 13.53 5.05
CA VAL A 47 -12.69 13.01 6.33
C VAL A 47 -11.17 13.05 6.43
N GLN A 48 -10.61 12.20 7.30
CA GLN A 48 -9.16 12.14 7.49
C GLN A 48 -8.49 11.57 6.24
N GLY A 49 -7.17 11.41 6.32
CA GLY A 49 -6.42 10.87 5.21
C GLY A 49 -6.40 9.36 5.18
N GLN A 50 -7.53 8.74 5.57
CA GLN A 50 -7.62 7.29 5.59
C GLN A 50 -8.38 6.78 4.36
N GLU A 51 -8.13 7.43 3.22
CA GLU A 51 -8.78 7.06 1.97
C GLU A 51 -8.13 5.81 1.35
N PRO A 52 -6.79 5.77 1.25
CA PRO A 52 -6.08 4.62 0.66
C PRO A 52 -6.42 3.31 1.37
N LEU A 53 -5.85 2.21 0.88
CA LEU A 53 -6.10 0.90 1.46
C LEU A 53 -5.27 0.68 2.71
N THR A 54 -5.88 0.03 3.70
CA THR A 54 -5.21 -0.28 4.95
C THR A 54 -6.05 -1.25 5.75
N ALA A 55 -5.69 -1.46 7.01
CA ALA A 55 -6.41 -2.38 7.86
C ALA A 55 -7.91 -2.07 7.89
N SER A 56 -8.24 -0.78 7.94
CA SER A 56 -9.63 -0.35 7.97
C SER A 56 -10.37 -0.85 6.74
N MET A 57 -9.80 -0.58 5.56
CA MET A 57 -10.39 -1.01 4.31
C MET A 57 -10.54 -2.53 4.29
N LEU A 58 -9.55 -3.22 4.83
CA LEU A 58 -9.55 -4.67 4.89
C LEU A 58 -10.71 -5.17 5.75
N ALA A 59 -10.91 -4.50 6.88
CA ALA A 59 -11.98 -4.87 7.81
C ALA A 59 -13.36 -4.69 7.16
N SER A 60 -13.39 -3.93 6.07
CA SER A 60 -14.64 -3.67 5.36
C SER A 60 -15.07 -4.92 4.58
N ALA A 61 -14.20 -5.92 4.55
CA ALA A 61 -14.49 -7.16 3.83
C ALA A 61 -14.15 -8.38 4.69
N PRO A 62 -14.79 -8.53 5.87
CA PRO A 62 -14.54 -9.66 6.77
C PRO A 62 -14.74 -11.03 6.11
N PRO A 63 -15.91 -11.28 5.46
CA PRO A 63 -16.19 -12.56 4.82
C PRO A 63 -15.73 -12.59 3.37
N GLN A 64 -15.52 -11.41 2.79
CA GLN A 64 -15.09 -11.30 1.40
C GLN A 64 -13.59 -11.53 1.28
N GLU A 65 -12.80 -10.49 1.57
CA GLU A 65 -11.35 -10.58 1.49
C GLU A 65 -10.72 -10.62 2.87
N GLN A 66 -10.38 -9.45 3.40
CA GLN A 66 -9.73 -9.33 4.71
C GLN A 66 -8.30 -9.83 4.64
N LYS A 67 -8.13 -11.11 4.35
CA LYS A 67 -6.81 -11.72 4.23
C LYS A 67 -6.50 -12.05 2.77
N GLN A 68 -7.14 -11.33 1.86
CA GLN A 68 -6.92 -11.54 0.43
C GLN A 68 -6.43 -10.26 -0.24
N MET A 69 -7.15 -9.17 0.00
CA MET A 69 -6.81 -7.88 -0.59
C MET A 69 -5.70 -7.17 0.18
N LEU A 70 -5.13 -7.85 1.17
CA LEU A 70 -4.05 -7.26 1.96
C LEU A 70 -2.81 -7.03 1.11
N GLY A 71 -2.31 -8.09 0.50
CA GLY A 71 -1.14 -7.98 -0.35
C GLY A 71 -1.46 -8.25 -1.80
N GLU A 72 -2.67 -7.86 -2.21
CA GLU A 72 -3.12 -8.08 -3.57
C GLU A 72 -4.00 -6.93 -4.06
N ARG A 73 -4.26 -5.98 -3.17
CA ARG A 73 -5.09 -4.83 -3.52
C ARG A 73 -4.36 -3.54 -3.20
N LEU A 74 -3.44 -3.59 -2.25
CA LEU A 74 -2.64 -2.44 -1.89
C LEU A 74 -1.76 -2.00 -3.04
N PHE A 75 -1.32 -2.98 -3.83
CA PHE A 75 -0.38 -2.75 -4.92
C PHE A 75 -0.65 -1.45 -5.69
N PRO A 76 -1.83 -1.28 -6.31
CA PRO A 76 -2.14 -0.07 -7.08
C PRO A 76 -2.03 1.19 -6.23
N LEU A 77 -2.08 1.03 -4.91
CA LEU A 77 -2.03 2.14 -4.00
C LEU A 77 -0.63 2.35 -3.41
N ILE A 78 0.17 1.30 -3.36
CA ILE A 78 1.53 1.41 -2.82
C ILE A 78 2.39 2.30 -3.72
N GLN A 79 2.22 2.15 -5.02
CA GLN A 79 2.94 2.94 -6.01
C GLN A 79 2.81 4.43 -5.70
N ALA A 80 1.79 4.75 -4.90
CA ALA A 80 1.53 6.13 -4.49
C ALA A 80 2.42 6.51 -3.30
N MET A 81 2.64 5.56 -2.40
CA MET A 81 3.47 5.79 -1.22
C MET A 81 4.94 5.85 -1.61
N HIS A 82 5.31 5.05 -2.60
CA HIS A 82 6.68 4.99 -3.08
C HIS A 82 6.73 5.12 -4.59
N PRO A 83 7.80 5.72 -5.15
CA PRO A 83 7.96 5.89 -6.60
C PRO A 83 7.86 4.57 -7.36
N THR A 84 6.63 4.11 -7.56
CA THR A 84 6.37 2.85 -8.27
C THR A 84 7.33 1.74 -7.82
N LEU A 85 7.65 1.74 -6.53
CA LEU A 85 8.58 0.74 -5.98
C LEU A 85 7.82 -0.44 -5.39
N ALA A 86 6.52 -0.51 -5.69
CA ALA A 86 5.67 -1.59 -5.18
C ALA A 86 5.91 -2.89 -5.93
N GLY A 87 7.10 -3.03 -6.53
CA GLY A 87 7.43 -4.23 -7.27
C GLY A 87 7.36 -5.48 -6.41
N LYS A 88 7.41 -5.30 -5.09
CA LYS A 88 7.34 -6.43 -4.18
C LYS A 88 7.15 -5.94 -2.74
N ILE A 89 6.45 -4.83 -2.57
CA ILE A 89 6.20 -4.32 -1.24
C ILE A 89 5.04 -5.05 -0.58
N THR A 90 3.83 -4.52 -0.74
CA THR A 90 2.63 -5.12 -0.17
C THR A 90 2.54 -6.60 -0.52
N GLY A 91 2.87 -6.92 -1.78
CA GLY A 91 2.84 -8.31 -2.20
C GLY A 91 3.67 -9.17 -1.28
N MET A 92 4.73 -8.59 -0.73
CA MET A 92 5.61 -9.29 0.18
C MET A 92 5.04 -9.23 1.58
N LEU A 93 4.20 -8.24 1.84
CA LEU A 93 3.55 -8.09 3.12
C LEU A 93 2.67 -9.29 3.41
N LEU A 94 2.57 -10.19 2.43
CA LEU A 94 1.83 -11.43 2.60
C LEU A 94 2.82 -12.58 2.73
N GLU A 95 4.04 -12.25 3.18
CA GLU A 95 5.09 -13.23 3.32
C GLU A 95 6.26 -12.67 4.15
N ILE A 96 6.14 -11.43 4.59
CA ILE A 96 7.21 -10.79 5.37
C ILE A 96 7.45 -11.51 6.69
N ASP A 97 7.93 -10.76 7.68
CA ASP A 97 8.18 -11.25 9.02
C ASP A 97 6.89 -11.81 9.64
N ASN A 98 5.79 -11.68 8.92
CA ASN A 98 4.48 -12.15 9.37
C ASN A 98 3.84 -11.17 10.34
N SER A 99 4.68 -10.53 11.13
CA SER A 99 4.20 -9.56 12.11
C SER A 99 3.69 -8.32 11.39
N GLU A 100 4.19 -8.10 10.18
CA GLU A 100 3.76 -6.98 9.35
C GLU A 100 2.50 -7.38 8.59
N LEU A 101 2.36 -8.68 8.35
CA LEU A 101 1.16 -9.21 7.71
C LEU A 101 0.02 -9.22 8.72
N LEU A 102 0.39 -9.33 9.99
CA LEU A 102 -0.58 -9.34 11.08
C LEU A 102 -0.97 -7.92 11.48
N HIS A 103 0.04 -7.08 11.67
CA HIS A 103 -0.18 -5.71 12.08
C HIS A 103 -0.99 -4.94 11.04
N MET A 104 -0.60 -5.06 9.78
CA MET A 104 -1.27 -4.34 8.69
C MET A 104 -2.77 -4.58 8.71
N LEU A 105 -3.17 -5.80 9.07
CA LEU A 105 -4.57 -6.17 9.11
C LEU A 105 -5.20 -5.70 10.40
N GLU A 106 -4.37 -5.35 11.37
CA GLU A 106 -4.86 -4.95 12.68
C GLU A 106 -4.76 -3.44 12.91
N SER A 107 -4.05 -2.73 12.03
CA SER A 107 -3.89 -1.29 12.21
C SER A 107 -3.92 -0.53 10.88
N PRO A 108 -4.65 0.60 10.84
CA PRO A 108 -4.75 1.44 9.63
C PRO A 108 -3.47 2.21 9.34
N GLU A 109 -2.45 1.98 10.16
CA GLU A 109 -1.16 2.64 10.00
C GLU A 109 -0.04 1.62 9.86
N SER A 110 -0.29 0.40 10.33
CA SER A 110 0.69 -0.67 10.21
C SER A 110 0.91 -0.99 8.76
N LEU A 111 -0.17 -1.31 8.08
CA LEU A 111 -0.12 -1.66 6.68
C LEU A 111 0.68 -0.65 5.88
N ARG A 112 0.67 0.60 6.32
CA ARG A 112 1.39 1.65 5.62
C ARG A 112 2.82 1.78 6.12
N SER A 113 2.98 2.06 7.41
CA SER A 113 4.30 2.21 8.01
C SER A 113 5.15 0.97 7.80
N LYS A 114 4.50 -0.19 7.81
CA LYS A 114 5.18 -1.46 7.61
C LYS A 114 5.46 -1.69 6.14
N VAL A 115 4.59 -1.18 5.27
CA VAL A 115 4.80 -1.33 3.83
C VAL A 115 5.96 -0.45 3.39
N ASP A 116 5.91 0.84 3.77
CA ASP A 116 6.98 1.77 3.47
C ASP A 116 8.29 1.28 4.05
N GLU A 117 8.21 0.61 5.18
CA GLU A 117 9.40 0.06 5.83
C GLU A 117 9.78 -1.24 5.15
N ALA A 118 8.78 -1.94 4.63
CA ALA A 118 9.02 -3.17 3.90
C ALA A 118 9.71 -2.84 2.59
N VAL A 119 9.54 -1.61 2.12
CA VAL A 119 10.21 -1.16 0.92
C VAL A 119 11.70 -1.14 1.16
N ALA A 120 12.11 -0.39 2.17
CA ALA A 120 13.51 -0.31 2.54
C ALA A 120 14.07 -1.72 2.76
N VAL A 121 13.17 -2.64 3.06
CA VAL A 121 13.51 -4.03 3.28
C VAL A 121 13.53 -4.79 1.94
N LEU A 122 12.66 -4.37 1.04
CA LEU A 122 12.56 -4.98 -0.28
C LEU A 122 13.77 -4.60 -1.13
N GLN A 123 14.14 -3.33 -1.07
CA GLN A 123 15.30 -2.82 -1.79
C GLN A 123 16.57 -3.44 -1.22
N ALA A 124 16.53 -3.72 0.07
CA ALA A 124 17.66 -4.34 0.77
C ALA A 124 17.67 -5.84 0.56
N HIS A 125 16.55 -6.40 0.11
CA HIS A 125 16.42 -7.83 -0.11
C HIS A 125 16.28 -8.14 -1.60
N GLN A 126 16.46 -7.12 -2.43
CA GLN A 126 16.34 -7.30 -3.88
C GLN A 126 17.60 -7.96 -4.45
N ALA A 127 18.45 -7.17 -5.12
CA ALA A 127 19.67 -7.69 -5.71
C ALA A 127 20.86 -7.49 -4.78
N LYS A 128 20.58 -7.35 -3.48
CA LYS A 128 21.64 -7.12 -2.49
C LYS A 128 22.17 -8.45 -1.95
N GLU A 129 22.55 -8.46 -0.69
CA GLU A 129 23.08 -9.66 -0.05
C GLU A 129 21.95 -10.57 0.41
N ALA A 130 20.76 -10.37 -0.16
CA ALA A 130 19.60 -11.18 0.18
C ALA A 130 19.83 -12.64 -0.16
N ALA A 131 20.18 -12.90 -1.42
CA ALA A 131 20.43 -14.27 -1.88
C ALA A 131 21.84 -14.72 -1.51
N GLN A 132 21.94 -15.76 -0.71
CA GLN A 132 23.22 -16.29 -0.27
C GLN A 132 23.74 -17.35 -1.25
N LYS A 133 23.19 -18.56 -1.13
CA LYS A 133 23.60 -19.66 -2.00
C LYS A 133 23.00 -19.50 -3.40
N ALA A 134 23.83 -19.71 -4.42
CA ALA A 134 23.39 -19.59 -5.79
C ALA A 134 22.43 -20.73 -6.16
N VAL A 135 22.97 -21.94 -6.26
CA VAL A 135 22.16 -23.11 -6.60
C VAL A 135 21.87 -23.95 -5.36
N ASN A 136 20.64 -24.45 -5.26
CA ASN A 136 20.24 -25.27 -4.13
C ASN A 136 20.53 -26.75 -4.40
N SER A 137 21.80 -27.07 -4.62
CA SER A 137 22.21 -28.44 -4.88
C SER A 137 22.39 -29.21 -3.58
N ALA A 138 22.07 -30.50 -3.62
CA ALA A 138 22.19 -31.35 -2.44
C ALA A 138 23.66 -31.54 -2.06
N THR A 139 24.52 -31.61 -3.06
CA THR A 139 25.96 -31.80 -2.84
C THR A 139 26.68 -30.47 -2.78
N GLY A 140 26.91 -29.98 -1.56
CA GLY A 140 27.61 -28.71 -1.39
C GLY A 140 29.02 -28.88 -0.88
N VAL A 141 29.46 -27.95 -0.04
CA VAL A 141 30.81 -28.00 0.53
C VAL A 141 30.93 -29.11 1.57
N PRO A 142 32.01 -29.91 1.52
CA PRO A 142 33.07 -29.77 0.54
C PRO A 142 32.82 -30.60 -0.72
N THR A 143 33.06 -31.91 -0.64
CA THR A 143 32.85 -32.81 -1.76
C THR A 143 31.52 -33.54 -1.64
N VAL A 144 31.42 -34.42 -0.65
CA VAL A 144 30.20 -35.19 -0.42
C VAL A 144 29.86 -35.25 1.07
N GLY A 1 -43.50 3.55 -3.98
CA GLY A 1 -43.50 3.44 -2.50
C GLY A 1 -42.16 3.81 -1.89
N PRO A 2 -41.98 3.61 -0.57
CA PRO A 2 -40.73 3.94 0.12
C PRO A 2 -39.58 3.02 -0.29
N LEU A 3 -38.51 3.61 -0.80
CA LEU A 3 -37.35 2.84 -1.24
C LEU A 3 -36.42 2.55 -0.05
N GLY A 4 -36.85 2.95 1.14
CA GLY A 4 -36.06 2.73 2.33
C GLY A 4 -36.61 1.62 3.20
N SER A 5 -35.73 0.92 3.90
CA SER A 5 -36.13 -0.18 4.77
C SER A 5 -36.33 0.31 6.20
N ALA A 6 -37.05 1.41 6.36
CA ALA A 6 -37.32 2.00 7.66
C ALA A 6 -36.04 2.48 8.34
N ALA A 7 -35.95 3.79 8.54
CA ALA A 7 -34.78 4.39 9.17
C ALA A 7 -33.51 4.08 8.39
N ALA A 8 -33.40 4.66 7.19
CA ALA A 8 -32.24 4.44 6.34
C ALA A 8 -31.05 5.27 6.80
N ALA A 9 -29.86 4.70 6.70
CA ALA A 9 -28.64 5.38 7.11
C ALA A 9 -27.84 5.87 5.89
N THR A 10 -28.52 5.94 4.76
CA THR A 10 -27.88 6.39 3.52
C THR A 10 -28.55 7.64 2.97
N PRO A 11 -28.14 8.83 3.44
CA PRO A 11 -28.72 10.10 2.97
C PRO A 11 -28.36 10.41 1.53
N ALA A 12 -29.32 10.98 0.80
CA ALA A 12 -29.10 11.34 -0.60
C ALA A 12 -28.74 12.82 -0.73
N VAL A 13 -28.04 13.35 0.27
CA VAL A 13 -27.64 14.74 0.27
C VAL A 13 -26.27 14.92 -0.39
N ARG A 14 -26.28 15.36 -1.65
CA ARG A 14 -25.04 15.57 -2.39
C ARG A 14 -24.37 16.87 -1.95
N THR A 15 -25.05 17.63 -1.09
CA THR A 15 -24.52 18.88 -0.59
C THR A 15 -23.92 18.71 0.80
N VAL A 16 -23.75 19.83 1.51
CA VAL A 16 -23.18 19.81 2.85
C VAL A 16 -24.21 20.24 3.89
N PRO A 17 -24.56 19.35 4.85
CA PRO A 17 -25.53 19.66 5.89
C PRO A 17 -24.99 20.65 6.91
N GLN A 18 -23.68 20.84 6.92
CA GLN A 18 -23.04 21.76 7.85
C GLN A 18 -22.88 23.14 7.22
N TYR A 19 -23.44 24.15 7.86
CA TYR A 19 -23.36 25.52 7.37
C TYR A 19 -22.01 26.14 7.67
N LYS A 20 -21.78 27.34 7.17
CA LYS A 20 -20.52 28.05 7.40
C LYS A 20 -20.61 28.93 8.63
N TYR A 21 -19.60 28.84 9.50
CA TYR A 21 -19.56 29.64 10.73
C TYR A 21 -18.94 31.00 10.45
N ALA A 22 -19.78 32.01 10.24
CA ALA A 22 -19.31 33.36 9.98
C ALA A 22 -18.75 34.00 11.25
N ALA A 23 -17.43 33.91 11.41
CA ALA A 23 -16.77 34.49 12.58
C ALA A 23 -16.74 36.01 12.50
N GLY A 24 -17.47 36.66 13.40
CA GLY A 24 -17.51 38.11 13.42
C GLY A 24 -16.57 38.70 14.44
N VAL A 25 -16.07 37.87 15.35
CA VAL A 25 -15.15 38.31 16.39
C VAL A 25 -13.71 38.00 16.02
N ARG A 26 -12.80 38.93 16.34
CA ARG A 26 -11.39 38.75 16.04
C ARG A 26 -10.69 37.98 17.16
N ASN A 27 -9.56 37.36 16.82
CA ASN A 27 -8.80 36.59 17.79
C ASN A 27 -7.64 37.41 18.35
N PRO A 28 -7.62 37.65 19.67
CA PRO A 28 -6.56 38.43 20.32
C PRO A 28 -5.18 37.82 20.09
N GLN A 29 -4.98 36.61 20.62
CA GLN A 29 -3.70 35.92 20.46
C GLN A 29 -3.78 34.87 19.35
N GLN A 30 -2.78 34.01 19.28
CA GLN A 30 -2.73 32.97 18.26
C GLN A 30 -3.31 31.66 18.80
N HIS A 31 -2.45 30.85 19.43
CA HIS A 31 -2.87 29.58 20.00
C HIS A 31 -3.54 28.69 18.94
N LEU A 32 -3.29 29.00 17.68
CA LEU A 32 -3.87 28.24 16.58
C LEU A 32 -2.87 27.24 16.02
N ASN A 33 -3.31 26.44 15.05
CA ASN A 33 -2.45 25.44 14.43
C ASN A 33 -1.69 26.03 13.26
N ALA A 34 -1.01 25.18 12.50
CA ALA A 34 -0.24 25.61 11.34
C ALA A 34 -1.15 25.84 10.14
N GLN A 35 -1.15 27.07 9.63
CA GLN A 35 -1.98 27.42 8.48
C GLN A 35 -1.33 26.97 7.17
N PRO A 36 -0.05 27.31 6.94
CA PRO A 36 0.66 26.92 5.71
C PRO A 36 0.71 25.41 5.53
N GLN A 37 0.47 24.95 4.31
CA GLN A 37 0.50 23.52 4.01
C GLN A 37 1.89 23.10 3.53
N VAL A 38 2.33 21.93 3.98
CA VAL A 38 3.63 21.41 3.60
C VAL A 38 3.56 20.55 2.34
N THR A 39 4.23 20.99 1.28
CA THR A 39 4.24 20.25 0.02
C THR A 39 5.57 19.53 -0.17
N MET A 40 6.66 20.23 0.11
CA MET A 40 7.99 19.66 -0.03
C MET A 40 8.44 19.01 1.27
N GLN A 41 9.75 19.07 1.55
CA GLN A 41 10.29 18.48 2.77
C GLN A 41 9.97 16.99 2.85
N GLN A 42 9.77 16.48 4.06
CA GLN A 42 9.46 15.07 4.26
C GLN A 42 8.23 14.66 3.46
N PRO A 43 8.35 13.65 2.58
CA PRO A 43 7.24 13.18 1.74
C PRO A 43 6.02 12.79 2.57
N ALA A 44 4.89 13.44 2.29
CA ALA A 44 3.64 13.15 3.00
C ALA A 44 2.93 11.96 2.37
N VAL A 45 2.67 10.93 3.18
CA VAL A 45 1.99 9.73 2.70
C VAL A 45 0.48 9.91 2.68
N HIS A 46 0.03 11.11 3.04
CA HIS A 46 -1.39 11.43 3.07
C HIS A 46 -1.88 11.91 1.70
N VAL A 47 -2.96 11.33 1.21
CA VAL A 47 -3.52 11.71 -0.08
C VAL A 47 -4.79 12.53 0.09
N GLN A 48 -4.86 13.66 -0.62
CA GLN A 48 -6.02 14.53 -0.55
C GLN A 48 -7.11 14.07 -1.50
N GLY A 49 -6.80 13.06 -2.31
CA GLY A 49 -7.76 12.54 -3.26
C GLY A 49 -8.55 11.37 -2.71
N GLN A 50 -8.07 10.16 -2.97
CA GLN A 50 -8.73 8.95 -2.49
C GLN A 50 -7.97 8.34 -1.32
N GLU A 51 -8.70 7.80 -0.35
CA GLU A 51 -8.09 7.19 0.82
C GLU A 51 -7.40 5.87 0.44
N PRO A 52 -6.07 5.78 0.67
CA PRO A 52 -5.30 4.58 0.35
C PRO A 52 -5.80 3.35 1.10
N LEU A 53 -5.39 2.17 0.64
CA LEU A 53 -5.79 0.92 1.27
C LEU A 53 -5.00 0.68 2.55
N THR A 54 -5.66 0.05 3.52
CA THR A 54 -5.02 -0.25 4.80
C THR A 54 -5.89 -1.21 5.61
N ALA A 55 -5.64 -1.27 6.92
CA ALA A 55 -6.39 -2.16 7.79
C ALA A 55 -7.88 -1.83 7.75
N SER A 56 -8.20 -0.55 7.61
CA SER A 56 -9.60 -0.12 7.55
C SER A 56 -10.28 -0.76 6.35
N MET A 57 -9.65 -0.67 5.19
CA MET A 57 -10.18 -1.26 3.96
C MET A 57 -10.37 -2.76 4.15
N LEU A 58 -9.40 -3.39 4.78
CA LEU A 58 -9.44 -4.82 5.05
C LEU A 58 -10.67 -5.18 5.88
N ALA A 59 -10.90 -4.39 6.92
CA ALA A 59 -12.04 -4.61 7.82
C ALA A 59 -13.37 -4.47 7.08
N SER A 60 -13.32 -3.86 5.90
CA SER A 60 -14.53 -3.66 5.10
C SER A 60 -14.95 -4.98 4.43
N ALA A 61 -14.05 -5.96 4.44
CA ALA A 61 -14.33 -7.26 3.85
C ALA A 61 -13.87 -8.39 4.78
N PRO A 62 -14.45 -8.46 5.99
CA PRO A 62 -14.07 -9.49 6.98
C PRO A 62 -14.19 -10.93 6.43
N PRO A 63 -15.35 -11.32 5.87
CA PRO A 63 -15.54 -12.67 5.35
C PRO A 63 -15.34 -12.74 3.84
N GLN A 64 -14.80 -11.66 3.26
CA GLN A 64 -14.59 -11.60 1.82
C GLN A 64 -13.10 -11.56 1.48
N GLU A 65 -12.56 -10.35 1.31
CA GLU A 65 -11.16 -10.19 0.94
C GLU A 65 -10.32 -9.68 2.11
N GLN A 66 -10.62 -10.15 3.32
CA GLN A 66 -9.87 -9.75 4.50
C GLN A 66 -8.44 -10.27 4.42
N LYS A 67 -8.28 -11.47 3.86
CA LYS A 67 -6.97 -12.08 3.71
C LYS A 67 -6.66 -12.32 2.24
N GLN A 68 -7.02 -11.36 1.39
CA GLN A 68 -6.78 -11.48 -0.04
C GLN A 68 -6.24 -10.17 -0.62
N MET A 69 -7.02 -9.10 -0.47
CA MET A 69 -6.63 -7.80 -1.00
C MET A 69 -5.62 -7.10 -0.10
N LEU A 70 -5.06 -7.82 0.87
CA LEU A 70 -4.07 -7.25 1.77
C LEU A 70 -2.72 -7.10 1.09
N GLY A 71 -2.34 -8.11 0.31
CA GLY A 71 -1.07 -8.07 -0.37
C GLY A 71 -1.16 -8.45 -1.83
N GLU A 72 -2.35 -8.30 -2.41
CA GLU A 72 -2.57 -8.65 -3.80
C GLU A 72 -3.39 -7.57 -4.51
N ARG A 73 -3.89 -6.61 -3.74
CA ARG A 73 -4.70 -5.54 -4.31
C ARG A 73 -4.15 -4.17 -3.89
N LEU A 74 -3.28 -4.17 -2.88
CA LEU A 74 -2.68 -2.93 -2.40
C LEU A 74 -1.57 -2.46 -3.33
N PHE A 75 -1.21 -3.31 -4.29
CA PHE A 75 -0.14 -2.97 -5.22
C PHE A 75 -0.33 -1.58 -5.84
N PRO A 76 -1.49 -1.32 -6.49
CA PRO A 76 -1.77 -0.01 -7.09
C PRO A 76 -1.85 1.09 -6.04
N LEU A 77 -1.87 0.69 -4.77
CA LEU A 77 -1.96 1.64 -3.68
C LEU A 77 -0.58 2.02 -3.15
N ILE A 78 0.36 1.08 -3.17
CA ILE A 78 1.71 1.34 -2.70
C ILE A 78 2.41 2.35 -3.60
N GLN A 79 2.17 2.22 -4.90
CA GLN A 79 2.76 3.13 -5.88
C GLN A 79 2.50 4.58 -5.49
N ALA A 80 1.51 4.74 -4.61
CA ALA A 80 1.13 6.06 -4.10
C ALA A 80 2.02 6.49 -2.93
N MET A 81 2.29 5.55 -2.03
CA MET A 81 3.13 5.85 -0.87
C MET A 81 4.57 6.03 -1.28
N HIS A 82 4.99 5.20 -2.24
CA HIS A 82 6.36 5.19 -2.72
C HIS A 82 6.40 5.46 -4.22
N PRO A 83 7.49 6.06 -4.74
CA PRO A 83 7.63 6.35 -6.17
C PRO A 83 7.62 5.08 -7.01
N THR A 84 6.43 4.50 -7.18
CA THR A 84 6.28 3.27 -7.93
C THR A 84 7.27 2.21 -7.45
N LEU A 85 7.64 2.30 -6.18
CA LEU A 85 8.60 1.35 -5.59
C LEU A 85 7.93 0.03 -5.22
N ALA A 86 6.63 -0.06 -5.48
CA ALA A 86 5.88 -1.28 -5.20
C ALA A 86 6.35 -2.44 -6.08
N GLY A 87 5.42 -3.30 -6.48
CA GLY A 87 5.78 -4.44 -7.30
C GLY A 87 6.26 -5.61 -6.48
N LYS A 88 6.34 -5.40 -5.17
CA LYS A 88 6.79 -6.42 -4.25
C LYS A 88 6.53 -6.01 -2.80
N ILE A 89 6.43 -4.71 -2.55
CA ILE A 89 6.21 -4.22 -1.20
C ILE A 89 5.03 -4.93 -0.53
N THR A 90 3.80 -4.49 -0.81
CA THR A 90 2.62 -5.10 -0.23
C THR A 90 2.59 -6.60 -0.51
N GLY A 91 3.01 -6.99 -1.71
CA GLY A 91 3.06 -8.40 -2.04
C GLY A 91 3.92 -9.14 -1.05
N MET A 92 4.89 -8.44 -0.49
CA MET A 92 5.76 -8.99 0.53
C MET A 92 5.04 -9.04 1.85
N LEU A 93 4.17 -8.06 2.06
CA LEU A 93 3.42 -7.93 3.30
C LEU A 93 2.55 -9.16 3.55
N LEU A 94 2.52 -10.06 2.59
CA LEU A 94 1.80 -11.31 2.73
C LEU A 94 2.78 -12.46 2.88
N GLU A 95 3.97 -12.12 3.39
CA GLU A 95 5.04 -13.09 3.56
C GLU A 95 6.20 -12.50 4.37
N ILE A 96 6.03 -11.27 4.84
CA ILE A 96 7.06 -10.60 5.63
C ILE A 96 7.35 -11.34 6.94
N ASP A 97 7.78 -10.58 7.95
CA ASP A 97 8.05 -11.12 9.28
C ASP A 97 6.80 -11.75 9.88
N ASN A 98 5.70 -11.67 9.15
CA ASN A 98 4.41 -12.23 9.57
C ASN A 98 3.72 -11.33 10.60
N SER A 99 4.52 -10.60 11.37
CA SER A 99 3.98 -9.69 12.37
C SER A 99 3.44 -8.44 11.67
N GLU A 100 4.01 -8.13 10.51
CA GLU A 100 3.57 -7.00 9.71
C GLU A 100 2.32 -7.37 8.93
N LEU A 101 2.14 -8.67 8.72
CA LEU A 101 0.95 -9.17 8.04
C LEU A 101 -0.25 -9.11 8.97
N LEU A 102 0.04 -9.14 10.27
CA LEU A 102 -1.00 -9.10 11.30
C LEU A 102 -1.32 -7.68 11.71
N HIS A 103 -0.29 -6.88 11.92
CA HIS A 103 -0.48 -5.50 12.33
C HIS A 103 -1.11 -4.68 11.21
N MET A 104 -0.72 -4.96 9.97
CA MET A 104 -1.26 -4.24 8.81
C MET A 104 -2.77 -4.37 8.74
N LEU A 105 -3.28 -5.55 9.11
CA LEU A 105 -4.71 -5.80 9.11
C LEU A 105 -5.33 -5.35 10.43
N GLU A 106 -4.46 -5.04 11.38
CA GLU A 106 -4.89 -4.66 12.71
C GLU A 106 -4.70 -3.18 12.98
N SER A 107 -4.11 -2.47 12.02
CA SER A 107 -3.87 -1.03 12.20
C SER A 107 -3.88 -0.29 10.86
N PRO A 108 -4.61 0.84 10.79
CA PRO A 108 -4.70 1.66 9.57
C PRO A 108 -3.38 2.35 9.24
N GLU A 109 -2.39 2.14 10.10
CA GLU A 109 -1.07 2.71 9.91
C GLU A 109 -0.04 1.63 9.75
N SER A 110 -0.29 0.48 10.35
CA SER A 110 0.65 -0.62 10.27
C SER A 110 0.82 -1.07 8.83
N LEU A 111 -0.28 -1.16 8.11
CA LEU A 111 -0.21 -1.58 6.72
C LEU A 111 0.63 -0.61 5.89
N ARG A 112 0.62 0.66 6.28
CA ARG A 112 1.38 1.68 5.57
C ARG A 112 2.79 1.80 6.14
N SER A 113 2.87 2.19 7.40
CA SER A 113 4.13 2.35 8.10
C SER A 113 5.01 1.11 7.92
N LYS A 114 4.40 -0.08 7.92
CA LYS A 114 5.15 -1.32 7.73
C LYS A 114 5.47 -1.56 6.26
N VAL A 115 4.55 -1.18 5.38
CA VAL A 115 4.78 -1.34 3.95
C VAL A 115 6.01 -0.52 3.54
N ASP A 116 6.02 0.75 3.95
CA ASP A 116 7.15 1.63 3.66
C ASP A 116 8.46 1.03 4.19
N GLU A 117 8.38 0.38 5.34
CA GLU A 117 9.55 -0.26 5.94
C GLU A 117 9.92 -1.50 5.14
N ALA A 118 8.90 -2.23 4.71
CA ALA A 118 9.10 -3.42 3.89
C ALA A 118 9.79 -3.04 2.59
N VAL A 119 9.59 -1.79 2.18
CA VAL A 119 10.24 -1.27 0.98
C VAL A 119 11.74 -1.35 1.14
N ALA A 120 12.20 -0.77 2.24
CA ALA A 120 13.61 -0.78 2.58
C ALA A 120 14.11 -2.22 2.60
N VAL A 121 13.19 -3.14 2.86
CA VAL A 121 13.49 -4.57 2.91
C VAL A 121 13.43 -5.19 1.52
N LEU A 122 12.56 -4.65 0.68
CA LEU A 122 12.41 -5.13 -0.69
C LEU A 122 13.60 -4.69 -1.53
N GLN A 123 14.03 -3.45 -1.34
CA GLN A 123 15.17 -2.90 -2.05
C GLN A 123 16.42 -3.68 -1.67
N ALA A 124 16.48 -4.12 -0.42
CA ALA A 124 17.59 -4.93 0.07
C ALA A 124 17.48 -6.36 -0.43
N HIS A 125 16.29 -6.91 -0.40
CA HIS A 125 16.10 -8.28 -0.84
C HIS A 125 16.31 -8.42 -2.35
N GLN A 126 16.12 -7.33 -3.07
CA GLN A 126 16.27 -7.33 -4.52
C GLN A 126 17.74 -7.16 -4.91
N ALA A 127 18.42 -6.21 -4.27
CA ALA A 127 19.82 -5.93 -4.57
C ALA A 127 20.75 -6.66 -3.61
N LYS A 128 20.46 -6.56 -2.32
CA LYS A 128 21.29 -7.19 -1.30
C LYS A 128 20.76 -8.55 -0.89
N GLU A 129 21.48 -9.17 0.03
CA GLU A 129 21.08 -10.44 0.61
C GLU A 129 20.23 -10.22 1.85
N ALA A 130 19.17 -9.43 1.70
CA ALA A 130 18.33 -9.08 2.83
C ALA A 130 17.74 -10.32 3.49
N ALA A 131 16.78 -10.94 2.81
CA ALA A 131 16.12 -12.13 3.35
C ALA A 131 17.02 -13.36 3.23
N GLN A 132 17.31 -13.97 4.37
CA GLN A 132 18.15 -15.17 4.39
C GLN A 132 17.30 -16.43 4.48
N LYS A 133 17.71 -17.47 3.77
CA LYS A 133 16.98 -18.73 3.76
C LYS A 133 17.13 -19.46 5.10
N ALA A 134 17.99 -18.92 5.96
CA ALA A 134 18.24 -19.53 7.26
C ALA A 134 17.25 -19.00 8.30
N VAL A 135 16.24 -19.79 8.61
CA VAL A 135 15.23 -19.41 9.58
C VAL A 135 15.74 -19.62 11.00
N ASN A 136 16.75 -20.47 11.15
CA ASN A 136 17.33 -20.76 12.46
C ASN A 136 18.19 -19.60 12.95
N SER A 137 18.98 -19.85 13.99
CA SER A 137 19.85 -18.83 14.56
C SER A 137 21.20 -18.82 13.86
N ALA A 138 21.19 -18.99 12.54
CA ALA A 138 22.41 -18.99 11.76
C ALA A 138 22.86 -17.57 11.42
N THR A 139 21.89 -16.71 11.13
CA THR A 139 22.18 -15.32 10.80
C THR A 139 22.03 -14.41 12.02
N GLY A 140 22.06 -15.02 13.21
CA GLY A 140 21.94 -14.26 14.43
C GLY A 140 23.27 -13.72 14.93
N VAL A 141 23.90 -12.88 14.11
CA VAL A 141 25.18 -12.28 14.47
C VAL A 141 24.99 -11.11 15.43
N PRO A 142 25.77 -11.06 16.53
CA PRO A 142 25.67 -9.98 17.51
C PRO A 142 26.05 -8.62 16.93
N THR A 143 25.83 -7.57 17.70
CA THR A 143 26.14 -6.22 17.25
C THR A 143 27.64 -5.95 17.37
N VAL A 144 28.13 -4.98 16.59
CA VAL A 144 29.54 -4.62 16.62
C VAL A 144 29.73 -3.13 16.86
N GLY A 1 21.57 1.98 10.69
CA GLY A 1 21.68 0.57 11.18
C GLY A 1 21.78 -0.43 10.04
N PRO A 2 21.14 -1.61 10.18
CA PRO A 2 21.17 -2.65 9.15
C PRO A 2 20.62 -2.15 7.81
N LEU A 3 19.83 -1.07 7.86
CA LEU A 3 19.25 -0.50 6.66
C LEU A 3 20.32 0.17 5.81
N GLY A 4 20.12 0.13 4.49
CA GLY A 4 21.07 0.73 3.58
C GLY A 4 20.57 2.04 3.00
N SER A 5 21.49 2.94 2.70
CA SER A 5 21.13 4.24 2.13
C SER A 5 21.45 4.29 0.65
N ALA A 6 22.40 3.46 0.23
CA ALA A 6 22.81 3.40 -1.18
C ALA A 6 23.24 4.78 -1.69
N ALA A 7 24.47 5.17 -1.35
CA ALA A 7 24.99 6.46 -1.77
C ALA A 7 26.48 6.37 -2.08
N ALA A 8 27.01 7.40 -2.72
CA ALA A 8 28.41 7.44 -3.09
C ALA A 8 29.05 8.77 -2.71
N ALA A 9 29.99 8.73 -1.77
CA ALA A 9 30.68 9.94 -1.31
C ALA A 9 29.69 10.97 -0.80
N THR A 10 29.22 10.78 0.43
CA THR A 10 28.27 11.70 1.03
C THR A 10 28.70 12.08 2.44
N PRO A 11 28.78 13.39 2.75
CA PRO A 11 29.18 13.87 4.07
C PRO A 11 28.08 13.70 5.11
N ALA A 12 28.42 13.92 6.37
CA ALA A 12 27.47 13.78 7.46
C ALA A 12 26.92 15.14 7.89
N VAL A 13 27.65 16.20 7.53
CA VAL A 13 27.24 17.56 7.87
C VAL A 13 26.61 18.26 6.67
N ARG A 14 25.70 19.18 6.95
CA ARG A 14 25.01 19.91 5.89
C ARG A 14 25.70 21.25 5.61
N THR A 15 27.00 21.32 5.91
CA THR A 15 27.77 22.52 5.69
C THR A 15 28.42 22.51 4.31
N VAL A 16 28.75 23.70 3.81
CA VAL A 16 29.37 23.82 2.50
C VAL A 16 30.90 23.95 2.62
N PRO A 17 31.64 22.89 2.27
CA PRO A 17 33.10 22.88 2.35
C PRO A 17 33.76 23.74 1.27
N GLN A 18 33.83 23.21 0.06
CA GLN A 18 34.44 23.92 -1.06
C GLN A 18 33.44 24.86 -1.72
N TYR A 19 33.91 25.59 -2.74
CA TYR A 19 33.06 26.54 -3.45
C TYR A 19 32.07 25.81 -4.36
N LYS A 20 30.80 26.13 -4.20
CA LYS A 20 29.74 25.50 -5.00
C LYS A 20 29.70 26.11 -6.40
N TYR A 21 28.87 25.52 -7.26
CA TYR A 21 28.72 26.01 -8.63
C TYR A 21 27.57 27.00 -8.74
N ALA A 22 27.51 27.69 -9.87
CA ALA A 22 26.47 28.68 -10.11
C ALA A 22 25.20 28.02 -10.66
N ALA A 23 25.37 27.12 -11.62
CA ALA A 23 24.25 26.43 -12.22
C ALA A 23 23.56 25.50 -11.22
N GLY A 24 24.26 25.20 -10.13
CA GLY A 24 23.70 24.33 -9.12
C GLY A 24 22.70 25.04 -8.23
N VAL A 25 21.48 25.21 -8.74
CA VAL A 25 20.42 25.88 -7.99
C VAL A 25 19.55 24.86 -7.24
N ARG A 26 19.50 23.64 -7.77
CA ARG A 26 18.71 22.58 -7.15
C ARG A 26 19.53 21.80 -6.13
N ASN A 27 20.57 22.44 -5.61
CA ASN A 27 21.45 21.80 -4.63
C ASN A 27 20.75 21.67 -3.26
N PRO A 28 20.18 22.77 -2.72
CA PRO A 28 19.50 22.74 -1.42
C PRO A 28 18.17 22.01 -1.48
N GLN A 29 18.19 20.72 -1.15
CA GLN A 29 16.98 19.91 -1.17
C GLN A 29 16.19 20.07 0.13
N GLN A 30 15.24 20.99 0.12
CA GLN A 30 14.41 21.24 1.30
C GLN A 30 13.41 20.12 1.52
N HIS A 31 12.33 20.14 0.73
CA HIS A 31 11.29 19.12 0.84
C HIS A 31 10.74 19.03 2.26
N LEU A 32 10.84 20.14 3.00
CA LEU A 32 10.35 20.18 4.36
C LEU A 32 8.84 20.39 4.40
N ASN A 33 8.41 21.56 3.95
CA ASN A 33 6.98 21.89 3.93
C ASN A 33 6.36 21.50 2.59
N ALA A 34 5.03 21.60 2.51
CA ALA A 34 4.31 21.25 1.29
C ALA A 34 4.50 22.34 0.24
N GLN A 35 4.88 21.93 -0.97
CA GLN A 35 5.08 22.86 -2.06
C GLN A 35 3.78 23.12 -2.84
N PRO A 36 3.07 22.05 -3.26
CA PRO A 36 1.81 22.20 -4.01
C PRO A 36 0.68 22.69 -3.12
N GLN A 37 -0.53 22.70 -3.67
CA GLN A 37 -1.71 23.14 -2.93
C GLN A 37 -2.44 21.97 -2.29
N VAL A 38 -2.60 22.02 -0.97
CA VAL A 38 -3.26 20.95 -0.24
C VAL A 38 -4.76 21.24 -0.09
N THR A 39 -5.11 22.51 -0.04
CA THR A 39 -6.50 22.91 0.11
C THR A 39 -7.22 22.87 -1.23
N MET A 40 -6.46 22.81 -2.31
CA MET A 40 -7.02 22.76 -3.66
C MET A 40 -7.11 21.32 -4.15
N GLN A 41 -7.51 20.41 -3.27
CA GLN A 41 -7.63 19.01 -3.62
C GLN A 41 -8.43 18.24 -2.55
N GLN A 42 -9.74 18.22 -2.70
CA GLN A 42 -10.62 17.54 -1.75
C GLN A 42 -10.40 18.05 -0.33
N PRO A 43 -11.17 19.08 0.09
CA PRO A 43 -11.05 19.66 1.44
C PRO A 43 -11.13 18.60 2.53
N ALA A 44 -10.37 18.81 3.60
CA ALA A 44 -10.34 17.87 4.72
C ALA A 44 -11.48 18.15 5.69
N VAL A 45 -12.65 17.56 5.44
CA VAL A 45 -13.80 17.73 6.30
C VAL A 45 -14.04 16.49 7.15
N HIS A 46 -15.24 16.39 7.72
CA HIS A 46 -15.60 15.24 8.54
C HIS A 46 -15.98 14.04 7.69
N VAL A 47 -14.99 13.43 7.05
CA VAL A 47 -15.22 12.28 6.19
C VAL A 47 -14.83 10.98 6.88
N GLN A 48 -15.16 9.85 6.25
CA GLN A 48 -14.84 8.54 6.80
C GLN A 48 -13.41 8.14 6.46
N GLY A 49 -13.18 6.83 6.29
CA GLY A 49 -11.86 6.36 5.96
C GLY A 49 -11.46 6.70 4.54
N GLN A 50 -10.37 7.45 4.39
CA GLN A 50 -9.89 7.86 3.07
C GLN A 50 -8.79 6.93 2.58
N GLU A 51 -8.40 7.10 1.32
CA GLU A 51 -7.35 6.29 0.71
C GLU A 51 -6.00 6.57 1.38
N PRO A 52 -5.03 5.64 1.26
CA PRO A 52 -5.18 4.39 0.50
C PRO A 52 -5.75 3.25 1.35
N LEU A 53 -5.46 2.02 0.93
CA LEU A 53 -5.93 0.84 1.65
C LEU A 53 -5.22 0.70 2.99
N THR A 54 -5.89 0.09 3.96
CA THR A 54 -5.33 -0.11 5.28
C THR A 54 -6.10 -1.18 6.04
N ALA A 55 -5.71 -1.41 7.29
CA ALA A 55 -6.36 -2.40 8.13
C ALA A 55 -7.87 -2.20 8.14
N SER A 56 -8.30 -0.95 8.13
CA SER A 56 -9.72 -0.62 8.10
C SER A 56 -10.37 -1.17 6.85
N MET A 57 -9.72 -0.98 5.71
CA MET A 57 -10.22 -1.48 4.44
C MET A 57 -10.34 -2.99 4.49
N LEU A 58 -9.32 -3.63 5.05
CA LEU A 58 -9.29 -5.08 5.18
C LEU A 58 -10.48 -5.56 6.00
N ALA A 59 -10.72 -4.90 7.11
CA ALA A 59 -11.83 -5.25 8.00
C ALA A 59 -13.17 -4.90 7.37
N SER A 60 -13.13 -4.16 6.27
CA SER A 60 -14.34 -3.76 5.57
C SER A 60 -14.87 -4.89 4.69
N ALA A 61 -14.07 -5.94 4.57
CA ALA A 61 -14.45 -7.10 3.77
C ALA A 61 -14.18 -8.41 4.51
N PRO A 62 -14.81 -8.60 5.69
CA PRO A 62 -14.61 -9.81 6.50
C PRO A 62 -14.81 -11.11 5.71
N PRO A 63 -15.95 -11.28 5.01
CA PRO A 63 -16.23 -12.48 4.25
C PRO A 63 -15.85 -12.35 2.77
N GLN A 64 -15.03 -11.34 2.46
CA GLN A 64 -14.61 -11.10 1.09
C GLN A 64 -13.09 -11.03 0.97
N GLU A 65 -12.54 -9.81 1.03
CA GLU A 65 -11.10 -9.62 0.87
C GLU A 65 -10.44 -9.26 2.20
N GLN A 66 -10.89 -9.89 3.29
CA GLN A 66 -10.32 -9.64 4.60
C GLN A 66 -8.83 -9.98 4.61
N LYS A 67 -8.50 -11.18 4.13
CA LYS A 67 -7.13 -11.63 4.07
C LYS A 67 -6.73 -11.94 2.64
N GLN A 68 -7.20 -11.11 1.70
CA GLN A 68 -6.92 -11.31 0.29
C GLN A 68 -6.37 -10.03 -0.34
N MET A 69 -7.12 -8.94 -0.23
CA MET A 69 -6.72 -7.66 -0.81
C MET A 69 -5.60 -7.00 -0.01
N LEU A 70 -5.16 -7.67 1.06
CA LEU A 70 -4.10 -7.13 1.92
C LEU A 70 -2.78 -7.01 1.16
N GLY A 71 -2.45 -8.02 0.37
CA GLY A 71 -1.21 -8.00 -0.37
C GLY A 71 -1.37 -8.39 -1.83
N GLU A 72 -2.57 -8.16 -2.36
CA GLU A 72 -2.87 -8.50 -3.75
C GLU A 72 -3.70 -7.40 -4.40
N ARG A 73 -4.10 -6.42 -3.60
CA ARG A 73 -4.90 -5.30 -4.09
C ARG A 73 -4.24 -3.99 -3.72
N LEU A 74 -3.44 -4.03 -2.67
CA LEU A 74 -2.73 -2.85 -2.19
C LEU A 74 -1.56 -2.51 -3.10
N PHE A 75 -0.99 -3.54 -3.71
CA PHE A 75 0.17 -3.38 -4.59
C PHE A 75 0.05 -2.12 -5.46
N PRO A 76 -1.04 -1.96 -6.23
CA PRO A 76 -1.22 -0.77 -7.08
C PRO A 76 -1.36 0.51 -6.25
N LEU A 77 -1.84 0.35 -5.01
CA LEU A 77 -2.02 1.49 -4.12
C LEU A 77 -0.70 1.88 -3.46
N ILE A 78 0.25 0.94 -3.42
CA ILE A 78 1.55 1.21 -2.82
C ILE A 78 2.33 2.19 -3.70
N GLN A 79 2.17 2.03 -5.01
CA GLN A 79 2.83 2.92 -5.97
C GLN A 79 2.50 4.37 -5.65
N ALA A 80 1.49 4.55 -4.80
CA ALA A 80 1.07 5.88 -4.37
C ALA A 80 1.94 6.36 -3.21
N MET A 81 2.26 5.45 -2.29
CA MET A 81 3.10 5.79 -1.16
C MET A 81 4.54 5.99 -1.60
N HIS A 82 5.01 5.08 -2.43
CA HIS A 82 6.36 5.13 -2.97
C HIS A 82 6.31 5.39 -4.47
N PRO A 83 7.30 6.15 -5.01
CA PRO A 83 7.36 6.49 -6.43
C PRO A 83 6.75 5.41 -7.31
N THR A 84 7.17 4.17 -7.07
CA THR A 84 6.66 3.01 -7.80
C THR A 84 7.44 1.76 -7.41
N LEU A 85 8.03 1.80 -6.22
CA LEU A 85 8.83 0.70 -5.70
C LEU A 85 7.95 -0.48 -5.30
N ALA A 86 6.68 -0.43 -5.68
CA ALA A 86 5.73 -1.49 -5.34
C ALA A 86 5.93 -2.72 -6.24
N GLY A 87 7.18 -3.10 -6.44
CA GLY A 87 7.48 -4.28 -7.24
C GLY A 87 7.43 -5.54 -6.40
N LYS A 88 7.35 -5.35 -5.09
CA LYS A 88 7.27 -6.47 -4.15
C LYS A 88 7.07 -5.94 -2.72
N ILE A 89 6.40 -4.81 -2.60
CA ILE A 89 6.13 -4.23 -1.29
C ILE A 89 4.97 -4.95 -0.61
N THR A 90 3.75 -4.46 -0.85
CA THR A 90 2.54 -5.06 -0.27
C THR A 90 2.49 -6.55 -0.57
N GLY A 91 2.91 -6.93 -1.78
CA GLY A 91 2.93 -8.33 -2.13
C GLY A 91 3.75 -9.12 -1.14
N MET A 92 4.77 -8.48 -0.58
CA MET A 92 5.62 -9.12 0.41
C MET A 92 4.99 -9.02 1.78
N LEU A 93 4.12 -8.04 1.95
CA LEU A 93 3.42 -7.86 3.21
C LEU A 93 2.57 -9.08 3.53
N LEU A 94 2.50 -10.00 2.58
CA LEU A 94 1.79 -11.24 2.77
C LEU A 94 2.80 -12.38 2.88
N GLU A 95 4.03 -12.01 3.21
CA GLU A 95 5.12 -12.98 3.36
C GLU A 95 6.29 -12.40 4.15
N ILE A 96 6.14 -11.15 4.62
CA ILE A 96 7.20 -10.50 5.39
C ILE A 96 7.50 -11.24 6.70
N ASP A 97 7.97 -10.49 7.69
CA ASP A 97 8.28 -11.03 9.01
C ASP A 97 7.03 -11.65 9.65
N ASN A 98 5.91 -11.55 8.95
CA ASN A 98 4.63 -12.09 9.41
C ASN A 98 3.98 -11.18 10.45
N SER A 99 4.80 -10.49 11.22
CA SER A 99 4.29 -9.55 12.21
C SER A 99 3.74 -8.31 11.54
N GLU A 100 4.32 -7.98 10.38
CA GLU A 100 3.86 -6.85 9.58
C GLU A 100 2.60 -7.23 8.83
N LEU A 101 2.41 -8.53 8.64
CA LEU A 101 1.22 -9.05 7.99
C LEU A 101 0.03 -8.97 8.94
N LEU A 102 0.34 -8.98 10.23
CA LEU A 102 -0.70 -8.94 11.26
C LEU A 102 -1.01 -7.51 11.66
N HIS A 103 0.02 -6.72 11.88
CA HIS A 103 -0.16 -5.34 12.29
C HIS A 103 -0.86 -4.53 11.19
N MET A 104 -0.52 -4.81 9.94
CA MET A 104 -1.11 -4.10 8.82
C MET A 104 -2.62 -4.29 8.76
N LEU A 105 -3.08 -5.50 9.11
CA LEU A 105 -4.51 -5.81 9.11
C LEU A 105 -5.14 -5.41 10.42
N GLU A 106 -4.30 -5.01 11.37
CA GLU A 106 -4.75 -4.69 12.70
C GLU A 106 -4.70 -3.21 13.00
N SER A 107 -4.02 -2.43 12.16
CA SER A 107 -3.87 -1.01 12.41
C SER A 107 -4.03 -0.18 11.15
N PRO A 108 -4.72 0.97 11.24
CA PRO A 108 -4.94 1.87 10.10
C PRO A 108 -3.69 2.65 9.72
N GLU A 109 -2.53 2.16 10.16
CA GLU A 109 -1.25 2.79 9.87
C GLU A 109 -0.14 1.76 9.71
N SER A 110 -0.31 0.60 10.34
CA SER A 110 0.67 -0.45 10.22
C SER A 110 0.76 -0.91 8.77
N LEU A 111 -0.40 -1.02 8.14
CA LEU A 111 -0.46 -1.33 6.72
C LEU A 111 0.53 -0.45 5.96
N ARG A 112 0.78 0.72 6.52
CA ARG A 112 1.70 1.68 5.91
C ARG A 112 3.11 1.59 6.50
N SER A 113 3.23 1.92 7.78
CA SER A 113 4.52 1.85 8.45
C SER A 113 5.21 0.52 8.15
N LYS A 114 4.40 -0.51 7.90
CA LYS A 114 4.93 -1.82 7.55
C LYS A 114 5.30 -1.87 6.07
N VAL A 115 4.45 -1.30 5.22
CA VAL A 115 4.72 -1.29 3.79
C VAL A 115 5.96 -0.44 3.50
N ASP A 116 5.90 0.84 3.86
CA ASP A 116 7.03 1.74 3.66
C ASP A 116 8.33 1.12 4.18
N GLU A 117 8.25 0.45 5.33
CA GLU A 117 9.41 -0.20 5.92
C GLU A 117 9.76 -1.45 5.13
N ALA A 118 8.74 -2.13 4.61
CA ALA A 118 8.94 -3.33 3.82
C ALA A 118 9.60 -2.96 2.51
N VAL A 119 9.47 -1.69 2.12
CA VAL A 119 10.12 -1.19 0.92
C VAL A 119 11.62 -1.18 1.11
N ALA A 120 12.04 -0.67 2.26
CA ALA A 120 13.45 -0.64 2.61
C ALA A 120 13.99 -2.07 2.69
N VAL A 121 13.10 -2.98 3.09
CA VAL A 121 13.43 -4.39 3.21
C VAL A 121 13.40 -5.06 1.84
N LEU A 122 12.53 -4.56 0.96
CA LEU A 122 12.38 -5.10 -0.38
C LEU A 122 13.57 -4.67 -1.24
N GLN A 123 13.97 -3.41 -1.10
CA GLN A 123 15.11 -2.89 -1.85
C GLN A 123 16.36 -3.68 -1.48
N ALA A 124 16.39 -4.15 -0.24
CA ALA A 124 17.50 -4.96 0.25
C ALA A 124 17.45 -6.36 -0.38
N HIS A 125 16.31 -7.02 -0.27
CA HIS A 125 16.17 -8.35 -0.81
C HIS A 125 16.26 -8.35 -2.33
N GLN A 126 16.08 -7.19 -2.94
CA GLN A 126 16.13 -7.07 -4.39
C GLN A 126 17.56 -6.84 -4.87
N ALA A 127 18.23 -5.86 -4.27
CA ALA A 127 19.60 -5.53 -4.64
C ALA A 127 20.62 -6.22 -3.74
N LYS A 128 20.35 -6.24 -2.44
CA LYS A 128 21.26 -6.84 -1.47
C LYS A 128 20.85 -8.26 -1.14
N GLU A 129 21.69 -8.89 -0.33
CA GLU A 129 21.42 -10.23 0.17
C GLU A 129 20.66 -10.16 1.49
N ALA A 130 19.45 -9.62 1.45
CA ALA A 130 18.66 -9.44 2.66
C ALA A 130 18.45 -10.78 3.37
N ALA A 131 17.68 -11.66 2.75
CA ALA A 131 17.41 -12.97 3.34
C ALA A 131 18.57 -13.92 3.12
N GLN A 132 18.78 -14.84 4.07
CA GLN A 132 19.86 -15.80 3.98
C GLN A 132 19.49 -16.94 3.03
N LYS A 133 20.39 -17.92 2.91
CA LYS A 133 20.16 -19.07 2.04
C LYS A 133 19.35 -20.15 2.75
N ALA A 134 19.15 -21.27 2.07
CA ALA A 134 18.39 -22.39 2.64
C ALA A 134 19.26 -23.20 3.59
N VAL A 135 19.20 -22.85 4.88
CA VAL A 135 19.97 -23.55 5.90
C VAL A 135 19.19 -24.71 6.49
N ASN A 136 19.88 -25.81 6.76
CA ASN A 136 19.25 -26.99 7.32
C ASN A 136 18.94 -26.80 8.81
N SER A 137 19.98 -26.88 9.64
CA SER A 137 19.82 -26.71 11.08
C SER A 137 19.97 -25.24 11.46
N ALA A 138 19.17 -24.81 12.44
CA ALA A 138 19.22 -23.43 12.91
C ALA A 138 20.49 -23.15 13.70
N THR A 139 21.57 -22.81 12.99
CA THR A 139 22.84 -22.53 13.62
C THR A 139 23.26 -21.09 13.37
N GLY A 140 22.70 -20.48 12.33
CA GLY A 140 23.02 -19.11 11.99
C GLY A 140 22.05 -18.11 12.61
N VAL A 141 20.76 -18.34 12.39
CA VAL A 141 19.73 -17.47 12.92
C VAL A 141 19.60 -17.63 14.44
N PRO A 142 19.52 -16.50 15.18
CA PRO A 142 19.40 -16.53 16.64
C PRO A 142 18.01 -16.92 17.10
N THR A 143 17.94 -17.92 17.98
CA THR A 143 16.67 -18.39 18.51
C THR A 143 16.25 -17.61 19.74
N VAL A 144 17.01 -17.76 20.82
CA VAL A 144 16.74 -17.06 22.07
C VAL A 144 15.31 -17.33 22.55
N GLY A 1 14.65 84.31 27.23
CA GLY A 1 14.41 84.38 25.76
C GLY A 1 14.25 83.00 25.14
N PRO A 2 13.57 82.90 23.97
CA PRO A 2 13.36 81.63 23.29
C PRO A 2 14.63 81.11 22.62
N LEU A 3 15.52 80.54 23.42
CA LEU A 3 16.78 80.00 22.91
C LEU A 3 16.58 78.60 22.35
N GLY A 4 16.87 78.43 21.06
CA GLY A 4 16.72 77.14 20.42
C GLY A 4 18.00 76.33 20.43
N SER A 5 18.70 76.36 21.55
CA SER A 5 19.95 75.62 21.70
C SER A 5 19.69 74.21 22.23
N ALA A 6 19.55 73.26 21.32
CA ALA A 6 19.30 71.87 21.68
C ALA A 6 20.22 70.93 20.91
N ALA A 7 21.29 70.49 21.56
CA ALA A 7 22.25 69.58 20.93
C ALA A 7 22.27 68.22 21.64
N ALA A 8 22.99 67.27 21.06
CA ALA A 8 23.09 65.94 21.62
C ALA A 8 24.55 65.55 21.87
N ALA A 9 24.78 64.73 22.88
CA ALA A 9 26.13 64.29 23.22
C ALA A 9 26.15 62.80 23.56
N THR A 10 27.18 62.38 24.28
CA THR A 10 27.31 60.97 24.67
C THR A 10 26.09 60.50 25.47
N PRO A 11 25.76 59.20 25.40
CA PRO A 11 26.52 58.22 24.61
C PRO A 11 26.14 58.24 23.13
N ALA A 12 25.20 59.10 22.78
CA ALA A 12 24.75 59.22 21.40
C ALA A 12 25.83 59.85 20.52
N VAL A 13 26.69 59.01 19.96
CA VAL A 13 27.77 59.49 19.11
C VAL A 13 27.30 59.63 17.66
N ARG A 14 27.77 60.69 16.99
CA ARG A 14 27.39 60.95 15.61
C ARG A 14 28.00 59.91 14.67
N THR A 15 27.17 59.34 13.80
CA THR A 15 27.63 58.33 12.85
C THR A 15 27.88 58.94 11.48
N VAL A 16 29.07 59.48 11.27
CA VAL A 16 29.44 60.10 10.00
C VAL A 16 30.33 59.17 9.19
N PRO A 17 30.04 58.99 7.88
CA PRO A 17 28.91 59.64 7.21
C PRO A 17 27.56 59.02 7.59
N GLN A 18 26.53 59.87 7.65
CA GLN A 18 25.19 59.41 8.00
C GLN A 18 24.58 58.57 6.88
N TYR A 19 24.14 57.37 7.22
CA TYR A 19 23.54 56.47 6.25
C TYR A 19 22.10 56.88 5.95
N LYS A 20 21.44 56.11 5.09
CA LYS A 20 20.06 56.40 4.71
C LYS A 20 19.10 55.94 5.81
N TYR A 21 18.08 56.76 6.08
CA TYR A 21 17.09 56.43 7.10
C TYR A 21 16.28 55.20 6.70
N ALA A 22 16.67 54.04 7.21
CA ALA A 22 15.99 52.79 6.90
C ALA A 22 14.88 52.53 7.90
N ALA A 23 15.23 52.49 9.17
CA ALA A 23 14.26 52.23 10.24
C ALA A 23 13.30 53.39 10.40
N GLY A 24 12.06 53.19 9.96
CA GLY A 24 11.06 54.23 10.06
C GLY A 24 10.04 53.94 11.14
N VAL A 25 9.11 53.02 10.86
CA VAL A 25 8.08 52.65 11.82
C VAL A 25 8.41 51.33 12.50
N ARG A 26 8.59 51.35 13.81
CA ARG A 26 8.93 50.15 14.57
C ARG A 26 7.70 49.26 14.72
N ASN A 27 7.44 48.44 13.69
CA ASN A 27 6.30 47.52 13.72
C ASN A 27 6.71 46.15 14.28
N PRO A 28 7.79 45.53 13.75
CA PRO A 28 8.24 44.22 14.23
C PRO A 28 8.92 44.32 15.59
N GLN A 29 8.17 43.99 16.64
CA GLN A 29 8.70 44.05 18.00
C GLN A 29 9.29 42.70 18.40
N GLN A 30 8.43 41.79 18.88
CA GLN A 30 8.87 40.48 19.30
C GLN A 30 8.59 39.43 18.22
N HIS A 31 8.67 38.16 18.60
CA HIS A 31 8.42 37.07 17.66
C HIS A 31 7.86 35.85 18.38
N LEU A 32 7.39 36.05 19.61
CA LEU A 32 6.82 34.98 20.41
C LEU A 32 5.31 34.89 20.22
N ASN A 33 4.59 35.80 20.86
CA ASN A 33 3.13 35.84 20.77
C ASN A 33 2.68 36.98 19.86
N ALA A 34 2.85 36.80 18.56
CA ALA A 34 2.46 37.81 17.58
C ALA A 34 0.94 37.94 17.51
N GLN A 35 0.45 39.17 17.67
CA GLN A 35 -0.98 39.43 17.62
C GLN A 35 -1.40 39.80 16.20
N PRO A 36 -2.69 39.59 15.85
CA PRO A 36 -3.71 39.06 16.76
C PRO A 36 -3.57 37.55 16.97
N GLN A 37 -3.54 36.82 15.85
CA GLN A 37 -3.42 35.37 15.91
C GLN A 37 -1.98 34.94 16.14
N VAL A 38 -1.78 34.04 17.10
CA VAL A 38 -0.44 33.55 17.42
C VAL A 38 -0.01 32.46 16.45
N THR A 39 1.29 32.22 16.37
CA THR A 39 1.84 31.21 15.48
C THR A 39 2.12 29.91 16.23
N MET A 40 1.28 29.61 17.21
CA MET A 40 1.45 28.39 18.00
C MET A 40 0.58 27.26 17.45
N GLN A 41 0.92 26.03 17.83
CA GLN A 41 0.19 24.85 17.37
C GLN A 41 -0.21 23.97 18.54
N GLN A 42 -0.91 22.88 18.25
CA GLN A 42 -1.36 21.95 19.28
C GLN A 42 -1.77 20.61 18.67
N PRO A 43 -1.51 19.50 19.39
CA PRO A 43 -1.86 18.16 18.92
C PRO A 43 -3.36 17.88 18.99
N ALA A 44 -4.08 18.31 17.96
CA ALA A 44 -5.53 18.12 17.91
C ALA A 44 -5.88 16.67 17.58
N VAL A 45 -7.18 16.37 17.59
CA VAL A 45 -7.65 15.02 17.30
C VAL A 45 -7.97 14.85 15.82
N HIS A 46 -7.43 15.76 15.00
CA HIS A 46 -7.65 15.71 13.56
C HIS A 46 -6.74 14.68 12.90
N VAL A 47 -7.34 13.67 12.29
CA VAL A 47 -6.59 12.61 11.62
C VAL A 47 -6.57 12.82 10.12
N GLN A 48 -5.93 11.89 9.41
CA GLN A 48 -5.84 11.97 7.95
C GLN A 48 -7.02 11.24 7.30
N GLY A 49 -7.04 11.23 5.97
CA GLY A 49 -8.10 10.56 5.24
C GLY A 49 -7.84 9.08 5.05
N GLN A 50 -8.72 8.25 5.59
CA GLN A 50 -8.58 6.80 5.49
C GLN A 50 -9.20 6.29 4.20
N GLU A 51 -9.01 7.04 3.11
CA GLU A 51 -9.56 6.65 1.81
C GLU A 51 -8.78 5.48 1.21
N PRO A 52 -7.43 5.57 1.14
CA PRO A 52 -6.60 4.50 0.56
C PRO A 52 -6.76 3.18 1.30
N LEU A 53 -6.09 2.15 0.78
CA LEU A 53 -6.14 0.82 1.38
C LEU A 53 -5.39 0.80 2.72
N THR A 54 -5.99 0.15 3.71
CA THR A 54 -5.38 0.02 5.03
C THR A 54 -6.16 -0.98 5.87
N ALA A 55 -5.74 -1.18 7.11
CA ALA A 55 -6.39 -2.13 8.01
C ALA A 55 -7.90 -1.89 8.08
N SER A 56 -8.30 -0.64 7.98
CA SER A 56 -9.72 -0.28 8.03
C SER A 56 -10.45 -0.79 6.81
N MET A 57 -9.88 -0.51 5.63
CA MET A 57 -10.45 -0.98 4.37
C MET A 57 -10.59 -2.49 4.38
N LEU A 58 -9.59 -3.13 4.97
CA LEU A 58 -9.57 -4.58 5.09
C LEU A 58 -10.69 -5.06 6.00
N ALA A 59 -10.86 -4.37 7.12
CA ALA A 59 -11.91 -4.71 8.07
C ALA A 59 -13.29 -4.45 7.46
N SER A 60 -13.30 -3.81 6.30
CA SER A 60 -14.54 -3.50 5.59
C SER A 60 -15.06 -4.73 4.86
N ALA A 61 -14.28 -5.79 4.87
CA ALA A 61 -14.66 -7.02 4.18
C ALA A 61 -14.44 -8.23 5.09
N PRO A 62 -15.51 -8.69 5.78
CA PRO A 62 -15.44 -9.89 6.63
C PRO A 62 -14.83 -11.06 5.84
N PRO A 63 -14.65 -12.24 6.47
CA PRO A 63 -14.08 -13.41 5.80
C PRO A 63 -14.26 -13.38 4.28
N GLN A 64 -13.38 -12.64 3.61
CA GLN A 64 -13.46 -12.44 2.18
C GLN A 64 -12.12 -11.98 1.63
N GLU A 65 -11.86 -10.69 1.72
CA GLU A 65 -10.60 -10.11 1.27
C GLU A 65 -9.75 -9.72 2.47
N GLN A 66 -10.23 -10.03 3.66
CA GLN A 66 -9.52 -9.72 4.90
C GLN A 66 -8.13 -10.34 4.90
N LYS A 67 -7.95 -11.34 4.05
CA LYS A 67 -6.66 -12.02 3.94
C LYS A 67 -6.30 -12.23 2.47
N GLN A 68 -6.80 -11.35 1.61
CA GLN A 68 -6.53 -11.43 0.18
C GLN A 68 -6.16 -10.08 -0.42
N MET A 69 -6.97 -9.06 -0.14
CA MET A 69 -6.76 -7.73 -0.71
C MET A 69 -5.69 -6.93 0.04
N LEU A 70 -5.05 -7.53 1.03
CA LEU A 70 -4.01 -6.85 1.78
C LEU A 70 -2.75 -6.78 0.96
N GLY A 71 -2.50 -7.83 0.18
CA GLY A 71 -1.33 -7.85 -0.65
C GLY A 71 -1.63 -8.19 -2.10
N GLU A 72 -2.85 -7.87 -2.53
CA GLU A 72 -3.27 -8.14 -3.89
C GLU A 72 -4.19 -7.04 -4.43
N ARG A 73 -4.50 -6.07 -3.58
CA ARG A 73 -5.35 -4.95 -3.96
C ARG A 73 -4.65 -3.64 -3.65
N LEU A 74 -3.69 -3.70 -2.74
CA LEU A 74 -2.90 -2.53 -2.36
C LEU A 74 -1.84 -2.24 -3.40
N PHE A 75 -1.48 -3.28 -4.14
CA PHE A 75 -0.46 -3.19 -5.17
C PHE A 75 -0.48 -1.85 -5.91
N PRO A 76 -1.63 -1.45 -6.49
CA PRO A 76 -1.73 -0.19 -7.23
C PRO A 76 -1.70 1.04 -6.32
N LEU A 77 -2.04 0.84 -5.06
CA LEU A 77 -2.07 1.94 -4.09
C LEU A 77 -0.73 2.14 -3.40
N ILE A 78 0.13 1.11 -3.44
CA ILE A 78 1.46 1.22 -2.85
C ILE A 78 2.34 2.10 -3.73
N GLN A 79 2.21 1.93 -5.04
CA GLN A 79 2.96 2.75 -5.99
C GLN A 79 2.72 4.22 -5.70
N ALA A 80 1.67 4.49 -4.95
CA ALA A 80 1.31 5.84 -4.55
C ALA A 80 2.17 6.32 -3.39
N MET A 81 2.47 5.40 -2.47
CA MET A 81 3.29 5.73 -1.31
C MET A 81 4.74 5.91 -1.72
N HIS A 82 5.24 4.98 -2.51
CA HIS A 82 6.62 5.01 -2.98
C HIS A 82 6.67 5.24 -4.49
N PRO A 83 7.72 5.91 -5.00
CA PRO A 83 7.87 6.16 -6.43
C PRO A 83 7.84 4.86 -7.25
N THR A 84 6.63 4.36 -7.49
CA THR A 84 6.44 3.11 -8.22
C THR A 84 7.40 2.04 -7.74
N LEU A 85 7.69 2.05 -6.44
CA LEU A 85 8.60 1.07 -5.85
C LEU A 85 7.85 -0.16 -5.36
N ALA A 86 6.56 -0.22 -5.69
CA ALA A 86 5.72 -1.34 -5.30
C ALA A 86 5.92 -2.54 -6.23
N GLY A 87 7.17 -2.86 -6.49
CA GLY A 87 7.48 -4.01 -7.33
C GLY A 87 7.45 -5.29 -6.55
N LYS A 88 7.33 -5.16 -5.22
CA LYS A 88 7.28 -6.32 -4.33
C LYS A 88 7.02 -5.88 -2.90
N ILE A 89 6.31 -4.77 -2.73
CA ILE A 89 6.01 -4.28 -1.40
C ILE A 89 4.83 -5.03 -0.78
N THR A 90 3.63 -4.47 -0.93
CA THR A 90 2.41 -5.07 -0.39
C THR A 90 2.29 -6.53 -0.75
N GLY A 91 2.64 -6.86 -1.99
CA GLY A 91 2.58 -8.25 -2.42
C GLY A 91 3.39 -9.13 -1.50
N MET A 92 4.46 -8.56 -0.96
CA MET A 92 5.33 -9.28 -0.05
C MET A 92 4.78 -9.21 1.36
N LEU A 93 3.96 -8.20 1.61
CA LEU A 93 3.34 -8.03 2.91
C LEU A 93 2.44 -9.23 3.22
N LEU A 94 2.29 -10.11 2.25
CA LEU A 94 1.52 -11.32 2.44
C LEU A 94 2.48 -12.50 2.48
N GLU A 95 3.71 -12.21 2.90
CA GLU A 95 4.76 -13.22 2.98
C GLU A 95 5.95 -12.72 3.80
N ILE A 96 5.87 -11.48 4.28
CA ILE A 96 6.96 -10.91 5.08
C ILE A 96 7.18 -11.69 6.38
N ASP A 97 7.70 -10.99 7.39
CA ASP A 97 7.93 -11.56 8.70
C ASP A 97 6.63 -12.08 9.32
N ASN A 98 5.53 -11.86 8.62
CA ASN A 98 4.20 -12.29 9.06
C ASN A 98 3.64 -11.35 10.13
N SER A 99 4.53 -10.73 10.90
CA SER A 99 4.12 -9.78 11.90
C SER A 99 3.68 -8.48 11.24
N GLU A 100 4.23 -8.22 10.06
CA GLU A 100 3.85 -7.05 9.28
C GLU A 100 2.57 -7.33 8.53
N LEU A 101 2.33 -8.62 8.24
CA LEU A 101 1.10 -9.05 7.60
C LEU A 101 -0.04 -9.00 8.61
N LEU A 102 0.31 -9.13 9.88
CA LEU A 102 -0.65 -9.12 10.97
C LEU A 102 -0.96 -7.69 11.43
N HIS A 103 0.10 -6.91 11.64
CA HIS A 103 -0.04 -5.54 12.10
C HIS A 103 -0.80 -4.70 11.07
N MET A 104 -0.45 -4.89 9.80
CA MET A 104 -1.07 -4.14 8.72
C MET A 104 -2.58 -4.32 8.72
N LEU A 105 -3.05 -5.49 9.13
CA LEU A 105 -4.48 -5.79 9.18
C LEU A 105 -5.08 -5.35 10.50
N GLU A 106 -4.23 -4.99 11.44
CA GLU A 106 -4.69 -4.61 12.77
C GLU A 106 -4.56 -3.12 13.04
N SER A 107 -3.88 -2.38 12.15
CA SER A 107 -3.68 -0.95 12.35
C SER A 107 -3.80 -0.18 11.04
N PRO A 108 -4.56 0.94 11.06
CA PRO A 108 -4.74 1.79 9.88
C PRO A 108 -3.47 2.56 9.54
N GLU A 109 -2.42 2.29 10.30
CA GLU A 109 -1.12 2.93 10.08
C GLU A 109 -0.03 1.90 9.93
N SER A 110 -0.36 0.64 10.23
CA SER A 110 0.59 -0.45 10.09
C SER A 110 0.67 -0.86 8.64
N LEU A 111 -0.49 -1.01 8.02
CA LEU A 111 -0.55 -1.32 6.61
C LEU A 111 0.37 -0.40 5.84
N ARG A 112 0.39 0.87 6.25
CA ARG A 112 1.25 1.86 5.61
C ARG A 112 2.69 1.77 6.11
N SER A 113 2.87 1.90 7.43
CA SER A 113 4.20 1.85 8.03
C SER A 113 4.93 0.58 7.61
N LYS A 114 4.32 -0.57 7.90
CA LYS A 114 4.89 -1.85 7.56
C LYS A 114 5.24 -1.94 6.08
N VAL A 115 4.46 -1.27 5.23
CA VAL A 115 4.72 -1.29 3.80
C VAL A 115 5.95 -0.44 3.48
N ASP A 116 5.91 0.83 3.85
CA ASP A 116 7.04 1.73 3.62
C ASP A 116 8.30 1.15 4.24
N GLU A 117 8.13 0.41 5.34
CA GLU A 117 9.25 -0.23 6.01
C GLU A 117 9.62 -1.51 5.28
N ALA A 118 8.62 -2.15 4.69
CA ALA A 118 8.85 -3.36 3.91
C ALA A 118 9.59 -3.01 2.64
N VAL A 119 9.50 -1.74 2.23
CA VAL A 119 10.22 -1.26 1.07
C VAL A 119 11.70 -1.25 1.35
N ALA A 120 12.06 -0.68 2.50
CA ALA A 120 13.44 -0.65 2.94
C ALA A 120 13.96 -2.07 3.06
N VAL A 121 13.03 -3.00 3.28
CA VAL A 121 13.35 -4.40 3.41
C VAL A 121 13.37 -5.05 2.02
N LEU A 122 12.48 -4.57 1.15
CA LEU A 122 12.41 -5.06 -0.21
C LEU A 122 13.66 -4.67 -0.96
N GLN A 123 14.19 -3.51 -0.59
CA GLN A 123 15.43 -3.01 -1.16
C GLN A 123 16.61 -3.68 -0.46
N ALA A 124 16.39 -4.08 0.79
CA ALA A 124 17.42 -4.75 1.58
C ALA A 124 17.38 -6.26 1.38
N HIS A 125 16.57 -6.69 0.42
CA HIS A 125 16.49 -8.10 0.09
C HIS A 125 16.75 -8.29 -1.40
N GLN A 126 16.35 -7.30 -2.17
CA GLN A 126 16.56 -7.31 -3.61
C GLN A 126 17.91 -6.70 -3.99
N ALA A 127 18.07 -5.41 -3.70
CA ALA A 127 19.29 -4.69 -4.05
C ALA A 127 20.29 -4.66 -2.89
N LYS A 128 20.09 -5.53 -1.91
CA LYS A 128 20.99 -5.61 -0.76
C LYS A 128 22.33 -6.20 -1.16
N GLU A 129 22.95 -6.93 -0.25
CA GLU A 129 24.19 -7.63 -0.54
C GLU A 129 23.85 -8.93 -1.24
N ALA A 130 22.58 -9.04 -1.62
CA ALA A 130 22.07 -10.22 -2.29
C ALA A 130 22.82 -10.50 -3.59
N ALA A 131 23.46 -9.47 -4.14
CA ALA A 131 24.22 -9.61 -5.37
C ALA A 131 25.62 -10.13 -5.10
N GLN A 132 26.47 -10.11 -6.12
CA GLN A 132 27.84 -10.58 -6.00
C GLN A 132 28.67 -9.62 -5.15
N LYS A 133 29.07 -8.50 -5.75
CA LYS A 133 29.88 -7.50 -5.05
C LYS A 133 29.09 -6.87 -3.90
N ALA A 134 29.60 -7.02 -2.69
CA ALA A 134 28.94 -6.47 -1.50
C ALA A 134 29.37 -5.03 -1.27
N VAL A 135 29.46 -4.26 -2.34
CA VAL A 135 29.85 -2.85 -2.25
C VAL A 135 28.62 -1.94 -2.29
N ASN A 136 28.83 -0.68 -1.92
CA ASN A 136 27.74 0.29 -1.92
C ASN A 136 27.66 1.04 -3.25
N SER A 137 27.40 0.30 -4.31
CA SER A 137 27.30 0.89 -5.65
C SER A 137 25.85 1.06 -6.07
N ALA A 138 25.63 1.71 -7.21
CA ALA A 138 24.29 1.94 -7.72
C ALA A 138 23.62 0.63 -8.11
N THR A 139 22.32 0.53 -7.84
CA THR A 139 21.56 -0.67 -8.16
C THR A 139 20.74 -0.49 -9.43
N GLY A 140 20.35 -1.59 -10.04
CA GLY A 140 19.57 -1.53 -11.26
C GLY A 140 18.09 -1.40 -10.99
N VAL A 141 17.58 -0.18 -11.08
CA VAL A 141 16.16 0.08 -10.84
C VAL A 141 15.36 0.15 -12.16
N PRO A 142 15.81 0.96 -13.13
CA PRO A 142 15.12 1.08 -14.42
C PRO A 142 15.22 -0.18 -15.26
N THR A 143 14.38 -0.27 -16.29
CA THR A 143 14.38 -1.43 -17.17
C THR A 143 15.05 -1.12 -18.50
N VAL A 144 15.75 -2.11 -19.05
CA VAL A 144 16.44 -1.93 -20.32
C VAL A 144 16.39 -3.21 -21.15
N GLY A 1 16.69 -39.18 -0.31
CA GLY A 1 17.08 -39.70 1.03
C GLY A 1 18.27 -40.63 0.98
N PRO A 2 18.49 -41.47 2.01
CA PRO A 2 19.62 -42.39 2.05
C PRO A 2 19.51 -43.48 0.98
N LEU A 3 18.41 -44.22 1.01
CA LEU A 3 18.19 -45.29 0.04
C LEU A 3 17.47 -44.75 -1.21
N GLY A 4 16.17 -44.51 -1.07
CA GLY A 4 15.40 -43.99 -2.19
C GLY A 4 15.04 -42.53 -2.03
N SER A 5 14.36 -41.98 -3.03
CA SER A 5 13.95 -40.58 -2.98
C SER A 5 12.50 -40.45 -2.52
N ALA A 6 11.67 -41.40 -2.93
CA ALA A 6 10.26 -41.40 -2.55
C ALA A 6 10.03 -42.16 -1.25
N ALA A 7 9.59 -41.46 -0.22
CA ALA A 7 9.34 -42.07 1.08
C ALA A 7 8.35 -41.25 1.90
N ALA A 8 7.48 -41.92 2.63
CA ALA A 8 6.48 -41.27 3.47
C ALA A 8 5.58 -40.36 2.63
N ALA A 9 4.84 -39.49 3.30
CA ALA A 9 3.94 -38.56 2.62
C ALA A 9 4.71 -37.45 1.92
N THR A 10 4.41 -37.22 0.65
CA THR A 10 5.07 -36.19 -0.13
C THR A 10 4.49 -34.80 0.14
N PRO A 11 3.13 -34.64 0.10
CA PRO A 11 2.17 -35.71 -0.17
C PRO A 11 1.90 -35.89 -1.66
N ALA A 12 1.22 -36.98 -2.01
CA ALA A 12 0.89 -37.26 -3.41
C ALA A 12 -0.32 -36.45 -3.85
N VAL A 13 -1.44 -36.64 -3.17
CA VAL A 13 -2.67 -35.93 -3.50
C VAL A 13 -2.70 -34.54 -2.86
N ARG A 14 -2.42 -33.52 -3.67
CA ARG A 14 -2.42 -32.14 -3.19
C ARG A 14 -3.73 -31.44 -3.52
N THR A 15 -4.38 -30.90 -2.50
CA THR A 15 -5.65 -30.20 -2.68
C THR A 15 -5.44 -28.70 -2.77
N VAL A 16 -5.79 -28.12 -3.91
CA VAL A 16 -5.64 -26.68 -4.12
C VAL A 16 -6.98 -25.94 -3.92
N PRO A 17 -8.10 -26.42 -4.51
CA PRO A 17 -9.40 -25.77 -4.36
C PRO A 17 -9.85 -25.69 -2.90
N GLN A 18 -9.91 -26.84 -2.24
CA GLN A 18 -10.33 -26.90 -0.85
C GLN A 18 -9.16 -26.60 0.09
N TYR A 19 -8.76 -25.34 0.14
CA TYR A 19 -7.66 -24.92 1.00
C TYR A 19 -8.11 -24.78 2.45
N LYS A 20 -7.22 -25.13 3.37
CA LYS A 20 -7.53 -25.05 4.80
C LYS A 20 -7.54 -23.60 5.28
N TYR A 21 -8.44 -23.30 6.20
CA TYR A 21 -8.54 -21.95 6.75
C TYR A 21 -7.64 -21.77 7.96
N ALA A 22 -6.36 -21.49 7.70
CA ALA A 22 -5.38 -21.31 8.78
C ALA A 22 -5.25 -19.83 9.15
N ALA A 23 -5.80 -18.96 8.29
CA ALA A 23 -5.74 -17.53 8.54
C ALA A 23 -6.91 -17.07 9.40
N GLY A 24 -7.65 -18.03 9.94
CA GLY A 24 -8.79 -17.72 10.78
C GLY A 24 -8.45 -17.72 12.25
N VAL A 25 -8.44 -16.54 12.87
CA VAL A 25 -8.12 -16.40 14.29
C VAL A 25 -9.36 -16.04 15.09
N ARG A 26 -9.61 -16.80 16.16
CA ARG A 26 -10.77 -16.55 17.02
C ARG A 26 -10.61 -15.25 17.79
N ASN A 27 -11.25 -14.19 17.30
CA ASN A 27 -11.19 -12.89 17.94
C ASN A 27 -12.36 -12.68 18.89
N PRO A 28 -12.14 -12.04 20.05
CA PRO A 28 -13.20 -11.78 21.04
C PRO A 28 -14.33 -10.95 20.46
N GLN A 29 -14.07 -10.30 19.32
CA GLN A 29 -15.07 -9.47 18.67
C GLN A 29 -15.95 -10.30 17.74
N GLN A 30 -16.50 -11.39 18.25
CA GLN A 30 -17.36 -12.26 17.47
C GLN A 30 -18.78 -11.71 17.40
N HIS A 31 -19.27 -11.23 18.54
CA HIS A 31 -20.61 -10.67 18.64
C HIS A 31 -21.66 -11.67 18.14
N LEU A 32 -21.70 -12.85 18.78
CA LEU A 32 -22.65 -13.89 18.41
C LEU A 32 -23.93 -13.76 19.22
N ASN A 33 -24.87 -12.98 18.71
CA ASN A 33 -26.14 -12.76 19.39
C ASN A 33 -27.23 -13.67 18.82
N ALA A 34 -28.49 -13.38 19.16
CA ALA A 34 -29.61 -14.17 18.68
C ALA A 34 -29.75 -14.08 17.17
N GLN A 35 -29.42 -15.16 16.48
CA GLN A 35 -29.52 -15.21 15.03
C GLN A 35 -30.71 -16.07 14.60
N PRO A 36 -31.89 -15.45 14.37
CA PRO A 36 -33.10 -16.17 13.96
C PRO A 36 -32.93 -16.84 12.60
N GLN A 37 -32.84 -16.04 11.54
CA GLN A 37 -32.68 -16.56 10.20
C GLN A 37 -31.23 -16.45 9.73
N VAL A 38 -30.97 -16.86 8.50
CA VAL A 38 -29.63 -16.81 7.94
C VAL A 38 -29.32 -15.41 7.41
N THR A 39 -30.37 -14.68 7.04
CA THR A 39 -30.22 -13.33 6.51
C THR A 39 -30.19 -12.31 7.64
N MET A 40 -29.00 -11.86 8.01
CA MET A 40 -28.83 -10.88 9.07
C MET A 40 -28.55 -9.49 8.50
N GLN A 41 -29.18 -9.19 7.37
CA GLN A 41 -29.01 -7.90 6.68
C GLN A 41 -27.55 -7.43 6.73
N GLN A 42 -26.63 -8.38 6.55
CA GLN A 42 -25.21 -8.06 6.57
C GLN A 42 -24.70 -7.76 5.16
N PRO A 43 -23.64 -6.95 5.03
CA PRO A 43 -22.94 -6.34 6.17
C PRO A 43 -23.50 -4.98 6.54
N ALA A 44 -24.07 -4.90 7.74
CA ALA A 44 -24.66 -3.65 8.23
C ALA A 44 -23.59 -2.79 8.91
N VAL A 45 -22.62 -2.33 8.13
CA VAL A 45 -21.55 -1.49 8.66
C VAL A 45 -21.93 -0.02 8.62
N HIS A 46 -21.39 0.75 9.55
CA HIS A 46 -21.67 2.18 9.62
C HIS A 46 -20.46 3.00 9.18
N VAL A 47 -19.45 2.31 8.67
CA VAL A 47 -18.23 2.96 8.21
C VAL A 47 -18.34 3.35 6.73
N GLN A 48 -17.80 4.52 6.39
CA GLN A 48 -17.84 4.99 5.01
C GLN A 48 -16.78 4.30 4.16
N GLY A 49 -17.05 4.17 2.87
CA GLY A 49 -16.11 3.53 1.98
C GLY A 49 -14.92 4.42 1.66
N GLN A 50 -13.73 3.96 2.00
CA GLN A 50 -12.51 4.71 1.75
C GLN A 50 -11.77 4.18 0.54
N GLU A 51 -11.25 5.08 -0.29
CA GLU A 51 -10.50 4.70 -1.48
C GLU A 51 -9.15 4.07 -1.13
N PRO A 52 -8.35 4.71 -0.25
CA PRO A 52 -7.04 4.19 0.15
C PRO A 52 -7.15 2.82 0.81
N LEU A 53 -6.14 1.99 0.60
CA LEU A 53 -6.11 0.64 1.17
C LEU A 53 -5.40 0.62 2.53
N THR A 54 -5.98 -0.08 3.50
CA THR A 54 -5.39 -0.20 4.83
C THR A 54 -6.17 -1.19 5.68
N ALA A 55 -5.79 -1.32 6.94
CA ALA A 55 -6.45 -2.23 7.87
C ALA A 55 -7.97 -2.07 7.85
N SER A 56 -8.42 -0.82 7.90
CA SER A 56 -9.85 -0.53 7.87
C SER A 56 -10.52 -1.15 6.66
N MET A 57 -9.88 -0.99 5.49
CA MET A 57 -10.39 -1.55 4.25
C MET A 57 -10.48 -3.06 4.35
N LEU A 58 -9.44 -3.67 4.93
CA LEU A 58 -9.40 -5.11 5.11
C LEU A 58 -10.59 -5.58 5.94
N ALA A 59 -10.82 -4.88 7.05
CA ALA A 59 -11.94 -5.21 7.94
C ALA A 59 -13.28 -4.89 7.29
N SER A 60 -13.23 -4.22 6.15
CA SER A 60 -14.44 -3.85 5.42
C SER A 60 -14.95 -5.02 4.57
N ALA A 61 -14.14 -6.06 4.47
CA ALA A 61 -14.50 -7.24 3.68
C ALA A 61 -14.22 -8.53 4.45
N PRO A 62 -14.83 -8.70 5.64
CA PRO A 62 -14.61 -9.90 6.47
C PRO A 62 -14.90 -11.21 5.72
N PRO A 63 -16.06 -11.35 5.02
CA PRO A 63 -16.40 -12.56 4.31
C PRO A 63 -15.85 -12.58 2.89
N GLN A 64 -15.30 -11.46 2.45
CA GLN A 64 -14.76 -11.34 1.10
C GLN A 64 -13.25 -11.56 1.09
N GLU A 65 -12.50 -10.53 1.47
CA GLU A 65 -11.04 -10.61 1.50
C GLU A 65 -10.54 -10.73 2.93
N GLN A 66 -10.19 -9.59 3.54
CA GLN A 66 -9.66 -9.54 4.90
C GLN A 66 -8.22 -10.02 4.95
N LYS A 67 -7.95 -11.15 4.31
CA LYS A 67 -6.61 -11.71 4.26
C LYS A 67 -6.18 -12.00 2.82
N GLN A 68 -6.75 -11.26 1.87
CA GLN A 68 -6.44 -11.45 0.47
C GLN A 68 -6.04 -10.15 -0.24
N MET A 69 -6.89 -9.13 -0.12
CA MET A 69 -6.64 -7.85 -0.79
C MET A 69 -5.62 -7.00 -0.07
N LEU A 70 -4.81 -7.63 0.78
CA LEU A 70 -3.78 -6.91 1.53
C LEU A 70 -2.49 -6.86 0.74
N GLY A 71 -2.03 -8.03 0.32
CA GLY A 71 -0.81 -8.10 -0.46
C GLY A 71 -1.09 -8.43 -1.91
N GLU A 72 -2.34 -8.22 -2.33
CA GLU A 72 -2.72 -8.53 -3.71
C GLU A 72 -3.59 -7.43 -4.32
N ARG A 73 -4.05 -6.48 -3.50
CA ARG A 73 -4.89 -5.40 -3.99
C ARG A 73 -4.33 -4.04 -3.60
N LEU A 74 -3.40 -4.06 -2.64
CA LEU A 74 -2.78 -2.84 -2.17
C LEU A 74 -1.71 -2.35 -3.13
N PHE A 75 -1.33 -3.19 -4.08
CA PHE A 75 -0.29 -2.85 -5.04
C PHE A 75 -0.54 -1.48 -5.68
N PRO A 76 -1.72 -1.25 -6.28
CA PRO A 76 -2.03 0.03 -6.94
C PRO A 76 -2.04 1.20 -5.94
N LEU A 77 -1.94 0.88 -4.66
CA LEU A 77 -1.96 1.89 -3.61
C LEU A 77 -0.55 2.24 -3.14
N ILE A 78 0.33 1.24 -3.07
CA ILE A 78 1.69 1.48 -2.61
C ILE A 78 2.41 2.45 -3.53
N GLN A 79 2.21 2.26 -4.85
CA GLN A 79 2.83 3.11 -5.85
C GLN A 79 2.64 4.58 -5.51
N ALA A 80 1.66 4.85 -4.66
CA ALA A 80 1.36 6.22 -4.23
C ALA A 80 2.25 6.65 -3.07
N MET A 81 2.49 5.72 -2.14
CA MET A 81 3.33 6.00 -0.98
C MET A 81 4.79 6.09 -1.39
N HIS A 82 5.16 5.25 -2.37
CA HIS A 82 6.52 5.16 -2.84
C HIS A 82 6.60 5.46 -4.32
N PRO A 83 7.78 5.87 -4.83
CA PRO A 83 7.97 6.17 -6.26
C PRO A 83 7.86 4.91 -7.11
N THR A 84 6.64 4.37 -7.20
CA THR A 84 6.39 3.15 -7.95
C THR A 84 7.34 2.04 -7.52
N LEU A 85 7.85 2.15 -6.28
CA LEU A 85 8.79 1.17 -5.75
C LEU A 85 8.07 -0.10 -5.32
N ALA A 86 6.75 -0.13 -5.53
CA ALA A 86 5.94 -1.30 -5.18
C ALA A 86 6.31 -2.49 -6.05
N GLY A 87 5.31 -3.19 -6.56
CA GLY A 87 5.56 -4.35 -7.39
C GLY A 87 5.88 -5.58 -6.57
N LYS A 88 6.22 -5.36 -5.30
CA LYS A 88 6.54 -6.46 -4.40
C LYS A 88 6.33 -6.07 -2.94
N ILE A 89 6.31 -4.77 -2.64
CA ILE A 89 6.15 -4.33 -1.26
C ILE A 89 4.96 -5.00 -0.58
N THR A 90 3.76 -4.50 -0.86
CA THR A 90 2.55 -5.07 -0.26
C THR A 90 2.46 -6.58 -0.53
N GLY A 91 2.83 -7.00 -1.73
CA GLY A 91 2.85 -8.41 -2.04
C GLY A 91 3.76 -9.15 -1.09
N MET A 92 4.77 -8.44 -0.61
CA MET A 92 5.71 -8.97 0.36
C MET A 92 5.07 -9.02 1.73
N LEU A 93 4.27 -8.00 1.99
CA LEU A 93 3.59 -7.85 3.26
C LEU A 93 2.74 -9.08 3.60
N LEU A 94 2.59 -9.98 2.63
CA LEU A 94 1.88 -11.22 2.86
C LEU A 94 2.89 -12.35 2.96
N GLU A 95 4.10 -12.00 3.40
CA GLU A 95 5.18 -12.96 3.52
C GLU A 95 6.39 -12.37 4.26
N ILE A 96 6.27 -11.11 4.70
CA ILE A 96 7.38 -10.46 5.41
C ILE A 96 7.68 -11.16 6.74
N ASP A 97 8.14 -10.37 7.70
CA ASP A 97 8.39 -10.84 9.06
C ASP A 97 7.15 -11.50 9.64
N ASN A 98 6.04 -11.37 8.92
CA ASN A 98 4.75 -11.94 9.33
C ASN A 98 4.08 -11.08 10.38
N SER A 99 4.87 -10.31 11.11
CA SER A 99 4.34 -9.41 12.12
C SER A 99 3.72 -8.20 11.44
N GLU A 100 4.25 -7.86 10.27
CA GLU A 100 3.73 -6.76 9.48
C GLU A 100 2.42 -7.15 8.83
N LEU A 101 2.31 -8.43 8.47
CA LEU A 101 1.09 -8.94 7.86
C LEU A 101 -0.06 -8.89 8.86
N LEU A 102 0.28 -8.96 10.14
CA LEU A 102 -0.71 -8.92 11.21
C LEU A 102 -1.06 -7.49 11.58
N HIS A 103 -0.04 -6.68 11.79
CA HIS A 103 -0.25 -5.30 12.20
C HIS A 103 -0.93 -4.49 11.09
N MET A 104 -0.55 -4.75 9.85
CA MET A 104 -1.12 -4.03 8.70
C MET A 104 -2.65 -4.19 8.66
N LEU A 105 -3.13 -5.37 9.01
CA LEU A 105 -4.57 -5.63 9.02
C LEU A 105 -5.16 -5.24 10.36
N GLU A 106 -4.28 -4.91 11.29
CA GLU A 106 -4.71 -4.59 12.64
C GLU A 106 -4.60 -3.10 12.94
N SER A 107 -4.00 -2.34 12.03
CA SER A 107 -3.84 -0.91 12.23
C SER A 107 -3.98 -0.15 10.92
N PRO A 108 -4.76 0.95 10.92
CA PRO A 108 -4.96 1.78 9.72
C PRO A 108 -3.70 2.55 9.33
N GLU A 109 -2.62 2.31 10.07
CA GLU A 109 -1.34 2.95 9.80
C GLU A 109 -0.26 1.91 9.61
N SER A 110 -0.45 0.74 10.21
CA SER A 110 0.54 -0.33 10.09
C SER A 110 0.65 -0.77 8.65
N LEU A 111 -0.49 -0.93 8.01
CA LEU A 111 -0.51 -1.29 6.61
C LEU A 111 0.45 -0.39 5.84
N ARG A 112 0.46 0.89 6.20
CA ARG A 112 1.34 1.87 5.55
C ARG A 112 2.76 1.78 6.09
N SER A 113 2.94 2.07 7.37
CA SER A 113 4.26 2.06 8.00
C SER A 113 5.00 0.75 7.69
N LYS A 114 4.35 -0.37 7.98
CA LYS A 114 4.94 -1.67 7.73
C LYS A 114 5.27 -1.86 6.25
N VAL A 115 4.50 -1.20 5.37
CA VAL A 115 4.78 -1.29 3.95
C VAL A 115 6.04 -0.51 3.62
N ASP A 116 6.05 0.78 3.93
CA ASP A 116 7.23 1.62 3.70
C ASP A 116 8.48 0.97 4.30
N GLU A 117 8.32 0.32 5.44
CA GLU A 117 9.43 -0.35 6.10
C GLU A 117 9.83 -1.61 5.33
N ALA A 118 8.82 -2.34 4.83
CA ALA A 118 9.09 -3.53 4.05
C ALA A 118 9.84 -3.15 2.79
N VAL A 119 9.60 -1.94 2.30
CA VAL A 119 10.30 -1.42 1.13
C VAL A 119 11.79 -1.50 1.35
N ALA A 120 12.21 -0.98 2.49
CA ALA A 120 13.61 -1.01 2.87
C ALA A 120 14.12 -2.45 2.82
N VAL A 121 13.20 -3.38 3.05
CA VAL A 121 13.50 -4.81 3.02
C VAL A 121 13.44 -5.34 1.60
N LEU A 122 12.56 -4.76 0.78
CA LEU A 122 12.40 -5.17 -0.60
C LEU A 122 13.64 -4.78 -1.40
N GLN A 123 14.12 -3.57 -1.17
CA GLN A 123 15.31 -3.07 -1.83
C GLN A 123 16.52 -3.89 -1.40
N ALA A 124 16.48 -4.40 -0.18
CA ALA A 124 17.55 -5.22 0.37
C ALA A 124 17.34 -6.70 0.03
N HIS A 125 16.23 -7.00 -0.64
CA HIS A 125 15.91 -8.38 -0.99
C HIS A 125 15.78 -8.56 -2.50
N GLN A 126 15.78 -7.46 -3.23
CA GLN A 126 15.65 -7.51 -4.69
C GLN A 126 16.86 -8.20 -5.33
N ALA A 127 17.74 -7.41 -5.94
CA ALA A 127 18.93 -7.96 -6.58
C ALA A 127 20.14 -7.90 -5.65
N LYS A 128 19.89 -8.11 -4.35
CA LYS A 128 20.95 -8.07 -3.35
C LYS A 128 21.47 -9.46 -3.05
N GLU A 129 21.98 -9.64 -1.83
CA GLU A 129 22.51 -10.94 -1.41
C GLU A 129 21.39 -11.84 -0.93
N ALA A 130 20.15 -11.40 -1.13
CA ALA A 130 18.98 -12.17 -0.71
C ALA A 130 18.55 -13.13 -1.81
N ALA A 131 19.29 -13.13 -2.92
CA ALA A 131 18.98 -13.99 -4.05
C ALA A 131 19.65 -15.35 -3.91
N GLN A 132 18.88 -16.34 -3.47
CA GLN A 132 19.40 -17.69 -3.28
C GLN A 132 19.41 -18.46 -4.60
N LYS A 133 20.39 -18.17 -5.43
CA LYS A 133 20.52 -18.84 -6.73
C LYS A 133 20.93 -20.29 -6.55
N ALA A 134 22.13 -20.52 -6.03
CA ALA A 134 22.63 -21.87 -5.81
C ALA A 134 22.04 -22.47 -4.54
N VAL A 135 20.91 -23.17 -4.69
CA VAL A 135 20.25 -23.80 -3.56
C VAL A 135 21.00 -25.02 -3.07
N ASN A 136 21.21 -25.10 -1.76
CA ASN A 136 21.93 -26.22 -1.16
C ASN A 136 20.95 -27.32 -0.73
N SER A 137 20.02 -26.97 0.13
CA SER A 137 19.01 -27.91 0.61
C SER A 137 17.80 -27.94 -0.32
N ALA A 138 17.59 -29.06 -0.99
CA ALA A 138 16.47 -29.21 -1.91
C ALA A 138 15.15 -29.32 -1.15
N THR A 139 14.55 -28.18 -0.85
CA THR A 139 13.28 -28.14 -0.13
C THR A 139 12.17 -27.54 -0.99
N GLY A 140 11.33 -28.40 -1.54
CA GLY A 140 10.25 -27.94 -2.39
C GLY A 140 9.06 -27.44 -1.59
N VAL A 141 9.04 -27.77 -0.30
CA VAL A 141 7.95 -27.36 0.58
C VAL A 141 8.29 -26.06 1.31
N PRO A 142 7.37 -25.07 1.30
CA PRO A 142 7.60 -23.79 1.95
C PRO A 142 7.42 -23.87 3.46
N THR A 143 8.37 -24.52 4.13
CA THR A 143 8.32 -24.69 5.58
C THR A 143 9.18 -23.63 6.28
N VAL A 144 10.29 -23.26 5.64
CA VAL A 144 11.20 -22.27 6.20
C VAL A 144 10.54 -20.89 6.24
N GLY A 1 -5.38 -16.35 -30.83
CA GLY A 1 -5.54 -15.17 -29.93
C GLY A 1 -6.31 -15.49 -28.67
N PRO A 2 -7.09 -14.53 -28.13
CA PRO A 2 -7.88 -14.75 -26.92
C PRO A 2 -9.01 -15.76 -27.12
N LEU A 3 -8.99 -16.82 -26.32
CA LEU A 3 -10.00 -17.87 -26.42
C LEU A 3 -11.08 -17.67 -25.35
N GLY A 4 -11.60 -16.45 -25.27
CA GLY A 4 -12.62 -16.14 -24.29
C GLY A 4 -14.00 -16.01 -24.92
N SER A 5 -14.99 -15.61 -24.13
CA SER A 5 -16.34 -15.45 -24.63
C SER A 5 -16.49 -14.13 -25.38
N ALA A 6 -17.55 -14.04 -26.20
CA ALA A 6 -17.80 -12.83 -26.98
C ALA A 6 -18.31 -11.70 -26.08
N ALA A 7 -17.60 -10.57 -26.12
CA ALA A 7 -17.98 -9.41 -25.33
C ALA A 7 -17.49 -8.12 -25.98
N ALA A 8 -17.16 -8.19 -27.26
CA ALA A 8 -16.67 -7.03 -27.99
C ALA A 8 -17.27 -6.98 -29.39
N ALA A 9 -18.24 -7.84 -29.65
CA ALA A 9 -18.89 -7.89 -30.95
C ALA A 9 -20.42 -7.89 -30.81
N THR A 10 -20.96 -9.00 -30.31
CA THR A 10 -22.40 -9.13 -30.12
C THR A 10 -23.16 -8.92 -31.43
N PRO A 11 -23.42 -9.99 -32.19
CA PRO A 11 -24.14 -9.91 -33.46
C PRO A 11 -25.62 -9.59 -33.27
N ALA A 12 -26.02 -8.40 -33.68
CA ALA A 12 -27.41 -7.97 -33.55
C ALA A 12 -28.25 -8.50 -34.71
N VAL A 13 -27.78 -8.29 -35.92
CA VAL A 13 -28.48 -8.75 -37.12
C VAL A 13 -28.06 -10.16 -37.50
N ARG A 14 -28.87 -10.81 -38.33
CA ARG A 14 -28.59 -12.17 -38.76
C ARG A 14 -27.46 -12.19 -39.78
N THR A 15 -26.41 -12.94 -39.47
CA THR A 15 -25.26 -13.05 -40.36
C THR A 15 -25.42 -14.20 -41.33
N VAL A 16 -25.37 -13.90 -42.63
CA VAL A 16 -25.52 -14.92 -43.67
C VAL A 16 -24.15 -15.42 -44.12
N PRO A 17 -23.97 -16.76 -44.17
CA PRO A 17 -22.70 -17.37 -44.59
C PRO A 17 -22.39 -17.11 -46.05
N GLN A 18 -21.27 -17.63 -46.52
CA GLN A 18 -20.85 -17.45 -47.91
C GLN A 18 -21.64 -18.35 -48.84
N TYR A 19 -22.10 -17.78 -49.95
CA TYR A 19 -22.88 -18.53 -50.94
C TYR A 19 -21.96 -19.43 -51.77
N LYS A 20 -22.34 -19.65 -53.03
CA LYS A 20 -21.53 -20.48 -53.92
C LYS A 20 -20.26 -19.77 -54.34
N TYR A 21 -19.63 -20.25 -55.40
CA TYR A 21 -18.39 -19.66 -55.90
C TYR A 21 -18.63 -18.23 -56.38
N ALA A 22 -18.32 -17.26 -55.51
CA ALA A 22 -18.49 -15.85 -55.84
C ALA A 22 -17.18 -15.24 -56.32
N ALA A 23 -17.17 -13.91 -56.44
CA ALA A 23 -15.98 -13.20 -56.90
C ALA A 23 -14.98 -13.03 -55.76
N GLY A 24 -13.75 -12.63 -56.10
CA GLY A 24 -12.73 -12.44 -55.10
C GLY A 24 -12.71 -11.04 -54.54
N VAL A 25 -13.75 -10.68 -53.79
CA VAL A 25 -13.86 -9.36 -53.19
C VAL A 25 -13.46 -9.39 -51.72
N ARG A 26 -12.16 -9.43 -51.47
CA ARG A 26 -11.64 -9.46 -50.11
C ARG A 26 -11.86 -8.12 -49.41
N ASN A 27 -12.29 -8.18 -48.15
CA ASN A 27 -12.53 -6.98 -47.37
C ASN A 27 -11.22 -6.30 -46.94
N PRO A 28 -10.26 -7.04 -46.35
CA PRO A 28 -10.36 -8.48 -46.09
C PRO A 28 -10.96 -8.80 -44.73
N GLN A 29 -10.51 -8.09 -43.70
CA GLN A 29 -11.00 -8.30 -42.35
C GLN A 29 -12.34 -7.60 -42.14
N GLN A 30 -13.24 -8.25 -41.41
CA GLN A 30 -14.56 -7.69 -41.14
C GLN A 30 -14.46 -6.53 -40.15
N HIS A 31 -15.53 -5.74 -40.07
CA HIS A 31 -15.57 -4.60 -39.17
C HIS A 31 -16.74 -4.70 -38.20
N LEU A 32 -16.90 -5.87 -37.60
CA LEU A 32 -17.99 -6.10 -36.66
C LEU A 32 -17.49 -5.94 -35.22
N ASN A 33 -16.18 -5.98 -35.05
CA ASN A 33 -15.56 -5.86 -33.73
C ASN A 33 -15.46 -4.38 -33.33
N ALA A 34 -14.65 -4.12 -32.30
CA ALA A 34 -14.46 -2.75 -31.81
C ALA A 34 -13.65 -1.93 -32.81
N GLN A 35 -13.20 -0.76 -32.37
CA GLN A 35 -12.42 0.13 -33.22
C GLN A 35 -10.90 -0.15 -33.10
N PRO A 36 -10.34 -0.21 -31.88
CA PRO A 36 -11.07 -0.03 -30.62
C PRO A 36 -11.02 1.41 -30.11
N GLN A 37 -11.36 1.60 -28.83
CA GLN A 37 -11.36 2.93 -28.23
C GLN A 37 -9.93 3.44 -28.05
N VAL A 38 -9.67 4.63 -28.55
CA VAL A 38 -8.35 5.25 -28.45
C VAL A 38 -8.12 5.80 -27.05
N THR A 39 -7.55 4.97 -26.17
CA THR A 39 -7.28 5.38 -24.80
C THR A 39 -5.80 5.69 -24.62
N MET A 40 -5.47 6.96 -24.58
CA MET A 40 -4.08 7.39 -24.39
C MET A 40 -3.71 7.44 -22.92
N GLN A 41 -3.93 8.59 -22.30
CA GLN A 41 -3.60 8.78 -20.90
C GLN A 41 -4.45 7.86 -20.02
N GLN A 42 -3.79 6.91 -19.37
CA GLN A 42 -4.47 5.96 -18.49
C GLN A 42 -5.08 6.67 -17.29
N PRO A 43 -6.23 6.17 -16.80
CA PRO A 43 -6.92 6.77 -15.64
C PRO A 43 -6.17 6.54 -14.34
N ALA A 44 -5.22 7.42 -14.05
CA ALA A 44 -4.42 7.31 -12.83
C ALA A 44 -5.21 7.78 -11.61
N VAL A 45 -4.96 7.14 -10.48
CA VAL A 45 -5.64 7.47 -9.23
C VAL A 45 -4.77 8.39 -8.36
N HIS A 46 -4.78 9.68 -8.66
CA HIS A 46 -3.99 10.64 -7.91
C HIS A 46 -4.89 11.52 -7.04
N VAL A 47 -6.19 11.26 -7.11
CA VAL A 47 -7.17 12.02 -6.33
C VAL A 47 -7.58 11.26 -5.07
N GLN A 48 -8.04 12.00 -4.06
CA GLN A 48 -8.47 11.40 -2.80
C GLN A 48 -9.96 11.08 -2.83
N GLY A 49 -10.45 10.69 -4.00
CA GLY A 49 -11.86 10.36 -4.14
C GLY A 49 -12.19 8.99 -3.58
N GLN A 50 -11.22 8.07 -3.64
CA GLN A 50 -11.42 6.72 -3.12
C GLN A 50 -10.69 6.53 -1.80
N GLU A 51 -11.24 5.67 -0.94
CA GLU A 51 -10.63 5.39 0.35
C GLU A 51 -9.39 4.53 0.21
N PRO A 52 -8.23 5.00 0.72
CA PRO A 52 -6.96 4.27 0.64
C PRO A 52 -7.02 2.92 1.36
N LEU A 53 -6.24 1.96 0.86
CA LEU A 53 -6.19 0.62 1.45
C LEU A 53 -5.45 0.64 2.78
N THR A 54 -6.02 -0.06 3.77
CA THR A 54 -5.41 -0.17 5.09
C THR A 54 -6.18 -1.18 5.94
N ALA A 55 -5.75 -1.35 7.19
CA ALA A 55 -6.38 -2.29 8.10
C ALA A 55 -7.90 -2.10 8.14
N SER A 56 -8.34 -0.84 8.09
CA SER A 56 -9.76 -0.54 8.13
C SER A 56 -10.47 -1.09 6.89
N MET A 57 -9.90 -0.82 5.73
CA MET A 57 -10.46 -1.30 4.46
C MET A 57 -10.55 -2.82 4.48
N LEU A 58 -9.53 -3.45 5.02
CA LEU A 58 -9.46 -4.90 5.11
C LEU A 58 -10.57 -5.43 6.00
N ALA A 59 -10.76 -4.80 7.14
CA ALA A 59 -11.81 -5.19 8.08
C ALA A 59 -13.19 -4.92 7.48
N SER A 60 -13.20 -4.25 6.34
CA SER A 60 -14.45 -3.92 5.65
C SER A 60 -14.91 -5.09 4.79
N ALA A 61 -14.09 -6.13 4.72
CA ALA A 61 -14.40 -7.30 3.92
C ALA A 61 -14.15 -8.59 4.71
N PRO A 62 -14.79 -8.75 5.88
CA PRO A 62 -14.61 -9.94 6.73
C PRO A 62 -14.88 -11.26 5.99
N PRO A 63 -16.04 -11.41 5.33
CA PRO A 63 -16.38 -12.64 4.61
C PRO A 63 -16.06 -12.55 3.12
N GLN A 64 -15.15 -11.64 2.76
CA GLN A 64 -14.79 -11.45 1.37
C GLN A 64 -13.27 -11.45 1.17
N GLU A 65 -12.69 -10.26 1.11
CA GLU A 65 -11.26 -10.11 0.89
C GLU A 65 -10.52 -9.73 2.17
N GLN A 66 -10.96 -10.28 3.29
CA GLN A 66 -10.31 -10.01 4.57
C GLN A 66 -8.91 -10.57 4.58
N LYS A 67 -8.71 -11.66 3.84
CA LYS A 67 -7.42 -12.31 3.75
C LYS A 67 -7.06 -12.55 2.28
N GLN A 68 -7.37 -11.57 1.44
CA GLN A 68 -7.08 -11.68 0.02
C GLN A 68 -6.53 -10.37 -0.56
N MET A 69 -7.24 -9.28 -0.34
CA MET A 69 -6.86 -7.98 -0.89
C MET A 69 -5.79 -7.28 -0.06
N LEU A 70 -5.25 -7.95 0.95
CA LEU A 70 -4.23 -7.36 1.80
C LEU A 70 -2.99 -7.05 0.97
N GLY A 71 -2.43 -8.09 0.37
CA GLY A 71 -1.25 -7.91 -0.42
C GLY A 71 -1.46 -8.24 -1.88
N GLU A 72 -2.67 -8.00 -2.38
CA GLU A 72 -3.01 -8.28 -3.77
C GLU A 72 -3.89 -7.19 -4.37
N ARG A 73 -4.23 -6.20 -3.55
CA ARG A 73 -5.07 -5.09 -3.98
C ARG A 73 -4.39 -3.76 -3.66
N LEU A 74 -3.49 -3.81 -2.68
CA LEU A 74 -2.74 -2.64 -2.27
C LEU A 74 -1.64 -2.34 -3.27
N PHE A 75 -1.25 -3.37 -4.01
CA PHE A 75 -0.17 -3.27 -4.98
C PHE A 75 -0.20 -1.94 -5.76
N PRO A 76 -1.34 -1.62 -6.42
CA PRO A 76 -1.45 -0.37 -7.19
C PRO A 76 -1.54 0.87 -6.30
N LEU A 77 -1.83 0.65 -5.02
CA LEU A 77 -1.97 1.75 -4.07
C LEU A 77 -0.66 2.04 -3.35
N ILE A 78 0.25 1.05 -3.33
CA ILE A 78 1.55 1.25 -2.70
C ILE A 78 2.42 2.14 -3.57
N GLN A 79 2.32 1.94 -4.88
CA GLN A 79 3.06 2.76 -5.84
C GLN A 79 2.82 4.24 -5.56
N ALA A 80 1.75 4.51 -4.81
CA ALA A 80 1.39 5.86 -4.43
C ALA A 80 2.26 6.35 -3.28
N MET A 81 2.54 5.46 -2.34
CA MET A 81 3.36 5.80 -1.18
C MET A 81 4.82 5.98 -1.59
N HIS A 82 5.30 5.04 -2.41
CA HIS A 82 6.67 5.07 -2.90
C HIS A 82 6.69 5.27 -4.41
N PRO A 83 7.63 6.09 -4.93
CA PRO A 83 7.74 6.35 -6.37
C PRO A 83 7.76 5.07 -7.19
N THR A 84 6.58 4.52 -7.46
CA THR A 84 6.44 3.28 -8.21
C THR A 84 7.44 2.24 -7.74
N LEU A 85 7.66 2.17 -6.43
CA LEU A 85 8.60 1.23 -5.85
C LEU A 85 7.90 -0.03 -5.36
N ALA A 86 6.61 -0.12 -5.63
CA ALA A 86 5.81 -1.27 -5.22
C ALA A 86 5.99 -2.44 -6.18
N GLY A 87 7.24 -2.85 -6.36
CA GLY A 87 7.52 -3.99 -7.22
C GLY A 87 7.43 -5.29 -6.45
N LYS A 88 7.30 -5.15 -5.13
CA LYS A 88 7.18 -6.30 -4.24
C LYS A 88 6.98 -5.85 -2.80
N ILE A 89 6.31 -4.71 -2.62
CA ILE A 89 6.07 -4.21 -1.28
C ILE A 89 4.89 -4.94 -0.62
N THR A 90 3.69 -4.43 -0.82
CA THR A 90 2.49 -5.02 -0.23
C THR A 90 2.40 -6.51 -0.54
N GLY A 91 2.70 -6.88 -1.77
CA GLY A 91 2.68 -8.28 -2.13
C GLY A 91 3.53 -9.10 -1.20
N MET A 92 4.59 -8.47 -0.69
CA MET A 92 5.49 -9.12 0.25
C MET A 92 4.94 -9.04 1.66
N LEU A 93 4.10 -8.04 1.89
CA LEU A 93 3.48 -7.85 3.18
C LEU A 93 2.64 -9.06 3.57
N LEU A 94 2.44 -9.95 2.62
CA LEU A 94 1.71 -11.18 2.88
C LEU A 94 2.70 -12.33 2.93
N GLU A 95 3.94 -11.99 3.30
CA GLU A 95 5.01 -12.97 3.37
C GLU A 95 6.22 -12.43 4.14
N ILE A 96 6.14 -11.17 4.60
CA ILE A 96 7.26 -10.57 5.32
C ILE A 96 7.55 -11.31 6.63
N ASP A 97 8.07 -10.55 7.60
CA ASP A 97 8.33 -11.05 8.93
C ASP A 97 7.08 -11.65 9.54
N ASN A 98 5.95 -11.48 8.85
CA ASN A 98 4.66 -11.98 9.29
C ASN A 98 4.05 -11.06 10.33
N SER A 99 4.91 -10.43 11.12
CA SER A 99 4.45 -9.49 12.14
C SER A 99 3.85 -8.26 11.48
N GLU A 100 4.34 -7.94 10.29
CA GLU A 100 3.83 -6.83 9.51
C GLU A 100 2.51 -7.21 8.88
N LEU A 101 2.39 -8.48 8.49
CA LEU A 101 1.16 -8.98 7.91
C LEU A 101 0.04 -8.93 8.93
N LEU A 102 0.40 -9.07 10.20
CA LEU A 102 -0.57 -9.04 11.29
C LEU A 102 -0.92 -7.61 11.69
N HIS A 103 0.12 -6.79 11.87
CA HIS A 103 -0.07 -5.41 12.28
C HIS A 103 -0.81 -4.60 11.22
N MET A 104 -0.45 -4.81 9.97
CA MET A 104 -1.06 -4.09 8.85
C MET A 104 -2.57 -4.27 8.84
N LEU A 105 -3.04 -5.45 9.24
CA LEU A 105 -4.47 -5.74 9.25
C LEU A 105 -5.10 -5.27 10.56
N GLU A 106 -4.26 -4.91 11.53
CA GLU A 106 -4.76 -4.52 12.84
C GLU A 106 -4.58 -3.02 13.09
N SER A 107 -3.93 -2.31 12.17
CA SER A 107 -3.71 -0.88 12.36
C SER A 107 -3.80 -0.10 11.04
N PRO A 108 -4.54 1.02 11.04
CA PRO A 108 -4.71 1.86 9.85
C PRO A 108 -3.42 2.60 9.49
N GLU A 109 -2.38 2.35 10.27
CA GLU A 109 -1.07 2.98 10.04
C GLU A 109 0.01 1.92 9.92
N SER A 110 -0.33 0.69 10.28
CA SER A 110 0.62 -0.41 10.17
C SER A 110 0.71 -0.87 8.74
N LEU A 111 -0.44 -1.01 8.11
CA LEU A 111 -0.51 -1.35 6.71
C LEU A 111 0.45 -0.46 5.92
N ARG A 112 0.47 0.81 6.28
CA ARG A 112 1.34 1.78 5.61
C ARG A 112 2.77 1.71 6.14
N SER A 113 2.94 1.98 7.43
CA SER A 113 4.26 1.97 8.06
C SER A 113 5.03 0.70 7.70
N LYS A 114 4.41 -0.45 7.94
CA LYS A 114 5.03 -1.72 7.64
C LYS A 114 5.35 -1.85 6.16
N VAL A 115 4.54 -1.19 5.31
CA VAL A 115 4.78 -1.24 3.88
C VAL A 115 6.01 -0.41 3.52
N ASP A 116 6.01 0.87 3.91
CA ASP A 116 7.14 1.75 3.66
C ASP A 116 8.43 1.13 4.19
N GLU A 117 8.33 0.43 5.31
CA GLU A 117 9.47 -0.24 5.89
C GLU A 117 9.82 -1.48 5.07
N ALA A 118 8.78 -2.17 4.62
CA ALA A 118 8.96 -3.35 3.79
C ALA A 118 9.66 -2.97 2.49
N VAL A 119 9.56 -1.70 2.12
CA VAL A 119 10.24 -1.21 0.93
C VAL A 119 11.74 -1.22 1.16
N ALA A 120 12.14 -0.67 2.29
CA ALA A 120 13.54 -0.66 2.67
C ALA A 120 14.05 -2.09 2.76
N VAL A 121 13.12 -2.99 3.06
CA VAL A 121 13.41 -4.41 3.18
C VAL A 121 13.38 -5.07 1.80
N LEU A 122 12.55 -4.54 0.92
CA LEU A 122 12.44 -5.05 -0.45
C LEU A 122 13.64 -4.60 -1.26
N GLN A 123 14.12 -3.41 -0.95
CA GLN A 123 15.28 -2.84 -1.63
C GLN A 123 16.53 -3.66 -1.27
N ALA A 124 16.54 -4.16 -0.04
CA ALA A 124 17.64 -4.99 0.44
C ALA A 124 17.51 -6.40 -0.12
N HIS A 125 16.60 -7.17 0.46
CA HIS A 125 16.38 -8.58 0.08
C HIS A 125 16.71 -8.84 -1.39
N GLN A 126 16.35 -7.90 -2.25
CA GLN A 126 16.63 -8.03 -3.68
C GLN A 126 18.13 -8.05 -3.95
N ALA A 127 18.73 -6.86 -3.98
CA ALA A 127 20.16 -6.72 -4.29
C ALA A 127 21.04 -6.64 -3.04
N LYS A 128 20.62 -7.28 -1.95
CA LYS A 128 21.42 -7.28 -0.72
C LYS A 128 22.29 -8.53 -0.63
N GLU A 129 22.69 -8.85 0.60
CA GLU A 129 23.47 -10.04 0.86
C GLU A 129 22.53 -11.22 1.11
N ALA A 130 21.29 -11.06 0.64
CA ALA A 130 20.27 -12.08 0.82
C ALA A 130 20.68 -13.40 0.18
N ALA A 131 21.42 -13.31 -0.93
CA ALA A 131 21.86 -14.48 -1.66
C ALA A 131 22.76 -15.36 -0.79
N GLN A 132 22.17 -16.43 -0.24
CA GLN A 132 22.91 -17.37 0.60
C GLN A 132 23.36 -18.58 -0.20
N LYS A 133 23.70 -18.34 -1.47
CA LYS A 133 24.15 -19.40 -2.36
C LYS A 133 25.45 -20.03 -1.86
N ALA A 134 25.88 -21.11 -2.51
CA ALA A 134 27.10 -21.79 -2.14
C ALA A 134 28.31 -21.14 -2.81
N VAL A 135 29.45 -21.84 -2.76
CA VAL A 135 30.68 -21.33 -3.37
C VAL A 135 30.64 -21.46 -4.89
N ASN A 136 31.41 -20.62 -5.58
CA ASN A 136 31.46 -20.65 -7.03
C ASN A 136 32.45 -21.70 -7.52
N SER A 137 33.56 -21.25 -8.11
CA SER A 137 34.57 -22.17 -8.62
C SER A 137 35.79 -22.21 -7.68
N ALA A 138 36.01 -23.36 -7.07
CA ALA A 138 37.13 -23.53 -6.15
C ALA A 138 38.44 -23.68 -6.92
N THR A 139 39.54 -23.26 -6.29
CA THR A 139 40.86 -23.35 -6.92
C THR A 139 41.51 -24.70 -6.61
N GLY A 140 42.32 -25.17 -7.55
CA GLY A 140 43.00 -26.45 -7.37
C GLY A 140 44.46 -26.28 -7.01
N VAL A 141 45.28 -27.25 -7.39
CA VAL A 141 46.70 -27.21 -7.12
C VAL A 141 47.46 -26.41 -8.17
N PRO A 142 48.54 -25.70 -7.78
CA PRO A 142 49.02 -25.67 -6.40
C PRO A 142 48.23 -24.69 -5.53
N THR A 143 48.60 -24.62 -4.24
CA THR A 143 47.93 -23.73 -3.31
C THR A 143 48.79 -22.52 -2.99
N VAL A 144 49.82 -22.31 -3.80
CA VAL A 144 50.73 -21.18 -3.62
C VAL A 144 50.38 -20.03 -4.56
N GLY A 1 -31.52 61.64 -21.98
CA GLY A 1 -30.44 62.47 -22.57
C GLY A 1 -29.09 62.22 -21.93
N PRO A 2 -28.82 62.83 -20.77
CA PRO A 2 -27.54 62.66 -20.06
C PRO A 2 -27.28 61.21 -19.68
N LEU A 3 -26.02 60.88 -19.43
CA LEU A 3 -25.63 59.52 -19.06
C LEU A 3 -25.65 59.36 -17.54
N GLY A 4 -26.59 58.58 -17.05
CA GLY A 4 -26.71 58.35 -15.61
C GLY A 4 -25.73 57.28 -15.13
N SER A 5 -26.00 56.75 -13.95
CA SER A 5 -25.15 55.71 -13.36
C SER A 5 -25.64 54.32 -13.72
N ALA A 6 -26.41 54.24 -14.81
CA ALA A 6 -26.96 52.96 -15.27
C ALA A 6 -27.77 52.28 -14.18
N ALA A 7 -27.96 50.97 -14.31
CA ALA A 7 -28.73 50.20 -13.33
C ALA A 7 -28.33 48.73 -13.35
N ALA A 8 -27.42 48.37 -14.26
CA ALA A 8 -26.95 47.00 -14.37
C ALA A 8 -25.48 46.95 -14.79
N ALA A 9 -25.18 47.53 -15.95
CA ALA A 9 -23.82 47.54 -16.47
C ALA A 9 -23.29 46.13 -16.68
N THR A 10 -22.01 46.02 -17.01
CA THR A 10 -21.39 44.73 -17.24
C THR A 10 -20.74 44.19 -15.96
N PRO A 11 -20.95 42.90 -15.66
CA PRO A 11 -20.40 42.27 -14.45
C PRO A 11 -18.87 42.34 -14.42
N ALA A 12 -18.35 43.29 -13.65
CA ALA A 12 -16.91 43.47 -13.53
C ALA A 12 -16.32 42.52 -12.49
N VAL A 13 -17.15 41.61 -11.99
CA VAL A 13 -16.72 40.65 -10.99
C VAL A 13 -16.20 39.37 -11.64
N ARG A 14 -15.12 38.83 -11.08
CA ARG A 14 -14.52 37.61 -11.60
C ARG A 14 -15.29 36.37 -11.13
N THR A 15 -16.07 35.80 -12.02
CA THR A 15 -16.86 34.61 -11.70
C THR A 15 -16.24 33.36 -12.31
N VAL A 16 -15.45 32.65 -11.51
CA VAL A 16 -14.80 31.42 -11.97
C VAL A 16 -15.31 30.21 -11.19
N PRO A 17 -16.09 29.33 -11.85
CA PRO A 17 -16.65 28.14 -11.21
C PRO A 17 -15.58 27.22 -10.64
N GLN A 18 -15.38 27.28 -9.33
CA GLN A 18 -14.38 26.45 -8.67
C GLN A 18 -15.03 25.20 -8.09
N TYR A 19 -15.58 24.36 -8.97
CA TYR A 19 -16.24 23.13 -8.55
C TYR A 19 -15.22 22.11 -8.02
N LYS A 20 -15.64 20.85 -7.94
CA LYS A 20 -14.78 19.79 -7.44
C LYS A 20 -13.71 19.44 -8.47
N TYR A 21 -12.67 18.74 -8.03
CA TYR A 21 -11.58 18.35 -8.90
C TYR A 21 -11.85 16.99 -9.55
N ALA A 22 -12.82 16.26 -8.99
CA ALA A 22 -13.19 14.95 -9.52
C ALA A 22 -14.04 15.07 -10.77
N ALA A 23 -15.31 15.44 -10.58
CA ALA A 23 -16.24 15.60 -11.69
C ALA A 23 -16.20 17.02 -12.25
N GLY A 24 -15.00 17.45 -12.64
CA GLY A 24 -14.85 18.79 -13.18
C GLY A 24 -14.70 18.78 -14.69
N VAL A 25 -13.62 18.17 -15.18
CA VAL A 25 -13.37 18.10 -16.61
C VAL A 25 -13.78 16.73 -17.17
N ARG A 26 -14.97 16.68 -17.75
CA ARG A 26 -15.49 15.44 -18.33
C ARG A 26 -15.13 15.35 -19.82
N ASN A 27 -14.66 16.46 -20.37
CA ASN A 27 -14.29 16.51 -21.77
C ASN A 27 -12.79 16.26 -21.94
N PRO A 28 -12.41 15.35 -22.87
CA PRO A 28 -11.01 15.02 -23.12
C PRO A 28 -10.20 16.23 -23.62
N GLN A 29 -10.91 17.28 -24.02
CA GLN A 29 -10.27 18.49 -24.51
C GLN A 29 -9.73 19.33 -23.36
N GLN A 30 -8.42 19.27 -23.15
CA GLN A 30 -7.78 20.03 -22.07
C GLN A 30 -7.15 21.30 -22.62
N HIS A 31 -7.00 21.38 -23.94
CA HIS A 31 -6.41 22.54 -24.59
C HIS A 31 -5.02 22.82 -24.02
N LEU A 32 -4.22 21.76 -23.88
CA LEU A 32 -2.87 21.89 -23.36
C LEU A 32 -1.89 22.23 -24.47
N ASN A 33 -0.72 22.75 -24.10
CA ASN A 33 0.30 23.12 -25.07
C ASN A 33 1.41 22.07 -25.12
N ALA A 34 2.17 22.08 -26.21
CA ALA A 34 3.26 21.12 -26.38
C ALA A 34 4.34 21.34 -25.34
N GLN A 35 4.73 20.26 -24.66
CA GLN A 35 5.75 20.33 -23.62
C GLN A 35 7.10 19.85 -24.16
N PRO A 36 8.20 20.52 -23.78
CA PRO A 36 9.54 20.15 -24.22
C PRO A 36 10.10 18.96 -23.45
N GLN A 37 9.41 18.58 -22.38
CA GLN A 37 9.83 17.45 -21.55
C GLN A 37 9.41 16.12 -22.17
N VAL A 38 9.48 15.06 -21.38
CA VAL A 38 9.11 13.73 -21.87
C VAL A 38 7.59 13.57 -21.90
N THR A 39 7.10 12.93 -22.96
CA THR A 39 5.67 12.72 -23.13
C THR A 39 5.26 11.37 -22.53
N MET A 40 6.24 10.58 -22.12
CA MET A 40 5.98 9.27 -21.53
C MET A 40 5.80 9.37 -20.02
N GLN A 41 4.55 9.57 -19.60
CA GLN A 41 4.23 9.68 -18.18
C GLN A 41 3.39 8.50 -17.71
N GLN A 42 3.83 7.84 -16.65
CA GLN A 42 3.12 6.70 -16.09
C GLN A 42 2.17 7.12 -14.97
N PRO A 43 2.67 7.87 -13.97
CA PRO A 43 1.83 8.32 -12.84
C PRO A 43 0.82 9.39 -13.26
N ALA A 44 -0.33 8.95 -13.75
CA ALA A 44 -1.38 9.86 -14.19
C ALA A 44 -2.14 10.45 -12.99
N VAL A 45 -2.34 11.76 -13.03
CA VAL A 45 -3.04 12.45 -11.95
C VAL A 45 -4.55 12.43 -12.17
N HIS A 46 -5.00 11.59 -13.09
CA HIS A 46 -6.42 11.47 -13.40
C HIS A 46 -7.04 10.27 -12.69
N VAL A 47 -6.18 9.45 -12.07
CA VAL A 47 -6.64 8.27 -11.36
C VAL A 47 -6.55 8.47 -9.84
N GLN A 48 -6.89 9.67 -9.39
CA GLN A 48 -6.85 10.00 -7.97
C GLN A 48 -8.16 9.63 -7.30
N GLY A 49 -9.03 8.93 -8.02
CA GLY A 49 -10.31 8.52 -7.49
C GLY A 49 -10.25 7.17 -6.80
N GLN A 50 -9.03 6.74 -6.46
CA GLN A 50 -8.84 5.45 -5.81
C GLN A 50 -8.74 5.62 -4.29
N GLU A 51 -9.37 4.72 -3.55
CA GLU A 51 -9.36 4.77 -2.10
C GLU A 51 -8.12 4.05 -1.55
N PRO A 52 -7.37 4.70 -0.63
CA PRO A 52 -6.17 4.12 -0.03
C PRO A 52 -6.47 2.82 0.70
N LEU A 53 -5.70 1.77 0.38
CA LEU A 53 -5.87 0.47 1.01
C LEU A 53 -5.18 0.42 2.37
N THR A 54 -5.87 -0.14 3.36
CA THR A 54 -5.33 -0.26 4.71
C THR A 54 -6.18 -1.20 5.54
N ALA A 55 -5.79 -1.40 6.79
CA ALA A 55 -6.52 -2.29 7.70
C ALA A 55 -8.02 -2.02 7.66
N SER A 56 -8.39 -0.74 7.67
CA SER A 56 -9.80 -0.37 7.64
C SER A 56 -10.48 -0.95 6.40
N MET A 57 -9.83 -0.80 5.26
CA MET A 57 -10.35 -1.33 4.01
C MET A 57 -10.55 -2.84 4.14
N LEU A 58 -9.58 -3.50 4.75
CA LEU A 58 -9.65 -4.94 4.96
C LEU A 58 -10.84 -5.29 5.83
N ALA A 59 -11.06 -4.48 6.87
CA ALA A 59 -12.17 -4.70 7.80
C ALA A 59 -13.52 -4.64 7.07
N SER A 60 -13.53 -4.06 5.88
CA SER A 60 -14.75 -3.93 5.09
C SER A 60 -15.22 -5.30 4.59
N ALA A 61 -14.29 -6.25 4.51
CA ALA A 61 -14.60 -7.59 4.05
C ALA A 61 -14.02 -8.65 4.98
N PRO A 62 -14.52 -8.71 6.24
CA PRO A 62 -14.01 -9.66 7.23
C PRO A 62 -14.02 -11.11 6.75
N PRO A 63 -15.16 -11.63 6.24
CA PRO A 63 -15.26 -13.00 5.77
C PRO A 63 -15.06 -13.11 4.26
N GLN A 64 -14.40 -12.12 3.67
CA GLN A 64 -14.18 -12.10 2.23
C GLN A 64 -12.72 -11.81 1.88
N GLU A 65 -12.40 -10.52 1.75
CA GLU A 65 -11.07 -10.11 1.33
C GLU A 65 -10.28 -9.50 2.50
N GLN A 66 -10.54 -10.02 3.70
CA GLN A 66 -9.84 -9.55 4.89
C GLN A 66 -8.41 -10.09 4.95
N LYS A 67 -8.20 -11.24 4.33
CA LYS A 67 -6.89 -11.88 4.30
C LYS A 67 -6.47 -12.20 2.87
N GLN A 68 -6.92 -11.39 1.93
CA GLN A 68 -6.60 -11.61 0.51
C GLN A 68 -6.13 -10.32 -0.16
N MET A 69 -6.95 -9.27 -0.10
CA MET A 69 -6.64 -8.01 -0.75
C MET A 69 -5.68 -7.15 0.07
N LEU A 70 -4.85 -7.80 0.88
CA LEU A 70 -3.87 -7.09 1.69
C LEU A 70 -2.58 -6.92 0.93
N GLY A 71 -2.12 -8.01 0.32
CA GLY A 71 -0.93 -7.96 -0.49
C GLY A 71 -1.25 -8.14 -1.95
N GLU A 72 -2.54 -8.05 -2.27
CA GLU A 72 -2.99 -8.21 -3.65
C GLU A 72 -3.86 -7.04 -4.11
N ARG A 73 -4.06 -6.07 -3.22
CA ARG A 73 -4.88 -4.91 -3.55
C ARG A 73 -4.12 -3.60 -3.29
N LEU A 74 -3.23 -3.62 -2.29
CA LEU A 74 -2.44 -2.45 -1.97
C LEU A 74 -1.62 -1.96 -3.14
N PHE A 75 -1.29 -2.89 -4.04
CA PHE A 75 -0.39 -2.60 -5.16
C PHE A 75 -0.60 -1.20 -5.76
N PRO A 76 -1.79 -0.91 -6.32
CA PRO A 76 -2.07 0.41 -6.91
C PRO A 76 -1.98 1.54 -5.89
N LEU A 77 -1.98 1.17 -4.61
CA LEU A 77 -1.93 2.14 -3.53
C LEU A 77 -0.50 2.35 -3.01
N ILE A 78 0.35 1.33 -3.17
CA ILE A 78 1.72 1.43 -2.70
C ILE A 78 2.52 2.39 -3.57
N GLN A 79 2.37 2.24 -4.88
CA GLN A 79 3.06 3.10 -5.84
C GLN A 79 2.84 4.57 -5.48
N ALA A 80 1.82 4.82 -4.68
CA ALA A 80 1.49 6.16 -4.23
C ALA A 80 2.36 6.58 -3.05
N MET A 81 2.64 5.62 -2.16
CA MET A 81 3.46 5.88 -0.99
C MET A 81 4.93 5.99 -1.37
N HIS A 82 5.35 5.18 -2.32
CA HIS A 82 6.72 5.16 -2.78
C HIS A 82 6.79 5.38 -4.29
N PRO A 83 7.87 5.98 -4.80
CA PRO A 83 8.05 6.23 -6.24
C PRO A 83 7.98 4.93 -7.04
N THR A 84 6.77 4.45 -7.28
CA THR A 84 6.53 3.20 -8.00
C THR A 84 7.54 2.12 -7.59
N LEU A 85 7.88 2.12 -6.30
CA LEU A 85 8.84 1.14 -5.77
C LEU A 85 8.13 -0.16 -5.37
N ALA A 86 6.83 -0.21 -5.61
CA ALA A 86 6.03 -1.40 -5.29
C ALA A 86 6.44 -2.58 -6.17
N GLY A 87 5.46 -3.37 -6.59
CA GLY A 87 5.75 -4.53 -7.40
C GLY A 87 6.22 -5.71 -6.57
N LYS A 88 6.43 -5.45 -5.28
CA LYS A 88 6.88 -6.48 -4.36
C LYS A 88 6.63 -6.08 -2.91
N ILE A 89 6.55 -4.77 -2.65
CA ILE A 89 6.35 -4.29 -1.28
C ILE A 89 5.19 -5.01 -0.60
N THR A 90 3.97 -4.57 -0.87
CA THR A 90 2.78 -5.16 -0.27
C THR A 90 2.71 -6.65 -0.58
N GLY A 91 3.13 -7.03 -1.78
CA GLY A 91 3.15 -8.44 -2.14
C GLY A 91 4.00 -9.21 -1.16
N MET A 92 4.98 -8.51 -0.59
CA MET A 92 5.85 -9.08 0.42
C MET A 92 5.13 -9.14 1.76
N LEU A 93 4.29 -8.14 1.98
CA LEU A 93 3.54 -8.01 3.21
C LEU A 93 2.66 -9.23 3.46
N LEU A 94 2.56 -10.09 2.47
CA LEU A 94 1.81 -11.33 2.61
C LEU A 94 2.79 -12.48 2.77
N GLU A 95 3.98 -12.16 3.29
CA GLU A 95 5.02 -13.16 3.48
C GLU A 95 6.19 -12.61 4.30
N ILE A 96 6.10 -11.35 4.73
CA ILE A 96 7.19 -10.74 5.50
C ILE A 96 7.40 -11.46 6.84
N ASP A 97 7.83 -10.67 7.83
CA ASP A 97 8.02 -11.15 9.19
C ASP A 97 6.74 -11.80 9.71
N ASN A 98 5.66 -11.63 8.95
CA ASN A 98 4.35 -12.18 9.28
C ASN A 98 3.64 -11.32 10.30
N SER A 99 4.41 -10.53 11.05
CA SER A 99 3.83 -9.62 12.03
C SER A 99 3.30 -8.38 11.32
N GLU A 100 3.86 -8.09 10.15
CA GLU A 100 3.41 -6.98 9.34
C GLU A 100 2.14 -7.36 8.59
N LEU A 101 1.98 -8.66 8.36
CA LEU A 101 0.81 -9.19 7.69
C LEU A 101 -0.39 -9.15 8.62
N LEU A 102 -0.11 -9.22 9.92
CA LEU A 102 -1.15 -9.20 10.94
C LEU A 102 -1.46 -7.76 11.35
N HIS A 103 -0.41 -6.99 11.57
CA HIS A 103 -0.56 -5.61 12.01
C HIS A 103 -1.27 -4.78 10.94
N MET A 104 -0.83 -4.92 9.69
CA MET A 104 -1.41 -4.16 8.58
C MET A 104 -2.93 -4.31 8.53
N LEU A 105 -3.42 -5.50 8.88
CA LEU A 105 -4.84 -5.78 8.84
C LEU A 105 -5.51 -5.30 10.11
N GLU A 106 -4.70 -4.96 11.11
CA GLU A 106 -5.25 -4.56 12.39
C GLU A 106 -5.07 -3.06 12.65
N SER A 107 -4.29 -2.37 11.82
CA SER A 107 -4.06 -0.95 12.02
C SER A 107 -4.04 -0.18 10.69
N PRO A 108 -4.70 0.99 10.65
CA PRO A 108 -4.75 1.83 9.45
C PRO A 108 -3.41 2.53 9.19
N GLU A 109 -2.43 2.25 10.04
CA GLU A 109 -1.11 2.85 9.92
C GLU A 109 -0.05 1.76 9.77
N SER A 110 -0.43 0.53 10.10
CA SER A 110 0.49 -0.60 9.96
C SER A 110 0.64 -0.97 8.50
N LEU A 111 -0.49 -1.15 7.85
CA LEU A 111 -0.50 -1.46 6.43
C LEU A 111 0.44 -0.51 5.70
N ARG A 112 0.45 0.75 6.13
CA ARG A 112 1.32 1.74 5.52
C ARG A 112 2.74 1.65 6.06
N SER A 113 2.91 1.94 7.36
CA SER A 113 4.22 1.91 8.00
C SER A 113 4.98 0.63 7.65
N LYS A 114 4.34 -0.50 7.90
CA LYS A 114 4.95 -1.80 7.62
C LYS A 114 5.30 -1.94 6.14
N VAL A 115 4.50 -1.32 5.27
CA VAL A 115 4.76 -1.38 3.83
C VAL A 115 5.99 -0.52 3.50
N ASP A 116 5.96 0.75 3.91
CA ASP A 116 7.08 1.66 3.68
C ASP A 116 8.38 1.05 4.21
N GLU A 117 8.29 0.38 5.36
CA GLU A 117 9.46 -0.26 5.95
C GLU A 117 9.81 -1.52 5.18
N ALA A 118 8.79 -2.21 4.68
CA ALA A 118 9.00 -3.40 3.88
C ALA A 118 9.68 -3.04 2.57
N VAL A 119 9.51 -1.79 2.15
CA VAL A 119 10.18 -1.30 0.95
C VAL A 119 11.67 -1.33 1.15
N ALA A 120 12.11 -0.75 2.26
CA ALA A 120 13.52 -0.76 2.61
C ALA A 120 14.02 -2.19 2.68
N VAL A 121 13.08 -3.10 2.91
CA VAL A 121 13.38 -4.52 2.98
C VAL A 121 13.39 -5.16 1.59
N LEU A 122 12.55 -4.63 0.71
CA LEU A 122 12.48 -5.14 -0.66
C LEU A 122 13.70 -4.70 -1.44
N GLN A 123 14.08 -3.43 -1.28
CA GLN A 123 15.26 -2.90 -1.94
C GLN A 123 16.50 -3.61 -1.45
N ALA A 124 16.45 -4.07 -0.21
CA ALA A 124 17.55 -4.80 0.40
C ALA A 124 17.61 -6.23 -0.13
N HIS A 125 16.49 -6.93 -0.09
CA HIS A 125 16.46 -8.31 -0.54
C HIS A 125 16.64 -8.41 -2.05
N GLN A 126 16.43 -7.31 -2.75
CA GLN A 126 16.59 -7.29 -4.21
C GLN A 126 18.03 -6.97 -4.59
N ALA A 127 18.60 -5.96 -3.94
CA ALA A 127 19.96 -5.54 -4.23
C ALA A 127 20.95 -6.15 -3.25
N LYS A 128 20.63 -6.10 -1.95
CA LYS A 128 21.51 -6.62 -0.92
C LYS A 128 21.12 -8.02 -0.51
N GLU A 129 21.90 -8.56 0.42
CA GLU A 129 21.63 -9.86 1.00
C GLU A 129 20.76 -9.71 2.23
N ALA A 130 19.55 -9.19 2.05
CA ALA A 130 18.65 -8.93 3.17
C ALA A 130 18.37 -10.21 3.95
N ALA A 131 18.53 -11.36 3.30
CA ALA A 131 18.31 -12.64 3.95
C ALA A 131 19.48 -13.03 4.84
N GLN A 132 19.34 -12.79 6.13
CA GLN A 132 20.40 -13.11 7.09
C GLN A 132 20.40 -14.59 7.42
N LYS A 133 21.33 -15.01 8.29
CA LYS A 133 21.44 -16.40 8.68
C LYS A 133 20.57 -16.70 9.91
N ALA A 134 19.34 -16.20 9.88
CA ALA A 134 18.41 -16.39 10.99
C ALA A 134 17.94 -17.85 11.05
N VAL A 135 17.21 -18.18 12.11
CA VAL A 135 16.71 -19.54 12.29
C VAL A 135 15.45 -19.78 11.46
N ASN A 136 14.78 -20.90 11.71
CA ASN A 136 13.56 -21.25 10.99
C ASN A 136 12.43 -20.29 11.33
N SER A 137 11.53 -20.07 10.39
CA SER A 137 10.39 -19.18 10.60
C SER A 137 9.33 -19.84 11.48
N ALA A 138 8.27 -19.10 11.76
CA ALA A 138 7.18 -19.61 12.59
C ALA A 138 6.22 -20.47 11.78
N THR A 139 6.64 -21.70 11.50
CA THR A 139 5.81 -22.63 10.74
C THR A 139 5.38 -23.82 11.60
N GLY A 140 6.36 -24.45 12.24
CA GLY A 140 6.06 -25.60 13.09
C GLY A 140 6.15 -25.26 14.57
N VAL A 141 5.09 -24.64 15.08
CA VAL A 141 5.04 -24.25 16.49
C VAL A 141 4.33 -25.33 17.31
N PRO A 142 4.93 -25.74 18.45
CA PRO A 142 4.35 -26.77 19.32
C PRO A 142 2.94 -26.41 19.77
N THR A 143 1.94 -27.05 19.16
CA THR A 143 0.55 -26.80 19.49
C THR A 143 0.00 -27.92 20.38
N VAL A 144 -0.23 -27.60 21.65
CA VAL A 144 -0.76 -28.58 22.59
C VAL A 144 -2.28 -28.54 22.62
N GLY A 1 -47.41 -12.53 -1.33
CA GLY A 1 -47.53 -13.83 -0.63
C GLY A 1 -48.43 -14.81 -1.38
N PRO A 2 -48.17 -16.13 -1.24
CA PRO A 2 -48.97 -17.16 -1.93
C PRO A 2 -50.42 -17.18 -1.44
N LEU A 3 -50.64 -17.79 -0.28
CA LEU A 3 -51.97 -17.88 0.30
C LEU A 3 -52.17 -16.82 1.38
N GLY A 4 -51.09 -16.47 2.06
CA GLY A 4 -51.16 -15.48 3.12
C GLY A 4 -51.04 -14.06 2.60
N SER A 5 -52.13 -13.31 2.68
CA SER A 5 -52.15 -11.93 2.20
C SER A 5 -52.05 -10.95 3.36
N ALA A 6 -51.18 -11.27 4.32
CA ALA A 6 -50.98 -10.41 5.49
C ALA A 6 -52.29 -10.21 6.25
N ALA A 7 -52.29 -9.26 7.18
CA ALA A 7 -53.47 -8.96 7.99
C ALA A 7 -54.32 -7.88 7.33
N ALA A 8 -53.69 -6.74 7.04
CA ALA A 8 -54.39 -5.64 6.40
C ALA A 8 -54.21 -5.67 4.89
N ALA A 9 -54.63 -4.59 4.23
CA ALA A 9 -54.52 -4.50 2.78
C ALA A 9 -53.23 -3.78 2.38
N THR A 10 -53.06 -3.58 1.07
CA THR A 10 -51.87 -2.90 0.55
C THR A 10 -52.22 -1.54 -0.03
N PRO A 11 -52.11 -0.46 0.77
CA PRO A 11 -52.43 0.90 0.32
C PRO A 11 -51.42 1.41 -0.71
N ALA A 12 -51.93 1.88 -1.84
CA ALA A 12 -51.09 2.40 -2.91
C ALA A 12 -51.01 3.92 -2.84
N VAL A 13 -52.03 4.54 -2.28
CA VAL A 13 -52.07 5.99 -2.15
C VAL A 13 -51.45 6.44 -0.83
N ARG A 14 -50.30 7.11 -0.92
CA ARG A 14 -49.60 7.59 0.27
C ARG A 14 -49.87 9.07 0.50
N THR A 15 -50.11 9.44 1.75
CA THR A 15 -50.39 10.83 2.11
C THR A 15 -49.21 11.43 2.88
N VAL A 16 -48.86 12.66 2.55
CA VAL A 16 -47.75 13.34 3.21
C VAL A 16 -48.25 14.58 3.96
N PRO A 17 -47.89 14.73 5.25
CA PRO A 17 -47.05 13.77 5.97
C PRO A 17 -47.86 12.59 6.51
N GLN A 18 -47.17 11.64 7.12
CA GLN A 18 -47.81 10.47 7.68
C GLN A 18 -47.99 10.62 9.19
N TYR A 19 -48.97 11.42 9.59
CA TYR A 19 -49.24 11.67 11.00
C TYR A 19 -49.80 10.42 11.67
N LYS A 20 -50.41 9.56 10.87
CA LYS A 20 -51.00 8.33 11.40
C LYS A 20 -50.11 7.12 11.13
N TYR A 21 -50.30 6.06 11.90
CA TYR A 21 -49.51 4.85 11.75
C TYR A 21 -50.16 3.90 10.75
N ALA A 22 -49.75 4.00 9.49
CA ALA A 22 -50.30 3.15 8.44
C ALA A 22 -49.67 1.75 8.48
N ALA A 23 -48.37 1.69 8.22
CA ALA A 23 -47.65 0.42 8.21
C ALA A 23 -47.42 -0.08 9.63
N GLY A 24 -47.74 -1.35 9.87
CA GLY A 24 -47.56 -1.93 11.18
C GLY A 24 -46.19 -2.56 11.36
N VAL A 25 -45.16 -1.83 10.95
CA VAL A 25 -43.78 -2.32 11.06
C VAL A 25 -43.24 -2.13 12.47
N ARG A 26 -42.00 -2.54 12.69
CA ARG A 26 -41.37 -2.41 13.99
C ARG A 26 -40.61 -1.09 14.10
N ASN A 27 -39.50 -0.99 13.38
CA ASN A 27 -38.69 0.23 13.40
C ASN A 27 -39.11 1.16 12.27
N PRO A 28 -39.33 2.46 12.58
CA PRO A 28 -39.73 3.46 11.58
C PRO A 28 -38.76 3.52 10.41
N GLN A 29 -37.46 3.62 10.72
CA GLN A 29 -36.43 3.69 9.69
C GLN A 29 -35.85 2.31 9.40
N GLN A 30 -36.56 1.53 8.58
CA GLN A 30 -36.11 0.18 8.24
C GLN A 30 -35.27 0.19 6.96
N HIS A 31 -35.95 0.22 5.81
CA HIS A 31 -35.28 0.22 4.53
C HIS A 31 -35.62 1.48 3.74
N LEU A 32 -36.63 2.21 4.20
CA LEU A 32 -37.06 3.44 3.54
C LEU A 32 -36.10 4.59 3.85
N ASN A 33 -35.56 5.20 2.80
CA ASN A 33 -34.63 6.31 2.96
C ASN A 33 -35.34 7.64 2.78
N ALA A 34 -34.96 8.63 3.58
CA ALA A 34 -35.55 9.96 3.50
C ALA A 34 -34.99 10.75 2.33
N GLN A 35 -35.38 12.02 2.24
CA GLN A 35 -34.91 12.89 1.17
C GLN A 35 -33.71 13.73 1.63
N PRO A 36 -32.50 13.41 1.14
CA PRO A 36 -31.28 14.14 1.51
C PRO A 36 -31.32 15.60 1.07
N GLN A 37 -31.05 16.50 2.01
CA GLN A 37 -31.06 17.93 1.71
C GLN A 37 -29.65 18.45 1.50
N VAL A 38 -29.52 19.77 1.41
CA VAL A 38 -28.21 20.40 1.20
C VAL A 38 -27.42 20.45 2.50
N THR A 39 -28.10 20.20 3.62
CA THR A 39 -27.45 20.21 4.92
C THR A 39 -26.82 18.85 5.22
N MET A 40 -25.88 18.45 4.37
CA MET A 40 -25.19 17.18 4.54
C MET A 40 -23.96 17.34 5.42
N GLN A 41 -23.13 16.29 5.48
CA GLN A 41 -21.92 16.32 6.29
C GLN A 41 -20.86 17.22 5.68
N GLN A 42 -20.36 18.16 6.47
CA GLN A 42 -19.33 19.09 6.00
C GLN A 42 -18.48 19.58 7.17
N PRO A 43 -17.13 19.54 7.04
CA PRO A 43 -16.45 19.04 5.82
C PRO A 43 -16.61 17.54 5.64
N ALA A 44 -16.74 17.11 4.39
CA ALA A 44 -16.90 15.69 4.08
C ALA A 44 -15.55 14.98 3.99
N VAL A 45 -15.59 13.66 3.88
CA VAL A 45 -14.38 12.87 3.79
C VAL A 45 -14.10 12.44 2.35
N HIS A 46 -14.95 12.89 1.43
CA HIS A 46 -14.80 12.56 0.02
C HIS A 46 -14.37 13.77 -0.79
N VAL A 47 -13.05 13.93 -0.95
CA VAL A 47 -12.51 15.06 -1.70
C VAL A 47 -12.07 14.61 -3.10
N GLN A 48 -11.18 15.38 -3.71
CA GLN A 48 -10.69 15.05 -5.04
C GLN A 48 -9.83 13.79 -5.00
N GLY A 49 -9.13 13.60 -3.90
CA GLY A 49 -8.28 12.43 -3.76
C GLY A 49 -8.90 11.38 -2.85
N GLN A 50 -8.74 10.12 -3.22
CA GLN A 50 -9.29 9.01 -2.44
C GLN A 50 -8.24 8.41 -1.52
N GLU A 51 -8.66 8.04 -0.32
CA GLU A 51 -7.75 7.45 0.66
C GLU A 51 -7.25 6.08 0.20
N PRO A 52 -5.98 5.75 0.51
CA PRO A 52 -5.39 4.46 0.13
C PRO A 52 -5.99 3.30 0.90
N LEU A 53 -5.35 2.13 0.79
CA LEU A 53 -5.81 0.92 1.45
C LEU A 53 -5.07 0.72 2.78
N THR A 54 -5.74 0.06 3.72
CA THR A 54 -5.16 -0.23 5.02
C THR A 54 -6.02 -1.23 5.77
N ALA A 55 -5.76 -1.38 7.06
CA ALA A 55 -6.50 -2.33 7.87
C ALA A 55 -7.99 -2.05 7.82
N SER A 56 -8.36 -0.78 7.72
CA SER A 56 -9.77 -0.38 7.65
C SER A 56 -10.41 -0.91 6.36
N MET A 57 -9.76 -0.63 5.23
CA MET A 57 -10.25 -1.09 3.93
C MET A 57 -10.37 -2.61 3.93
N LEU A 58 -9.42 -3.26 4.57
CA LEU A 58 -9.40 -4.72 4.65
C LEU A 58 -10.62 -5.21 5.42
N ALA A 59 -10.91 -4.54 6.54
CA ALA A 59 -12.04 -4.90 7.39
C ALA A 59 -13.34 -4.77 6.61
N SER A 60 -13.30 -4.07 5.47
CA SER A 60 -14.48 -3.88 4.65
C SER A 60 -14.85 -5.16 3.92
N ALA A 61 -14.00 -6.18 4.06
CA ALA A 61 -14.23 -7.46 3.41
C ALA A 61 -14.01 -8.62 4.39
N PRO A 62 -14.80 -8.67 5.48
CA PRO A 62 -14.67 -9.71 6.51
C PRO A 62 -14.85 -11.14 5.96
N PRO A 63 -15.96 -11.43 5.24
CA PRO A 63 -16.21 -12.76 4.71
C PRO A 63 -15.63 -12.97 3.32
N GLN A 64 -15.26 -11.88 2.66
CA GLN A 64 -14.70 -11.94 1.32
C GLN A 64 -13.20 -12.20 1.35
N GLU A 65 -12.43 -11.13 1.57
CA GLU A 65 -10.97 -11.23 1.61
C GLU A 65 -10.46 -11.18 3.05
N GLN A 66 -10.10 -9.99 3.51
CA GLN A 66 -9.56 -9.79 4.86
C GLN A 66 -8.18 -10.43 5.01
N LYS A 67 -7.85 -11.32 4.08
CA LYS A 67 -6.56 -11.98 4.08
C LYS A 67 -5.99 -12.03 2.66
N GLN A 68 -6.63 -11.28 1.76
CA GLN A 68 -6.20 -11.25 0.37
C GLN A 68 -5.81 -9.82 -0.07
N MET A 69 -6.74 -8.88 0.07
CA MET A 69 -6.51 -7.50 -0.35
C MET A 69 -5.33 -6.85 0.38
N LEU A 70 -4.79 -7.54 1.38
CA LEU A 70 -3.69 -7.00 2.15
C LEU A 70 -2.46 -6.85 1.27
N GLY A 71 -2.15 -7.92 0.54
CA GLY A 71 -1.02 -7.88 -0.35
C GLY A 71 -1.45 -8.08 -1.79
N GLU A 72 -2.75 -7.94 -2.05
CA GLU A 72 -3.28 -8.11 -3.39
C GLU A 72 -4.15 -6.92 -3.81
N ARG A 73 -4.27 -5.92 -2.95
CA ARG A 73 -5.06 -4.74 -3.25
C ARG A 73 -4.24 -3.47 -3.07
N LEU A 74 -3.35 -3.48 -2.08
CA LEU A 74 -2.49 -2.34 -1.83
C LEU A 74 -1.62 -1.99 -3.03
N PHE A 75 -1.21 -3.02 -3.76
CA PHE A 75 -0.26 -2.86 -4.87
C PHE A 75 -0.47 -1.55 -5.65
N PRO A 76 -1.64 -1.33 -6.27
CA PRO A 76 -1.90 -0.11 -7.06
C PRO A 76 -1.86 1.16 -6.20
N LEU A 77 -1.97 0.97 -4.89
CA LEU A 77 -2.00 2.09 -3.95
C LEU A 77 -0.65 2.35 -3.32
N ILE A 78 0.22 1.34 -3.25
CA ILE A 78 1.55 1.52 -2.67
C ILE A 78 2.40 2.41 -3.58
N GLN A 79 2.20 2.27 -4.88
CA GLN A 79 2.91 3.09 -5.86
C GLN A 79 2.74 4.57 -5.54
N ALA A 80 1.73 4.86 -4.73
CA ALA A 80 1.44 6.22 -4.30
C ALA A 80 2.31 6.62 -3.11
N MET A 81 2.52 5.67 -2.19
CA MET A 81 3.34 5.92 -1.01
C MET A 81 4.80 6.05 -1.40
N HIS A 82 5.25 5.15 -2.26
CA HIS A 82 6.63 5.14 -2.73
C HIS A 82 6.68 5.41 -4.23
N PRO A 83 7.79 5.94 -4.75
CA PRO A 83 7.95 6.22 -6.18
C PRO A 83 7.88 4.95 -7.02
N THR A 84 6.66 4.42 -7.20
CA THR A 84 6.44 3.20 -7.96
C THR A 84 7.44 2.11 -7.57
N LEU A 85 7.62 1.93 -6.26
CA LEU A 85 8.54 0.92 -5.74
C LEU A 85 7.79 -0.31 -5.23
N ALA A 86 6.49 -0.34 -5.51
CA ALA A 86 5.64 -1.45 -5.06
C ALA A 86 5.93 -2.73 -5.84
N GLY A 87 7.11 -2.82 -6.44
CA GLY A 87 7.49 -4.01 -7.18
C GLY A 87 7.23 -5.28 -6.38
N LYS A 88 7.28 -5.16 -5.07
CA LYS A 88 7.03 -6.30 -4.19
C LYS A 88 6.94 -5.86 -2.72
N ILE A 89 6.30 -4.72 -2.48
CA ILE A 89 6.15 -4.24 -1.12
C ILE A 89 5.01 -4.97 -0.41
N THR A 90 3.78 -4.51 -0.63
CA THR A 90 2.60 -5.14 -0.03
C THR A 90 2.57 -6.62 -0.37
N GLY A 91 3.00 -6.95 -1.59
CA GLY A 91 3.07 -8.35 -1.97
C GLY A 91 3.93 -9.12 -1.00
N MET A 92 4.91 -8.41 -0.44
CA MET A 92 5.79 -8.97 0.57
C MET A 92 5.05 -9.08 1.89
N LEU A 93 4.21 -8.09 2.14
CA LEU A 93 3.46 -8.00 3.38
C LEU A 93 2.57 -9.22 3.58
N LEU A 94 2.55 -10.10 2.60
CA LEU A 94 1.81 -11.35 2.70
C LEU A 94 2.80 -12.49 2.83
N GLU A 95 3.99 -12.16 3.35
CA GLU A 95 5.06 -13.13 3.51
C GLU A 95 6.21 -12.55 4.33
N ILE A 96 6.04 -11.32 4.82
CA ILE A 96 7.09 -10.67 5.62
C ILE A 96 7.36 -11.43 6.92
N ASP A 97 7.78 -10.68 7.94
CA ASP A 97 8.03 -11.22 9.26
C ASP A 97 6.78 -11.85 9.84
N ASN A 98 5.68 -11.75 9.09
CA ASN A 98 4.38 -12.29 9.50
C ASN A 98 3.71 -11.38 10.52
N SER A 99 4.51 -10.71 11.33
CA SER A 99 3.98 -9.79 12.32
C SER A 99 3.37 -8.58 11.63
N GLU A 100 4.01 -8.16 10.54
CA GLU A 100 3.50 -7.05 9.74
C GLU A 100 2.19 -7.46 9.08
N LEU A 101 2.17 -8.66 8.52
CA LEU A 101 0.95 -9.19 7.91
C LEU A 101 -0.22 -9.14 8.88
N LEU A 102 0.09 -9.10 10.18
CA LEU A 102 -0.93 -9.06 11.23
C LEU A 102 -1.28 -7.64 11.63
N HIS A 103 -0.26 -6.81 11.82
CA HIS A 103 -0.47 -5.44 12.26
C HIS A 103 -1.11 -4.60 11.16
N MET A 104 -0.83 -4.93 9.89
CA MET A 104 -1.39 -4.19 8.77
C MET A 104 -2.89 -4.35 8.72
N LEU A 105 -3.37 -5.54 9.10
CA LEU A 105 -4.81 -5.80 9.12
C LEU A 105 -5.39 -5.37 10.45
N GLU A 106 -4.51 -5.07 11.39
CA GLU A 106 -4.92 -4.73 12.74
C GLU A 106 -4.75 -3.24 13.02
N SER A 107 -4.19 -2.51 12.07
CA SER A 107 -3.98 -1.08 12.22
C SER A 107 -4.06 -0.34 10.89
N PRO A 108 -4.81 0.79 10.85
CA PRO A 108 -4.97 1.58 9.62
C PRO A 108 -3.71 2.39 9.31
N GLU A 109 -2.64 2.13 10.04
CA GLU A 109 -1.38 2.83 9.85
C GLU A 109 -0.21 1.86 9.82
N SER A 110 -0.40 0.67 10.37
CA SER A 110 0.64 -0.35 10.36
C SER A 110 0.92 -0.75 8.94
N LEU A 111 -0.14 -1.14 8.24
CA LEU A 111 -0.03 -1.57 6.87
C LEU A 111 0.81 -0.60 6.04
N ARG A 112 0.69 0.68 6.36
CA ARG A 112 1.41 1.71 5.63
C ARG A 112 2.82 1.92 6.19
N SER A 113 2.89 2.13 7.49
CA SER A 113 4.15 2.39 8.16
C SER A 113 5.18 1.32 7.86
N LYS A 114 4.80 0.06 8.01
CA LYS A 114 5.72 -1.04 7.77
C LYS A 114 5.85 -1.36 6.30
N VAL A 115 4.83 -1.04 5.51
CA VAL A 115 4.92 -1.27 4.06
C VAL A 115 6.08 -0.46 3.50
N ASP A 116 6.10 0.82 3.83
CA ASP A 116 7.19 1.70 3.40
C ASP A 116 8.53 1.17 3.93
N GLU A 117 8.50 0.58 5.11
CA GLU A 117 9.70 0.00 5.71
C GLU A 117 10.00 -1.32 5.05
N ALA A 118 8.95 -1.98 4.55
CA ALA A 118 9.11 -3.23 3.84
C ALA A 118 9.73 -2.96 2.49
N VAL A 119 9.50 -1.76 1.97
CA VAL A 119 10.12 -1.34 0.72
C VAL A 119 11.62 -1.41 0.84
N ALA A 120 12.13 -0.79 1.90
CA ALA A 120 13.54 -0.80 2.18
C ALA A 120 14.05 -2.25 2.21
N VAL A 121 13.14 -3.15 2.58
CA VAL A 121 13.44 -4.58 2.64
C VAL A 121 13.26 -5.24 1.27
N LEU A 122 12.33 -4.71 0.49
CA LEU A 122 12.06 -5.23 -0.85
C LEU A 122 13.24 -4.92 -1.77
N GLN A 123 13.76 -3.70 -1.65
CA GLN A 123 14.90 -3.27 -2.44
C GLN A 123 16.17 -3.96 -1.95
N ALA A 124 16.16 -4.38 -0.68
CA ALA A 124 17.30 -5.07 -0.09
C ALA A 124 17.22 -6.57 -0.32
N HIS A 125 16.10 -7.03 -0.87
CA HIS A 125 15.90 -8.45 -1.13
C HIS A 125 15.85 -8.73 -2.64
N GLN A 126 15.38 -7.75 -3.41
CA GLN A 126 15.32 -7.91 -4.86
C GLN A 126 16.73 -8.16 -5.38
N ALA A 127 17.53 -7.11 -5.43
CA ALA A 127 18.94 -7.23 -5.78
C ALA A 127 19.74 -7.38 -4.50
N LYS A 128 19.33 -8.35 -3.68
CA LYS A 128 19.92 -8.57 -2.37
C LYS A 128 21.38 -8.97 -2.46
N GLU A 129 22.23 -8.08 -1.98
CA GLU A 129 23.67 -8.34 -1.93
C GLU A 129 23.99 -9.05 -0.62
N ALA A 130 22.93 -9.49 0.05
CA ALA A 130 23.06 -10.17 1.34
C ALA A 130 23.40 -11.65 1.15
N ALA A 131 23.91 -11.99 -0.02
CA ALA A 131 24.30 -13.36 -0.32
C ALA A 131 25.68 -13.68 0.24
N GLN A 132 26.15 -12.85 1.16
CA GLN A 132 27.45 -13.04 1.79
C GLN A 132 27.45 -14.28 2.68
N LYS A 133 28.65 -14.75 3.02
CA LYS A 133 28.78 -15.93 3.87
C LYS A 133 28.70 -15.55 5.35
N ALA A 134 27.51 -15.68 5.92
CA ALA A 134 27.29 -15.35 7.32
C ALA A 134 27.92 -16.40 8.23
N VAL A 135 28.82 -15.95 9.11
CA VAL A 135 29.49 -16.84 10.04
C VAL A 135 28.80 -16.84 11.40
N ASN A 136 28.77 -18.00 12.05
CA ASN A 136 28.14 -18.13 13.35
C ASN A 136 29.09 -17.71 14.47
N SER A 137 29.26 -16.40 14.63
CA SER A 137 30.14 -15.87 15.67
C SER A 137 29.36 -15.50 16.92
N ALA A 138 30.06 -15.35 18.03
CA ALA A 138 29.42 -15.00 19.30
C ALA A 138 28.87 -13.57 19.27
N THR A 139 29.47 -12.73 18.44
CA THR A 139 29.04 -11.33 18.33
C THR A 139 28.23 -11.12 17.06
N GLY A 140 27.21 -10.27 17.15
CA GLY A 140 26.36 -10.00 15.99
C GLY A 140 26.61 -8.61 15.44
N VAL A 141 25.55 -8.00 14.90
CA VAL A 141 25.65 -6.66 14.33
C VAL A 141 25.17 -5.61 15.31
N PRO A 142 25.97 -4.54 15.54
CA PRO A 142 25.62 -3.47 16.47
C PRO A 142 24.66 -2.46 15.85
N THR A 143 23.67 -2.95 15.12
CA THR A 143 22.67 -2.10 14.48
C THR A 143 21.37 -2.10 15.26
N VAL A 144 21.41 -2.62 16.49
CA VAL A 144 20.22 -2.68 17.33
C VAL A 144 20.04 -1.39 18.14
N GLY A 1 -63.18 24.32 18.54
CA GLY A 1 -63.73 22.95 18.70
C GLY A 1 -65.19 22.85 18.31
N PRO A 2 -65.69 21.63 18.05
CA PRO A 2 -67.09 21.41 17.65
C PRO A 2 -68.04 21.42 18.84
N LEU A 3 -67.89 22.41 19.71
CA LEU A 3 -68.74 22.53 20.89
C LEU A 3 -70.05 23.24 20.56
N GLY A 4 -69.94 24.52 20.20
CA GLY A 4 -71.12 25.29 19.86
C GLY A 4 -71.39 25.34 18.37
N SER A 5 -70.32 25.39 17.59
CA SER A 5 -70.44 25.44 16.13
C SER A 5 -70.42 24.03 15.54
N ALA A 6 -71.58 23.39 15.52
CA ALA A 6 -71.70 22.03 14.98
C ALA A 6 -72.15 22.07 13.53
N ALA A 7 -71.19 21.90 12.61
CA ALA A 7 -71.48 21.92 11.18
C ALA A 7 -71.61 20.49 10.64
N ALA A 8 -72.69 19.81 11.03
CA ALA A 8 -72.94 18.45 10.58
C ALA A 8 -71.78 17.52 10.95
N ALA A 9 -71.78 16.32 10.39
CA ALA A 9 -70.73 15.35 10.67
C ALA A 9 -70.15 14.79 9.38
N THR A 10 -70.07 15.64 8.35
CA THR A 10 -69.53 15.23 7.06
C THR A 10 -68.60 16.31 6.49
N PRO A 11 -67.41 15.91 6.01
CA PRO A 11 -66.43 16.84 5.44
C PRO A 11 -66.89 17.41 4.11
N ALA A 12 -66.66 18.70 3.90
CA ALA A 12 -67.05 19.37 2.67
C ALA A 12 -66.06 19.06 1.55
N VAL A 13 -64.89 18.59 1.92
CA VAL A 13 -63.86 18.26 0.95
C VAL A 13 -63.76 16.75 0.73
N ARG A 14 -64.58 16.24 -0.19
CA ARG A 14 -64.61 14.81 -0.49
C ARG A 14 -63.72 14.49 -1.70
N THR A 15 -62.94 13.42 -1.59
CA THR A 15 -62.06 13.01 -2.67
C THR A 15 -62.64 11.81 -3.42
N VAL A 16 -62.38 11.76 -4.73
CA VAL A 16 -62.88 10.68 -5.57
C VAL A 16 -61.76 9.71 -5.92
N PRO A 17 -62.03 8.39 -5.86
CA PRO A 17 -61.03 7.36 -6.17
C PRO A 17 -60.73 7.27 -7.67
N GLN A 18 -61.45 8.07 -8.45
CA GLN A 18 -61.27 8.09 -9.89
C GLN A 18 -59.99 8.84 -10.27
N TYR A 19 -59.39 8.43 -11.38
CA TYR A 19 -58.16 9.06 -11.86
C TYR A 19 -58.45 10.42 -12.48
N LYS A 20 -57.39 11.20 -12.71
CA LYS A 20 -57.53 12.53 -13.30
C LYS A 20 -57.15 12.51 -14.77
N TYR A 21 -58.12 12.86 -15.62
CA TYR A 21 -57.89 12.87 -17.06
C TYR A 21 -56.96 14.01 -17.45
N ALA A 22 -56.15 13.79 -18.49
CA ALA A 22 -55.21 14.79 -18.96
C ALA A 22 -55.92 15.90 -19.72
N ALA A 23 -56.24 16.99 -19.02
CA ALA A 23 -56.92 18.12 -19.63
C ALA A 23 -55.93 19.04 -20.33
N GLY A 24 -55.93 18.98 -21.66
CA GLY A 24 -55.02 19.81 -22.44
C GLY A 24 -55.66 21.12 -22.87
N VAL A 25 -55.54 22.14 -22.03
CA VAL A 25 -56.11 23.45 -22.33
C VAL A 25 -55.01 24.44 -22.75
N ARG A 26 -54.04 24.63 -21.87
CA ARG A 26 -52.93 25.55 -22.13
C ARG A 26 -51.70 24.78 -22.62
N ASN A 27 -50.66 25.51 -22.96
CA ASN A 27 -49.41 24.90 -23.45
C ASN A 27 -48.47 24.55 -22.29
N PRO A 28 -48.18 25.51 -21.38
CA PRO A 28 -47.29 25.27 -20.24
C PRO A 28 -47.90 24.30 -19.23
N GLN A 29 -47.77 23.01 -19.49
CA GLN A 29 -48.31 21.99 -18.61
C GLN A 29 -47.29 21.58 -17.55
N GLN A 30 -46.04 21.37 -17.99
CA GLN A 30 -44.98 20.97 -17.08
C GLN A 30 -44.35 22.19 -16.42
N HIS A 31 -43.43 21.95 -15.49
CA HIS A 31 -42.75 23.03 -14.79
C HIS A 31 -41.24 22.78 -14.73
N LEU A 32 -40.62 22.74 -15.91
CA LEU A 32 -39.18 22.52 -15.99
C LEU A 32 -38.42 23.83 -15.97
N ASN A 33 -37.35 23.88 -15.17
CA ASN A 33 -36.54 25.09 -15.06
C ASN A 33 -35.36 25.04 -16.01
N ALA A 34 -34.46 26.02 -15.89
CA ALA A 34 -33.29 26.09 -16.74
C ALA A 34 -32.24 25.06 -16.32
N GLN A 35 -31.85 24.20 -17.26
CA GLN A 35 -30.85 23.17 -16.98
C GLN A 35 -29.48 23.56 -17.51
N PRO A 36 -29.37 23.95 -18.80
CA PRO A 36 -28.09 24.34 -19.40
C PRO A 36 -27.49 25.57 -18.71
N GLN A 37 -26.25 25.43 -18.26
CA GLN A 37 -25.56 26.52 -17.58
C GLN A 37 -24.82 27.41 -18.58
N VAL A 38 -24.63 28.67 -18.21
CA VAL A 38 -23.95 29.63 -19.08
C VAL A 38 -22.45 29.62 -18.83
N THR A 39 -22.06 29.38 -17.58
CA THR A 39 -20.66 29.35 -17.21
C THR A 39 -20.20 27.92 -16.89
N MET A 40 -19.35 27.38 -17.75
CA MET A 40 -18.83 26.03 -17.55
C MET A 40 -17.53 26.07 -16.76
N GLN A 41 -16.82 27.19 -16.86
CA GLN A 41 -15.55 27.38 -16.15
C GLN A 41 -14.53 26.32 -16.56
N GLN A 42 -13.32 26.43 -16.02
CA GLN A 42 -12.25 25.49 -16.32
C GLN A 42 -11.75 24.79 -15.05
N PRO A 43 -11.35 25.56 -14.01
CA PRO A 43 -10.86 24.98 -12.75
C PRO A 43 -11.94 24.21 -12.02
N ALA A 44 -12.00 22.90 -12.27
CA ALA A 44 -13.00 22.04 -11.63
C ALA A 44 -12.79 21.98 -10.13
N VAL A 45 -13.77 21.44 -9.43
CA VAL A 45 -13.70 21.31 -7.97
C VAL A 45 -13.42 19.87 -7.55
N HIS A 46 -12.16 19.58 -7.23
CA HIS A 46 -11.76 18.25 -6.82
C HIS A 46 -11.76 18.12 -5.30
N VAL A 47 -12.10 16.93 -4.81
CA VAL A 47 -12.14 16.67 -3.38
C VAL A 47 -10.95 15.81 -2.94
N GLN A 48 -10.80 15.66 -1.63
CA GLN A 48 -9.71 14.86 -1.08
C GLN A 48 -10.15 13.42 -0.88
N GLY A 49 -10.87 12.88 -1.87
CA GLY A 49 -11.34 11.51 -1.78
C GLY A 49 -10.31 10.52 -2.29
N GLN A 50 -9.04 10.79 -2.04
CA GLN A 50 -7.97 9.91 -2.49
C GLN A 50 -7.44 9.07 -1.32
N GLU A 51 -8.31 8.24 -0.75
CA GLU A 51 -7.94 7.39 0.36
C GLU A 51 -7.37 6.05 -0.14
N PRO A 52 -6.11 5.74 0.23
CA PRO A 52 -5.46 4.50 -0.20
C PRO A 52 -6.01 3.27 0.53
N LEU A 53 -5.30 2.15 0.40
CA LEU A 53 -5.70 0.89 1.03
C LEU A 53 -5.09 0.77 2.42
N THR A 54 -5.81 0.13 3.36
CA THR A 54 -5.29 -0.04 4.72
C THR A 54 -6.10 -1.06 5.51
N ALA A 55 -5.74 -1.21 6.79
CA ALA A 55 -6.38 -2.15 7.69
C ALA A 55 -7.90 -1.99 7.74
N SER A 56 -8.35 -0.78 8.08
CA SER A 56 -9.78 -0.51 8.19
C SER A 56 -10.54 -1.03 6.98
N MET A 57 -9.89 -0.98 5.83
CA MET A 57 -10.49 -1.46 4.60
C MET A 57 -10.46 -2.98 4.56
N LEU A 58 -9.35 -3.55 5.01
CA LEU A 58 -9.21 -4.99 5.10
C LEU A 58 -10.33 -5.58 5.95
N ALA A 59 -10.67 -4.83 7.00
CA ALA A 59 -11.73 -5.23 7.92
C ALA A 59 -13.11 -5.10 7.28
N SER A 60 -13.19 -4.26 6.26
CA SER A 60 -14.46 -4.02 5.56
C SER A 60 -14.90 -5.26 4.77
N ALA A 61 -14.02 -6.26 4.72
CA ALA A 61 -14.32 -7.49 3.99
C ALA A 61 -13.97 -8.72 4.81
N PRO A 62 -14.64 -8.93 5.96
CA PRO A 62 -14.37 -10.06 6.85
C PRO A 62 -14.47 -11.42 6.14
N PRO A 63 -15.59 -11.71 5.43
CA PRO A 63 -15.78 -12.98 4.74
C PRO A 63 -15.47 -12.88 3.25
N GLN A 64 -14.67 -11.89 2.87
CA GLN A 64 -14.33 -11.70 1.47
C GLN A 64 -12.83 -11.59 1.26
N GLU A 65 -12.31 -10.37 1.23
CA GLU A 65 -10.89 -10.14 0.99
C GLU A 65 -10.15 -9.72 2.26
N GLN A 66 -10.51 -10.32 3.39
CA GLN A 66 -9.87 -10.01 4.65
C GLN A 66 -8.43 -10.52 4.69
N LYS A 67 -8.16 -11.52 3.86
CA LYS A 67 -6.83 -12.12 3.78
C LYS A 67 -6.37 -12.24 2.33
N GLN A 68 -6.84 -11.33 1.48
CA GLN A 68 -6.48 -11.37 0.07
C GLN A 68 -6.10 -9.98 -0.47
N MET A 69 -6.97 -9.00 -0.24
CA MET A 69 -6.75 -7.65 -0.75
C MET A 69 -5.74 -6.87 0.10
N LEU A 70 -4.99 -7.57 0.93
CA LEU A 70 -4.00 -6.94 1.79
C LEU A 70 -2.66 -6.86 1.08
N GLY A 71 -2.39 -7.82 0.23
CA GLY A 71 -1.15 -7.83 -0.52
C GLY A 71 -1.39 -8.09 -1.98
N GLU A 72 -2.67 -8.07 -2.39
CA GLU A 72 -3.03 -8.31 -3.77
C GLU A 72 -3.92 -7.19 -4.33
N ARG A 73 -4.32 -6.27 -3.46
CA ARG A 73 -5.17 -5.15 -3.88
C ARG A 73 -4.54 -3.83 -3.46
N LEU A 74 -3.59 -3.90 -2.53
CA LEU A 74 -2.89 -2.72 -2.05
C LEU A 74 -1.83 -2.27 -3.04
N PHE A 75 -1.49 -3.16 -3.96
CA PHE A 75 -0.46 -2.89 -4.96
C PHE A 75 -0.68 -1.54 -5.65
N PRO A 76 -1.87 -1.29 -6.23
CA PRO A 76 -2.15 -0.02 -6.92
C PRO A 76 -2.15 1.18 -5.98
N LEU A 77 -2.04 0.91 -4.68
CA LEU A 77 -2.05 1.97 -3.68
C LEU A 77 -0.62 2.34 -3.25
N ILE A 78 0.24 1.34 -3.11
CA ILE A 78 1.61 1.59 -2.69
C ILE A 78 2.32 2.50 -3.68
N GLN A 79 2.08 2.27 -4.96
CA GLN A 79 2.68 3.06 -6.02
C GLN A 79 2.57 4.56 -5.71
N ALA A 80 1.62 4.89 -4.87
CA ALA A 80 1.38 6.27 -4.45
C ALA A 80 2.35 6.67 -3.34
N MET A 81 2.51 5.79 -2.37
CA MET A 81 3.42 6.03 -1.25
C MET A 81 4.86 6.07 -1.73
N HIS A 82 5.18 5.13 -2.60
CA HIS A 82 6.53 4.98 -3.13
C HIS A 82 6.52 5.10 -4.65
N PRO A 83 7.56 5.70 -5.25
CA PRO A 83 7.64 5.88 -6.71
C PRO A 83 7.53 4.54 -7.46
N THR A 84 6.29 4.08 -7.61
CA THR A 84 6.02 2.81 -8.29
C THR A 84 7.00 1.72 -7.84
N LEU A 85 7.42 1.80 -6.59
CA LEU A 85 8.37 0.83 -6.04
C LEU A 85 7.65 -0.37 -5.46
N ALA A 86 6.33 -0.43 -5.66
CA ALA A 86 5.52 -1.51 -5.14
C ALA A 86 5.77 -2.83 -5.90
N GLY A 87 6.91 -2.91 -6.57
CA GLY A 87 7.25 -4.11 -7.32
C GLY A 87 7.17 -5.37 -6.48
N LYS A 88 7.30 -5.22 -5.16
CA LYS A 88 7.25 -6.35 -4.25
C LYS A 88 7.04 -5.89 -2.81
N ILE A 89 6.39 -4.76 -2.63
CA ILE A 89 6.14 -4.25 -1.29
C ILE A 89 4.94 -4.96 -0.66
N THR A 90 3.75 -4.41 -0.88
CA THR A 90 2.53 -4.98 -0.34
C THR A 90 2.42 -6.47 -0.67
N GLY A 91 2.78 -6.84 -1.89
CA GLY A 91 2.74 -8.23 -2.27
C GLY A 91 3.56 -9.08 -1.32
N MET A 92 4.62 -8.47 -0.78
CA MET A 92 5.49 -9.16 0.18
C MET A 92 4.90 -9.08 1.57
N LEU A 93 4.05 -8.07 1.78
CA LEU A 93 3.40 -7.88 3.06
C LEU A 93 2.51 -9.07 3.39
N LEU A 94 2.38 -9.97 2.42
CA LEU A 94 1.62 -11.20 2.63
C LEU A 94 2.61 -12.36 2.73
N GLU A 95 3.82 -12.03 3.16
CA GLU A 95 4.89 -13.01 3.27
C GLU A 95 6.08 -12.46 4.07
N ILE A 96 5.94 -11.22 4.56
CA ILE A 96 7.02 -10.59 5.34
C ILE A 96 7.30 -11.34 6.64
N ASP A 97 7.77 -10.60 7.64
CA ASP A 97 8.04 -11.15 8.97
C ASP A 97 6.79 -11.77 9.57
N ASN A 98 5.67 -11.64 8.86
CA ASN A 98 4.38 -12.17 9.28
C ASN A 98 3.71 -11.28 10.32
N SER A 99 4.52 -10.57 11.09
CA SER A 99 4.01 -9.64 12.09
C SER A 99 3.48 -8.38 11.42
N GLU A 100 4.12 -8.04 10.30
CA GLU A 100 3.71 -6.88 9.52
C GLU A 100 2.44 -7.20 8.75
N LEU A 101 2.22 -8.50 8.51
CA LEU A 101 1.02 -8.95 7.83
C LEU A 101 -0.18 -8.89 8.78
N LEU A 102 0.12 -8.96 10.07
CA LEU A 102 -0.91 -8.90 11.11
C LEU A 102 -1.22 -7.48 11.49
N HIS A 103 -0.17 -6.71 11.77
CA HIS A 103 -0.32 -5.33 12.16
C HIS A 103 -1.05 -4.55 11.07
N MET A 104 -0.60 -4.71 9.83
CA MET A 104 -1.17 -3.99 8.69
C MET A 104 -2.69 -4.15 8.61
N LEU A 105 -3.19 -5.33 8.95
CA LEU A 105 -4.63 -5.57 8.94
C LEU A 105 -5.25 -5.15 10.25
N GLU A 106 -4.40 -4.77 11.17
CA GLU A 106 -4.83 -4.44 12.51
C GLU A 106 -4.72 -2.95 12.83
N SER A 107 -4.09 -2.18 11.92
CA SER A 107 -3.92 -0.74 12.16
C SER A 107 -3.99 0.06 10.85
N PRO A 108 -4.60 1.25 10.90
CA PRO A 108 -4.72 2.12 9.73
C PRO A 108 -3.39 2.79 9.37
N GLU A 109 -2.36 2.49 10.16
CA GLU A 109 -1.04 3.04 9.94
C GLU A 109 -0.01 1.94 9.81
N SER A 110 -0.35 0.76 10.29
CA SER A 110 0.52 -0.40 10.18
C SER A 110 0.74 -0.74 8.73
N LEU A 111 -0.36 -0.86 8.02
CA LEU A 111 -0.33 -1.15 6.60
C LEU A 111 0.71 -0.26 5.90
N ARG A 112 0.92 0.92 6.46
CA ARG A 112 1.87 1.86 5.88
C ARG A 112 3.25 1.71 6.50
N SER A 113 3.34 1.98 7.79
CA SER A 113 4.61 1.87 8.51
C SER A 113 5.25 0.52 8.20
N LYS A 114 4.41 -0.47 7.95
CA LYS A 114 4.88 -1.81 7.60
C LYS A 114 5.27 -1.89 6.13
N VAL A 115 4.47 -1.26 5.26
CA VAL A 115 4.77 -1.27 3.83
C VAL A 115 6.05 -0.48 3.56
N ASP A 116 6.04 0.82 3.87
CA ASP A 116 7.21 1.66 3.68
C ASP A 116 8.47 1.02 4.28
N GLU A 117 8.30 0.32 5.40
CA GLU A 117 9.41 -0.36 6.05
C GLU A 117 9.81 -1.60 5.27
N ALA A 118 8.81 -2.34 4.80
CA ALA A 118 9.05 -3.53 4.00
C ALA A 118 9.77 -3.16 2.72
N VAL A 119 9.64 -1.89 2.34
CA VAL A 119 10.32 -1.36 1.17
C VAL A 119 11.81 -1.35 1.40
N ALA A 120 12.20 -0.86 2.57
CA ALA A 120 13.59 -0.85 2.97
C ALA A 120 14.13 -2.28 3.00
N VAL A 121 13.20 -3.21 3.23
CA VAL A 121 13.52 -4.63 3.27
C VAL A 121 13.52 -5.23 1.86
N LEU A 122 12.65 -4.69 1.02
CA LEU A 122 12.56 -5.15 -0.36
C LEU A 122 13.78 -4.70 -1.15
N GLN A 123 14.27 -3.50 -0.82
CA GLN A 123 15.45 -2.96 -1.46
C GLN A 123 16.69 -3.71 -0.98
N ALA A 124 16.62 -4.23 0.24
CA ALA A 124 17.72 -4.99 0.82
C ALA A 124 17.62 -6.47 0.47
N HIS A 125 16.52 -6.86 -0.17
CA HIS A 125 16.30 -8.25 -0.53
C HIS A 125 16.09 -8.42 -2.03
N GLN A 126 16.32 -7.34 -2.78
CA GLN A 126 16.16 -7.39 -4.23
C GLN A 126 17.33 -8.13 -4.88
N ALA A 127 18.23 -7.37 -5.51
CA ALA A 127 19.40 -7.96 -6.17
C ALA A 127 20.61 -7.92 -5.24
N LYS A 128 20.36 -7.90 -3.94
CA LYS A 128 21.44 -7.83 -2.95
C LYS A 128 21.79 -9.22 -2.44
N GLU A 129 22.23 -9.30 -1.18
CA GLU A 129 22.60 -10.57 -0.57
C GLU A 129 21.40 -11.27 0.04
N ALA A 130 20.32 -11.38 -0.73
CA ALA A 130 19.11 -12.03 -0.27
C ALA A 130 19.13 -13.52 -0.56
N ALA A 131 20.33 -14.05 -0.79
CA ALA A 131 20.50 -15.47 -1.08
C ALA A 131 20.49 -16.29 0.20
N GLN A 132 20.35 -15.60 1.34
CA GLN A 132 20.32 -16.27 2.63
C GLN A 132 18.97 -16.92 2.88
N LYS A 133 18.93 -18.25 2.84
CA LYS A 133 17.70 -18.99 3.05
C LYS A 133 17.21 -18.83 4.49
N ALA A 134 18.14 -18.59 5.40
CA ALA A 134 17.80 -18.42 6.81
C ALA A 134 17.02 -17.13 7.04
N VAL A 135 16.27 -17.08 8.13
CA VAL A 135 15.47 -15.91 8.46
C VAL A 135 16.22 -14.99 9.42
N ASN A 136 15.64 -13.82 9.68
CA ASN A 136 16.24 -12.85 10.57
C ASN A 136 16.27 -13.38 12.01
N SER A 137 17.17 -12.83 12.82
CA SER A 137 17.29 -13.25 14.21
C SER A 137 16.54 -12.30 15.14
N ALA A 138 15.76 -12.87 16.05
CA ALA A 138 14.99 -12.07 17.00
C ALA A 138 15.88 -11.54 18.12
N THR A 139 16.42 -10.34 17.94
CA THR A 139 17.29 -9.73 18.93
C THR A 139 16.53 -8.66 19.72
N GLY A 140 15.35 -8.30 19.24
CA GLY A 140 14.55 -7.29 19.92
C GLY A 140 13.64 -7.89 20.97
N VAL A 141 12.66 -8.66 20.53
CA VAL A 141 11.72 -9.30 21.45
C VAL A 141 12.09 -10.77 21.70
N PRO A 142 12.16 -11.20 22.96
CA PRO A 142 11.90 -10.34 24.13
C PRO A 142 13.12 -9.50 24.51
N THR A 143 12.90 -8.50 25.35
CA THR A 143 13.98 -7.62 25.80
C THR A 143 14.69 -8.22 27.01
N VAL A 144 15.59 -7.44 27.61
CA VAL A 144 16.34 -7.89 28.77
C VAL A 144 15.72 -7.38 30.06
N GLY A 1 29.24 49.85 37.30
CA GLY A 1 28.45 48.66 36.95
C GLY A 1 27.81 48.01 38.16
N PRO A 2 26.65 48.51 38.63
CA PRO A 2 25.94 47.95 39.79
C PRO A 2 25.48 46.52 39.56
N LEU A 3 25.14 46.21 38.31
CA LEU A 3 24.68 44.88 37.95
C LEU A 3 25.81 44.05 37.35
N GLY A 4 25.52 42.79 37.04
CA GLY A 4 26.52 41.92 36.46
C GLY A 4 26.32 41.71 34.97
N SER A 5 25.19 41.13 34.60
CA SER A 5 24.88 40.88 33.19
C SER A 5 23.87 41.90 32.66
N ALA A 6 23.90 42.13 31.36
CA ALA A 6 22.99 43.07 30.72
C ALA A 6 22.60 42.61 29.32
N ALA A 7 22.24 41.33 29.20
CA ALA A 7 21.85 40.76 27.92
C ALA A 7 20.90 39.58 28.11
N ALA A 8 20.65 39.22 29.36
CA ALA A 8 19.76 38.12 29.68
C ALA A 8 19.25 38.22 31.11
N ALA A 9 19.88 39.08 31.90
CA ALA A 9 19.49 39.28 33.29
C ALA A 9 19.59 37.98 34.08
N THR A 10 18.48 37.24 34.14
CA THR A 10 18.43 35.97 34.86
C THR A 10 18.63 36.17 36.37
N PRO A 11 17.68 35.70 37.20
CA PRO A 11 16.47 35.02 36.74
C PRO A 11 15.41 35.99 36.25
N ALA A 12 14.35 35.45 35.64
CA ALA A 12 13.26 36.26 35.13
C ALA A 12 12.24 36.56 36.22
N VAL A 13 11.86 35.53 36.98
CA VAL A 13 10.89 35.69 38.05
C VAL A 13 11.56 36.24 39.31
N ARG A 14 10.76 36.52 40.33
CA ARG A 14 11.27 37.05 41.59
C ARG A 14 11.40 35.94 42.63
N THR A 15 12.53 35.23 42.58
CA THR A 15 12.79 34.14 43.52
C THR A 15 13.93 34.51 44.47
N VAL A 16 14.17 35.80 44.62
CA VAL A 16 15.22 36.29 45.51
C VAL A 16 14.71 36.59 46.92
N PRO A 17 13.42 36.99 47.11
CA PRO A 17 12.90 37.30 48.44
C PRO A 17 12.90 36.08 49.35
N GLN A 18 12.48 36.28 50.61
CA GLN A 18 12.43 35.19 51.58
C GLN A 18 11.23 34.29 51.33
N TYR A 19 10.96 33.41 52.28
CA TYR A 19 9.83 32.49 52.17
C TYR A 19 8.51 33.24 52.12
N LYS A 20 7.91 33.30 50.93
CA LYS A 20 6.64 33.99 50.75
C LYS A 20 5.47 33.01 50.78
N TYR A 21 4.68 33.08 51.84
CA TYR A 21 3.53 32.19 51.99
C TYR A 21 2.37 32.66 51.13
N ALA A 22 2.41 32.30 49.85
CA ALA A 22 1.35 32.68 48.90
C ALA A 22 0.22 31.68 48.90
N ALA A 23 -1.01 32.18 49.02
CA ALA A 23 -2.19 31.32 49.03
C ALA A 23 -2.45 30.73 47.65
N GLY A 24 -2.44 29.41 47.57
CA GLY A 24 -2.66 28.74 46.30
C GLY A 24 -4.08 28.25 46.14
N VAL A 25 -5.04 29.14 46.36
CA VAL A 25 -6.46 28.79 46.24
C VAL A 25 -6.94 28.93 44.80
N ARG A 26 -6.36 29.88 44.08
CA ARG A 26 -6.72 30.11 42.68
C ARG A 26 -5.88 29.24 41.75
N ASN A 27 -6.53 28.24 41.16
CA ASN A 27 -5.84 27.33 40.24
C ASN A 27 -5.94 27.84 38.81
N PRO A 28 -4.89 27.63 38.00
CA PRO A 28 -4.87 28.07 36.60
C PRO A 28 -5.67 27.16 35.68
N GLN A 29 -6.62 26.43 36.25
CA GLN A 29 -7.46 25.52 35.47
C GLN A 29 -8.46 26.30 34.63
N GLN A 30 -8.17 26.42 33.34
CA GLN A 30 -9.05 27.15 32.43
C GLN A 30 -10.04 26.21 31.76
N HIS A 31 -9.58 25.50 30.73
CA HIS A 31 -10.42 24.56 30.00
C HIS A 31 -11.68 25.26 29.49
N LEU A 32 -11.50 26.41 28.85
CA LEU A 32 -12.62 27.17 28.32
C LEU A 32 -13.12 26.58 27.01
N ASN A 33 -14.38 26.13 27.02
CA ASN A 33 -14.99 25.54 25.84
C ASN A 33 -15.67 26.61 24.99
N ALA A 34 -14.87 27.43 24.32
CA ALA A 34 -15.39 28.49 23.48
C ALA A 34 -15.87 27.95 22.13
N GLN A 35 -17.04 27.32 22.14
CA GLN A 35 -17.61 26.76 20.92
C GLN A 35 -18.36 27.84 20.13
N PRO A 36 -19.28 28.59 20.76
CA PRO A 36 -20.04 29.65 20.08
C PRO A 36 -19.16 30.82 19.68
N GLN A 37 -17.99 30.92 20.30
CA GLN A 37 -17.06 31.99 20.02
C GLN A 37 -16.32 31.76 18.71
N VAL A 38 -16.66 32.55 17.69
CA VAL A 38 -16.02 32.41 16.38
C VAL A 38 -14.89 33.42 16.21
N THR A 39 -13.68 33.01 16.58
CA THR A 39 -12.51 33.87 16.47
C THR A 39 -11.58 33.40 15.35
N MET A 40 -11.15 32.15 15.45
CA MET A 40 -10.25 31.57 14.45
C MET A 40 -11.04 30.82 13.39
N GLN A 41 -10.36 30.46 12.30
CA GLN A 41 -11.00 29.73 11.21
C GLN A 41 -10.98 28.23 11.47
N GLN A 42 -11.93 27.52 10.88
CA GLN A 42 -12.03 26.08 11.05
C GLN A 42 -11.86 25.36 9.71
N PRO A 43 -10.62 24.99 9.34
CA PRO A 43 -10.34 24.31 8.07
C PRO A 43 -11.17 23.04 7.91
N ALA A 44 -11.86 22.95 6.77
CA ALA A 44 -12.70 21.79 6.48
C ALA A 44 -11.90 20.69 5.78
N VAL A 45 -11.31 19.80 6.57
CA VAL A 45 -10.52 18.70 6.03
C VAL A 45 -11.32 17.40 6.03
N HIS A 46 -11.98 17.11 4.91
CA HIS A 46 -12.78 15.90 4.79
C HIS A 46 -11.91 14.71 4.42
N VAL A 47 -11.66 13.84 5.39
CA VAL A 47 -10.83 12.66 5.17
C VAL A 47 -11.68 11.39 5.21
N GLN A 48 -12.99 11.55 5.02
CA GLN A 48 -13.91 10.43 5.02
C GLN A 48 -13.68 9.54 3.80
N GLY A 49 -13.31 10.16 2.68
CA GLY A 49 -13.07 9.43 1.46
C GLY A 49 -11.64 8.92 1.38
N GLN A 50 -11.38 7.81 2.08
CA GLN A 50 -10.04 7.22 2.09
C GLN A 50 -9.84 6.30 0.89
N GLU A 51 -9.09 6.78 -0.10
CA GLU A 51 -8.82 6.00 -1.30
C GLU A 51 -7.78 4.90 -1.03
N PRO A 52 -6.64 5.24 -0.39
CA PRO A 52 -5.59 4.26 -0.09
C PRO A 52 -6.11 3.10 0.75
N LEU A 53 -5.58 1.90 0.50
CA LEU A 53 -5.99 0.71 1.24
C LEU A 53 -5.24 0.61 2.56
N THR A 54 -5.91 0.04 3.56
CA THR A 54 -5.31 -0.14 4.88
C THR A 54 -6.10 -1.16 5.70
N ALA A 55 -5.76 -1.29 6.97
CA ALA A 55 -6.45 -2.22 7.85
C ALA A 55 -7.96 -1.99 7.83
N SER A 56 -8.36 -0.72 7.74
CA SER A 56 -9.78 -0.39 7.69
C SER A 56 -10.43 -1.02 6.48
N MET A 57 -9.76 -0.88 5.33
CA MET A 57 -10.26 -1.47 4.09
C MET A 57 -10.41 -2.97 4.24
N LEU A 58 -9.42 -3.59 4.87
CA LEU A 58 -9.42 -5.01 5.11
C LEU A 58 -10.65 -5.42 5.91
N ALA A 59 -10.90 -4.68 6.99
CA ALA A 59 -12.05 -4.93 7.86
C ALA A 59 -13.36 -4.56 7.18
N SER A 60 -13.26 -4.00 5.98
CA SER A 60 -14.44 -3.59 5.23
C SER A 60 -15.00 -4.74 4.41
N ALA A 61 -14.27 -5.85 4.38
CA ALA A 61 -14.69 -7.02 3.62
C ALA A 61 -14.55 -8.31 4.45
N PRO A 62 -15.15 -8.36 5.65
CA PRO A 62 -15.06 -9.52 6.54
C PRO A 62 -16.33 -10.37 6.55
N PRO A 63 -16.26 -11.63 6.06
CA PRO A 63 -15.06 -12.22 5.52
C PRO A 63 -15.04 -12.23 3.99
N GLN A 64 -13.93 -11.81 3.40
CA GLN A 64 -13.80 -11.76 1.95
C GLN A 64 -12.38 -11.41 1.53
N GLU A 65 -12.11 -10.10 1.43
CA GLU A 65 -10.80 -9.62 1.03
C GLU A 65 -9.92 -9.34 2.24
N GLN A 66 -10.40 -9.72 3.43
CA GLN A 66 -9.66 -9.53 4.66
C GLN A 66 -8.25 -10.10 4.54
N LYS A 67 -8.16 -11.33 4.05
CA LYS A 67 -6.88 -11.99 3.88
C LYS A 67 -6.61 -12.28 2.40
N GLN A 68 -6.96 -11.32 1.55
CA GLN A 68 -6.75 -11.46 0.11
C GLN A 68 -6.24 -10.15 -0.50
N MET A 69 -6.99 -9.07 -0.27
CA MET A 69 -6.63 -7.77 -0.82
C MET A 69 -5.54 -7.08 0.01
N LEU A 70 -5.07 -7.76 1.04
CA LEU A 70 -4.03 -7.19 1.90
C LEU A 70 -2.70 -7.09 1.17
N GLY A 71 -2.38 -8.11 0.37
CA GLY A 71 -1.13 -8.11 -0.35
C GLY A 71 -1.28 -8.53 -1.80
N GLU A 72 -2.49 -8.35 -2.34
CA GLU A 72 -2.76 -8.71 -3.73
C GLU A 72 -3.61 -7.64 -4.42
N ARG A 73 -4.04 -6.65 -3.65
CA ARG A 73 -4.86 -5.56 -4.18
C ARG A 73 -4.25 -4.22 -3.84
N LEU A 74 -3.41 -4.20 -2.82
CA LEU A 74 -2.77 -2.97 -2.36
C LEU A 74 -1.67 -2.52 -3.30
N PHE A 75 -1.26 -3.40 -4.20
CA PHE A 75 -0.17 -3.10 -5.13
C PHE A 75 -0.37 -1.74 -5.80
N PRO A 76 -1.51 -1.51 -6.49
CA PRO A 76 -1.77 -0.23 -7.16
C PRO A 76 -1.85 0.93 -6.18
N LEU A 77 -1.91 0.61 -4.89
CA LEU A 77 -2.01 1.62 -3.85
C LEU A 77 -0.63 1.96 -3.29
N ILE A 78 0.29 0.99 -3.32
CA ILE A 78 1.63 1.22 -2.80
C ILE A 78 2.39 2.23 -3.64
N GLN A 79 2.22 2.13 -4.96
CA GLN A 79 2.86 3.06 -5.88
C GLN A 79 2.61 4.49 -5.45
N ALA A 80 1.57 4.67 -4.63
CA ALA A 80 1.20 5.99 -4.12
C ALA A 80 2.05 6.38 -2.92
N MET A 81 2.32 5.42 -2.05
CA MET A 81 3.13 5.68 -0.86
C MET A 81 4.59 5.89 -1.23
N HIS A 82 5.12 4.96 -2.02
CA HIS A 82 6.50 5.02 -2.46
C HIS A 82 6.56 5.28 -3.97
N PRO A 83 7.64 5.92 -4.45
CA PRO A 83 7.81 6.20 -5.88
C PRO A 83 7.81 4.92 -6.72
N THR A 84 6.61 4.44 -7.03
CA THR A 84 6.43 3.20 -7.80
C THR A 84 7.43 2.12 -7.36
N LEU A 85 7.79 2.14 -6.08
CA LEU A 85 8.73 1.17 -5.53
C LEU A 85 8.02 -0.14 -5.22
N ALA A 86 6.73 -0.20 -5.53
CA ALA A 86 5.94 -1.41 -5.30
C ALA A 86 6.41 -2.56 -6.18
N GLY A 87 5.47 -3.39 -6.63
CA GLY A 87 5.83 -4.52 -7.46
C GLY A 87 6.19 -5.74 -6.63
N LYS A 88 6.44 -5.49 -5.34
CA LYS A 88 6.79 -6.56 -4.42
C LYS A 88 6.48 -6.18 -2.98
N ILE A 89 6.38 -4.88 -2.69
CA ILE A 89 6.14 -4.42 -1.34
C ILE A 89 4.97 -5.15 -0.68
N THR A 90 3.76 -4.65 -0.92
CA THR A 90 2.55 -5.23 -0.33
C THR A 90 2.46 -6.72 -0.62
N GLY A 91 2.79 -7.10 -1.85
CA GLY A 91 2.76 -8.50 -2.20
C GLY A 91 3.59 -9.33 -1.25
N MET A 92 4.66 -8.72 -0.74
CA MET A 92 5.53 -9.38 0.20
C MET A 92 4.97 -9.27 1.62
N LEU A 93 4.15 -8.25 1.84
CA LEU A 93 3.52 -8.04 3.14
C LEU A 93 2.67 -9.24 3.51
N LEU A 94 2.48 -10.13 2.54
CA LEU A 94 1.73 -11.37 2.77
C LEU A 94 2.73 -12.51 2.91
N GLU A 95 3.95 -12.18 3.33
CA GLU A 95 5.00 -13.17 3.46
C GLU A 95 6.22 -12.62 4.20
N ILE A 96 6.15 -11.36 4.66
CA ILE A 96 7.29 -10.76 5.37
C ILE A 96 7.57 -11.49 6.68
N ASP A 97 8.06 -10.72 7.66
CA ASP A 97 8.31 -11.23 8.99
C ASP A 97 7.06 -11.88 9.58
N ASN A 98 5.95 -11.70 8.87
CA ASN A 98 4.65 -12.24 9.27
C ASN A 98 3.99 -11.38 10.35
N SER A 99 4.81 -10.63 11.07
CA SER A 99 4.30 -9.72 12.09
C SER A 99 3.71 -8.49 11.42
N GLU A 100 4.30 -8.11 10.30
CA GLU A 100 3.83 -6.98 9.52
C GLU A 100 2.50 -7.31 8.86
N LEU A 101 2.35 -8.58 8.48
CA LEU A 101 1.12 -9.05 7.87
C LEU A 101 -0.02 -8.99 8.87
N LEU A 102 0.31 -9.13 10.14
CA LEU A 102 -0.68 -9.09 11.21
C LEU A 102 -1.00 -7.66 11.60
N HIS A 103 0.04 -6.88 11.83
CA HIS A 103 -0.12 -5.49 12.24
C HIS A 103 -0.89 -4.71 11.19
N MET A 104 -0.49 -4.85 9.93
CA MET A 104 -1.11 -4.13 8.82
C MET A 104 -2.64 -4.31 8.80
N LEU A 105 -3.11 -5.49 9.18
CA LEU A 105 -4.54 -5.77 9.18
C LEU A 105 -5.17 -5.30 10.47
N GLU A 106 -4.34 -4.91 11.42
CA GLU A 106 -4.83 -4.50 12.73
C GLU A 106 -4.74 -2.99 12.97
N SER A 107 -4.09 -2.26 12.05
CA SER A 107 -3.95 -0.81 12.24
C SER A 107 -4.07 -0.05 10.91
N PRO A 108 -4.75 1.11 10.91
CA PRO A 108 -4.90 1.93 9.71
C PRO A 108 -3.61 2.63 9.31
N GLU A 109 -2.54 2.33 10.05
CA GLU A 109 -1.23 2.90 9.78
C GLU A 109 -0.17 1.82 9.68
N SER A 110 -0.48 0.64 10.21
CA SER A 110 0.44 -0.50 10.12
C SER A 110 0.61 -0.89 8.67
N LEU A 111 -0.51 -1.05 7.99
CA LEU A 111 -0.52 -1.39 6.58
C LEU A 111 0.47 -0.49 5.82
N ARG A 112 0.70 0.70 6.37
CA ARG A 112 1.63 1.65 5.77
C ARG A 112 3.02 1.56 6.39
N SER A 113 3.11 1.91 7.67
CA SER A 113 4.38 1.86 8.38
C SER A 113 5.08 0.53 8.12
N LYS A 114 4.28 -0.50 7.87
CA LYS A 114 4.81 -1.82 7.55
C LYS A 114 5.23 -1.89 6.09
N VAL A 115 4.39 -1.34 5.20
CA VAL A 115 4.71 -1.34 3.78
C VAL A 115 5.94 -0.47 3.52
N ASP A 116 5.84 0.81 3.85
CA ASP A 116 6.94 1.75 3.69
C ASP A 116 8.24 1.19 4.24
N GLU A 117 8.15 0.49 5.37
CA GLU A 117 9.32 -0.12 5.99
C GLU A 117 9.72 -1.37 5.25
N ALA A 118 8.72 -2.08 4.72
CA ALA A 118 8.98 -3.28 3.94
C ALA A 118 9.68 -2.92 2.64
N VAL A 119 9.45 -1.69 2.17
CA VAL A 119 10.12 -1.20 0.97
C VAL A 119 11.61 -1.19 1.19
N ALA A 120 12.01 -0.57 2.29
CA ALA A 120 13.42 -0.52 2.66
C ALA A 120 13.98 -1.94 2.71
N VAL A 121 13.10 -2.89 2.97
CA VAL A 121 13.46 -4.30 3.05
C VAL A 121 13.43 -4.94 1.67
N LEU A 122 12.56 -4.45 0.80
CA LEU A 122 12.45 -4.96 -0.56
C LEU A 122 13.63 -4.50 -1.39
N GLN A 123 14.01 -3.24 -1.21
CA GLN A 123 15.14 -2.67 -1.92
C GLN A 123 16.41 -3.42 -1.55
N ALA A 124 16.52 -3.81 -0.29
CA ALA A 124 17.66 -4.59 0.17
C ALA A 124 17.65 -5.96 -0.48
N HIS A 125 16.82 -6.86 0.05
CA HIS A 125 16.72 -8.24 -0.43
C HIS A 125 16.99 -8.33 -1.93
N GLN A 126 16.53 -7.34 -2.68
CA GLN A 126 16.74 -7.32 -4.12
C GLN A 126 18.23 -7.25 -4.46
N ALA A 127 18.79 -6.05 -4.44
CA ALA A 127 20.19 -5.84 -4.80
C ALA A 127 21.11 -5.79 -3.57
N LYS A 128 20.78 -6.51 -2.51
CA LYS A 128 21.61 -6.52 -1.31
C LYS A 128 22.54 -7.72 -1.30
N GLU A 129 23.04 -8.06 -0.12
CA GLU A 129 23.89 -9.23 0.07
C GLU A 129 23.01 -10.44 0.34
N ALA A 130 21.81 -10.43 -0.25
CA ALA A 130 20.84 -11.49 -0.04
C ALA A 130 21.30 -12.80 -0.69
N ALA A 131 22.51 -12.81 -1.24
CA ALA A 131 23.04 -14.00 -1.90
C ALA A 131 23.43 -15.07 -0.88
N GLN A 132 23.23 -14.78 0.39
CA GLN A 132 23.57 -15.72 1.45
C GLN A 132 22.63 -16.94 1.43
N LYS A 133 21.48 -16.77 0.78
CA LYS A 133 20.50 -17.85 0.69
C LYS A 133 20.84 -18.81 -0.45
N ALA A 134 22.01 -18.61 -1.05
CA ALA A 134 22.46 -19.45 -2.14
C ALA A 134 23.35 -20.59 -1.64
N VAL A 135 24.21 -20.28 -0.67
CA VAL A 135 25.11 -21.27 -0.09
C VAL A 135 24.42 -22.08 1.00
N ASN A 136 23.19 -21.69 1.33
CA ASN A 136 22.44 -22.38 2.36
C ASN A 136 21.70 -23.58 1.79
N SER A 137 21.94 -24.76 2.37
CA SER A 137 21.30 -25.99 1.91
C SER A 137 19.96 -26.19 2.59
N ALA A 138 18.89 -26.15 1.80
CA ALA A 138 17.54 -26.33 2.32
C ALA A 138 17.22 -27.81 2.51
N THR A 139 17.76 -28.40 3.56
CA THR A 139 17.53 -29.81 3.85
C THR A 139 16.42 -29.98 4.88
N GLY A 140 15.58 -28.95 5.02
CA GLY A 140 14.49 -29.01 5.96
C GLY A 140 13.31 -29.82 5.46
N VAL A 141 13.08 -30.97 6.08
CA VAL A 141 11.98 -31.84 5.69
C VAL A 141 10.75 -31.60 6.56
N PRO A 142 9.57 -31.39 5.93
CA PRO A 142 8.32 -31.14 6.67
C PRO A 142 8.00 -32.25 7.67
N THR A 143 7.94 -31.90 8.94
CA THR A 143 7.65 -32.86 9.99
C THR A 143 6.13 -33.00 10.19
N VAL A 144 5.41 -33.20 9.11
CA VAL A 144 3.96 -33.35 9.15
C VAL A 144 3.30 -32.12 9.80
N GLY A 1 -39.52 -30.96 1.86
CA GLY A 1 -38.32 -30.24 2.34
C GLY A 1 -38.32 -28.77 1.98
N PRO A 2 -38.51 -27.87 2.96
CA PRO A 2 -38.53 -26.43 2.71
C PRO A 2 -37.15 -25.88 2.37
N LEU A 3 -37.13 -24.63 1.89
CA LEU A 3 -35.88 -23.98 1.54
C LEU A 3 -35.17 -23.41 2.77
N GLY A 4 -33.85 -23.58 2.81
CA GLY A 4 -33.08 -23.08 3.94
C GLY A 4 -32.32 -21.81 3.60
N SER A 5 -32.53 -21.29 2.41
CA SER A 5 -31.86 -20.08 1.96
C SER A 5 -32.62 -18.84 2.40
N ALA A 6 -33.81 -18.65 1.83
CA ALA A 6 -34.64 -17.50 2.15
C ALA A 6 -33.91 -16.18 1.90
N ALA A 7 -34.46 -15.10 2.42
CA ALA A 7 -33.84 -13.78 2.26
C ALA A 7 -32.99 -13.40 3.46
N ALA A 8 -33.64 -12.94 4.52
CA ALA A 8 -32.95 -12.56 5.74
C ALA A 8 -33.84 -12.74 6.97
N ALA A 9 -33.42 -13.61 7.88
CA ALA A 9 -34.18 -13.87 9.09
C ALA A 9 -33.25 -14.07 10.30
N THR A 10 -32.07 -13.46 10.23
CA THR A 10 -31.09 -13.57 11.31
C THR A 10 -31.44 -12.64 12.48
N PRO A 11 -31.71 -11.34 12.23
CA PRO A 11 -31.70 -10.72 10.90
C PRO A 11 -30.34 -10.14 10.54
N ALA A 12 -29.41 -10.16 11.50
CA ALA A 12 -28.07 -9.63 11.27
C ALA A 12 -27.28 -10.53 10.32
N VAL A 13 -27.30 -10.17 9.05
CA VAL A 13 -26.58 -10.94 8.04
C VAL A 13 -25.17 -10.39 7.81
N ARG A 14 -24.21 -10.95 8.54
CA ARG A 14 -22.82 -10.51 8.43
C ARG A 14 -22.04 -11.41 7.47
N THR A 15 -21.98 -12.70 7.80
CA THR A 15 -21.27 -13.67 6.97
C THR A 15 -22.24 -14.51 6.16
N VAL A 16 -22.54 -14.07 4.94
CA VAL A 16 -23.47 -14.79 4.07
C VAL A 16 -22.70 -15.58 3.00
N PRO A 17 -22.96 -16.89 2.89
CA PRO A 17 -22.29 -17.76 1.91
C PRO A 17 -22.58 -17.33 0.48
N GLN A 18 -23.73 -16.68 0.27
CA GLN A 18 -24.12 -16.22 -1.05
C GLN A 18 -23.47 -14.88 -1.38
N TYR A 19 -23.47 -14.53 -2.66
CA TYR A 19 -22.87 -13.28 -3.12
C TYR A 19 -23.79 -12.10 -2.84
N LYS A 20 -23.28 -10.89 -3.08
CA LYS A 20 -24.07 -9.68 -2.86
C LYS A 20 -24.59 -9.12 -4.18
N TYR A 21 -25.47 -9.87 -4.83
CA TYR A 21 -26.04 -9.47 -6.11
C TYR A 21 -27.08 -8.36 -5.91
N ALA A 22 -27.55 -8.23 -4.67
CA ALA A 22 -28.55 -7.22 -4.35
C ALA A 22 -27.89 -5.86 -4.10
N ALA A 23 -26.87 -5.85 -3.25
CA ALA A 23 -26.15 -4.62 -2.92
C ALA A 23 -25.01 -4.37 -3.92
N GLY A 24 -25.14 -3.29 -4.68
CA GLY A 24 -24.12 -2.95 -5.65
C GLY A 24 -23.24 -1.80 -5.20
N VAL A 25 -22.15 -2.12 -4.52
CA VAL A 25 -21.23 -1.10 -4.02
C VAL A 25 -19.93 -1.07 -4.83
N ARG A 26 -19.89 -1.89 -5.88
CA ARG A 26 -18.71 -1.96 -6.74
C ARG A 26 -18.88 -1.10 -7.99
N ASN A 27 -19.73 -1.56 -8.90
CA ASN A 27 -19.97 -0.83 -10.15
C ASN A 27 -21.14 0.15 -10.02
N PRO A 28 -22.31 -0.31 -9.51
CA PRO A 28 -23.49 0.55 -9.36
C PRO A 28 -23.20 1.77 -8.49
N GLN A 29 -22.30 1.62 -7.52
CA GLN A 29 -21.95 2.71 -6.62
C GLN A 29 -20.99 3.68 -7.29
N GLN A 30 -20.29 3.22 -8.32
CA GLN A 30 -19.35 4.06 -9.05
C GLN A 30 -19.97 4.60 -10.33
N HIS A 31 -19.20 5.40 -11.05
CA HIS A 31 -19.67 5.98 -12.31
C HIS A 31 -19.17 5.19 -13.50
N LEU A 32 -19.16 3.86 -13.37
CA LEU A 32 -18.70 2.98 -14.43
C LEU A 32 -19.80 2.73 -15.45
N ASN A 33 -20.94 3.40 -15.27
CA ASN A 33 -22.07 3.26 -16.17
C ASN A 33 -22.11 4.40 -17.18
N ALA A 34 -21.58 4.15 -18.37
CA ALA A 34 -21.56 5.15 -19.44
C ALA A 34 -22.86 5.15 -20.22
N GLN A 35 -23.96 5.37 -19.51
CA GLN A 35 -25.28 5.40 -20.15
C GLN A 35 -25.56 6.76 -20.80
N PRO A 36 -25.39 7.87 -20.07
CA PRO A 36 -25.64 9.22 -20.62
C PRO A 36 -24.48 9.70 -21.48
N GLN A 37 -24.82 10.32 -22.61
CA GLN A 37 -23.80 10.85 -23.52
C GLN A 37 -23.46 12.30 -23.18
N VAL A 38 -23.38 12.59 -21.89
CA VAL A 38 -23.07 13.93 -21.42
C VAL A 38 -21.58 14.04 -21.05
N THR A 39 -20.72 13.95 -22.06
CA THR A 39 -19.28 14.04 -21.85
C THR A 39 -18.80 15.48 -22.00
N MET A 40 -18.81 16.22 -20.89
CA MET A 40 -18.38 17.61 -20.88
C MET A 40 -16.86 17.70 -20.76
N GLN A 41 -16.20 16.55 -20.69
CA GLN A 41 -14.74 16.49 -20.56
C GLN A 41 -14.28 17.28 -19.34
N GLN A 42 -14.68 16.83 -18.16
CA GLN A 42 -14.30 17.49 -16.92
C GLN A 42 -13.89 16.47 -15.87
N PRO A 43 -12.58 16.16 -15.78
CA PRO A 43 -12.07 15.19 -14.80
C PRO A 43 -12.12 15.72 -13.38
N ALA A 44 -11.47 15.01 -12.46
CA ALA A 44 -11.44 15.42 -11.06
C ALA A 44 -10.77 16.77 -10.88
N VAL A 45 -11.09 17.46 -9.80
CA VAL A 45 -10.52 18.77 -9.52
C VAL A 45 -9.35 18.66 -8.55
N HIS A 46 -9.65 18.53 -7.25
CA HIS A 46 -8.62 18.42 -6.24
C HIS A 46 -8.59 17.01 -5.65
N VAL A 47 -7.72 16.16 -6.21
CA VAL A 47 -7.58 14.79 -5.75
C VAL A 47 -6.56 14.68 -4.62
N GLN A 48 -6.45 15.75 -3.83
CA GLN A 48 -5.51 15.78 -2.71
C GLN A 48 -5.93 14.80 -1.62
N GLY A 49 -7.18 14.37 -1.65
CA GLY A 49 -7.68 13.44 -0.66
C GLY A 49 -7.71 12.01 -1.17
N GLN A 50 -6.54 11.44 -1.42
CA GLN A 50 -6.45 10.07 -1.90
C GLN A 50 -6.29 9.09 -0.75
N GLU A 51 -7.39 8.43 -0.38
CA GLU A 51 -7.37 7.47 0.71
C GLU A 51 -6.95 6.09 0.21
N PRO A 52 -5.73 5.64 0.57
CA PRO A 52 -5.22 4.33 0.15
C PRO A 52 -5.80 3.19 0.99
N LEU A 53 -5.33 1.97 0.72
CA LEU A 53 -5.79 0.81 1.46
C LEU A 53 -5.09 0.71 2.80
N THR A 54 -5.75 0.07 3.76
CA THR A 54 -5.19 -0.11 5.09
C THR A 54 -6.01 -1.12 5.89
N ALA A 55 -5.65 -1.32 7.14
CA ALA A 55 -6.36 -2.26 8.00
C ALA A 55 -7.86 -2.00 7.99
N SER A 56 -8.24 -0.74 7.70
CA SER A 56 -9.65 -0.36 7.66
C SER A 56 -10.31 -0.90 6.40
N MET A 57 -9.68 -0.68 5.25
CA MET A 57 -10.19 -1.17 3.98
C MET A 57 -10.35 -2.68 4.03
N LEU A 58 -9.38 -3.33 4.66
CA LEU A 58 -9.39 -4.78 4.81
C LEU A 58 -10.57 -5.21 5.67
N ALA A 59 -10.79 -4.49 6.77
CA ALA A 59 -11.89 -4.79 7.67
C ALA A 59 -13.23 -4.52 6.99
N SER A 60 -13.18 -3.94 5.80
CA SER A 60 -14.38 -3.64 5.03
C SER A 60 -14.83 -4.86 4.24
N ALA A 61 -13.99 -5.90 4.25
CA ALA A 61 -14.29 -7.13 3.53
C ALA A 61 -14.05 -8.36 4.41
N PRO A 62 -14.68 -8.43 5.60
CA PRO A 62 -14.50 -9.52 6.54
C PRO A 62 -15.66 -10.52 6.52
N PRO A 63 -15.38 -11.81 6.24
CA PRO A 63 -14.04 -12.32 5.96
C PRO A 63 -13.81 -12.51 4.47
N GLN A 64 -14.45 -11.65 3.66
CA GLN A 64 -14.35 -11.75 2.21
C GLN A 64 -12.89 -11.69 1.75
N GLU A 65 -12.40 -10.47 1.50
CA GLU A 65 -11.02 -10.30 1.04
C GLU A 65 -10.14 -9.74 2.16
N GLN A 66 -10.51 -10.02 3.40
CA GLN A 66 -9.74 -9.55 4.55
C GLN A 66 -8.28 -9.96 4.40
N LYS A 67 -8.06 -11.21 3.99
CA LYS A 67 -6.73 -11.72 3.77
C LYS A 67 -6.45 -11.89 2.29
N GLN A 68 -6.97 -10.97 1.49
CA GLN A 68 -6.79 -11.00 0.04
C GLN A 68 -6.24 -9.67 -0.48
N MET A 69 -6.91 -8.57 -0.13
CA MET A 69 -6.49 -7.26 -0.58
C MET A 69 -5.28 -6.75 0.19
N LEU A 70 -4.86 -7.50 1.21
CA LEU A 70 -3.71 -7.10 2.02
C LEU A 70 -2.45 -7.06 1.19
N GLY A 71 -2.36 -7.94 0.20
CA GLY A 71 -1.18 -8.00 -0.63
C GLY A 71 -1.48 -8.44 -2.05
N GLU A 72 -2.71 -8.17 -2.51
CA GLU A 72 -3.12 -8.55 -3.86
C GLU A 72 -4.02 -7.47 -4.48
N ARG A 73 -4.28 -6.41 -3.72
CA ARG A 73 -5.10 -5.31 -4.19
C ARG A 73 -4.46 -4.00 -3.82
N LEU A 74 -3.58 -4.04 -2.83
CA LEU A 74 -2.85 -2.86 -2.38
C LEU A 74 -1.78 -2.49 -3.39
N PHE A 75 -1.39 -3.47 -4.18
CA PHE A 75 -0.34 -3.31 -5.18
C PHE A 75 -0.43 -1.95 -5.90
N PRO A 76 -1.58 -1.62 -6.52
CA PRO A 76 -1.75 -0.35 -7.25
C PRO A 76 -1.88 0.85 -6.32
N LEU A 77 -2.14 0.59 -5.04
CA LEU A 77 -2.31 1.67 -4.06
C LEU A 77 -0.99 2.02 -3.38
N ILE A 78 -0.12 1.04 -3.20
CA ILE A 78 1.19 1.30 -2.60
C ILE A 78 2.00 2.20 -3.49
N GLN A 79 1.87 1.99 -4.80
CA GLN A 79 2.54 2.82 -5.79
C GLN A 79 2.32 4.31 -5.49
N ALA A 80 1.34 4.58 -4.64
CA ALA A 80 1.03 5.94 -4.21
C ALA A 80 1.92 6.36 -3.05
N MET A 81 2.07 5.45 -2.08
CA MET A 81 2.93 5.71 -0.91
C MET A 81 4.39 5.78 -1.34
N HIS A 82 4.68 5.07 -2.41
CA HIS A 82 6.03 4.97 -2.93
C HIS A 82 6.13 5.64 -4.31
N PRO A 83 7.36 5.91 -4.79
CA PRO A 83 7.56 6.49 -6.13
C PRO A 83 7.39 5.44 -7.22
N THR A 84 6.32 4.66 -7.11
CA THR A 84 6.03 3.58 -8.06
C THR A 84 7.08 2.47 -7.94
N LEU A 85 7.31 2.00 -6.71
CA LEU A 85 8.27 0.94 -6.46
C LEU A 85 7.59 -0.27 -5.84
N ALA A 86 6.28 -0.17 -5.67
CA ALA A 86 5.47 -1.25 -5.11
C ALA A 86 5.30 -2.38 -6.11
N GLY A 87 6.41 -2.95 -6.55
CA GLY A 87 6.36 -4.07 -7.46
C GLY A 87 6.53 -5.38 -6.72
N LYS A 88 6.70 -5.26 -5.42
CA LYS A 88 6.88 -6.42 -4.55
C LYS A 88 6.50 -6.12 -3.10
N ILE A 89 6.38 -4.84 -2.75
CA ILE A 89 6.08 -4.44 -1.38
C ILE A 89 4.87 -5.18 -0.80
N THR A 90 3.68 -4.66 -1.07
CA THR A 90 2.45 -5.24 -0.55
C THR A 90 2.38 -6.74 -0.83
N GLY A 91 2.85 -7.14 -2.02
CA GLY A 91 2.90 -8.56 -2.33
C GLY A 91 3.78 -9.28 -1.35
N MET A 92 4.77 -8.56 -0.84
CA MET A 92 5.69 -9.08 0.17
C MET A 92 5.00 -9.12 1.52
N LEU A 93 4.19 -8.10 1.76
CA LEU A 93 3.46 -7.96 3.00
C LEU A 93 2.61 -9.18 3.30
N LEU A 94 2.53 -10.09 2.34
CA LEU A 94 1.81 -11.34 2.51
C LEU A 94 2.82 -12.47 2.64
N GLU A 95 4.00 -12.13 3.16
CA GLU A 95 5.07 -13.08 3.33
C GLU A 95 6.24 -12.49 4.11
N ILE A 96 6.08 -11.25 4.57
CA ILE A 96 7.14 -10.58 5.33
C ILE A 96 7.43 -11.30 6.64
N ASP A 97 7.89 -10.53 7.63
CA ASP A 97 8.18 -11.05 8.96
C ASP A 97 6.93 -11.66 9.60
N ASN A 98 5.80 -11.55 8.90
CA ASN A 98 4.52 -12.08 9.36
C ASN A 98 3.90 -11.18 10.40
N SER A 99 4.73 -10.44 11.13
CA SER A 99 4.22 -9.50 12.13
C SER A 99 3.72 -8.25 11.45
N GLU A 100 4.23 -8.00 10.25
CA GLU A 100 3.80 -6.86 9.45
C GLU A 100 2.54 -7.22 8.68
N LEU A 101 2.35 -8.51 8.42
CA LEU A 101 1.15 -9.01 7.77
C LEU A 101 -0.01 -8.99 8.76
N LEU A 102 0.35 -9.07 10.04
CA LEU A 102 -0.62 -9.08 11.12
C LEU A 102 -0.99 -7.67 11.54
N HIS A 103 0.02 -6.84 11.76
CA HIS A 103 -0.19 -5.47 12.19
C HIS A 103 -0.89 -4.65 11.10
N MET A 104 -0.51 -4.91 9.84
CA MET A 104 -1.10 -4.19 8.71
C MET A 104 -2.62 -4.34 8.68
N LEU A 105 -3.10 -5.52 9.05
CA LEU A 105 -4.53 -5.78 9.10
C LEU A 105 -5.10 -5.37 10.44
N GLU A 106 -4.18 -5.07 11.36
CA GLU A 106 -4.57 -4.74 12.72
C GLU A 106 -4.38 -3.27 13.03
N SER A 107 -3.87 -2.51 12.07
CA SER A 107 -3.64 -1.08 12.27
C SER A 107 -3.77 -0.29 10.98
N PRO A 108 -4.47 0.87 11.02
CA PRO A 108 -4.65 1.73 9.84
C PRO A 108 -3.36 2.49 9.49
N GLU A 109 -2.30 2.20 10.23
CA GLU A 109 -1.01 2.83 10.01
C GLU A 109 0.09 1.78 9.87
N SER A 110 -0.25 0.53 10.19
CA SER A 110 0.70 -0.56 10.05
C SER A 110 0.77 -0.99 8.60
N LEU A 111 -0.40 -1.11 7.99
CA LEU A 111 -0.48 -1.43 6.58
C LEU A 111 0.49 -0.53 5.81
N ARG A 112 0.53 0.73 6.20
CA ARG A 112 1.41 1.71 5.58
C ARG A 112 2.83 1.60 6.12
N SER A 113 3.00 1.89 7.41
CA SER A 113 4.31 1.85 8.04
C SER A 113 5.05 0.57 7.70
N LYS A 114 4.39 -0.57 7.90
CA LYS A 114 4.97 -1.86 7.61
C LYS A 114 5.32 -1.98 6.13
N VAL A 115 4.57 -1.30 5.27
CA VAL A 115 4.87 -1.32 3.84
C VAL A 115 6.11 -0.49 3.57
N ASP A 116 6.10 0.77 3.99
CA ASP A 116 7.26 1.64 3.84
C ASP A 116 8.48 1.00 4.50
N GLU A 117 8.22 0.21 5.54
CA GLU A 117 9.29 -0.52 6.23
C GLU A 117 9.66 -1.75 5.43
N ALA A 118 8.66 -2.34 4.77
CA ALA A 118 8.89 -3.50 3.91
C ALA A 118 9.67 -3.05 2.70
N VAL A 119 9.66 -1.74 2.48
CA VAL A 119 10.42 -1.14 1.40
C VAL A 119 11.91 -1.28 1.71
N ALA A 120 12.27 -0.84 2.90
CA ALA A 120 13.64 -0.95 3.38
C ALA A 120 14.08 -2.42 3.35
N VAL A 121 13.11 -3.31 3.48
CA VAL A 121 13.35 -4.74 3.46
C VAL A 121 13.35 -5.26 2.03
N LEU A 122 12.57 -4.62 1.17
CA LEU A 122 12.47 -5.01 -0.23
C LEU A 122 13.72 -4.59 -0.99
N GLN A 123 14.34 -3.51 -0.53
CA GLN A 123 15.59 -3.03 -1.12
C GLN A 123 16.76 -3.80 -0.54
N ALA A 124 16.55 -4.36 0.65
CA ALA A 124 17.57 -5.14 1.33
C ALA A 124 17.53 -6.60 0.90
N HIS A 125 16.51 -6.94 0.10
CA HIS A 125 16.35 -8.31 -0.37
C HIS A 125 16.50 -8.37 -1.87
N GLN A 126 16.01 -7.34 -2.57
CA GLN A 126 16.14 -7.27 -4.02
C GLN A 126 17.62 -7.26 -4.38
N ALA A 127 18.24 -6.10 -4.29
CA ALA A 127 19.68 -5.98 -4.49
C ALA A 127 20.37 -6.20 -3.16
N LYS A 128 20.06 -7.34 -2.55
CA LYS A 128 20.55 -7.67 -1.22
C LYS A 128 22.05 -7.80 -1.18
N GLU A 129 22.64 -7.09 -0.24
CA GLU A 129 24.08 -7.13 -0.02
C GLU A 129 24.40 -8.28 0.93
N ALA A 130 23.35 -8.96 1.37
CA ALA A 130 23.47 -10.07 2.29
C ALA A 130 24.05 -11.31 1.61
N ALA A 131 24.20 -11.22 0.29
CA ALA A 131 24.74 -12.33 -0.49
C ALA A 131 26.25 -12.43 -0.32
N GLN A 132 26.84 -11.43 0.34
CA GLN A 132 28.28 -11.41 0.58
C GLN A 132 28.69 -12.50 1.56
N LYS A 133 29.70 -13.26 1.19
CA LYS A 133 30.20 -14.36 2.04
C LYS A 133 30.88 -13.80 3.28
N ALA A 134 31.25 -12.52 3.23
CA ALA A 134 31.91 -11.87 4.36
C ALA A 134 30.89 -11.25 5.30
N VAL A 135 30.79 -11.81 6.50
CA VAL A 135 29.85 -11.31 7.50
C VAL A 135 30.47 -10.21 8.35
N ASN A 136 31.10 -9.25 7.69
CA ASN A 136 31.74 -8.13 8.38
C ASN A 136 30.77 -6.98 8.58
N SER A 137 29.48 -7.26 8.42
CA SER A 137 28.45 -6.24 8.59
C SER A 137 28.20 -5.95 10.05
N ALA A 138 27.68 -6.94 10.78
CA ALA A 138 27.40 -6.78 12.20
C ALA A 138 28.63 -7.08 13.05
N THR A 139 29.33 -8.16 12.72
CA THR A 139 30.53 -8.57 13.45
C THR A 139 31.77 -7.99 12.79
N GLY A 140 32.21 -6.83 13.27
CA GLY A 140 33.39 -6.19 12.72
C GLY A 140 34.64 -6.49 13.53
N VAL A 141 35.80 -6.33 12.90
CA VAL A 141 37.07 -6.59 13.56
C VAL A 141 37.71 -5.30 14.09
N PRO A 142 37.85 -4.25 13.23
CA PRO A 142 38.45 -2.98 13.65
C PRO A 142 37.73 -2.36 14.83
N THR A 143 36.42 -2.22 14.73
CA THR A 143 35.61 -1.65 15.80
C THR A 143 34.82 -2.73 16.52
N VAL A 144 34.97 -2.78 17.85
CA VAL A 144 34.27 -3.76 18.66
C VAL A 144 32.81 -3.35 18.88
#